data_6KLW
#
_entry.id   6KLW
#
_cell.length_a   1.00
_cell.length_b   1.00
_cell.length_c   1.00
_cell.angle_alpha   90.00
_cell.angle_beta   90.00
_cell.angle_gamma   90.00
#
_symmetry.space_group_name_H-M   'P 1'
#
loop_
_entity.id
_entity.type
_entity.pdbx_description
1 polymer 'Iota toxin component Ib'
2 polymer 'Iota toxin component Ia'
3 non-polymer 'CALCIUM ION'
#
loop_
_entity_poly.entity_id
_entity_poly.type
_entity_poly.pdbx_seq_one_letter_code
_entity_poly.pdbx_strand_id
1 'polypeptide(L)'
;SAAWEDEDLDTDNDNIPDAYEKNGYTIKDSIAVKWNDSFAEQGYKKYVSSYLESNTAGDPYTDYQKASGSIDKAIKLEAR
DPLVAAYPVVGVGMENLIISTNEHASSDQGKTVSRATTNSKTDANTVGVSISAGYQNGFTGNITTSYSHTTDNSTAVQDS
NGESWNTGLSINKGESAYINANVRYYNTGTAPMYKVTPTTNLVLDGETLATIKAQDNQIGNNLSPNETYPKKGLSPLALN
TMDQFNARLIPINYDQLKKLDSGKQIKLETTQVSGNYGTKNSQGQIITEGNSWSNYISQIDSVSASIILDTGSQTFERRV
AAKEQGNPEDKTPEITIGEAIKKAFSATKNGELLYFNGIPIDESCVELIFDDNTSEIIKEQLKYLDDKKIYNVKLERGMN
ILIKVPSYFTNFDEYNNFPASWSNIDTKNQDGLQSVANKLSGETKIIIPMSKLKPYKRYVFSGYSKDPSTSNSITVNIKS
KEQKTDYLVPEKDYTKFSYEFETTGKDSSDIEITLTSSGVIFLDNLSITELNSTPEILKEPEIKVPSDQEILDAHNKYYA
DIKLDTNTGNTYIDGIYFEPTQTNKEALDYIQKYRVEATLQYSGFKDIGTKDKEIRNYLGDQNQPKTNYINFRSYFTSGE
NVMTYKKLRIYAVTPDNRELLVLSVN
;
A,B,C,D,E,F,G
2 'polypeptide(L)'
;GSHMAFIERPEDFLKDKENAIQWEKKEAERVEKNLDTLEKEALELYKKDSEQISNYSQTRQYFYDYQIESNPREKEYKNL
RNAISKNKIDKPINVYYFESPEKFAFNKEIRTENQNEISLEKFNELKETIQDKLFKQDGFKDVSLYEPGNGDEKPTPLLI
HLKLPKNTGMLPYINSNDVKTLIEQDYSIKIDKIVRIVIEGKQYIKAEASIVNSLDFKDDVSKGDLWGKENYSDWSNKLT
PNELADVNDYMRGGYTAINNYLISNGPLNNPNPELDSKVNNIENALKLTPIPSNLIVYRRSGPQEFGLTLTSPEYDFNKI
ENIDAFKEKWEGKVITYPNFISTSIGSVNMSAFAKRKIILRINIPKDSPGAYLSAIPGYAGEYEVLLNHGSKFKINKVDS
YKDGTVTKLILDATLIN
;
H
#
loop_
_chem_comp.id
_chem_comp.type
_chem_comp.name
_chem_comp.formula
CA non-polymer 'CALCIUM ION' 'Ca 2'
#
# COMPACT_ATOMS: atom_id res chain seq x y z
N GLU A 7 21.80 29.27 41.40
CA GLU A 7 23.07 29.21 40.68
C GLU A 7 23.20 27.86 39.96
N ASP A 8 22.58 26.83 40.54
CA ASP A 8 22.47 25.52 39.90
C ASP A 8 20.99 25.09 39.99
N LEU A 9 20.19 25.58 39.05
CA LEU A 9 18.76 25.32 39.03
C LEU A 9 18.27 25.44 37.61
N ASP A 10 17.72 24.35 37.07
CA ASP A 10 17.26 24.29 35.70
C ASP A 10 15.80 23.85 35.73
N THR A 11 14.89 24.84 35.68
CA THR A 11 13.48 24.52 35.71
C THR A 11 13.03 23.87 34.40
N ASP A 12 13.40 24.47 33.26
CA ASP A 12 13.01 23.94 31.96
C ASP A 12 13.86 22.75 31.53
N ASN A 13 14.93 22.44 32.25
CA ASN A 13 15.78 21.28 31.99
C ASN A 13 16.35 21.32 30.57
N ASP A 14 16.93 22.47 30.23
CA ASP A 14 17.54 22.65 28.92
C ASP A 14 19.04 22.91 29.03
N ASN A 15 19.62 22.56 30.18
CA ASN A 15 21.05 22.61 30.46
C ASN A 15 21.60 24.02 30.62
N ILE A 16 20.77 24.99 30.98
CA ILE A 16 21.22 26.35 31.26
C ILE A 16 20.55 26.79 32.56
N PRO A 17 21.32 27.13 33.59
CA PRO A 17 20.69 27.51 34.87
C PRO A 17 19.83 28.75 34.74
N ASP A 18 18.95 28.93 35.72
CA ASP A 18 17.95 30.00 35.67
C ASP A 18 18.59 31.38 35.72
N ALA A 19 19.60 31.55 36.58
CA ALA A 19 20.27 32.83 36.68
C ALA A 19 20.92 33.22 35.35
N TYR A 20 21.54 32.25 34.67
CA TYR A 20 22.23 32.55 33.41
C TYR A 20 21.24 32.94 32.33
N GLU A 21 20.05 32.32 32.33
CA GLU A 21 19.06 32.68 31.32
C GLU A 21 18.38 34.01 31.62
N LYS A 22 18.15 34.33 32.90
CA LYS A 22 17.66 35.65 33.24
C LYS A 22 18.66 36.72 32.81
N ASN A 23 19.88 36.65 33.35
CA ASN A 23 20.95 37.56 32.95
C ASN A 23 21.58 37.03 31.66
N GLY A 24 22.76 37.50 31.31
CA GLY A 24 23.42 36.99 30.13
C GLY A 24 24.14 35.68 30.38
N TYR A 25 24.48 35.01 29.28
CA TYR A 25 25.32 33.83 29.32
C TYR A 25 25.95 33.65 27.94
N THR A 26 26.85 32.67 27.85
CA THR A 26 27.48 32.32 26.59
C THR A 26 28.00 30.89 26.70
N ILE A 27 28.43 30.34 25.58
CA ILE A 27 28.85 28.94 25.48
C ILE A 27 30.36 28.89 25.26
N LYS A 28 31.06 28.21 26.14
CA LYS A 28 32.51 28.03 26.04
C LYS A 28 32.83 26.56 26.20
N ASP A 29 33.37 25.95 25.15
CA ASP A 29 33.68 24.52 25.12
C ASP A 29 32.44 23.68 25.41
N SER A 30 31.30 24.12 24.86
CA SER A 30 30.02 23.40 24.90
C SER A 30 29.39 23.35 26.29
N ILE A 31 29.57 24.38 27.11
CA ILE A 31 28.84 24.54 28.36
C ILE A 31 28.49 26.01 28.52
N ALA A 32 27.37 26.28 29.17
CA ALA A 32 26.93 27.65 29.39
C ALA A 32 27.61 28.24 30.61
N VAL A 33 28.29 29.37 30.41
CA VAL A 33 29.02 30.04 31.48
C VAL A 33 28.43 31.44 31.67
N LYS A 34 28.53 31.93 32.90
CA LYS A 34 28.01 33.25 33.24
C LYS A 34 28.74 34.32 32.44
N TRP A 35 27.97 35.21 31.83
CA TRP A 35 28.53 36.20 30.91
C TRP A 35 29.30 37.26 31.68
N ASN A 36 30.62 37.26 31.54
CA ASN A 36 31.45 38.37 31.99
C ASN A 36 31.56 39.37 30.85
N ASP A 37 31.64 40.65 31.19
CA ASP A 37 31.57 41.69 30.19
C ASP A 37 32.89 41.80 29.44
N SER A 38 33.94 41.13 29.93
CA SER A 38 35.27 41.33 29.40
C SER A 38 35.44 40.66 28.05
N PHE A 39 34.88 39.46 27.87
CA PHE A 39 35.17 38.66 26.67
C PHE A 39 34.15 38.87 25.57
N ALA A 40 33.60 40.08 25.44
CA ALA A 40 33.01 40.48 24.18
C ALA A 40 34.05 40.90 23.17
N GLU A 41 35.32 40.99 23.59
CA GLU A 41 36.44 41.30 22.72
C GLU A 41 36.93 40.08 21.96
N GLN A 42 36.76 38.88 22.53
CA GLN A 42 37.18 37.67 21.85
C GLN A 42 36.21 37.25 20.77
N GLY A 43 35.05 37.90 20.69
CA GLY A 43 34.04 37.57 19.71
C GLY A 43 32.82 36.85 20.25
N TYR A 44 32.71 36.68 21.57
CA TYR A 44 31.56 35.99 22.14
C TYR A 44 30.35 36.89 22.17
N LYS A 45 29.17 36.27 22.28
CA LYS A 45 27.91 36.99 22.23
C LYS A 45 27.09 36.69 23.48
N LYS A 46 26.36 37.70 23.94
CA LYS A 46 25.58 37.62 25.16
C LYS A 46 24.17 37.16 24.80
N TYR A 47 23.72 36.09 25.44
CA TYR A 47 22.41 35.53 25.19
C TYR A 47 21.53 35.69 26.41
N VAL A 48 20.22 35.80 26.16
CA VAL A 48 19.20 35.76 27.20
C VAL A 48 18.07 34.91 26.67
N SER A 49 17.33 34.29 27.60
CA SER A 49 16.29 33.34 27.21
C SER A 49 15.20 33.36 28.26
N SER A 50 14.17 32.56 28.02
CA SER A 50 13.14 32.33 29.02
C SER A 50 13.56 31.18 29.91
N TYR A 51 13.64 31.42 31.22
CA TYR A 51 14.08 30.37 32.13
C TYR A 51 12.98 29.36 32.42
N LEU A 52 11.79 29.53 31.87
CA LEU A 52 10.68 28.61 32.07
C LEU A 52 10.30 27.89 30.78
N GLU A 53 10.94 28.21 29.66
CA GLU A 53 10.73 27.55 28.39
C GLU A 53 12.04 26.95 27.91
N SER A 54 11.96 25.77 27.31
CA SER A 54 13.14 25.16 26.73
C SER A 54 13.32 25.56 25.27
N ASN A 55 12.23 25.94 24.62
CA ASN A 55 12.22 26.39 23.22
C ASN A 55 11.63 27.80 23.23
N THR A 56 12.49 28.80 23.42
CA THR A 56 11.99 30.16 23.63
C THR A 56 11.40 30.75 22.36
N ALA A 57 12.08 30.56 21.22
CA ALA A 57 11.61 31.12 19.97
C ALA A 57 10.43 30.37 19.39
N GLY A 58 10.12 29.19 19.90
CA GLY A 58 9.01 28.41 19.39
C GLY A 58 9.35 27.47 18.26
N ASP A 59 10.62 27.18 18.05
CA ASP A 59 11.07 26.39 16.90
C ASP A 59 11.57 25.04 17.36
N PRO A 60 11.90 24.13 16.44
CA PRO A 60 12.23 22.76 16.86
C PRO A 60 13.51 22.59 17.66
N TYR A 61 14.23 23.68 17.94
CA TYR A 61 15.52 23.59 18.61
C TYR A 61 15.47 24.31 19.96
N THR A 62 16.16 23.76 20.95
CA THR A 62 16.11 24.31 22.30
C THR A 62 17.09 25.46 22.45
N ASP A 63 17.01 26.14 23.59
CA ASP A 63 17.90 27.27 23.85
C ASP A 63 19.35 26.84 23.80
N TYR A 64 19.67 25.68 24.38
CA TYR A 64 21.06 25.23 24.39
C TYR A 64 21.52 24.80 23.00
N GLN A 65 20.64 24.16 22.23
CA GLN A 65 21.03 23.73 20.89
C GLN A 65 21.32 24.92 19.99
N LYS A 66 20.52 25.98 20.12
CA LYS A 66 20.76 27.18 19.31
C LYS A 66 21.99 27.93 19.79
N ALA A 67 22.13 28.11 21.09
CA ALA A 67 23.21 28.95 21.61
C ALA A 67 24.57 28.29 21.43
N SER A 68 24.62 26.97 21.51
CA SER A 68 25.88 26.27 21.33
C SER A 68 26.19 25.94 19.88
N GLY A 69 25.28 26.26 18.96
CA GLY A 69 25.47 25.89 17.57
C GLY A 69 25.29 24.42 17.29
N SER A 70 24.78 23.66 18.24
CA SER A 70 24.63 22.22 18.09
C SER A 70 23.41 21.89 17.25
N ILE A 71 23.33 22.46 16.06
CA ILE A 71 22.21 22.23 15.16
C ILE A 71 22.75 22.08 13.74
N ASP A 72 21.84 21.96 12.77
CA ASP A 72 22.22 21.98 11.36
C ASP A 72 23.17 23.13 11.06
N LYS A 73 24.21 22.84 10.28
CA LYS A 73 25.19 23.87 9.95
C LYS A 73 24.78 24.71 8.76
N ALA A 74 23.65 24.42 8.14
CA ALA A 74 23.11 25.27 7.09
C ALA A 74 22.20 26.36 7.63
N ILE A 75 21.97 26.38 8.93
CA ILE A 75 21.12 27.39 9.55
C ILE A 75 21.93 28.66 9.74
N LYS A 76 21.37 29.79 9.30
CA LYS A 76 22.04 31.07 9.37
C LYS A 76 22.48 31.38 10.79
N LEU A 77 23.61 32.09 10.91
CA LEU A 77 24.13 32.41 12.23
C LEU A 77 23.26 33.40 13.00
N GLU A 78 22.30 34.04 12.32
CA GLU A 78 21.26 34.79 13.02
C GLU A 78 20.56 33.93 14.04
N ALA A 79 20.04 32.79 13.61
CA ALA A 79 19.25 31.85 14.37
C ALA A 79 20.03 31.10 15.39
N ARG A 80 21.28 31.43 15.65
CA ARG A 80 21.97 30.88 16.81
C ARG A 80 21.64 31.65 18.08
N ASP A 81 20.86 32.68 17.98
CA ASP A 81 20.32 33.45 19.08
C ASP A 81 19.03 32.82 19.55
N PRO A 82 18.89 32.51 20.84
CA PRO A 82 17.64 31.89 21.31
C PRO A 82 16.39 32.71 21.06
N LEU A 83 16.51 33.98 20.69
CA LEU A 83 15.35 34.83 20.46
C LEU A 83 14.93 34.88 19.01
N VAL A 84 15.83 34.60 18.08
CA VAL A 84 15.50 34.56 16.67
C VAL A 84 15.21 33.12 16.28
N ALA A 85 14.03 32.90 15.70
CA ALA A 85 13.60 31.56 15.36
C ALA A 85 14.32 31.06 14.12
N ALA A 86 14.57 29.76 14.07
CA ALA A 86 14.97 29.09 12.83
C ALA A 86 13.71 28.85 12.02
N TYR A 87 13.60 29.50 10.87
CA TYR A 87 12.33 29.56 10.18
C TYR A 87 12.55 29.73 8.68
N PRO A 88 12.09 28.79 7.86
CA PRO A 88 12.19 28.98 6.41
C PRO A 88 10.98 29.70 5.85
N VAL A 89 11.24 30.59 4.89
CA VAL A 89 10.21 31.36 4.22
C VAL A 89 10.31 31.02 2.74
N VAL A 90 9.51 30.07 2.29
CA VAL A 90 9.63 29.55 0.94
C VAL A 90 8.50 30.09 0.08
N GLY A 91 8.84 30.53 -1.13
CA GLY A 91 7.87 31.01 -2.08
C GLY A 91 8.11 30.37 -3.44
N VAL A 92 7.19 30.64 -4.37
CA VAL A 92 7.23 30.09 -5.71
C VAL A 92 6.96 31.22 -6.69
N GLY A 93 7.68 31.23 -7.80
CA GLY A 93 7.44 32.18 -8.86
C GLY A 93 7.38 31.50 -10.21
N MET A 94 6.48 31.99 -11.06
CA MET A 94 6.26 31.40 -12.37
C MET A 94 7.08 32.11 -13.43
N GLU A 95 7.81 31.33 -14.23
CA GLU A 95 8.69 31.86 -15.25
C GLU A 95 7.94 32.07 -16.56
N ASN A 96 7.27 31.03 -17.06
CA ASN A 96 6.36 31.17 -18.18
C ASN A 96 5.31 30.06 -18.09
N LEU A 97 4.42 30.01 -19.07
CA LEU A 97 3.31 29.08 -19.07
C LEU A 97 3.02 28.64 -20.49
N ILE A 98 3.05 27.33 -20.71
CA ILE A 98 2.87 26.72 -22.03
C ILE A 98 1.50 26.07 -22.09
N ILE A 99 0.80 26.28 -23.19
CA ILE A 99 -0.55 25.74 -23.42
C ILE A 99 -0.48 24.75 -24.58
N SER A 100 -0.99 23.55 -24.35
CA SER A 100 -0.99 22.48 -25.35
C SER A 100 -2.43 22.20 -25.77
N THR A 101 -2.89 22.89 -26.81
CA THR A 101 -4.25 22.72 -27.31
C THR A 101 -4.41 21.33 -27.91
N ASN A 102 -5.25 20.49 -27.31
CA ASN A 102 -5.41 19.11 -27.78
C ASN A 102 -6.66 19.04 -28.65
N GLU A 103 -6.51 19.46 -29.90
CA GLU A 103 -7.54 19.29 -30.91
C GLU A 103 -7.08 18.23 -31.91
N HIS A 104 -7.98 17.31 -32.24
CA HIS A 104 -7.64 16.15 -33.06
C HIS A 104 -7.88 16.51 -34.52
N ALA A 105 -6.80 16.80 -35.24
CA ALA A 105 -6.89 17.10 -36.65
C ALA A 105 -6.66 15.85 -37.49
N SER A 106 -7.18 15.88 -38.71
CA SER A 106 -7.07 14.72 -39.60
C SER A 106 -7.17 15.21 -41.04
N SER A 107 -6.84 14.31 -41.96
CA SER A 107 -6.96 14.61 -43.39
C SER A 107 -7.07 13.30 -44.15
N ASP A 108 -7.87 13.30 -45.20
CA ASP A 108 -8.16 12.14 -46.01
C ASP A 108 -7.88 12.45 -47.48
N GLN A 109 -7.67 11.41 -48.27
CA GLN A 109 -7.65 11.54 -49.71
C GLN A 109 -8.06 10.21 -50.34
N GLY A 110 -8.99 10.28 -51.29
CA GLY A 110 -9.52 9.10 -51.93
C GLY A 110 -9.35 9.15 -53.43
N LYS A 111 -9.78 8.08 -54.08
CA LYS A 111 -9.74 7.93 -55.51
C LYS A 111 -10.74 6.86 -55.89
N THR A 112 -11.27 6.94 -57.11
CA THR A 112 -12.36 6.06 -57.51
C THR A 112 -12.34 5.87 -59.02
N VAL A 113 -12.62 4.65 -59.46
CA VAL A 113 -12.69 4.30 -60.87
C VAL A 113 -13.86 3.36 -61.06
N SER A 114 -14.72 3.67 -62.04
CA SER A 114 -15.91 2.86 -62.28
C SER A 114 -16.14 2.71 -63.77
N ARG A 115 -17.09 1.84 -64.12
CA ARG A 115 -17.41 1.54 -65.50
C ARG A 115 -18.81 0.96 -65.57
N ALA A 116 -19.71 1.66 -66.27
CA ALA A 116 -21.09 1.24 -66.40
C ALA A 116 -21.40 0.93 -67.86
N THR A 117 -22.18 -0.12 -68.07
CA THR A 117 -22.51 -0.56 -69.42
C THR A 117 -24.01 -0.77 -69.52
N THR A 118 -24.67 0.03 -70.36
CA THR A 118 -26.13 0.03 -70.50
C THR A 118 -26.50 -0.70 -71.78
N ASN A 119 -27.71 -1.26 -71.83
CA ASN A 119 -28.23 -1.95 -73.01
C ASN A 119 -29.73 -1.68 -73.11
N SER A 120 -30.10 -0.75 -74.00
CA SER A 120 -31.48 -0.31 -74.15
C SER A 120 -32.15 -1.04 -75.30
N LYS A 121 -33.48 -1.03 -75.31
CA LYS A 121 -34.29 -1.57 -76.40
C LYS A 121 -35.69 -0.99 -76.33
N THR A 122 -36.13 -0.36 -77.41
CA THR A 122 -37.45 0.25 -77.43
C THR A 122 -38.22 -0.26 -78.64
N ASP A 123 -39.55 -0.25 -78.51
CA ASP A 123 -40.45 -0.64 -79.60
C ASP A 123 -41.64 0.31 -79.63
N ALA A 124 -41.81 0.98 -80.76
CA ALA A 124 -42.77 2.07 -80.88
C ALA A 124 -43.71 1.83 -82.04
N ASN A 125 -44.98 2.16 -81.84
CA ASN A 125 -45.98 2.15 -82.88
C ASN A 125 -46.65 3.52 -82.98
N THR A 126 -46.96 3.92 -84.22
CA THR A 126 -47.56 5.22 -84.46
C THR A 126 -48.72 5.04 -85.42
N VAL A 127 -49.91 5.47 -85.02
CA VAL A 127 -51.11 5.37 -85.85
C VAL A 127 -51.73 6.76 -85.92
N GLY A 128 -51.97 7.25 -87.12
CA GLY A 128 -52.56 8.57 -87.27
C GLY A 128 -53.52 8.70 -88.44
N VAL A 129 -54.46 9.64 -88.32
CA VAL A 129 -55.42 9.95 -89.36
C VAL A 129 -55.18 11.39 -89.82
N SER A 130 -55.40 11.64 -91.11
CA SER A 130 -55.23 12.97 -91.67
C SER A 130 -56.16 13.14 -92.86
N ILE A 131 -56.78 14.32 -92.94
CA ILE A 131 -57.64 14.67 -94.07
C ILE A 131 -57.20 16.04 -94.59
N SER A 132 -57.61 16.37 -95.80
CA SER A 132 -57.35 17.66 -96.41
C SER A 132 -58.55 18.06 -97.24
N ALA A 133 -58.66 19.36 -97.54
CA ALA A 133 -59.71 19.86 -98.41
C ALA A 133 -59.26 21.18 -99.01
N GLY A 134 -58.91 21.18 -100.29
CA GLY A 134 -58.43 22.38 -100.94
C GLY A 134 -59.02 22.60 -102.32
N TYR A 135 -59.45 23.83 -102.59
CA TYR A 135 -60.10 24.15 -103.86
C TYR A 135 -59.07 24.49 -104.92
N GLN A 136 -58.42 23.46 -105.49
CA GLN A 136 -57.42 23.69 -106.53
C GLN A 136 -58.09 24.23 -107.77
N ASN A 137 -59.17 23.58 -108.23
CA ASN A 137 -60.00 24.16 -109.27
C ASN A 137 -61.38 24.54 -108.75
N GLY A 138 -62.18 23.59 -108.28
CA GLY A 138 -63.37 23.95 -107.54
C GLY A 138 -63.41 23.45 -106.11
N PHE A 139 -63.03 22.18 -105.94
CA PHE A 139 -63.06 21.49 -104.65
C PHE A 139 -62.39 20.14 -104.80
N THR A 140 -61.43 19.85 -103.93
CA THR A 140 -60.72 18.58 -103.96
C THR A 140 -60.36 18.18 -102.54
N GLY A 141 -60.73 16.96 -102.16
CA GLY A 141 -60.50 16.49 -100.81
C GLY A 141 -59.67 15.22 -100.71
N ASN A 142 -58.99 15.04 -99.58
CA ASN A 142 -58.20 13.85 -99.29
C ASN A 142 -58.52 13.35 -97.90
N ILE A 143 -58.39 12.03 -97.71
CA ILE A 143 -58.51 11.38 -96.40
C ILE A 143 -57.50 10.23 -96.36
N THR A 144 -56.53 10.33 -95.47
CA THR A 144 -55.45 9.36 -95.40
C THR A 144 -55.34 8.77 -94.00
N THR A 145 -54.64 7.63 -93.91
CA THR A 145 -54.36 6.96 -92.65
C THR A 145 -52.98 6.34 -92.75
N SER A 146 -52.34 6.10 -91.60
CA SER A 146 -50.95 5.66 -91.58
C SER A 146 -50.65 4.85 -90.33
N TYR A 147 -49.72 3.91 -90.47
CA TYR A 147 -49.22 3.09 -89.37
C TYR A 147 -47.73 2.86 -89.56
N SER A 148 -46.98 2.94 -88.47
CA SER A 148 -45.53 2.72 -88.53
C SER A 148 -45.08 2.07 -87.23
N HIS A 149 -44.05 1.23 -87.33
CA HIS A 149 -43.54 0.48 -86.19
C HIS A 149 -42.03 0.61 -86.16
N THR A 150 -41.51 1.26 -85.11
CA THR A 150 -40.08 1.52 -84.95
C THR A 150 -39.50 0.54 -83.94
N THR A 151 -38.29 0.07 -84.21
CA THR A 151 -37.56 -0.84 -83.32
C THR A 151 -36.15 -0.31 -83.13
N ASP A 152 -35.66 -0.36 -81.89
CA ASP A 152 -34.40 0.27 -81.53
C ASP A 152 -33.59 -0.67 -80.64
N ASN A 153 -32.26 -0.55 -80.75
CA ASN A 153 -31.32 -1.26 -79.92
C ASN A 153 -30.13 -0.35 -79.66
N SER A 154 -29.86 -0.07 -78.39
CA SER A 154 -28.85 0.93 -78.03
C SER A 154 -27.89 0.34 -77.01
N THR A 155 -26.70 0.94 -76.94
CA THR A 155 -25.65 0.51 -76.02
C THR A 155 -24.85 1.74 -75.62
N ALA A 156 -24.42 1.80 -74.37
CA ALA A 156 -23.68 2.94 -73.87
C ALA A 156 -22.71 2.49 -72.78
N VAL A 157 -21.44 2.80 -72.96
CA VAL A 157 -20.40 2.48 -71.99
C VAL A 157 -19.85 3.78 -71.43
N GLN A 158 -19.73 3.84 -70.10
CA GLN A 158 -19.28 5.04 -69.42
C GLN A 158 -18.08 4.71 -68.53
N ASP A 159 -17.14 5.63 -68.44
CA ASP A 159 -16.03 5.55 -67.52
C ASP A 159 -16.11 6.69 -66.52
N SER A 160 -15.33 6.56 -65.43
CA SER A 160 -15.33 7.59 -64.40
C SER A 160 -14.00 7.57 -63.67
N ASN A 161 -13.61 8.74 -63.19
CA ASN A 161 -12.43 8.89 -62.36
C ASN A 161 -12.69 10.04 -61.39
N GLY A 162 -12.64 9.77 -60.10
CA GLY A 162 -12.85 10.81 -59.12
C GLY A 162 -11.78 10.84 -58.06
N GLU A 163 -11.68 11.94 -57.33
CA GLU A 163 -10.79 12.02 -56.18
C GLU A 163 -11.28 13.09 -55.24
N SER A 164 -11.07 12.88 -53.94
CA SER A 164 -11.52 13.81 -52.93
C SER A 164 -10.42 13.95 -51.89
N TRP A 165 -10.41 15.07 -51.18
CA TRP A 165 -9.55 15.26 -50.02
C TRP A 165 -10.32 16.01 -48.94
N ASN A 166 -10.45 15.40 -47.78
CA ASN A 166 -11.25 15.94 -46.69
C ASN A 166 -10.37 16.19 -45.47
N THR A 167 -10.45 17.40 -44.93
CA THR A 167 -9.75 17.76 -43.69
C THR A 167 -10.78 18.03 -42.61
N GLY A 168 -10.47 17.64 -41.39
CA GLY A 168 -11.36 17.89 -40.28
C GLY A 168 -10.58 18.12 -39.00
N LEU A 169 -11.27 18.65 -38.00
CA LEU A 169 -10.69 18.79 -36.67
C LEU A 169 -11.78 18.79 -35.62
N SER A 170 -11.52 18.07 -34.54
CA SER A 170 -12.43 17.94 -33.42
C SER A 170 -11.80 18.57 -32.19
N ILE A 171 -12.63 18.88 -31.20
CA ILE A 171 -12.12 19.38 -29.93
C ILE A 171 -13.11 19.00 -28.84
N ASN A 172 -12.56 18.70 -27.67
CA ASN A 172 -13.38 18.51 -26.48
C ASN A 172 -13.50 19.85 -25.75
N LYS A 173 -14.68 20.15 -25.26
CA LYS A 173 -14.91 21.47 -24.68
C LYS A 173 -14.80 21.49 -23.16
N GLY A 174 -14.41 20.38 -22.53
CA GLY A 174 -14.17 20.37 -21.10
C GLY A 174 -12.70 20.19 -20.79
N GLU A 175 -11.95 19.72 -21.78
CA GLU A 175 -10.51 19.48 -21.68
C GLU A 175 -9.82 20.01 -22.92
N SER A 176 -10.13 21.28 -23.27
CA SER A 176 -9.68 21.85 -24.53
C SER A 176 -8.18 22.07 -24.60
N ALA A 177 -7.49 22.19 -23.46
CA ALA A 177 -6.06 22.44 -23.49
C ALA A 177 -5.44 21.94 -22.21
N TYR A 178 -4.11 21.85 -22.20
CA TYR A 178 -3.34 21.50 -21.04
C TYR A 178 -2.38 22.63 -20.68
N ILE A 179 -2.13 22.80 -19.40
CA ILE A 179 -1.34 23.91 -18.89
C ILE A 179 -0.04 23.37 -18.31
N ASN A 180 1.06 24.04 -18.62
CA ASN A 180 2.38 23.67 -18.12
C ASN A 180 3.05 24.94 -17.63
N ALA A 181 3.33 25.01 -16.33
CA ALA A 181 3.93 26.18 -15.73
C ALA A 181 5.36 25.90 -15.32
N ASN A 182 6.24 26.86 -15.57
CA ASN A 182 7.65 26.77 -15.21
C ASN A 182 7.86 27.60 -13.95
N VAL A 183 8.27 26.94 -12.86
CA VAL A 183 8.32 27.56 -11.56
C VAL A 183 9.72 27.42 -10.98
N ARG A 184 9.97 28.19 -9.92
CA ARG A 184 11.24 28.15 -9.23
C ARG A 184 11.01 28.57 -7.79
N TYR A 185 11.59 27.84 -6.85
CA TYR A 185 11.34 28.08 -5.43
C TYR A 185 12.37 29.05 -4.88
N TYR A 186 12.04 29.68 -3.75
CA TYR A 186 12.93 30.64 -3.10
C TYR A 186 12.86 30.46 -1.60
N ASN A 187 14.00 30.59 -0.93
CA ASN A 187 14.07 30.53 0.52
C ASN A 187 14.70 31.80 1.04
N THR A 188 13.90 32.64 1.71
CA THR A 188 14.40 33.86 2.32
C THR A 188 14.33 33.83 3.84
N GLY A 189 14.34 32.65 4.44
CA GLY A 189 14.36 32.51 5.88
C GLY A 189 15.76 32.25 6.41
N THR A 190 15.82 31.69 7.61
CA THR A 190 17.10 31.41 8.27
C THR A 190 17.44 29.94 8.34
N ALA A 191 16.51 29.04 8.02
CA ALA A 191 16.78 27.62 8.12
C ALA A 191 16.51 26.94 6.79
N PRO A 192 17.27 25.90 6.47
CA PRO A 192 17.00 25.15 5.24
C PRO A 192 15.75 24.30 5.38
N MET A 193 15.06 24.12 4.27
CA MET A 193 13.88 23.27 4.20
C MET A 193 14.21 22.08 3.31
N TYR A 194 13.94 20.88 3.81
CA TYR A 194 14.18 19.66 3.05
C TYR A 194 12.86 19.12 2.52
N LYS A 195 12.92 18.53 1.33
CA LYS A 195 11.75 17.93 0.69
C LYS A 195 10.65 18.98 0.49
N VAL A 196 11.05 20.13 -0.05
CA VAL A 196 10.13 21.24 -0.26
C VAL A 196 8.95 20.80 -1.11
N THR A 197 7.74 20.99 -0.59
CA THR A 197 6.52 20.57 -1.27
C THR A 197 5.52 21.70 -1.29
N PRO A 198 5.67 22.64 -2.21
CA PRO A 198 4.69 23.74 -2.32
C PRO A 198 3.34 23.30 -2.83
N THR A 199 2.33 24.07 -2.46
CA THR A 199 0.99 23.98 -3.01
C THR A 199 0.62 25.31 -3.62
N THR A 200 0.24 25.32 -4.90
CA THR A 200 0.02 26.56 -5.62
C THR A 200 -1.38 26.62 -6.19
N ASN A 201 -1.89 27.84 -6.31
CA ASN A 201 -3.13 28.13 -7.02
C ASN A 201 -2.80 28.70 -8.40
N LEU A 202 -3.61 28.33 -9.39
CA LEU A 202 -3.50 28.85 -10.75
C LEU A 202 -4.77 29.65 -11.03
N VAL A 203 -4.69 30.96 -10.89
CA VAL A 203 -5.86 31.82 -10.96
C VAL A 203 -5.90 32.52 -12.31
N LEU A 204 -6.98 32.28 -13.07
CA LEU A 204 -7.17 32.91 -14.37
C LEU A 204 -8.46 33.72 -14.32
N ASP A 205 -8.32 35.04 -14.27
CA ASP A 205 -9.46 35.95 -14.36
C ASP A 205 -10.49 35.69 -13.25
N GLY A 206 -10.06 35.83 -12.01
CA GLY A 206 -10.97 35.76 -10.89
C GLY A 206 -11.55 34.39 -10.60
N GLU A 207 -10.91 33.33 -11.07
CA GLU A 207 -11.34 31.99 -10.70
C GLU A 207 -10.15 31.05 -10.74
N THR A 208 -10.10 30.12 -9.79
CA THR A 208 -8.99 29.19 -9.67
C THR A 208 -9.21 28.02 -10.62
N LEU A 209 -8.27 27.83 -11.55
CA LEU A 209 -8.36 26.68 -12.45
C LEU A 209 -8.04 25.38 -11.72
N ALA A 210 -6.92 25.36 -11.00
CA ALA A 210 -6.52 24.15 -10.30
C ALA A 210 -5.60 24.54 -9.15
N THR A 211 -5.66 23.73 -8.10
CA THR A 211 -4.74 23.83 -6.96
C THR A 211 -3.88 22.58 -6.96
N ILE A 212 -2.58 22.76 -7.13
CA ILE A 212 -1.65 21.68 -7.36
C ILE A 212 -0.69 21.58 -6.18
N LYS A 213 -0.55 20.38 -5.63
CA LYS A 213 0.48 20.07 -4.65
C LYS A 213 1.62 19.38 -5.40
N ALA A 214 2.85 19.75 -5.07
CA ALA A 214 4.00 19.24 -5.79
C ALA A 214 4.25 17.78 -5.44
N GLN A 215 4.25 16.93 -6.46
CA GLN A 215 4.50 15.50 -6.29
C GLN A 215 5.99 15.21 -6.51
N ASP A 216 6.34 13.93 -6.65
CA ASP A 216 7.75 13.52 -6.66
C ASP A 216 8.57 14.28 -7.70
N ASN A 217 7.99 14.57 -8.86
CA ASN A 217 8.75 15.21 -9.92
C ASN A 217 9.09 16.65 -9.59
N GLN A 218 8.35 17.28 -8.67
CA GLN A 218 8.50 18.70 -8.39
C GLN A 218 8.98 19.00 -6.99
N ILE A 219 9.30 17.97 -6.20
CA ILE A 219 9.81 18.16 -4.85
C ILE A 219 11.29 18.52 -4.90
N GLY A 220 11.68 19.53 -4.13
CA GLY A 220 13.07 19.95 -4.04
C GLY A 220 13.71 19.36 -2.80
N ASN A 221 14.83 18.67 -3.01
CA ASN A 221 15.41 17.86 -1.94
C ASN A 221 16.09 18.74 -0.90
N ASN A 222 16.74 19.81 -1.33
CA ASN A 222 17.36 20.77 -0.43
C ASN A 222 16.97 22.18 -0.85
N LEU A 223 16.88 23.07 0.13
CA LEU A 223 16.67 24.49 -0.15
C LEU A 223 17.30 25.28 1.00
N SER A 224 18.53 25.74 0.77
CA SER A 224 19.21 26.54 1.77
C SER A 224 18.67 27.97 1.74
N PRO A 225 18.87 28.72 2.82
CA PRO A 225 18.47 30.13 2.80
C PRO A 225 19.24 30.92 1.76
N ASN A 226 18.55 31.88 1.14
CA ASN A 226 19.11 32.73 0.09
C ASN A 226 19.45 31.94 -1.17
N GLU A 227 18.74 30.84 -1.42
CA GLU A 227 18.98 30.02 -2.59
C GLU A 227 17.65 29.63 -3.22
N THR A 228 17.72 28.92 -4.34
CA THR A 228 16.55 28.54 -5.10
C THR A 228 16.61 27.05 -5.42
N TYR A 229 15.50 26.53 -5.94
CA TYR A 229 15.47 25.21 -6.55
C TYR A 229 14.67 25.30 -7.84
N PRO A 230 15.26 24.99 -9.00
CA PRO A 230 16.67 24.66 -9.18
C PRO A 230 17.59 25.84 -8.94
N LYS A 231 18.90 25.59 -8.92
CA LYS A 231 19.87 26.58 -8.49
C LYS A 231 19.88 27.76 -9.46
N LYS A 232 20.74 28.74 -9.15
CA LYS A 232 20.74 29.99 -9.88
C LYS A 232 21.03 29.79 -11.37
N GLY A 233 21.91 28.84 -11.69
CA GLY A 233 22.32 28.68 -13.07
C GLY A 233 21.52 27.72 -13.91
N LEU A 234 20.42 27.18 -13.41
CA LEU A 234 19.63 26.19 -14.13
C LEU A 234 18.29 26.75 -14.56
N SER A 235 17.56 25.95 -15.32
CA SER A 235 16.28 26.39 -15.86
C SER A 235 15.14 25.87 -14.99
N PRO A 236 14.00 26.57 -14.97
CA PRO A 236 12.95 26.25 -13.99
C PRO A 236 12.30 24.89 -14.15
N LEU A 237 11.57 24.46 -13.13
CA LEU A 237 10.88 23.18 -13.11
C LEU A 237 9.76 23.17 -14.13
N ALA A 238 9.09 22.03 -14.27
CA ALA A 238 7.88 21.92 -15.07
C ALA A 238 6.77 21.41 -14.16
N LEU A 239 5.71 22.21 -14.00
CA LEU A 239 4.55 21.81 -13.22
C LEU A 239 3.49 21.33 -14.21
N ASN A 240 3.60 20.05 -14.57
CA ASN A 240 2.86 19.46 -15.67
C ASN A 240 1.55 18.80 -15.23
N THR A 241 1.59 18.05 -14.13
CA THR A 241 0.51 17.15 -13.77
C THR A 241 -0.20 17.61 -12.51
N MET A 242 -1.36 16.99 -12.26
CA MET A 242 -2.22 17.38 -11.16
C MET A 242 -2.58 16.26 -10.20
N ASP A 243 -2.44 15.00 -10.62
CA ASP A 243 -2.78 13.88 -9.75
C ASP A 243 -1.59 13.54 -8.86
N GLN A 244 -1.70 12.44 -8.13
CA GLN A 244 -0.66 12.06 -7.17
C GLN A 244 0.50 11.34 -7.80
N PHE A 245 0.27 10.55 -8.84
CA PHE A 245 1.31 9.72 -9.44
C PHE A 245 1.89 10.32 -10.71
N ASN A 246 1.66 11.61 -10.96
CA ASN A 246 2.28 12.33 -12.07
C ASN A 246 1.89 11.72 -13.42
N ALA A 247 0.59 11.48 -13.60
CA ALA A 247 0.12 10.87 -14.83
C ALA A 247 -1.15 11.52 -15.36
N ARG A 248 -1.51 12.70 -14.87
CA ARG A 248 -2.74 13.37 -15.26
C ARG A 248 -2.44 14.86 -15.40
N LEU A 249 -2.52 15.36 -16.63
CA LEU A 249 -2.14 16.75 -16.88
C LEU A 249 -3.22 17.70 -16.39
N ILE A 250 -2.93 19.00 -16.46
CA ILE A 250 -3.78 20.04 -15.89
C ILE A 250 -4.66 20.58 -17.02
N PRO A 251 -5.96 20.31 -17.01
CA PRO A 251 -6.83 20.76 -18.10
C PRO A 251 -7.52 22.08 -17.84
N ILE A 252 -7.82 22.78 -18.93
CA ILE A 252 -8.72 23.93 -18.92
C ILE A 252 -9.83 23.66 -19.93
N ASN A 253 -10.96 24.34 -19.76
CA ASN A 253 -12.09 24.14 -20.65
C ASN A 253 -12.01 25.13 -21.82
N TYR A 254 -13.07 25.21 -22.61
CA TYR A 254 -13.01 26.01 -23.84
C TYR A 254 -13.08 27.50 -23.56
N ASP A 255 -13.92 27.91 -22.60
CA ASP A 255 -14.04 29.33 -22.29
C ASP A 255 -12.75 29.86 -21.68
N GLN A 256 -12.09 29.07 -20.84
CA GLN A 256 -10.82 29.51 -20.27
C GLN A 256 -9.73 29.56 -21.34
N LEU A 257 -9.79 28.67 -22.32
CA LEU A 257 -8.81 28.70 -23.40
C LEU A 257 -9.03 29.90 -24.30
N LYS A 258 -10.28 30.25 -24.57
CA LYS A 258 -10.56 31.45 -25.35
C LYS A 258 -10.20 32.71 -24.58
N LYS A 259 -10.31 32.65 -23.26
CA LYS A 259 -9.87 33.76 -22.43
C LYS A 259 -8.35 33.90 -22.46
N LEU A 260 -7.63 32.78 -22.52
CA LEU A 260 -6.17 32.83 -22.62
C LEU A 260 -5.70 33.36 -23.97
N ASP A 261 -6.48 33.17 -25.02
CA ASP A 261 -6.14 33.73 -26.33
C ASP A 261 -6.52 35.19 -26.42
N SER A 262 -6.10 35.93 -25.41
CA SER A 262 -6.25 37.37 -25.30
C SER A 262 -5.20 37.85 -24.30
N GLY A 263 -5.34 39.07 -23.81
CA GLY A 263 -4.38 39.58 -22.85
C GLY A 263 -4.41 38.90 -21.50
N LYS A 264 -5.39 38.05 -21.23
CA LYS A 264 -5.54 37.47 -19.90
C LYS A 264 -4.37 36.55 -19.59
N GLN A 265 -3.84 36.69 -18.38
CA GLN A 265 -2.71 35.91 -17.90
C GLN A 265 -3.13 35.05 -16.73
N ILE A 266 -2.45 33.92 -16.58
CA ILE A 266 -2.66 33.00 -15.47
C ILE A 266 -1.66 33.38 -14.39
N LYS A 267 -2.17 33.69 -13.20
CA LYS A 267 -1.30 34.00 -12.08
C LYS A 267 -1.09 32.76 -11.23
N LEU A 268 -0.04 32.78 -10.41
CA LEU A 268 0.31 31.67 -9.55
C LEU A 268 0.49 32.18 -8.13
N GLU A 269 -0.29 31.65 -7.20
CA GLU A 269 -0.14 31.96 -5.79
C GLU A 269 0.22 30.69 -5.02
N THR A 270 1.16 30.82 -4.09
CA THR A 270 1.53 29.72 -3.21
C THR A 270 0.74 29.86 -1.91
N THR A 271 0.00 28.82 -1.56
CA THR A 271 -0.84 28.89 -0.37
C THR A 271 -0.21 28.22 0.83
N GLN A 272 0.79 27.36 0.61
CA GLN A 272 1.51 26.72 1.70
C GLN A 272 2.69 25.97 1.11
N VAL A 273 3.64 25.62 1.98
CA VAL A 273 4.78 24.79 1.62
C VAL A 273 5.00 23.78 2.73
N SER A 274 5.21 22.53 2.36
CA SER A 274 5.59 21.48 3.29
C SER A 274 7.08 21.20 3.17
N GLY A 275 7.66 20.73 4.26
CA GLY A 275 9.09 20.49 4.28
C GLY A 275 9.52 20.03 5.65
N ASN A 276 10.74 19.52 5.71
CA ASN A 276 11.27 18.91 6.91
C ASN A 276 12.43 19.71 7.46
N TYR A 277 12.78 19.41 8.71
CA TYR A 277 13.98 19.93 9.35
C TYR A 277 14.86 18.78 9.79
N GLY A 278 16.08 19.10 10.21
CA GLY A 278 17.10 18.11 10.51
C GLY A 278 17.27 17.92 12.01
N THR A 279 17.38 16.67 12.42
CA THR A 279 17.56 16.29 13.81
C THR A 279 18.46 15.08 13.86
N LYS A 280 19.24 14.95 14.94
CA LYS A 280 20.16 13.84 15.11
C LYS A 280 19.52 12.76 15.97
N ASN A 281 19.59 11.52 15.51
CA ASN A 281 18.97 10.38 16.18
C ASN A 281 19.90 9.85 17.27
N SER A 282 19.62 8.62 17.73
CA SER A 282 20.43 8.00 18.77
C SER A 282 21.90 7.96 18.39
N GLN A 283 22.21 7.80 17.11
CA GLN A 283 23.58 7.87 16.62
C GLN A 283 23.84 9.29 16.10
N GLY A 284 24.96 9.49 15.44
CA GLY A 284 25.25 10.81 14.92
C GLY A 284 24.64 11.14 13.59
N GLN A 285 23.63 10.37 13.16
CA GLN A 285 23.02 10.59 11.86
C GLN A 285 22.12 11.81 11.90
N ILE A 286 21.67 12.26 10.73
CA ILE A 286 20.72 13.37 10.61
C ILE A 286 19.44 12.82 10.02
N ILE A 287 18.34 12.95 10.74
CA ILE A 287 17.04 12.45 10.32
C ILE A 287 16.15 13.64 10.02
N THR A 288 15.61 13.67 8.80
CA THR A 288 14.71 14.71 8.36
C THR A 288 13.41 14.15 7.82
N GLU A 289 12.91 13.06 8.40
CA GLU A 289 11.77 12.38 7.80
C GLU A 289 10.46 12.64 8.54
N GLY A 290 10.42 12.39 9.84
CA GLY A 290 9.18 12.62 10.57
C GLY A 290 9.14 13.98 11.22
N ASN A 291 9.92 14.91 10.67
CA ASN A 291 10.16 16.22 11.25
C ASN A 291 9.51 17.28 10.35
N SER A 292 8.25 17.59 10.59
CA SER A 292 7.53 18.51 9.72
C SER A 292 7.64 19.94 10.23
N TRP A 293 7.67 20.89 9.29
CA TRP A 293 7.73 22.31 9.63
C TRP A 293 6.36 22.89 9.94
N SER A 294 5.30 22.27 9.43
CA SER A 294 3.97 22.80 9.70
C SER A 294 3.56 22.56 11.14
N ASN A 295 4.26 21.69 11.87
CA ASN A 295 4.03 21.55 13.30
C ASN A 295 4.44 22.78 14.06
N TYR A 296 5.28 23.63 13.48
CA TYR A 296 5.79 24.82 14.13
C TYR A 296 5.45 26.10 13.40
N ILE A 297 4.90 26.02 12.19
CA ILE A 297 4.57 27.22 11.45
C ILE A 297 3.56 28.08 12.21
N SER A 298 2.59 27.43 12.86
CA SER A 298 1.59 28.18 13.60
C SER A 298 2.12 28.68 14.94
N GLN A 299 2.93 27.84 15.61
CA GLN A 299 3.43 28.22 16.92
C GLN A 299 4.45 29.35 16.84
N ILE A 300 5.26 29.37 15.78
CA ILE A 300 6.23 30.45 15.61
C ILE A 300 5.51 31.76 15.30
N ASP A 301 4.49 31.70 14.45
CA ASP A 301 3.77 32.92 14.08
C ASP A 301 3.02 33.53 15.26
N SER A 302 2.84 32.78 16.34
CA SER A 302 2.06 33.26 17.47
C SER A 302 2.90 34.00 18.50
N VAL A 303 4.14 33.60 18.71
CA VAL A 303 4.95 34.14 19.80
C VAL A 303 5.99 35.11 19.28
N SER A 304 5.78 35.64 18.08
CA SER A 304 6.83 36.38 17.38
C SER A 304 6.32 37.71 16.86
N ALA A 305 7.27 38.56 16.51
CA ALA A 305 7.03 39.77 15.74
C ALA A 305 7.76 39.61 14.41
N SER A 306 7.10 39.94 13.32
CA SER A 306 7.70 39.74 12.01
C SER A 306 8.50 40.96 11.59
N ILE A 307 9.68 40.72 11.03
CA ILE A 307 10.56 41.78 10.54
C ILE A 307 11.06 41.37 9.16
N ILE A 308 10.89 42.27 8.19
CA ILE A 308 11.26 42.01 6.80
C ILE A 308 12.15 43.14 6.31
N LEU A 309 13.30 42.79 5.76
CA LEU A 309 14.25 43.76 5.22
C LEU A 309 14.30 43.59 3.71
N ASP A 310 13.92 44.63 2.99
CA ASP A 310 13.89 44.62 1.54
C ASP A 310 15.00 45.54 1.05
N THR A 311 16.11 44.96 0.59
CA THR A 311 17.24 45.77 0.15
C THR A 311 17.15 46.18 -1.31
N GLY A 312 15.98 46.01 -1.94
CA GLY A 312 15.79 46.47 -3.30
C GLY A 312 15.75 45.34 -4.30
N SER A 313 16.64 44.37 -4.14
CA SER A 313 16.62 43.15 -4.94
C SER A 313 16.30 41.91 -4.11
N GLN A 314 17.04 41.67 -3.03
CA GLN A 314 16.81 40.52 -2.17
C GLN A 314 15.84 40.92 -1.07
N THR A 315 15.26 39.92 -0.43
CA THR A 315 14.36 40.14 0.69
C THR A 315 14.70 39.12 1.77
N PHE A 316 14.68 39.58 3.03
CA PHE A 316 14.94 38.71 4.15
C PHE A 316 13.79 38.83 5.13
N GLU A 317 13.28 37.70 5.59
CA GLU A 317 12.17 37.68 6.54
C GLU A 317 12.60 36.98 7.81
N ARG A 318 12.31 37.61 8.95
CA ARG A 318 12.73 37.09 10.24
C ARG A 318 11.54 36.96 11.17
N ARG A 319 11.76 36.29 12.31
CA ARG A 319 10.76 36.14 13.36
C ARG A 319 11.51 36.25 14.68
N VAL A 320 11.16 37.24 15.49
CA VAL A 320 11.84 37.48 16.77
C VAL A 320 10.82 37.31 17.88
N ALA A 321 11.22 36.59 18.94
CA ALA A 321 10.30 36.28 20.01
C ALA A 321 10.01 37.50 20.87
N ALA A 322 8.74 37.67 21.20
CA ALA A 322 8.30 38.80 22.02
C ALA A 322 7.46 38.27 23.17
N LYS A 323 7.38 39.07 24.23
CA LYS A 323 6.68 38.64 25.44
C LYS A 323 5.18 38.79 25.29
N GLU A 324 4.44 37.89 25.91
CA GLU A 324 3.00 38.04 26.06
C GLU A 324 2.70 39.12 27.09
N GLN A 325 1.79 40.02 26.74
CA GLN A 325 1.64 41.26 27.49
C GLN A 325 0.99 41.04 28.85
N GLY A 326 0.00 40.15 28.91
CA GLY A 326 -0.75 39.98 30.14
C GLY A 326 -0.26 38.90 31.07
N ASN A 327 0.46 37.93 30.54
CA ASN A 327 0.90 36.78 31.32
C ASN A 327 2.03 37.16 32.26
N PRO A 328 1.88 36.92 33.56
CA PRO A 328 2.99 37.17 34.49
C PRO A 328 4.01 36.04 34.50
N GLU A 329 3.64 34.84 34.09
CA GLU A 329 4.55 33.70 34.03
C GLU A 329 5.24 33.58 32.68
N ASP A 330 5.24 34.65 31.90
CA ASP A 330 5.89 34.71 30.59
C ASP A 330 7.22 35.43 30.77
N LYS A 331 8.32 34.71 30.58
CA LYS A 331 9.64 35.25 30.90
C LYS A 331 10.49 35.52 29.66
N THR A 332 9.87 35.66 28.50
CA THR A 332 10.61 36.06 27.32
C THR A 332 11.22 37.44 27.55
N PRO A 333 12.53 37.60 27.39
CA PRO A 333 13.15 38.90 27.66
C PRO A 333 12.72 39.95 26.65
N GLU A 334 12.73 41.20 27.09
CA GLU A 334 12.33 42.33 26.25
C GLU A 334 13.55 42.86 25.51
N ILE A 335 13.33 43.30 24.28
CA ILE A 335 14.35 43.97 23.49
C ILE A 335 13.68 45.10 22.73
N THR A 336 14.47 46.11 22.39
CA THR A 336 13.92 47.19 21.58
C THR A 336 13.84 46.76 20.12
N ILE A 337 13.12 47.57 19.33
CA ILE A 337 13.04 47.30 17.90
C ILE A 337 14.42 47.34 17.26
N GLY A 338 15.29 48.23 17.73
CA GLY A 338 16.63 48.31 17.16
C GLY A 338 17.47 47.08 17.48
N GLU A 339 17.39 46.60 18.72
CA GLU A 339 18.13 45.40 19.07
C GLU A 339 17.56 44.17 18.38
N ALA A 340 16.24 44.14 18.16
CA ALA A 340 15.65 43.06 17.40
C ALA A 340 16.13 43.08 15.96
N ILE A 341 16.25 44.27 15.37
CA ILE A 341 16.73 44.38 14.00
C ILE A 341 18.20 43.99 13.91
N LYS A 342 18.97 44.26 14.96
CA LYS A 342 20.38 43.87 14.96
C LYS A 342 20.51 42.35 15.10
N LYS A 343 19.74 41.75 16.00
CA LYS A 343 19.79 40.31 16.20
C LYS A 343 19.31 39.56 14.97
N ALA A 344 18.17 39.96 14.40
CA ALA A 344 17.51 39.18 13.37
C ALA A 344 18.31 39.11 12.07
N PHE A 345 19.14 40.11 11.79
CA PHE A 345 19.88 40.16 10.53
C PHE A 345 21.39 40.09 10.73
N SER A 346 21.85 39.93 11.96
CA SER A 346 23.29 39.89 12.27
C SER A 346 24.00 41.12 11.72
N ALA A 347 23.34 42.27 11.80
CA ALA A 347 23.99 43.52 11.46
C ALA A 347 25.13 43.80 12.45
N THR A 348 26.05 44.66 12.04
CA THR A 348 27.14 45.08 12.89
C THR A 348 26.96 46.54 13.28
N LYS A 349 27.29 46.86 14.53
CA LYS A 349 27.01 48.17 15.11
C LYS A 349 28.30 48.98 15.13
N ASN A 350 28.35 50.02 14.30
CA ASN A 350 29.50 50.92 14.24
C ASN A 350 29.10 52.23 14.90
N GLY A 351 29.22 52.29 16.23
CA GLY A 351 28.82 53.45 16.98
C GLY A 351 27.32 53.67 16.95
N GLU A 352 26.90 54.82 16.45
CA GLU A 352 25.49 55.06 16.16
C GLU A 352 25.01 54.29 14.93
N LEU A 353 25.93 53.96 14.03
CA LEU A 353 25.56 53.37 12.76
C LEU A 353 25.44 51.85 12.86
N LEU A 354 24.50 51.30 12.08
CA LEU A 354 24.21 49.87 12.08
C LEU A 354 24.27 49.40 10.62
N TYR A 355 25.13 48.42 10.35
CA TYR A 355 25.44 48.01 8.99
C TYR A 355 25.04 46.57 8.73
N PHE A 356 24.24 46.37 7.69
CA PHE A 356 23.96 45.05 7.14
C PHE A 356 25.16 44.67 6.26
N ASN A 357 25.02 43.69 5.36
CA ASN A 357 26.14 43.18 4.59
C ASN A 357 27.13 44.26 4.20
N GLY A 358 26.66 45.31 3.53
CA GLY A 358 27.47 46.48 3.32
C GLY A 358 26.65 47.75 3.40
N ILE A 359 25.36 47.60 3.65
CA ILE A 359 24.39 48.69 3.56
C ILE A 359 24.11 49.23 4.96
N PRO A 360 24.02 50.55 5.13
CA PRO A 360 23.55 51.09 6.40
C PRO A 360 22.05 50.94 6.53
N ILE A 361 21.63 50.25 7.59
CA ILE A 361 20.21 50.00 7.84
C ILE A 361 19.80 50.71 9.13
N ASP A 362 20.42 51.85 9.40
CA ASP A 362 20.03 52.67 10.53
C ASP A 362 18.61 53.18 10.36
N GLU A 363 18.10 53.79 11.43
CA GLU A 363 16.72 54.30 11.40
C GLU A 363 16.59 55.48 10.46
N SER A 364 17.68 56.22 10.23
CA SER A 364 17.61 57.43 9.43
C SER A 364 17.79 57.13 7.94
N CYS A 365 18.45 56.01 7.63
CA CYS A 365 18.84 55.68 6.27
C CYS A 365 17.93 54.67 5.59
N VAL A 366 16.73 54.44 6.14
CA VAL A 366 15.79 53.45 5.62
C VAL A 366 14.41 54.09 5.54
N GLU A 367 13.41 53.28 5.18
CA GLU A 367 12.02 53.72 5.08
C GLU A 367 11.14 52.67 5.76
N LEU A 368 10.76 52.93 7.01
CA LEU A 368 10.00 51.96 7.79
C LEU A 368 8.52 51.99 7.40
N ILE A 369 7.91 50.80 7.36
CA ILE A 369 6.52 50.63 7.02
C ILE A 369 5.90 49.62 7.97
N PHE A 370 4.78 49.98 8.59
CA PHE A 370 4.07 49.12 9.53
C PHE A 370 2.65 48.90 9.04
N ASP A 371 1.97 47.93 9.64
CA ASP A 371 0.53 47.82 9.51
C ASP A 371 -0.10 48.73 10.58
N ASP A 372 -1.39 49.05 10.43
CA ASP A 372 -1.97 50.12 11.23
C ASP A 372 -1.87 49.83 12.72
N ASN A 373 -2.02 48.56 13.11
CA ASN A 373 -1.91 48.17 14.50
C ASN A 373 -0.53 48.53 15.06
N THR A 374 0.52 48.14 14.35
CA THR A 374 1.87 48.40 14.83
C THR A 374 2.18 49.89 14.86
N SER A 375 1.68 50.64 13.88
CA SER A 375 1.93 52.08 13.85
C SER A 375 1.25 52.77 15.02
N GLU A 376 0.02 52.36 15.35
CA GLU A 376 -0.67 52.92 16.50
C GLU A 376 0.05 52.57 17.79
N ILE A 377 0.52 51.31 17.91
CA ILE A 377 1.27 50.93 19.10
C ILE A 377 2.53 51.78 19.24
N ILE A 378 3.25 51.98 18.14
CA ILE A 378 4.52 52.69 18.20
C ILE A 378 4.28 54.16 18.52
N LYS A 379 3.21 54.75 17.96
CA LYS A 379 2.96 56.15 18.27
C LYS A 379 2.51 56.34 19.72
N GLU A 380 1.72 55.41 20.27
CA GLU A 380 1.34 55.58 21.67
C GLU A 380 2.51 55.30 22.60
N GLN A 381 3.49 54.50 22.16
CA GLN A 381 4.66 54.24 22.99
C GLN A 381 5.77 55.24 22.78
N LEU A 382 5.66 56.13 21.78
CA LEU A 382 6.70 57.12 21.55
C LEU A 382 6.56 58.34 22.46
N LYS A 383 5.32 58.78 22.70
CA LYS A 383 5.12 59.98 23.51
C LYS A 383 5.77 59.83 24.89
N TYR A 384 5.71 58.63 25.46
CA TYR A 384 6.15 58.38 26.82
C TYR A 384 7.65 58.16 26.94
N LEU A 385 8.42 58.48 25.90
CA LEU A 385 9.81 58.08 25.81
C LEU A 385 10.71 59.29 25.60
N ASP A 386 11.86 59.29 26.26
CA ASP A 386 12.93 60.23 25.95
C ASP A 386 13.90 59.61 24.96
N ASP A 387 14.52 60.45 24.14
CA ASP A 387 15.23 60.02 22.94
C ASP A 387 14.27 59.30 21.99
N LYS A 388 13.30 60.08 21.49
CA LYS A 388 12.19 59.55 20.72
C LYS A 388 12.62 59.06 19.35
N LYS A 389 12.86 57.76 19.24
CA LYS A 389 13.24 57.11 17.99
C LYS A 389 12.54 55.77 17.87
N ILE A 390 12.09 55.45 16.66
CA ILE A 390 11.32 54.22 16.44
C ILE A 390 12.10 52.99 16.90
N TYR A 391 13.43 53.07 16.91
CA TYR A 391 14.27 51.94 17.27
C TYR A 391 14.38 51.73 18.76
N ASN A 392 13.53 52.36 19.56
CA ASN A 392 13.55 52.21 21.01
C ASN A 392 12.23 51.72 21.57
N VAL A 393 11.24 51.50 20.72
CA VAL A 393 10.00 50.85 21.14
C VAL A 393 10.32 49.42 21.56
N LYS A 394 9.46 48.83 22.37
CA LYS A 394 9.80 47.59 23.07
C LYS A 394 9.45 46.32 22.31
N LEU A 395 9.04 46.38 21.05
CA LEU A 395 8.82 45.20 20.22
C LEU A 395 7.79 44.25 20.86
N GLU A 396 6.55 44.73 20.88
CA GLU A 396 5.44 43.90 21.32
C GLU A 396 5.23 42.72 20.37
N ARG A 397 4.27 41.87 20.72
CA ARG A 397 3.90 40.76 19.86
C ARG A 397 3.03 41.23 18.70
N GLY A 398 3.04 40.46 17.62
CA GLY A 398 2.22 40.77 16.49
C GLY A 398 2.63 42.00 15.72
N MET A 399 3.85 42.47 15.88
CA MET A 399 4.32 43.59 15.08
C MET A 399 4.63 43.12 13.66
N ASN A 400 4.58 44.06 12.72
CA ASN A 400 4.78 43.78 11.31
C ASN A 400 5.73 44.80 10.70
N ILE A 401 6.87 45.02 11.36
CA ILE A 401 7.84 45.99 10.87
C ILE A 401 8.38 45.55 9.52
N LEU A 402 8.65 46.53 8.66
CA LEU A 402 9.24 46.30 7.34
C LEU A 402 10.22 47.41 7.05
N ILE A 403 11.48 47.06 6.82
CA ILE A 403 12.54 48.02 6.56
C ILE A 403 12.84 48.02 5.06
N LYS A 404 12.54 49.12 4.40
CA LYS A 404 12.88 49.32 3.00
C LYS A 404 14.19 50.09 2.89
N VAL A 405 15.03 49.66 1.97
CA VAL A 405 16.28 50.36 1.67
C VAL A 405 16.00 51.29 0.48
N PRO A 406 16.33 52.58 0.57
CA PRO A 406 15.98 53.50 -0.51
C PRO A 406 16.87 53.31 -1.73
N SER A 407 16.28 53.54 -2.91
CA SER A 407 17.02 53.40 -4.16
C SER A 407 18.12 54.43 -4.27
N TYR A 408 17.90 55.63 -3.73
CA TYR A 408 18.86 56.71 -3.77
C TYR A 408 18.97 57.34 -2.39
N PHE A 409 20.21 57.63 -1.97
CA PHE A 409 20.49 58.22 -0.67
C PHE A 409 21.51 59.33 -0.84
N THR A 410 21.68 60.13 0.21
CA THR A 410 22.76 61.11 0.27
C THR A 410 23.04 61.36 1.75
N ASN A 411 24.11 60.74 2.26
CA ASN A 411 24.43 60.79 3.68
C ASN A 411 24.86 62.20 4.08
N PHE A 412 24.08 62.83 4.94
CA PHE A 412 24.36 64.17 5.41
C PHE A 412 24.34 64.22 6.94
N GLU B 7 46.22 14.33 27.93
CA GLU B 7 45.63 13.39 28.87
C GLU B 7 44.44 12.64 28.25
N ASP B 8 43.47 12.26 29.09
CA ASP B 8 42.29 11.52 28.68
C ASP B 8 41.06 12.39 28.93
N LEU B 9 40.72 13.21 27.93
CA LEU B 9 39.55 14.07 28.01
C LEU B 9 38.98 14.19 26.61
N ASP B 10 37.75 13.71 26.46
CA ASP B 10 37.05 13.69 25.18
C ASP B 10 35.80 14.54 25.32
N THR B 11 35.82 15.73 24.72
CA THR B 11 34.71 16.66 24.85
C THR B 11 33.53 16.28 23.96
N ASP B 12 33.80 15.95 22.70
CA ASP B 12 32.73 15.60 21.78
C ASP B 12 32.48 14.09 21.69
N ASN B 13 33.20 13.29 22.47
CA ASN B 13 32.98 11.84 22.54
C ASN B 13 33.09 11.19 21.16
N ASP B 14 34.28 11.31 20.57
CA ASP B 14 34.57 10.64 19.31
C ASP B 14 35.80 9.74 19.41
N ASN B 15 36.13 9.29 20.62
CA ASN B 15 37.21 8.33 20.86
C ASN B 15 38.58 8.89 20.50
N ILE B 16 38.71 10.21 20.40
CA ILE B 16 39.98 10.87 20.19
C ILE B 16 40.08 12.01 21.21
N PRO B 17 41.08 11.99 22.10
CA PRO B 17 41.20 13.05 23.10
C PRO B 17 41.45 14.41 22.48
N ASP B 18 41.07 15.45 23.23
CA ASP B 18 41.20 16.82 22.72
C ASP B 18 42.66 17.19 22.49
N ALA B 19 43.55 16.70 23.35
CA ALA B 19 44.98 17.00 23.18
C ALA B 19 45.49 16.49 21.85
N TYR B 20 45.04 15.30 21.44
CA TYR B 20 45.49 14.73 20.18
C TYR B 20 44.89 15.47 18.99
N GLU B 21 43.61 15.82 19.06
CA GLU B 21 42.92 16.36 17.90
C GLU B 21 43.47 17.70 17.47
N LYS B 22 43.96 18.52 18.40
CA LYS B 22 44.51 19.81 18.05
C LYS B 22 46.00 19.77 17.77
N ASN B 23 46.73 18.84 18.36
CA ASN B 23 48.17 18.77 18.17
C ASN B 23 48.60 17.77 17.11
N GLY B 24 47.82 16.72 16.89
CA GLY B 24 48.12 15.75 15.85
C GLY B 24 48.05 14.31 16.34
N TYR B 25 47.42 13.46 15.54
CA TYR B 25 47.26 12.07 15.92
C TYR B 25 47.33 11.19 14.68
N THR B 26 47.43 9.89 14.92
CA THR B 26 47.27 8.87 13.89
C THR B 26 46.67 7.65 14.56
N ILE B 27 46.21 6.71 13.75
CA ILE B 27 45.55 5.51 14.27
C ILE B 27 46.50 4.33 14.15
N LYS B 28 46.63 3.55 15.22
CA LYS B 28 47.58 2.45 15.29
C LYS B 28 46.89 1.28 15.99
N ASP B 29 46.50 0.26 15.23
CA ASP B 29 45.69 -0.85 15.72
C ASP B 29 44.35 -0.35 16.26
N SER B 30 43.70 0.51 15.49
CA SER B 30 42.33 0.97 15.73
C SER B 30 42.22 1.83 16.98
N ILE B 31 43.31 2.46 17.41
CA ILE B 31 43.26 3.45 18.48
C ILE B 31 44.11 4.64 18.08
N ALA B 32 43.70 5.82 18.56
CA ALA B 32 44.39 7.07 18.24
C ALA B 32 45.60 7.24 19.14
N VAL B 33 46.77 7.43 18.53
CA VAL B 33 48.01 7.63 19.25
C VAL B 33 48.55 9.01 18.92
N LYS B 34 49.33 9.56 19.85
CA LYS B 34 49.90 10.88 19.65
C LYS B 34 50.93 10.86 18.53
N TRP B 35 50.85 11.82 17.64
CA TRP B 35 51.71 11.85 16.47
C TRP B 35 53.15 12.14 16.88
N ASN B 36 54.02 11.18 16.65
CA ASN B 36 55.46 11.35 16.76
C ASN B 36 56.03 11.41 15.35
N ASP B 37 56.95 12.35 15.12
CA ASP B 37 57.43 12.63 13.77
C ASP B 37 58.17 11.47 13.15
N SER B 38 58.53 10.45 13.93
CA SER B 38 59.40 9.39 13.43
C SER B 38 58.69 8.50 12.41
N PHE B 39 57.41 8.23 12.60
CA PHE B 39 56.70 7.29 11.73
C PHE B 39 55.88 7.97 10.65
N ALA B 40 56.38 9.08 10.11
CA ALA B 40 55.88 9.56 8.82
C ALA B 40 56.54 8.84 7.67
N GLU B 41 57.60 8.08 7.94
CA GLU B 41 58.29 7.34 6.88
C GLU B 41 57.70 5.95 6.70
N GLN B 42 57.10 5.38 7.74
CA GLN B 42 56.48 4.08 7.63
C GLN B 42 55.13 4.11 6.95
N GLY B 43 54.65 5.28 6.53
CA GLY B 43 53.42 5.40 5.79
C GLY B 43 52.26 5.97 6.55
N TYR B 44 52.43 6.31 7.83
CA TYR B 44 51.35 6.90 8.59
C TYR B 44 51.20 8.38 8.24
N LYS B 45 49.95 8.85 8.27
CA LYS B 45 49.64 10.24 7.97
C LYS B 45 49.13 10.92 9.22
N LYS B 46 49.44 12.21 9.35
CA LYS B 46 49.12 12.98 10.53
C LYS B 46 47.75 13.63 10.36
N TYR B 47 46.89 13.47 11.35
CA TYR B 47 45.53 13.96 11.30
C TYR B 47 45.30 15.03 12.37
N VAL B 48 44.58 16.07 12.00
CA VAL B 48 44.09 17.06 12.94
C VAL B 48 42.62 17.32 12.61
N SER B 49 41.86 17.67 13.64
CA SER B 49 40.42 17.89 13.47
C SER B 49 39.92 18.71 14.66
N SER B 50 38.64 19.06 14.59
CA SER B 50 38.04 19.90 15.62
C SER B 50 37.64 19.08 16.82
N TYR B 51 38.16 19.44 17.99
CA TYR B 51 37.90 18.67 19.20
C TYR B 51 36.53 18.97 19.81
N LEU B 52 35.75 19.87 19.21
CA LEU B 52 34.40 20.18 19.69
C LEU B 52 33.32 19.67 18.75
N GLU B 53 33.69 19.14 17.59
CA GLU B 53 32.76 18.54 16.65
C GLU B 53 33.19 17.11 16.37
N SER B 54 32.23 16.20 16.31
CA SER B 54 32.54 14.81 16.00
C SER B 54 32.63 14.56 14.50
N ASN B 55 31.93 15.35 13.69
CA ASN B 55 32.00 15.29 12.24
C ASN B 55 32.56 16.64 11.78
N THR B 56 33.87 16.74 11.66
CA THR B 56 34.49 18.02 11.31
C THR B 56 34.11 18.45 9.91
N ALA B 57 34.12 17.52 8.95
CA ALA B 57 33.82 17.85 7.58
C ALA B 57 32.33 17.96 7.30
N GLY B 58 31.48 17.48 8.21
CA GLY B 58 30.04 17.60 8.04
C GLY B 58 29.38 16.44 7.33
N ASP B 59 30.02 15.28 7.27
CA ASP B 59 29.48 14.11 6.59
C ASP B 59 28.98 13.09 7.61
N PRO B 60 28.32 12.03 7.17
CA PRO B 60 27.76 11.06 8.13
C PRO B 60 28.77 10.30 8.98
N TYR B 61 30.06 10.46 8.73
CA TYR B 61 31.09 9.69 9.41
C TYR B 61 31.88 10.58 10.35
N THR B 62 32.11 10.09 11.56
CA THR B 62 32.81 10.86 12.57
C THR B 62 34.28 11.01 12.20
N ASP B 63 35.01 11.74 13.05
CA ASP B 63 36.44 11.89 12.85
C ASP B 63 37.17 10.56 13.03
N TYR B 64 36.80 9.80 14.05
CA TYR B 64 37.42 8.50 14.27
C TYR B 64 37.09 7.53 13.16
N GLN B 65 35.81 7.43 12.79
CA GLN B 65 35.40 6.52 11.72
C GLN B 65 36.18 6.77 10.44
N LYS B 66 36.42 8.04 10.11
CA LYS B 66 37.14 8.36 8.89
C LYS B 66 38.63 8.09 9.04
N ALA B 67 39.25 8.65 10.08
CA ALA B 67 40.69 8.49 10.25
C ALA B 67 41.07 7.03 10.44
N SER B 68 40.26 6.28 11.16
CA SER B 68 40.56 4.88 11.42
C SER B 68 40.29 3.98 10.22
N GLY B 69 39.64 4.50 9.18
CA GLY B 69 39.34 3.69 8.03
C GLY B 69 38.20 2.71 8.22
N SER B 70 37.47 2.80 9.32
CA SER B 70 36.39 1.85 9.59
C SER B 70 35.08 2.34 8.96
N ILE B 71 35.13 2.64 7.66
CA ILE B 71 33.94 3.06 6.93
C ILE B 71 33.82 2.20 5.68
N ASP B 72 32.86 2.53 4.83
CA ASP B 72 32.70 1.85 3.54
C ASP B 72 34.03 1.85 2.79
N LYS B 73 34.42 0.68 2.29
CA LYS B 73 35.72 0.53 1.66
C LYS B 73 35.76 1.01 0.22
N ALA B 74 34.63 1.42 -0.33
CA ALA B 74 34.60 1.99 -1.66
C ALA B 74 34.89 3.49 -1.67
N ILE B 75 34.95 4.10 -0.48
CA ILE B 75 35.25 5.53 -0.38
C ILE B 75 36.73 5.76 -0.72
N LYS B 76 36.99 6.81 -1.47
CA LYS B 76 38.36 7.18 -1.81
C LYS B 76 39.18 7.40 -0.54
N LEU B 77 40.48 7.11 -0.62
CA LEU B 77 41.34 7.35 0.53
C LEU B 77 41.58 8.83 0.77
N GLU B 78 41.23 9.69 -0.19
CA GLU B 78 41.19 11.12 0.07
C GLU B 78 40.32 11.43 1.29
N ALA B 79 39.11 10.88 1.31
CA ALA B 79 38.12 11.15 2.33
C ALA B 79 38.40 10.45 3.65
N ARG B 80 39.58 9.85 3.82
CA ARG B 80 39.95 9.34 5.14
C ARG B 80 40.54 10.42 6.02
N ASP B 81 40.75 11.59 5.50
CA ASP B 81 41.16 12.75 6.27
C ASP B 81 39.94 13.40 6.89
N PRO B 82 39.94 13.67 8.21
CA PRO B 82 38.80 14.35 8.82
C PRO B 82 38.40 15.64 8.14
N LEU B 83 39.27 16.25 7.35
CA LEU B 83 38.97 17.53 6.73
C LEU B 83 38.33 17.38 5.36
N VAL B 84 38.69 16.36 4.61
CA VAL B 84 38.09 16.10 3.31
C VAL B 84 36.77 15.36 3.51
N ALA B 85 35.68 15.97 3.08
CA ALA B 85 34.36 15.38 3.22
C ALA B 85 34.19 14.21 2.28
N ALA B 86 33.68 13.09 2.79
CA ALA B 86 33.21 12.00 1.95
C ALA B 86 31.94 12.47 1.26
N TYR B 87 32.01 12.70 -0.04
CA TYR B 87 30.97 13.47 -0.68
C TYR B 87 30.84 13.09 -2.16
N PRO B 88 29.72 12.52 -2.57
CA PRO B 88 29.55 12.15 -3.98
C PRO B 88 28.98 13.29 -4.80
N VAL B 89 29.51 13.44 -6.01
CA VAL B 89 29.08 14.48 -6.95
C VAL B 89 28.63 13.77 -8.21
N VAL B 90 27.32 13.56 -8.34
CA VAL B 90 26.76 12.79 -9.44
C VAL B 90 26.12 13.73 -10.45
N GLY B 91 26.40 13.51 -11.73
CA GLY B 91 25.75 14.24 -12.78
C GLY B 91 25.27 13.30 -13.87
N VAL B 92 24.41 13.83 -14.74
CA VAL B 92 23.80 13.08 -15.82
C VAL B 92 24.17 13.74 -17.13
N GLY B 93 24.35 12.93 -18.17
CA GLY B 93 24.62 13.45 -19.50
C GLY B 93 23.82 12.69 -20.54
N MET B 94 23.10 13.44 -21.37
CA MET B 94 22.32 12.85 -22.44
C MET B 94 23.21 12.52 -23.62
N GLU B 95 22.94 11.38 -24.24
CA GLU B 95 23.78 10.88 -25.32
C GLU B 95 23.09 10.87 -26.67
N ASN B 96 21.82 10.49 -26.73
CA ASN B 96 21.01 10.75 -27.92
C ASN B 96 19.55 10.74 -27.51
N LEU B 97 18.71 11.22 -28.43
CA LEU B 97 17.29 11.42 -28.14
C LEU B 97 16.46 10.90 -29.31
N ILE B 98 15.40 10.15 -29.00
CA ILE B 98 14.54 9.53 -30.00
C ILE B 98 13.16 10.18 -29.92
N ILE B 99 12.52 10.36 -31.08
CA ILE B 99 11.18 10.94 -31.16
C ILE B 99 10.27 9.91 -31.82
N SER B 100 9.14 9.62 -31.17
CA SER B 100 8.16 8.66 -31.65
C SER B 100 6.90 9.44 -31.97
N THR B 101 6.74 9.84 -33.23
CA THR B 101 5.60 10.65 -33.65
C THR B 101 4.36 9.77 -33.71
N ASN B 102 3.42 9.99 -32.80
CA ASN B 102 2.24 9.13 -32.70
C ASN B 102 1.09 9.74 -33.50
N GLU B 103 1.16 9.56 -34.81
CA GLU B 103 0.04 9.84 -35.69
C GLU B 103 -0.57 8.52 -36.14
N HIS B 104 -1.83 8.57 -36.51
CA HIS B 104 -2.60 7.37 -36.83
C HIS B 104 -2.82 7.30 -38.34
N ALA B 105 -2.12 6.39 -39.00
CA ALA B 105 -2.30 6.21 -40.43
C ALA B 105 -3.47 5.26 -40.70
N SER B 106 -4.00 5.33 -41.91
CA SER B 106 -5.13 4.49 -42.29
C SER B 106 -5.07 4.21 -43.78
N SER B 107 -5.88 3.24 -44.21
CA SER B 107 -5.89 2.81 -45.60
C SER B 107 -7.11 1.93 -45.88
N ASP B 108 -7.81 2.19 -46.96
CA ASP B 108 -9.03 1.46 -47.29
C ASP B 108 -8.99 1.04 -48.75
N GLN B 109 -9.78 0.02 -49.06
CA GLN B 109 -9.96 -0.44 -50.43
C GLN B 109 -11.40 -0.91 -50.58
N GLY B 110 -12.00 -0.55 -51.72
CA GLY B 110 -13.40 -0.86 -51.93
C GLY B 110 -13.62 -1.55 -53.25
N LYS B 111 -14.87 -2.00 -53.44
CA LYS B 111 -15.29 -2.65 -54.67
C LYS B 111 -16.81 -2.65 -54.66
N THR B 112 -17.40 -2.54 -55.85
CA THR B 112 -18.85 -2.42 -55.94
C THR B 112 -19.34 -3.11 -57.21
N VAL B 113 -20.52 -3.71 -57.12
CA VAL B 113 -21.22 -4.27 -58.27
C VAL B 113 -22.68 -3.86 -58.18
N SER B 114 -23.21 -3.37 -59.29
CA SER B 114 -24.61 -2.92 -59.31
C SER B 114 -25.27 -3.45 -60.57
N ARG B 115 -26.60 -3.43 -60.56
CA ARG B 115 -27.38 -3.85 -61.72
C ARG B 115 -28.75 -3.22 -61.65
N ALA B 116 -29.01 -2.23 -62.50
CA ALA B 116 -30.31 -1.59 -62.58
C ALA B 116 -31.10 -2.15 -63.75
N THR B 117 -32.41 -1.95 -63.70
CA THR B 117 -33.30 -2.42 -64.77
C THR B 117 -34.49 -1.49 -64.85
N THR B 118 -34.56 -0.70 -65.91
CA THR B 118 -35.61 0.29 -66.09
C THR B 118 -36.62 -0.20 -67.12
N ASN B 119 -37.90 0.02 -66.84
CA ASN B 119 -38.99 -0.34 -67.75
C ASN B 119 -39.87 0.87 -67.94
N SER B 120 -39.87 1.43 -69.15
CA SER B 120 -40.55 2.69 -69.43
C SER B 120 -41.83 2.47 -70.22
N LYS B 121 -42.61 3.55 -70.36
CA LYS B 121 -43.82 3.58 -71.18
C LYS B 121 -43.95 4.96 -71.81
N THR B 122 -44.93 5.13 -72.68
CA THR B 122 -45.21 6.42 -73.31
C THR B 122 -46.54 6.36 -74.04
N ASP B 123 -47.26 7.48 -74.02
CA ASP B 123 -48.47 7.66 -74.82
C ASP B 123 -48.59 9.14 -75.16
N ALA B 124 -48.33 9.50 -76.41
CA ALA B 124 -48.26 10.90 -76.82
C ALA B 124 -49.25 11.17 -77.94
N ASN B 125 -50.33 11.88 -77.61
CA ASN B 125 -51.28 12.34 -78.62
C ASN B 125 -50.81 13.65 -79.24
N THR B 126 -51.02 13.77 -80.55
CA THR B 126 -50.54 14.93 -81.29
C THR B 126 -51.62 15.36 -82.28
N VAL B 127 -51.86 16.66 -82.36
CA VAL B 127 -52.84 17.22 -83.28
C VAL B 127 -52.21 18.38 -84.04
N GLY B 128 -52.32 18.34 -85.36
CA GLY B 128 -51.75 19.39 -86.19
C GLY B 128 -52.76 19.92 -87.17
N VAL B 129 -52.49 21.13 -87.65
CA VAL B 129 -53.31 21.79 -88.66
C VAL B 129 -52.43 22.69 -89.51
N SER B 130 -52.51 22.55 -90.83
CA SER B 130 -51.61 23.24 -91.75
C SER B 130 -52.40 23.78 -92.93
N ILE B 131 -52.48 25.11 -93.00
CA ILE B 131 -53.12 25.81 -94.11
C ILE B 131 -52.08 26.09 -95.18
N SER B 132 -52.52 26.12 -96.44
CA SER B 132 -51.64 26.46 -97.56
C SER B 132 -52.43 27.25 -98.58
N ALA B 133 -51.70 28.07 -99.35
CA ALA B 133 -52.30 28.89 -100.39
C ALA B 133 -51.21 29.33 -101.36
N GLY B 134 -51.33 28.92 -102.61
CA GLY B 134 -50.36 29.30 -103.62
C GLY B 134 -50.98 29.33 -105.00
N TYR B 135 -50.37 30.12 -105.88
CA TYR B 135 -50.83 30.28 -107.26
C TYR B 135 -50.14 29.24 -108.14
N GLN B 136 -50.75 28.06 -108.24
CA GLN B 136 -50.26 27.05 -109.16
C GLN B 136 -50.38 27.55 -110.59
N ASN B 137 -51.61 27.73 -111.06
CA ASN B 137 -51.88 28.56 -112.24
C ASN B 137 -52.76 29.74 -111.88
N GLY B 138 -53.95 29.51 -111.33
CA GLY B 138 -54.83 30.61 -110.96
C GLY B 138 -54.93 30.84 -109.46
N PHE B 139 -55.07 29.76 -108.70
CA PHE B 139 -55.03 29.77 -107.25
C PHE B 139 -55.10 28.33 -106.77
N THR B 140 -54.45 28.04 -105.64
CA THR B 140 -54.45 26.69 -105.09
C THR B 140 -54.28 26.78 -103.58
N GLY B 141 -55.31 26.39 -102.84
CA GLY B 141 -55.22 26.34 -101.40
C GLY B 141 -55.46 24.96 -100.84
N ASN B 142 -55.31 24.81 -99.52
CA ASN B 142 -55.55 23.54 -98.85
C ASN B 142 -55.50 23.80 -97.36
N ILE B 143 -56.37 23.13 -96.61
CA ILE B 143 -56.38 23.17 -95.16
C ILE B 143 -56.38 21.73 -94.66
N THR B 144 -55.24 21.29 -94.13
CA THR B 144 -55.04 19.92 -93.68
C THR B 144 -55.09 19.88 -92.16
N THR B 145 -55.74 18.85 -91.63
CA THR B 145 -55.80 18.62 -90.19
C THR B 145 -55.38 17.18 -89.92
N SER B 146 -54.46 17.02 -88.98
CA SER B 146 -53.82 15.73 -88.74
C SER B 146 -54.00 15.30 -87.29
N TYR B 147 -53.84 14.00 -87.06
CA TYR B 147 -53.89 13.41 -85.73
C TYR B 147 -52.83 12.33 -85.64
N SER B 148 -52.33 12.10 -84.43
CA SER B 148 -51.33 11.07 -84.20
C SER B 148 -51.43 10.56 -82.78
N HIS B 149 -51.01 9.32 -82.58
CA HIS B 149 -50.99 8.72 -81.24
C HIS B 149 -49.96 7.62 -81.23
N THR B 150 -48.84 7.85 -80.55
CA THR B 150 -47.74 6.91 -80.51
C THR B 150 -47.54 6.38 -79.09
N THR B 151 -46.92 5.22 -78.99
CA THR B 151 -46.67 4.56 -77.71
C THR B 151 -45.29 3.92 -77.72
N ASP B 152 -44.68 3.83 -76.54
CA ASP B 152 -43.35 3.28 -76.38
C ASP B 152 -43.34 2.25 -75.26
N ASN B 153 -42.35 1.37 -75.30
CA ASN B 153 -42.11 0.42 -74.21
C ASN B 153 -40.62 0.14 -74.18
N SER B 154 -39.89 0.82 -73.31
CA SER B 154 -38.44 0.76 -73.26
C SER B 154 -37.99 -0.31 -72.27
N THR B 155 -36.72 -0.68 -72.38
CA THR B 155 -36.13 -1.66 -71.47
C THR B 155 -34.61 -1.49 -71.50
N ALA B 156 -34.04 -1.10 -70.38
CA ALA B 156 -32.59 -0.95 -70.25
C ALA B 156 -32.13 -1.75 -69.04
N VAL B 157 -30.91 -2.27 -69.11
CA VAL B 157 -30.28 -2.97 -67.99
C VAL B 157 -28.85 -2.45 -67.88
N GLN B 158 -28.50 -1.95 -66.70
CA GLN B 158 -27.19 -1.37 -66.46
C GLN B 158 -26.35 -2.32 -65.64
N ASP B 159 -25.07 -2.40 -65.97
CA ASP B 159 -24.10 -3.12 -65.16
C ASP B 159 -22.98 -2.16 -64.78
N SER B 160 -22.63 -2.14 -63.50
CA SER B 160 -21.62 -1.23 -63.02
C SER B 160 -20.61 -1.99 -62.19
N ASN B 161 -19.40 -1.43 -62.11
CA ASN B 161 -18.30 -2.01 -61.34
C ASN B 161 -17.42 -0.87 -60.86
N GLY B 162 -17.50 -0.54 -59.58
CA GLY B 162 -16.67 0.50 -59.01
C GLY B 162 -15.44 -0.06 -58.33
N GLU B 163 -14.60 0.86 -57.86
CA GLU B 163 -13.38 0.54 -57.14
C GLU B 163 -12.83 1.81 -56.52
N SER B 164 -12.42 1.74 -55.27
CA SER B 164 -11.90 2.92 -54.61
C SER B 164 -10.80 2.52 -53.64
N TRP B 165 -10.02 3.52 -53.23
CA TRP B 165 -8.97 3.30 -52.24
C TRP B 165 -8.68 4.63 -51.56
N ASN B 166 -8.81 4.67 -50.24
CA ASN B 166 -8.64 5.87 -49.46
C ASN B 166 -7.42 5.73 -48.55
N THR B 167 -6.86 6.87 -48.16
CA THR B 167 -5.79 6.92 -47.16
C THR B 167 -6.03 8.11 -46.25
N GLY B 168 -5.76 7.92 -44.95
CA GLY B 168 -5.96 8.97 -43.98
C GLY B 168 -4.74 9.13 -43.09
N LEU B 169 -4.74 10.23 -42.34
CA LEU B 169 -3.67 10.52 -41.40
C LEU B 169 -4.19 11.49 -40.35
N SER B 170 -4.29 11.02 -39.11
CA SER B 170 -4.79 11.83 -38.01
C SER B 170 -3.64 12.14 -37.04
N ILE B 171 -3.84 13.17 -36.23
CA ILE B 171 -2.86 13.52 -35.21
C ILE B 171 -3.58 14.26 -34.09
N ASN B 172 -3.02 14.18 -32.90
CA ASN B 172 -3.50 14.91 -31.73
C ASN B 172 -2.48 15.99 -31.39
N LYS B 173 -2.90 17.25 -31.41
CA LYS B 173 -1.98 18.36 -31.24
C LYS B 173 -1.67 18.68 -29.78
N GLY B 174 -1.91 17.74 -28.87
CA GLY B 174 -1.53 17.93 -27.49
C GLY B 174 -0.51 16.90 -27.05
N GLU B 175 -0.54 15.75 -27.70
CA GLU B 175 0.37 14.64 -27.45
C GLU B 175 0.89 14.09 -28.77
N SER B 176 1.39 14.97 -29.63
CA SER B 176 1.72 14.60 -31.00
C SER B 176 3.09 13.93 -31.14
N ALA B 177 3.78 13.63 -30.05
CA ALA B 177 5.04 12.91 -30.11
C ALA B 177 5.44 12.48 -28.71
N TYR B 178 6.41 11.57 -28.64
CA TYR B 178 6.96 11.08 -27.39
C TYR B 178 8.47 11.18 -27.43
N ILE B 179 9.07 11.56 -26.31
CA ILE B 179 10.51 11.76 -26.21
C ILE B 179 11.11 10.56 -25.49
N ASN B 180 12.31 10.17 -25.92
CA ASN B 180 13.08 9.12 -25.27
C ASN B 180 14.54 9.55 -25.22
N ALA B 181 15.05 9.78 -24.02
CA ALA B 181 16.39 10.28 -23.83
C ALA B 181 17.28 9.16 -23.28
N ASN B 182 18.40 8.93 -23.95
CA ASN B 182 19.41 7.99 -23.48
C ASN B 182 20.41 8.76 -22.64
N VAL B 183 20.58 8.35 -21.38
CA VAL B 183 21.38 9.10 -20.44
C VAL B 183 22.40 8.19 -19.75
N ARG B 184 23.32 8.80 -19.01
CA ARG B 184 24.34 8.04 -18.29
C ARG B 184 24.77 8.85 -17.08
N TYR B 185 24.93 8.18 -15.94
CA TYR B 185 25.31 8.88 -14.72
C TYR B 185 26.83 8.85 -14.55
N TYR B 186 27.34 9.88 -13.88
CA TYR B 186 28.77 10.02 -13.62
C TYR B 186 28.96 10.36 -12.16
N ASN B 187 30.08 9.92 -11.57
CA ASN B 187 30.40 10.22 -10.19
C ASN B 187 31.83 10.73 -10.14
N THR B 188 32.01 11.96 -9.64
CA THR B 188 33.33 12.56 -9.52
C THR B 188 33.62 13.00 -8.08
N GLY B 189 33.08 12.29 -7.10
CA GLY B 189 33.31 12.60 -5.70
C GLY B 189 34.26 11.63 -5.05
N THR B 190 34.31 11.67 -3.72
CA THR B 190 35.11 10.74 -2.95
C THR B 190 34.33 9.56 -2.39
N ALA B 191 33.01 9.59 -2.45
CA ALA B 191 32.21 8.53 -1.87
C ALA B 191 31.30 7.93 -2.93
N PRO B 192 30.95 6.65 -2.79
CA PRO B 192 29.95 6.06 -3.67
C PRO B 192 28.54 6.45 -3.24
N MET B 193 27.61 6.34 -4.18
CA MET B 193 26.21 6.66 -3.94
C MET B 193 25.37 5.45 -4.31
N TYR B 194 24.51 5.03 -3.39
CA TYR B 194 23.64 3.89 -3.61
C TYR B 194 22.24 4.36 -3.92
N LYS B 195 21.55 3.64 -4.80
CA LYS B 195 20.19 3.97 -5.21
C LYS B 195 20.13 5.38 -5.79
N VAL B 196 20.95 5.61 -6.82
CA VAL B 196 21.05 6.92 -7.44
C VAL B 196 19.73 7.27 -8.12
N THR B 197 19.15 8.41 -7.76
CA THR B 197 17.88 8.85 -8.31
C THR B 197 18.02 10.30 -8.76
N PRO B 198 18.37 10.53 -10.01
CA PRO B 198 18.48 11.90 -10.51
C PRO B 198 17.15 12.49 -10.90
N THR B 199 17.09 13.82 -10.87
CA THR B 199 15.97 14.58 -11.38
C THR B 199 16.49 15.51 -12.46
N THR B 200 15.91 15.43 -13.65
CA THR B 200 16.45 16.14 -14.80
C THR B 200 15.38 17.04 -15.40
N ASN B 201 15.85 18.09 -16.06
CA ASN B 201 15.02 18.97 -16.88
C ASN B 201 15.19 18.61 -18.34
N LEU B 202 14.14 18.81 -19.12
CA LEU B 202 14.20 18.63 -20.56
C LEU B 202 13.81 19.97 -21.19
N VAL B 203 14.81 20.74 -21.60
CA VAL B 203 14.59 22.12 -22.04
C VAL B 203 14.69 22.20 -23.55
N LEU B 204 13.72 22.89 -24.16
CA LEU B 204 13.70 23.07 -25.61
C LEU B 204 13.29 24.49 -25.91
N ASP B 205 14.22 25.26 -26.49
CA ASP B 205 13.99 26.66 -26.87
C ASP B 205 13.56 27.50 -25.67
N GLY B 206 14.32 27.41 -24.58
CA GLY B 206 14.11 28.27 -23.45
C GLY B 206 12.89 27.98 -22.61
N GLU B 207 12.22 26.85 -22.84
CA GLU B 207 11.11 26.44 -21.99
C GLU B 207 11.25 24.97 -21.65
N THR B 208 10.94 24.62 -20.41
CA THR B 208 11.13 23.26 -19.92
C THR B 208 9.93 22.40 -20.29
N LEU B 209 10.19 21.31 -21.01
CA LEU B 209 9.12 20.41 -21.43
C LEU B 209 8.62 19.57 -20.25
N ALA B 210 9.53 19.00 -19.48
CA ALA B 210 9.14 18.10 -18.41
C ALA B 210 10.32 17.92 -17.47
N THR B 211 10.01 17.88 -16.17
CA THR B 211 10.97 17.47 -15.16
C THR B 211 10.66 16.01 -14.80
N ILE B 212 11.69 15.18 -14.72
CA ILE B 212 11.52 13.74 -14.55
C ILE B 212 12.41 13.26 -13.43
N LYS B 213 11.81 12.65 -12.41
CA LYS B 213 12.53 11.90 -11.40
C LYS B 213 12.71 10.47 -11.89
N ALA B 214 13.81 9.84 -11.51
CA ALA B 214 14.09 8.48 -11.95
C ALA B 214 13.32 7.48 -11.10
N GLN B 215 12.53 6.63 -11.76
CA GLN B 215 11.78 5.58 -11.09
C GLN B 215 12.53 4.25 -11.18
N ASP B 216 11.85 3.15 -10.84
CA ASP B 216 12.49 1.85 -10.72
C ASP B 216 13.31 1.48 -11.96
N ASN B 217 12.82 1.83 -13.15
CA ASN B 217 13.49 1.38 -14.36
C ASN B 217 14.83 2.09 -14.57
N GLN B 218 15.00 3.28 -14.00
CA GLN B 218 16.16 4.11 -14.29
C GLN B 218 16.98 4.44 -13.05
N ILE B 219 16.86 3.65 -11.99
CA ILE B 219 17.63 3.84 -10.77
C ILE B 219 18.88 2.98 -10.84
N GLY B 220 20.02 3.56 -10.48
CA GLY B 220 21.27 2.82 -10.46
C GLY B 220 21.63 2.40 -9.05
N ASN B 221 21.83 1.10 -8.86
CA ASN B 221 22.08 0.58 -7.52
C ASN B 221 23.40 1.09 -6.98
N ASN B 222 24.50 0.82 -7.67
CA ASN B 222 25.83 1.22 -7.21
C ASN B 222 26.42 2.22 -8.19
N LEU B 223 27.08 3.22 -7.64
CA LEU B 223 27.84 4.18 -8.44
C LEU B 223 29.02 4.63 -7.59
N SER B 224 30.14 3.95 -7.75
CA SER B 224 31.32 4.30 -7.00
C SER B 224 32.08 5.40 -7.72
N PRO B 225 32.92 6.15 -7.01
CA PRO B 225 33.56 7.32 -7.62
C PRO B 225 34.39 6.95 -8.84
N ASN B 226 34.43 7.88 -9.80
CA ASN B 226 35.15 7.72 -11.07
C ASN B 226 34.58 6.61 -11.93
N GLU B 227 33.32 6.25 -11.72
CA GLU B 227 32.65 5.26 -12.54
C GLU B 227 31.37 5.86 -13.11
N THR B 228 30.71 5.10 -13.97
CA THR B 228 29.48 5.52 -14.61
C THR B 228 28.41 4.46 -14.41
N TYR B 229 27.16 4.88 -14.46
CA TYR B 229 26.03 3.96 -14.56
C TYR B 229 25.23 4.30 -15.81
N PRO B 230 25.01 3.35 -16.74
CA PRO B 230 25.61 2.02 -16.74
C PRO B 230 27.12 2.06 -16.97
N LYS B 231 27.78 0.93 -16.82
CA LYS B 231 29.22 0.88 -16.83
C LYS B 231 29.76 1.27 -18.21
N LYS B 232 31.09 1.27 -18.32
CA LYS B 232 31.74 1.89 -19.47
C LYS B 232 31.43 1.14 -20.76
N GLY B 233 31.48 -0.19 -20.74
CA GLY B 233 31.30 -0.95 -21.95
C GLY B 233 29.86 -1.25 -22.32
N LEU B 234 28.92 -0.54 -21.72
CA LEU B 234 27.49 -0.80 -21.91
C LEU B 234 26.80 0.41 -22.53
N SER B 235 25.64 0.16 -23.11
CA SER B 235 24.85 1.21 -23.72
C SER B 235 24.14 2.02 -22.64
N PRO B 236 23.73 3.25 -22.96
CA PRO B 236 23.10 4.11 -21.95
C PRO B 236 21.65 3.72 -21.66
N LEU B 237 21.14 4.25 -20.57
CA LEU B 237 19.77 3.99 -20.12
C LEU B 237 18.78 4.55 -21.13
N ALA B 238 17.49 4.32 -20.87
CA ALA B 238 16.41 4.95 -21.62
C ALA B 238 15.51 5.65 -20.61
N LEU B 239 15.29 6.95 -20.80
CA LEU B 239 14.46 7.75 -19.92
C LEU B 239 13.11 7.91 -20.61
N ASN B 240 12.22 6.95 -20.36
CA ASN B 240 11.01 6.76 -21.16
C ASN B 240 9.79 7.45 -20.56
N THR B 241 9.60 7.33 -19.26
CA THR B 241 8.32 7.60 -18.63
C THR B 241 8.44 8.72 -17.60
N MET B 242 7.30 9.35 -17.33
CA MET B 242 7.23 10.47 -16.39
C MET B 242 6.33 10.23 -15.19
N ASP B 243 5.77 9.04 -15.02
CA ASP B 243 4.94 8.75 -13.86
C ASP B 243 5.70 7.88 -12.87
N GLN B 244 5.02 7.51 -11.79
CA GLN B 244 5.65 6.78 -10.70
C GLN B 244 5.80 5.29 -10.98
N PHE B 245 5.07 4.75 -11.95
CA PHE B 245 5.07 3.32 -12.20
C PHE B 245 5.63 2.95 -13.57
N ASN B 246 6.31 3.87 -14.24
CA ASN B 246 6.92 3.61 -15.54
C ASN B 246 5.88 3.13 -16.56
N ALA B 247 4.76 3.85 -16.63
CA ALA B 247 3.67 3.45 -17.51
C ALA B 247 3.06 4.62 -18.25
N ARG B 248 3.80 5.71 -18.45
CA ARG B 248 3.25 6.91 -19.06
C ARG B 248 4.38 7.66 -19.75
N LEU B 249 4.34 7.73 -21.08
CA LEU B 249 5.44 8.28 -21.84
C LEU B 249 5.39 9.82 -21.85
N ILE B 250 6.52 10.43 -22.18
CA ILE B 250 6.71 11.86 -22.06
C ILE B 250 6.25 12.52 -23.36
N PRO B 251 5.19 13.34 -23.33
CA PRO B 251 4.70 13.93 -24.59
C PRO B 251 5.26 15.30 -24.90
N ILE B 252 5.14 15.72 -26.15
CA ILE B 252 5.36 17.10 -26.57
C ILE B 252 4.22 17.49 -27.51
N ASN B 253 3.88 18.77 -27.52
CA ASN B 253 2.76 19.20 -28.34
C ASN B 253 3.22 19.43 -29.78
N TYR B 254 2.32 19.94 -30.61
CA TYR B 254 2.61 20.02 -32.03
C TYR B 254 3.57 21.17 -32.34
N ASP B 255 3.49 22.26 -31.59
CA ASP B 255 4.40 23.37 -31.83
C ASP B 255 5.83 23.01 -31.44
N GLN B 256 5.99 22.29 -30.32
CA GLN B 256 7.31 21.82 -29.92
C GLN B 256 7.85 20.79 -30.91
N LEU B 257 6.98 19.97 -31.49
CA LEU B 257 7.41 18.98 -32.47
C LEU B 257 7.86 19.66 -33.77
N LYS B 258 7.14 20.71 -34.19
CA LYS B 258 7.58 21.47 -35.36
C LYS B 258 8.89 22.18 -35.07
N LYS B 259 9.03 22.74 -33.86
CA LYS B 259 10.29 23.35 -33.46
C LYS B 259 11.42 22.33 -33.38
N LEU B 260 11.08 21.06 -33.20
CA LEU B 260 12.06 20.00 -33.07
C LEU B 260 12.41 19.35 -34.40
N ASP B 261 11.51 19.44 -35.38
CA ASP B 261 11.83 19.04 -36.75
C ASP B 261 12.54 20.18 -37.47
N SER B 262 13.57 20.70 -36.82
CA SER B 262 14.37 21.80 -37.32
C SER B 262 15.76 21.65 -36.71
N GLY B 263 16.56 22.72 -36.77
CA GLY B 263 17.89 22.66 -36.19
C GLY B 263 17.92 22.60 -34.68
N LYS B 264 16.77 22.69 -34.01
CA LYS B 264 16.75 22.84 -32.57
C LYS B 264 16.89 21.51 -31.86
N GLN B 265 17.52 21.53 -30.69
CA GLN B 265 17.82 20.35 -29.91
C GLN B 265 17.19 20.45 -28.52
N ILE B 266 17.04 19.29 -27.88
CA ILE B 266 16.55 19.21 -26.51
C ILE B 266 17.75 19.05 -25.60
N LYS B 267 17.97 20.02 -24.72
CA LYS B 267 19.03 19.91 -23.74
C LYS B 267 18.49 19.30 -22.45
N LEU B 268 19.40 18.73 -21.66
CA LEU B 268 19.06 18.07 -20.41
C LEU B 268 19.87 18.69 -19.30
N GLU B 269 19.22 18.97 -18.17
CA GLU B 269 19.85 19.59 -17.02
C GLU B 269 19.52 18.75 -15.79
N THR B 270 20.53 18.45 -14.99
CA THR B 270 20.32 17.76 -13.72
C THR B 270 20.11 18.80 -12.63
N THR B 271 18.97 18.75 -11.97
CA THR B 271 18.67 19.73 -10.94
C THR B 271 18.97 19.21 -9.54
N GLN B 272 18.98 17.90 -9.36
CA GLN B 272 19.35 17.29 -8.09
C GLN B 272 19.49 15.79 -8.30
N VAL B 273 20.23 15.15 -7.41
CA VAL B 273 20.39 13.71 -7.40
C VAL B 273 20.23 13.22 -5.97
N SER B 274 19.41 12.20 -5.77
CA SER B 274 19.19 11.59 -4.47
C SER B 274 19.88 10.24 -4.42
N GLY B 275 20.30 9.83 -3.23
CA GLY B 275 21.01 8.59 -3.07
C GLY B 275 21.24 8.28 -1.61
N ASN B 276 21.86 7.13 -1.37
CA ASN B 276 22.06 6.61 -0.03
C ASN B 276 23.54 6.45 0.28
N TYR B 277 23.84 6.23 1.55
CA TYR B 277 25.19 5.91 1.98
C TYR B 277 25.14 4.71 2.93
N GLY B 278 26.26 4.00 3.02
CA GLY B 278 26.32 2.76 3.77
C GLY B 278 26.76 2.97 5.20
N THR B 279 26.13 2.24 6.11
CA THR B 279 26.41 2.32 7.53
C THR B 279 26.29 0.94 8.14
N LYS B 280 27.30 0.56 8.92
CA LYS B 280 27.32 -0.75 9.56
C LYS B 280 26.45 -0.70 10.81
N ASN B 281 25.42 -1.54 10.85
CA ASN B 281 24.45 -1.53 11.94
C ASN B 281 24.93 -2.38 13.11
N SER B 282 24.01 -2.71 14.04
CA SER B 282 24.38 -3.40 15.27
C SER B 282 25.28 -4.62 15.01
N GLN B 283 24.95 -5.41 14.00
CA GLN B 283 25.81 -6.49 13.54
C GLN B 283 26.53 -6.05 12.26
N GLY B 284 27.33 -6.96 11.70
CA GLY B 284 28.23 -6.59 10.62
C GLY B 284 27.56 -6.23 9.32
N GLN B 285 26.24 -6.07 9.32
CA GLN B 285 25.52 -5.80 8.10
C GLN B 285 25.59 -4.32 7.73
N ILE B 286 25.74 -4.08 6.43
CA ILE B 286 25.77 -2.73 5.87
C ILE B 286 24.36 -2.35 5.48
N ILE B 287 23.90 -1.20 5.96
CA ILE B 287 22.54 -0.73 5.74
C ILE B 287 22.62 0.59 4.98
N THR B 288 21.81 0.71 3.92
CA THR B 288 21.80 1.92 3.10
C THR B 288 20.37 2.40 2.87
N GLU B 289 19.46 2.11 3.78
CA GLU B 289 18.05 2.40 3.53
C GLU B 289 17.62 3.74 4.11
N GLY B 290 17.71 3.92 5.41
CA GLY B 290 17.31 5.20 5.94
C GLY B 290 18.30 6.32 5.70
N ASN B 291 19.47 6.00 5.19
CA ASN B 291 20.58 6.92 5.07
C ASN B 291 20.49 7.69 3.76
N SER B 292 20.28 9.00 3.84
CA SER B 292 20.10 9.81 2.64
C SER B 292 21.14 10.92 2.62
N TRP B 293 21.75 11.12 1.44
CA TRP B 293 22.77 12.15 1.29
C TRP B 293 22.19 13.56 1.31
N SER B 294 20.91 13.70 1.00
CA SER B 294 20.27 15.02 1.04
C SER B 294 20.26 15.61 2.43
N ASN B 295 20.38 14.77 3.46
CA ASN B 295 20.46 15.29 4.83
C ASN B 295 21.77 15.99 5.09
N TYR B 296 22.80 15.72 4.29
CA TYR B 296 24.13 16.28 4.51
C TYR B 296 24.62 17.17 3.38
N ILE B 297 23.91 17.24 2.26
CA ILE B 297 24.36 18.08 1.15
C ILE B 297 24.54 19.53 1.62
N SER B 298 23.51 20.10 2.25
CA SER B 298 23.57 21.50 2.66
C SER B 298 24.61 21.71 3.75
N GLN B 299 24.65 20.80 4.73
CA GLN B 299 25.60 20.92 5.82
C GLN B 299 27.03 20.90 5.29
N ILE B 300 27.32 20.02 4.34
CA ILE B 300 28.66 19.97 3.76
C ILE B 300 28.95 21.22 2.96
N ASP B 301 27.98 21.68 2.16
CA ASP B 301 28.20 22.87 1.35
C ASP B 301 28.36 24.13 2.18
N SER B 302 27.93 24.11 3.45
CA SER B 302 27.97 25.31 4.28
C SER B 302 29.19 25.41 5.18
N VAL B 303 30.07 24.41 5.19
CA VAL B 303 31.25 24.47 6.05
C VAL B 303 32.51 24.23 5.24
N SER B 304 32.44 24.40 3.93
CA SER B 304 33.50 23.86 3.09
C SER B 304 33.88 24.84 2.01
N ALA B 305 35.10 24.67 1.50
CA ALA B 305 35.51 25.23 0.23
C ALA B 305 35.50 24.14 -0.82
N SER B 306 35.16 24.51 -2.05
CA SER B 306 35.03 23.55 -3.14
C SER B 306 36.23 23.66 -4.06
N ILE B 307 37.04 22.63 -4.08
CA ILE B 307 38.22 22.56 -4.95
C ILE B 307 37.93 21.56 -6.06
N ILE B 308 38.25 21.94 -7.30
CA ILE B 308 38.03 21.09 -8.46
C ILE B 308 39.35 20.98 -9.21
N LEU B 309 39.63 19.79 -9.73
CA LEU B 309 40.78 19.56 -10.58
C LEU B 309 40.28 19.08 -11.93
N ASP B 310 40.77 19.71 -12.99
CA ASP B 310 40.30 19.45 -14.36
C ASP B 310 41.50 19.02 -15.18
N THR B 311 41.75 17.71 -15.25
CA THR B 311 42.91 17.20 -15.96
C THR B 311 42.73 17.18 -17.47
N GLY B 312 41.68 17.82 -17.99
CA GLY B 312 41.47 17.90 -19.42
C GLY B 312 40.45 16.88 -19.91
N SER B 313 40.54 15.65 -19.39
CA SER B 313 39.61 14.60 -19.74
C SER B 313 38.69 14.22 -18.58
N GLN B 314 39.22 14.09 -17.37
CA GLN B 314 38.42 13.75 -16.20
C GLN B 314 38.34 14.97 -15.31
N THR B 315 37.40 14.94 -14.36
CA THR B 315 37.20 16.02 -13.43
C THR B 315 37.00 15.44 -12.04
N PHE B 316 37.61 16.08 -11.05
CA PHE B 316 37.56 15.65 -9.67
C PHE B 316 37.10 16.82 -8.81
N GLU B 317 36.05 16.60 -8.03
CA GLU B 317 35.44 17.66 -7.23
C GLU B 317 35.52 17.31 -5.76
N ARG B 318 36.01 18.24 -4.96
CA ARG B 318 36.28 17.99 -3.55
C ARG B 318 35.66 19.08 -2.69
N ARG B 319 35.50 18.76 -1.41
CA ARG B 319 35.00 19.71 -0.40
C ARG B 319 35.91 19.58 0.81
N VAL B 320 36.57 20.67 1.20
CA VAL B 320 37.51 20.66 2.31
C VAL B 320 36.97 21.60 3.38
N ALA B 321 37.10 21.21 4.64
CA ALA B 321 36.48 21.96 5.73
C ALA B 321 37.35 23.13 6.16
N ALA B 322 36.70 24.26 6.39
CA ALA B 322 37.36 25.50 6.77
C ALA B 322 36.66 26.11 7.97
N LYS B 323 37.37 26.99 8.66
CA LYS B 323 36.88 27.57 9.90
C LYS B 323 35.97 28.76 9.62
N GLU B 324 34.91 28.91 10.42
CA GLU B 324 34.07 30.09 10.34
C GLU B 324 34.78 31.27 10.98
N GLN B 325 34.63 32.45 10.37
CA GLN B 325 35.58 33.53 10.59
C GLN B 325 35.46 34.13 12.00
N GLY B 326 34.30 34.71 12.31
CA GLY B 326 34.19 35.42 13.57
C GLY B 326 33.70 34.62 14.75
N ASN B 327 33.77 33.29 14.71
CA ASN B 327 33.29 32.46 15.80
C ASN B 327 34.47 31.96 16.62
N PRO B 328 34.56 32.29 17.90
CA PRO B 328 35.67 31.78 18.72
C PRO B 328 35.55 30.31 19.07
N GLU B 329 34.37 29.72 18.95
CA GLU B 329 34.14 28.34 19.35
C GLU B 329 34.16 27.38 18.17
N ASP B 330 34.75 27.78 17.05
CA ASP B 330 34.91 26.93 15.88
C ASP B 330 36.39 26.58 15.82
N LYS B 331 36.71 25.34 16.18
CA LYS B 331 38.08 24.88 16.29
C LYS B 331 38.55 24.09 15.07
N THR B 332 38.00 24.38 13.90
CA THR B 332 38.46 23.72 12.69
C THR B 332 39.91 24.12 12.42
N PRO B 333 40.78 23.16 12.11
CA PRO B 333 42.19 23.51 11.85
C PRO B 333 42.33 24.42 10.64
N GLU B 334 43.31 25.32 10.73
CA GLU B 334 43.63 26.28 9.68
C GLU B 334 44.70 25.68 8.79
N ILE B 335 44.38 25.47 7.51
CA ILE B 335 45.34 24.96 6.56
C ILE B 335 45.38 25.87 5.35
N THR B 336 46.51 25.85 4.65
CA THR B 336 46.73 26.70 3.49
C THR B 336 46.04 26.08 2.27
N ILE B 337 46.17 26.74 1.12
CA ILE B 337 45.51 26.25 -0.08
C ILE B 337 46.29 25.09 -0.68
N GLY B 338 47.62 25.19 -0.74
CA GLY B 338 48.41 24.10 -1.27
C GLY B 338 48.29 22.84 -0.43
N GLU B 339 48.17 23.01 0.88
CA GLU B 339 48.01 21.85 1.75
C GLU B 339 46.65 21.20 1.56
N ALA B 340 45.59 22.00 1.42
CA ALA B 340 44.28 21.44 1.15
C ALA B 340 44.21 20.78 -0.22
N ILE B 341 44.97 21.29 -1.18
CA ILE B 341 45.03 20.68 -2.51
C ILE B 341 45.76 19.35 -2.44
N LYS B 342 46.79 19.27 -1.60
CA LYS B 342 47.47 18.00 -1.39
C LYS B 342 46.57 17.01 -0.67
N LYS B 343 45.79 17.48 0.30
CA LYS B 343 44.93 16.58 1.07
C LYS B 343 43.75 16.09 0.26
N ALA B 344 43.16 16.96 -0.57
CA ALA B 344 41.90 16.65 -1.22
C ALA B 344 42.04 15.68 -2.38
N PHE B 345 43.23 15.55 -2.96
CA PHE B 345 43.43 14.65 -4.08
C PHE B 345 44.46 13.58 -3.78
N SER B 346 44.98 13.52 -2.56
CA SER B 346 46.05 12.59 -2.19
C SER B 346 47.24 12.71 -3.14
N ALA B 347 47.49 13.91 -3.65
CA ALA B 347 48.64 14.14 -4.50
C ALA B 347 49.92 14.12 -3.69
N THR B 348 50.83 13.23 -4.04
CA THR B 348 52.09 13.12 -3.32
C THR B 348 52.96 14.34 -3.60
N LYS B 349 53.87 14.61 -2.67
CA LYS B 349 54.72 15.80 -2.75
C LYS B 349 56.17 15.36 -2.82
N ASN B 350 56.81 15.60 -3.96
CA ASN B 350 58.23 15.39 -4.13
C ASN B 350 58.96 16.61 -3.56
N GLY B 351 60.21 16.82 -3.97
CA GLY B 351 61.02 17.89 -3.38
C GLY B 351 60.24 19.15 -3.09
N GLU B 352 59.59 19.70 -4.11
CA GLU B 352 58.55 20.69 -3.89
C GLU B 352 57.31 20.46 -4.74
N LEU B 353 57.44 19.75 -5.85
CA LEU B 353 56.37 19.60 -6.84
C LEU B 353 55.24 18.76 -6.28
N LEU B 354 54.01 19.18 -6.57
CA LEU B 354 52.81 18.45 -6.18
C LEU B 354 52.42 17.57 -7.36
N TYR B 355 52.38 16.26 -7.14
CA TYR B 355 52.15 15.30 -8.20
C TYR B 355 50.83 14.57 -7.99
N PHE B 356 49.93 14.69 -8.97
CA PHE B 356 48.72 13.90 -9.00
C PHE B 356 49.08 12.52 -9.51
N ASN B 357 48.09 11.73 -9.93
CA ASN B 357 48.34 10.39 -10.44
C ASN B 357 49.61 10.33 -11.29
N GLY B 358 49.71 11.18 -12.30
CA GLY B 358 50.93 11.27 -13.08
C GLY B 358 51.26 12.68 -13.52
N ILE B 359 50.44 13.64 -13.11
CA ILE B 359 50.53 15.01 -13.61
C ILE B 359 50.99 15.93 -12.49
N PRO B 360 51.92 16.85 -12.75
CA PRO B 360 52.29 17.84 -11.72
C PRO B 360 51.19 18.88 -11.59
N ILE B 361 50.76 19.13 -10.35
CA ILE B 361 49.68 20.07 -10.11
C ILE B 361 50.12 21.14 -9.12
N ASP B 362 51.42 21.41 -9.07
CA ASP B 362 51.87 22.54 -8.28
C ASP B 362 51.46 23.84 -8.97
N GLU B 363 51.68 24.95 -8.26
CA GLU B 363 51.12 26.23 -8.69
C GLU B 363 51.66 26.68 -10.04
N SER B 364 52.92 26.36 -10.34
CA SER B 364 53.54 26.85 -11.56
C SER B 364 53.05 26.09 -12.79
N CYS B 365 52.58 24.85 -12.61
CA CYS B 365 52.27 23.98 -13.74
C CYS B 365 50.77 23.85 -14.00
N VAL B 366 49.95 24.71 -13.42
CA VAL B 366 48.50 24.70 -13.60
C VAL B 366 48.02 26.13 -13.85
N GLU B 367 46.70 26.27 -13.95
CA GLU B 367 46.06 27.57 -14.15
C GLU B 367 44.85 27.64 -13.24
N LEU B 368 44.92 28.48 -12.21
CA LEU B 368 43.85 28.55 -11.22
C LEU B 368 42.82 29.60 -11.61
N ILE B 369 41.55 29.25 -11.45
CA ILE B 369 40.43 30.09 -11.87
C ILE B 369 39.49 30.22 -10.68
N PHE B 370 39.52 31.37 -10.01
CA PHE B 370 38.70 31.60 -8.84
C PHE B 370 37.43 32.35 -9.25
N ASP B 371 36.47 32.44 -8.33
CA ASP B 371 35.31 33.29 -8.56
C ASP B 371 35.66 34.70 -8.09
N ASP B 372 34.68 35.61 -8.08
CA ASP B 372 34.97 36.98 -7.70
C ASP B 372 35.39 37.09 -6.24
N ASN B 373 34.57 36.55 -5.34
CA ASN B 373 34.83 36.66 -3.91
C ASN B 373 36.19 36.06 -3.55
N THR B 374 36.47 34.86 -4.05
CA THR B 374 37.74 34.20 -3.73
C THR B 374 38.92 34.95 -4.34
N SER B 375 38.77 35.43 -5.57
CA SER B 375 39.84 36.19 -6.20
C SER B 375 40.19 37.43 -5.39
N GLU B 376 39.17 38.15 -4.90
CA GLU B 376 39.45 39.34 -4.11
C GLU B 376 40.05 38.96 -2.75
N ILE B 377 39.53 37.93 -2.11
CA ILE B 377 40.08 37.49 -0.83
C ILE B 377 41.56 37.15 -0.97
N ILE B 378 41.91 36.40 -2.02
CA ILE B 378 43.30 36.00 -2.22
C ILE B 378 44.16 37.21 -2.56
N LYS B 379 43.68 38.07 -3.45
CA LYS B 379 44.49 39.19 -3.90
C LYS B 379 44.70 40.22 -2.80
N GLU B 380 43.84 40.28 -1.79
CA GLU B 380 44.13 41.16 -0.66
C GLU B 380 44.97 40.44 0.39
N GLN B 381 44.70 39.16 0.65
CA GLN B 381 45.49 38.43 1.63
C GLN B 381 46.92 38.19 1.15
N LEU B 382 47.20 38.41 -0.13
CA LEU B 382 48.55 38.28 -0.63
C LEU B 382 49.42 39.48 -0.27
N LYS B 383 48.81 40.63 0.02
CA LYS B 383 49.59 41.82 0.31
C LYS B 383 50.43 41.68 1.57
N TYR B 384 49.89 40.99 2.58
CA TYR B 384 50.53 40.88 3.88
C TYR B 384 51.24 39.55 4.07
N LEU B 385 51.78 38.97 3.00
CA LEU B 385 52.39 37.65 3.06
C LEU B 385 53.73 37.67 2.34
N ASP B 386 54.76 37.12 2.98
CA ASP B 386 56.00 36.85 2.27
C ASP B 386 55.95 35.44 1.69
N ASP B 387 56.77 35.20 0.66
CA ASP B 387 56.62 34.05 -0.23
C ASP B 387 55.25 34.11 -0.92
N LYS B 388 55.09 35.15 -1.73
CA LYS B 388 53.78 35.50 -2.27
C LYS B 388 53.33 34.51 -3.33
N LYS B 389 52.88 33.34 -2.88
CA LYS B 389 52.33 32.30 -3.74
C LYS B 389 50.92 31.97 -3.27
N ILE B 390 49.99 31.79 -4.22
CA ILE B 390 48.60 31.53 -3.89
C ILE B 390 48.43 30.27 -3.06
N TYR B 391 49.38 29.35 -3.11
CA TYR B 391 49.33 28.13 -2.33
C TYR B 391 49.64 28.36 -0.86
N ASN B 392 49.73 29.60 -0.42
CA ASN B 392 49.97 29.93 0.99
C ASN B 392 48.80 30.65 1.63
N VAL B 393 47.81 31.07 0.85
CA VAL B 393 46.59 31.62 1.42
C VAL B 393 45.87 30.55 2.23
N LYS B 394 45.15 30.99 3.27
CA LYS B 394 44.74 30.11 4.34
C LYS B 394 43.37 29.45 4.14
N LEU B 395 42.83 29.45 2.94
CA LEU B 395 41.63 28.67 2.62
C LEU B 395 40.45 29.04 3.52
N GLU B 396 39.96 30.25 3.34
CA GLU B 396 38.74 30.64 4.04
C GLU B 396 37.55 29.84 3.52
N ARG B 397 36.46 29.86 4.29
CA ARG B 397 35.28 29.09 3.95
C ARG B 397 34.46 29.80 2.89
N GLY B 398 34.00 29.04 1.89
CA GLY B 398 33.27 29.60 0.78
C GLY B 398 34.09 29.82 -0.47
N MET B 399 35.31 29.34 -0.52
CA MET B 399 36.16 29.51 -1.69
C MET B 399 35.72 28.56 -2.81
N ASN B 400 36.08 28.92 -4.04
CA ASN B 400 35.71 28.16 -5.22
C ASN B 400 36.90 27.98 -6.15
N ILE B 401 38.03 27.50 -5.60
CA ILE B 401 39.20 27.25 -6.44
C ILE B 401 38.86 26.25 -7.53
N LEU B 402 39.41 26.46 -8.72
CA LEU B 402 39.28 25.52 -9.83
C LEU B 402 40.64 25.39 -10.51
N ILE B 403 41.23 24.20 -10.43
CA ILE B 403 42.53 23.93 -11.01
C ILE B 403 42.32 23.37 -12.41
N LYS B 404 43.16 23.80 -13.35
CA LYS B 404 43.16 23.27 -14.70
C LYS B 404 44.56 22.79 -15.04
N VAL B 405 44.65 21.67 -15.74
CA VAL B 405 45.93 21.17 -16.23
C VAL B 405 46.06 21.63 -17.68
N PRO B 406 47.10 22.39 -18.02
CA PRO B 406 47.17 22.98 -19.36
C PRO B 406 47.40 21.93 -20.42
N SER B 407 46.81 22.17 -21.59
CA SER B 407 46.93 21.23 -22.71
C SER B 407 48.39 20.98 -23.06
N TYR B 408 49.09 22.02 -23.48
CA TYR B 408 50.50 21.92 -23.81
C TYR B 408 51.30 22.79 -22.85
N PHE B 409 52.24 22.18 -22.15
CA PHE B 409 53.06 22.87 -21.17
C PHE B 409 54.49 22.38 -21.31
N THR B 410 55.42 23.31 -21.53
CA THR B 410 56.83 22.95 -21.60
C THR B 410 57.56 23.36 -20.32
N ASN B 411 58.42 22.47 -19.84
CA ASN B 411 58.98 22.56 -18.49
C ASN B 411 60.38 23.16 -18.58
N PHE B 412 60.53 24.35 -18.01
CA PHE B 412 61.82 25.03 -17.91
C PHE B 412 62.09 25.47 -16.48
N GLU C 7 48.90 -15.72 21.63
CA GLU C 7 48.30 -15.22 22.85
C GLU C 7 46.80 -15.06 22.59
N ASP C 8 46.06 -14.50 23.55
CA ASP C 8 44.62 -14.35 23.45
C ASP C 8 44.22 -12.89 23.65
N LEU C 9 44.24 -12.12 22.57
CA LEU C 9 43.58 -10.82 22.53
C LEU C 9 42.92 -10.69 21.16
N ASP C 10 41.67 -10.24 21.15
CA ASP C 10 40.84 -10.22 19.95
C ASP C 10 40.53 -8.78 19.62
N THR C 11 41.20 -8.24 18.60
CA THR C 11 41.10 -6.81 18.34
C THR C 11 39.85 -6.47 17.53
N ASP C 12 39.55 -7.25 16.50
CA ASP C 12 38.37 -7.00 15.69
C ASP C 12 37.11 -7.63 16.26
N ASN C 13 37.22 -8.39 17.36
CA ASN C 13 36.08 -8.99 18.03
C ASN C 13 35.28 -9.91 17.10
N ASP C 14 35.98 -10.87 16.51
CA ASP C 14 35.32 -11.86 15.66
C ASP C 14 35.65 -13.29 16.09
N ASN C 15 36.15 -13.47 17.30
CA ASN C 15 36.38 -14.77 17.92
C ASN C 15 37.51 -15.56 17.26
N ILE C 16 38.51 -14.86 16.71
CA ILE C 16 39.76 -15.48 16.31
C ILE C 16 40.88 -14.60 16.88
N PRO C 17 41.80 -15.13 17.68
CA PRO C 17 42.84 -14.27 18.25
C PRO C 17 43.76 -13.71 17.17
N ASP C 18 44.43 -12.62 17.52
CA ASP C 18 45.28 -11.92 16.55
C ASP C 18 46.43 -12.81 16.09
N ALA C 19 47.09 -13.48 17.02
CA ALA C 19 48.20 -14.35 16.67
C ALA C 19 47.76 -15.46 15.72
N TYR C 20 46.60 -16.06 15.99
CA TYR C 20 46.08 -17.11 15.10
C TYR C 20 45.79 -16.54 13.72
N GLU C 21 45.23 -15.33 13.66
CA GLU C 21 44.89 -14.73 12.38
C GLU C 21 46.12 -14.43 11.56
N LYS C 22 47.18 -13.92 12.20
CA LYS C 22 48.36 -13.53 11.44
C LYS C 22 49.33 -14.67 11.19
N ASN C 23 49.21 -15.79 11.91
CA ASN C 23 50.14 -16.90 11.73
C ASN C 23 49.51 -18.14 11.11
N GLY C 24 48.20 -18.30 11.21
CA GLY C 24 47.56 -19.47 10.61
C GLY C 24 46.76 -20.24 11.63
N TYR C 25 45.56 -20.65 11.26
CA TYR C 25 44.66 -21.32 12.18
C TYR C 25 43.75 -22.26 11.40
N THR C 26 42.86 -22.93 12.13
CA THR C 26 41.82 -23.76 11.54
C THR C 26 40.72 -23.91 12.58
N ILE C 27 39.62 -24.54 12.18
CA ILE C 27 38.42 -24.65 13.02
C ILE C 27 38.20 -26.12 13.34
N LYS C 28 38.12 -26.44 14.63
CA LYS C 28 37.82 -27.78 15.12
C LYS C 28 36.78 -27.68 16.21
N ASP C 29 35.69 -28.44 16.07
CA ASP C 29 34.56 -28.37 16.99
C ASP C 29 34.03 -26.94 17.09
N SER C 30 34.08 -26.23 15.96
CA SER C 30 33.50 -24.90 15.81
C SER C 30 34.18 -23.87 16.72
N ILE C 31 35.47 -24.07 16.98
CA ILE C 31 36.29 -23.05 17.63
C ILE C 31 37.64 -23.01 16.91
N ALA C 32 38.29 -21.86 16.98
CA ALA C 32 39.58 -21.69 16.32
C ALA C 32 40.68 -22.34 17.14
N VAL C 33 41.60 -23.02 16.46
CA VAL C 33 42.75 -23.65 17.09
C VAL C 33 43.99 -23.32 16.27
N LYS C 34 45.12 -23.19 16.97
CA LYS C 34 46.37 -22.86 16.32
C LYS C 34 46.76 -23.96 15.34
N TRP C 35 47.24 -23.56 14.18
CA TRP C 35 47.55 -24.51 13.12
C TRP C 35 48.76 -25.36 13.46
N ASN C 36 48.76 -26.58 12.97
CA ASN C 36 49.90 -27.49 13.06
C ASN C 36 49.95 -28.29 11.77
N ASP C 37 51.12 -28.36 11.16
CA ASP C 37 51.28 -28.99 9.86
C ASP C 37 50.88 -30.46 9.85
N SER C 38 50.67 -31.07 11.02
CA SER C 38 50.42 -32.51 11.05
C SER C 38 49.03 -32.86 10.57
N PHE C 39 48.05 -32.00 10.83
CA PHE C 39 46.68 -32.30 10.39
C PHE C 39 46.30 -31.57 9.10
N ALA C 40 47.26 -31.39 8.20
CA ALA C 40 46.92 -31.16 6.80
C ALA C 40 46.53 -32.45 6.10
N GLU C 41 46.97 -33.60 6.62
CA GLU C 41 46.61 -34.89 6.05
C GLU C 41 45.21 -35.32 6.48
N GLN C 42 44.80 -34.98 7.70
CA GLN C 42 43.44 -35.27 8.14
C GLN C 42 42.38 -34.49 7.36
N GLY C 43 42.78 -33.48 6.60
CA GLY C 43 41.85 -32.75 5.74
C GLY C 43 41.66 -31.30 6.08
N TYR C 44 42.25 -30.81 7.16
CA TYR C 44 42.05 -29.43 7.57
C TYR C 44 42.89 -28.49 6.70
N LYS C 45 42.32 -27.31 6.45
CA LYS C 45 42.97 -26.28 5.66
C LYS C 45 43.40 -25.13 6.55
N LYS C 46 44.53 -24.52 6.20
CA LYS C 46 45.09 -23.41 6.95
C LYS C 46 44.46 -22.10 6.48
N TYR C 47 43.99 -21.30 7.43
CA TYR C 47 43.35 -20.04 7.15
C TYR C 47 44.21 -18.90 7.68
N VAL C 48 44.15 -17.77 6.99
CA VAL C 48 44.81 -16.54 7.41
C VAL C 48 43.88 -15.37 7.10
N SER C 49 43.95 -14.34 7.94
CA SER C 49 43.01 -13.25 7.85
C SER C 49 43.66 -11.97 8.37
N SER C 50 42.92 -10.88 8.25
CA SER C 50 43.33 -9.60 8.83
C SER C 50 42.82 -9.53 10.26
N TYR C 51 43.73 -9.36 11.21
CA TYR C 51 43.34 -9.27 12.60
C TYR C 51 42.78 -7.91 12.98
N LEU C 52 42.59 -7.03 12.01
CA LEU C 52 41.97 -5.73 12.25
C LEU C 52 40.66 -5.56 11.49
N GLU C 53 40.17 -6.62 10.87
CA GLU C 53 38.92 -6.61 10.13
C GLU C 53 38.12 -7.85 10.48
N SER C 54 36.80 -7.68 10.63
CA SER C 54 35.91 -8.82 10.78
C SER C 54 35.59 -9.46 9.45
N ASN C 55 35.31 -8.65 8.44
CA ASN C 55 35.02 -9.12 7.09
C ASN C 55 36.24 -8.80 6.23
N THR C 56 37.19 -9.74 6.19
CA THR C 56 38.42 -9.50 5.46
C THR C 56 38.16 -9.38 3.96
N ALA C 57 37.37 -10.30 3.41
CA ALA C 57 37.10 -10.30 1.98
C ALA C 57 36.16 -9.17 1.57
N GLY C 58 35.40 -8.60 2.50
CA GLY C 58 34.47 -7.54 2.19
C GLY C 58 33.02 -7.96 2.02
N ASP C 59 32.74 -9.26 2.09
CA ASP C 59 31.39 -9.78 1.91
C ASP C 59 30.64 -9.73 3.24
N PRO C 60 29.35 -10.08 3.26
CA PRO C 60 28.58 -9.93 4.50
C PRO C 60 28.84 -10.96 5.58
N TYR C 61 29.89 -11.76 5.48
CA TYR C 61 30.18 -12.82 6.42
C TYR C 61 31.54 -12.60 7.06
N THR C 62 31.62 -12.77 8.38
CA THR C 62 32.86 -12.51 9.10
C THR C 62 33.88 -13.60 8.80
N ASP C 63 35.10 -13.41 9.32
CA ASP C 63 36.14 -14.40 9.12
C ASP C 63 35.78 -15.72 9.78
N TYR C 64 35.14 -15.65 10.96
CA TYR C 64 34.77 -16.88 11.65
C TYR C 64 33.60 -17.58 10.97
N GLN C 65 32.67 -16.82 10.42
CA GLN C 65 31.52 -17.43 9.76
C GLN C 65 31.95 -18.15 8.49
N LYS C 66 32.85 -17.54 7.72
CA LYS C 66 33.36 -18.20 6.53
C LYS C 66 34.23 -19.39 6.90
N ALA C 67 35.18 -19.20 7.81
CA ALA C 67 36.12 -20.26 8.14
C ALA C 67 35.44 -21.49 8.72
N SER C 68 34.43 -21.30 9.56
CA SER C 68 33.77 -22.41 10.25
C SER C 68 32.61 -22.99 9.47
N GLY C 69 32.37 -22.53 8.25
CA GLY C 69 31.29 -23.07 7.45
C GLY C 69 29.89 -22.70 7.90
N SER C 70 29.75 -21.99 9.02
CA SER C 70 28.43 -21.70 9.56
C SER C 70 27.78 -20.55 8.80
N ILE C 71 27.65 -20.71 7.48
CA ILE C 71 26.96 -19.75 6.63
C ILE C 71 25.96 -20.53 5.79
N ASP C 72 25.32 -19.85 4.85
CA ASP C 72 24.48 -20.53 3.86
C ASP C 72 25.20 -21.74 3.30
N LYS C 73 24.51 -22.87 3.25
CA LYS C 73 25.13 -24.11 2.78
C LYS C 73 25.14 -24.22 1.26
N ALA C 74 24.40 -23.37 0.56
CA ALA C 74 24.47 -23.32 -0.89
C ALA C 74 25.69 -22.57 -1.39
N ILE C 75 26.51 -22.02 -0.49
CA ILE C 75 27.72 -21.31 -0.88
C ILE C 75 28.80 -22.33 -1.21
N LYS C 76 29.56 -22.05 -2.27
CA LYS C 76 30.67 -22.92 -2.65
C LYS C 76 31.67 -23.04 -1.51
N LEU C 77 32.36 -24.18 -1.46
CA LEU C 77 33.40 -24.34 -0.45
C LEU C 77 34.61 -23.45 -0.73
N GLU C 78 34.72 -22.90 -1.94
CA GLU C 78 35.75 -21.91 -2.22
C GLU C 78 35.67 -20.75 -1.25
N ALA C 79 34.49 -20.19 -1.09
CA ALA C 79 34.21 -19.05 -0.25
C ALA C 79 34.21 -19.38 1.20
N ARG C 80 34.65 -20.55 1.63
CA ARG C 80 34.87 -20.77 3.06
C ARG C 80 36.27 -20.39 3.47
N ASP C 81 36.98 -19.69 2.64
CA ASP C 81 38.29 -19.11 2.92
C ASP C 81 38.10 -17.62 3.16
N PRO C 82 38.59 -17.08 4.28
CA PRO C 82 38.40 -15.66 4.55
C PRO C 82 38.98 -14.74 3.49
N LEU C 83 39.83 -15.23 2.61
CA LEU C 83 40.41 -14.40 1.56
C LEU C 83 39.58 -14.38 0.29
N VAL C 84 38.84 -15.43 -0.01
CA VAL C 84 37.96 -15.49 -1.16
C VAL C 84 36.58 -15.01 -0.74
N ALA C 85 36.02 -14.10 -1.53
CA ALA C 85 34.73 -13.48 -1.20
C ALA C 85 33.59 -14.30 -1.76
N ALA C 86 32.58 -14.53 -0.92
CA ALA C 86 31.32 -15.13 -1.37
C ALA C 86 30.54 -14.07 -2.13
N TYR C 87 30.42 -14.24 -3.43
CA TYR C 87 30.01 -13.13 -4.27
C TYR C 87 29.35 -13.64 -5.54
N PRO C 88 28.07 -13.35 -5.75
CA PRO C 88 27.37 -13.87 -6.94
C PRO C 88 27.61 -13.01 -8.17
N VAL C 89 27.80 -13.68 -9.29
CA VAL C 89 27.99 -13.02 -10.58
C VAL C 89 26.86 -13.47 -11.49
N VAL C 90 25.85 -12.63 -11.68
CA VAL C 90 24.63 -12.98 -12.37
C VAL C 90 24.54 -12.19 -13.66
N GLY C 91 24.15 -12.88 -14.74
CA GLY C 91 23.92 -12.22 -16.01
C GLY C 91 22.69 -12.81 -16.69
N VAL C 92 22.26 -12.14 -17.75
CA VAL C 92 21.05 -12.49 -18.48
C VAL C 92 21.43 -12.79 -19.93
N GLY C 93 20.73 -13.75 -20.53
CA GLY C 93 20.93 -14.06 -21.93
C GLY C 93 19.64 -14.18 -22.70
N MET C 94 19.52 -13.45 -23.80
CA MET C 94 18.31 -13.51 -24.61
C MET C 94 18.37 -14.70 -25.56
N GLU C 95 17.22 -15.31 -25.77
CA GLU C 95 17.20 -16.54 -26.56
C GLU C 95 16.37 -16.42 -27.84
N ASN C 96 15.29 -15.65 -27.82
CA ASN C 96 14.62 -15.24 -29.05
C ASN C 96 13.69 -14.07 -28.73
N LEU C 97 13.30 -13.36 -29.78
CA LEU C 97 12.51 -12.15 -29.66
C LEU C 97 11.23 -12.29 -30.48
N ILE C 98 10.11 -11.92 -29.89
CA ILE C 98 8.81 -11.97 -30.55
C ILE C 98 8.31 -10.55 -30.77
N ILE C 99 7.69 -10.31 -31.91
CA ILE C 99 7.24 -8.98 -32.30
C ILE C 99 5.75 -9.03 -32.63
N SER C 100 4.94 -8.37 -31.81
CA SER C 100 3.50 -8.30 -32.00
C SER C 100 3.17 -6.97 -32.67
N THR C 101 2.85 -7.02 -33.96
CA THR C 101 2.56 -5.81 -34.72
C THR C 101 1.07 -5.49 -34.56
N ASN C 102 0.75 -4.52 -33.71
CA ASN C 102 -0.65 -4.20 -33.44
C ASN C 102 -1.18 -3.25 -34.51
N GLU C 103 -1.52 -3.85 -35.66
CA GLU C 103 -2.30 -3.20 -36.70
C GLU C 103 -3.76 -3.57 -36.52
N HIS C 104 -4.64 -2.63 -36.83
CA HIS C 104 -6.08 -2.83 -36.69
C HIS C 104 -6.66 -3.07 -38.08
N ALA C 105 -6.96 -4.32 -38.39
CA ALA C 105 -7.48 -4.70 -39.68
C ALA C 105 -8.99 -4.92 -39.61
N SER C 106 -9.71 -4.30 -40.54
CA SER C 106 -11.16 -4.36 -40.56
C SER C 106 -11.63 -4.92 -41.89
N SER C 107 -12.94 -5.08 -42.01
CA SER C 107 -13.55 -5.65 -43.21
C SER C 107 -15.06 -5.40 -43.16
N ASP C 108 -15.67 -5.18 -44.32
CA ASP C 108 -17.09 -4.88 -44.40
C ASP C 108 -17.71 -5.63 -45.58
N GLN C 109 -19.03 -5.74 -45.56
CA GLN C 109 -19.81 -6.37 -46.60
C GLN C 109 -21.20 -5.78 -46.59
N GLY C 110 -21.59 -5.15 -47.70
CA GLY C 110 -22.86 -4.49 -47.81
C GLY C 110 -23.70 -5.07 -48.92
N LYS C 111 -24.99 -4.78 -48.86
CA LYS C 111 -25.94 -5.19 -49.89
C LYS C 111 -27.05 -4.16 -49.90
N THR C 112 -27.54 -3.82 -51.09
CA THR C 112 -28.44 -2.71 -51.28
C THR C 112 -29.54 -3.07 -52.27
N VAL C 113 -30.76 -2.68 -51.96
CA VAL C 113 -31.91 -2.86 -52.85
C VAL C 113 -32.69 -1.57 -52.89
N SER C 114 -33.17 -1.19 -54.06
CA SER C 114 -33.95 0.03 -54.21
C SER C 114 -34.95 -0.13 -55.34
N ARG C 115 -35.84 0.85 -55.46
CA ARG C 115 -36.83 0.84 -56.53
C ARG C 115 -37.36 2.26 -56.70
N ALA C 116 -37.17 2.82 -57.88
CA ALA C 116 -37.59 4.19 -58.17
C ALA C 116 -38.67 4.18 -59.24
N THR C 117 -39.71 4.99 -59.04
CA THR C 117 -40.78 5.14 -60.01
C THR C 117 -40.91 6.60 -60.40
N THR C 118 -41.16 6.85 -61.67
CA THR C 118 -41.17 8.20 -62.23
C THR C 118 -42.44 8.40 -63.04
N ASN C 119 -43.02 9.60 -62.92
CA ASN C 119 -44.22 9.97 -63.65
C ASN C 119 -43.96 11.30 -64.36
N SER C 120 -44.06 11.31 -65.68
CA SER C 120 -43.75 12.48 -66.47
C SER C 120 -45.00 13.06 -67.12
N LYS C 121 -44.87 14.28 -67.63
CA LYS C 121 -45.94 14.97 -68.34
C LYS C 121 -45.31 16.10 -69.13
N THR C 122 -45.62 16.19 -70.42
CA THR C 122 -44.93 17.10 -71.32
C THR C 122 -45.93 17.73 -72.29
N ASP C 123 -45.79 19.04 -72.50
CA ASP C 123 -46.57 19.77 -73.48
C ASP C 123 -45.63 20.32 -74.54
N ALA C 124 -46.13 20.52 -75.76
CA ALA C 124 -45.30 20.98 -76.86
C ALA C 124 -46.16 21.70 -77.89
N ASN C 125 -45.95 23.00 -78.03
CA ASN C 125 -46.52 23.77 -79.12
C ASN C 125 -45.49 23.92 -80.23
N THR C 126 -45.98 24.20 -81.44
CA THR C 126 -45.10 24.34 -82.60
C THR C 126 -45.82 25.14 -83.66
N VAL C 127 -45.12 26.12 -84.23
CA VAL C 127 -45.62 26.87 -85.38
C VAL C 127 -44.72 26.54 -86.57
N GLY C 128 -45.06 27.11 -87.71
CA GLY C 128 -44.24 26.89 -88.88
C GLY C 128 -44.61 27.78 -90.05
N VAL C 129 -43.59 28.24 -90.77
CA VAL C 129 -43.76 28.98 -92.01
C VAL C 129 -43.01 28.24 -93.10
N SER C 130 -43.56 28.21 -94.30
CA SER C 130 -42.91 27.56 -95.43
C SER C 130 -43.12 28.41 -96.66
N ILE C 131 -42.06 28.64 -97.42
CA ILE C 131 -42.10 29.40 -98.67
C ILE C 131 -41.51 28.51 -99.75
N SER C 132 -42.14 28.49 -100.92
CA SER C 132 -41.61 27.72 -102.04
C SER C 132 -41.73 28.52 -103.33
N ALA C 133 -40.95 28.11 -104.32
CA ALA C 133 -41.02 28.65 -105.67
C ALA C 133 -40.74 27.50 -106.61
N GLY C 134 -41.30 27.56 -107.81
CA GLY C 134 -41.10 26.49 -108.76
C GLY C 134 -41.32 26.94 -110.18
N TYR C 135 -40.34 26.66 -111.03
CA TYR C 135 -40.44 26.86 -112.48
C TYR C 135 -40.73 25.48 -113.10
N GLN C 136 -41.91 24.95 -112.76
CA GLN C 136 -42.30 23.63 -113.24
C GLN C 136 -42.39 23.64 -114.76
N ASN C 137 -43.34 24.39 -115.30
CA ASN C 137 -43.31 24.78 -116.71
C ASN C 137 -43.22 26.29 -116.87
N GLY C 138 -44.17 27.03 -116.32
CA GLY C 138 -44.05 28.48 -116.26
C GLY C 138 -43.79 29.02 -114.87
N PHE C 139 -44.52 28.52 -113.86
CA PHE C 139 -44.39 28.99 -112.50
C PHE C 139 -45.26 28.16 -111.56
N THR C 140 -44.79 28.03 -110.32
CA THR C 140 -45.61 27.55 -109.21
C THR C 140 -44.98 28.04 -107.91
N GLY C 141 -45.80 28.60 -107.03
CA GLY C 141 -45.32 29.14 -105.77
C GLY C 141 -46.38 29.10 -104.69
N ASN C 142 -45.99 28.71 -103.47
CA ASN C 142 -46.94 28.48 -102.40
C ASN C 142 -46.36 28.92 -101.07
N ILE C 143 -47.21 29.40 -100.18
CA ILE C 143 -46.86 29.74 -98.81
C ILE C 143 -47.65 28.83 -97.88
N THR C 144 -47.03 28.40 -96.78
CA THR C 144 -47.64 27.42 -95.90
C THR C 144 -47.46 27.84 -94.45
N THR C 145 -48.48 27.61 -93.64
CA THR C 145 -48.45 27.86 -92.21
C THR C 145 -48.93 26.61 -91.48
N SER C 146 -48.14 26.13 -90.53
CA SER C 146 -48.44 24.90 -89.82
C SER C 146 -48.46 25.14 -88.31
N TYR C 147 -49.09 24.21 -87.59
CA TYR C 147 -49.23 24.30 -86.15
C TYR C 147 -49.45 22.90 -85.60
N SER C 148 -48.95 22.65 -84.39
CA SER C 148 -49.08 21.34 -83.77
C SER C 148 -49.19 21.53 -82.26
N HIS C 149 -49.59 20.46 -81.57
CA HIS C 149 -49.65 20.46 -80.11
C HIS C 149 -49.53 19.04 -79.62
N THR C 150 -48.40 18.72 -78.99
CA THR C 150 -48.12 17.37 -78.52
C THR C 150 -48.32 17.28 -77.00
N THR C 151 -49.09 16.29 -76.58
CA THR C 151 -49.28 15.99 -75.16
C THR C 151 -48.64 14.64 -74.89
N ASP C 152 -48.02 14.49 -73.72
CA ASP C 152 -47.22 13.32 -73.43
C ASP C 152 -47.56 12.76 -72.06
N ASN C 153 -47.26 11.47 -71.88
CA ASN C 153 -47.31 10.79 -70.59
C ASN C 153 -46.33 9.65 -70.62
N SER C 154 -45.57 9.50 -69.53
CA SER C 154 -44.57 8.45 -69.42
C SER C 154 -44.56 7.91 -67.99
N THR C 155 -43.96 6.73 -67.85
CA THR C 155 -43.83 6.07 -66.54
C THR C 155 -42.67 5.11 -66.62
N ALA C 156 -41.87 5.07 -65.56
CA ALA C 156 -40.69 4.21 -65.54
C ALA C 156 -40.50 3.66 -64.14
N VAL C 157 -40.10 2.39 -64.07
CA VAL C 157 -39.79 1.71 -62.83
C VAL C 157 -38.39 1.12 -62.94
N GLN C 158 -37.56 1.39 -61.94
CA GLN C 158 -36.17 0.94 -61.95
C GLN C 158 -35.90 0.15 -60.69
N ASP C 159 -35.32 -1.03 -60.83
CA ASP C 159 -34.96 -1.88 -59.70
C ASP C 159 -33.45 -2.07 -59.66
N SER C 160 -32.83 -1.61 -58.57
CA SER C 160 -31.39 -1.68 -58.44
C SER C 160 -31.01 -2.68 -57.36
N ASN C 161 -29.84 -3.27 -57.51
CA ASN C 161 -29.29 -4.21 -56.54
C ASN C 161 -27.78 -4.00 -56.50
N GLY C 162 -27.24 -3.76 -55.30
CA GLY C 162 -25.84 -3.45 -55.15
C GLY C 162 -25.14 -4.43 -54.20
N GLU C 163 -23.81 -4.32 -54.19
CA GLU C 163 -22.95 -5.08 -53.31
C GLU C 163 -21.66 -4.31 -53.11
N SER C 164 -21.05 -4.47 -51.94
CA SER C 164 -19.81 -3.77 -51.69
C SER C 164 -18.92 -4.61 -50.78
N TRP C 165 -17.62 -4.40 -50.91
CA TRP C 165 -16.63 -5.09 -50.07
C TRP C 165 -15.55 -4.08 -49.74
N ASN C 166 -15.22 -3.95 -48.46
CA ASN C 166 -14.18 -3.03 -48.02
C ASN C 166 -13.25 -3.72 -47.04
N THR C 167 -11.97 -3.40 -47.13
CA THR C 167 -10.96 -3.88 -46.18
C THR C 167 -10.05 -2.71 -45.82
N GLY C 168 -9.98 -2.41 -44.53
CA GLY C 168 -9.10 -1.35 -44.07
C GLY C 168 -7.92 -1.86 -43.29
N LEU C 169 -6.95 -0.98 -42.98
CA LEU C 169 -5.80 -1.38 -42.21
C LEU C 169 -5.20 -0.12 -41.59
N SER C 170 -5.28 0.00 -40.27
CA SER C 170 -4.80 1.16 -39.54
C SER C 170 -3.59 0.78 -38.71
N ILE C 171 -2.79 1.78 -38.35
CA ILE C 171 -1.63 1.58 -37.49
C ILE C 171 -1.26 2.89 -36.82
N ASN C 172 -0.78 2.80 -35.58
CA ASN C 172 -0.28 3.96 -34.86
C ASN C 172 1.23 4.00 -35.00
N LYS C 173 1.79 5.16 -35.27
CA LYS C 173 3.22 5.16 -35.56
C LYS C 173 4.06 5.50 -34.38
N GLY C 174 3.51 5.56 -33.17
CA GLY C 174 4.33 5.71 -31.99
C GLY C 174 4.37 4.43 -31.20
N GLU C 175 3.40 3.56 -31.42
CA GLU C 175 3.26 2.27 -30.74
C GLU C 175 2.95 1.18 -31.75
N SER C 176 3.75 1.12 -32.81
CA SER C 176 3.46 0.25 -33.94
C SER C 176 3.56 -1.23 -33.59
N ALA C 177 4.36 -1.61 -32.60
CA ALA C 177 4.52 -3.01 -32.27
C ALA C 177 4.83 -3.17 -30.80
N TYR C 178 4.89 -4.42 -30.35
CA TYR C 178 5.25 -4.77 -28.99
C TYR C 178 6.35 -5.82 -29.02
N ILE C 179 7.25 -5.75 -28.05
CA ILE C 179 8.44 -6.57 -28.00
C ILE C 179 8.30 -7.57 -26.85
N ASN C 180 8.70 -8.81 -27.11
CA ASN C 180 8.69 -9.87 -26.10
C ASN C 180 10.02 -10.61 -26.21
N ALA C 181 10.83 -10.55 -25.16
CA ALA C 181 12.12 -11.22 -25.12
C ALA C 181 12.07 -12.42 -24.18
N ASN C 182 12.66 -13.52 -24.61
CA ASN C 182 12.76 -14.73 -23.80
C ASN C 182 14.18 -14.80 -23.26
N VAL C 183 14.33 -14.65 -21.94
CA VAL C 183 15.64 -14.52 -21.33
C VAL C 183 15.91 -15.67 -20.36
N ARG C 184 17.10 -15.68 -19.78
CA ARG C 184 17.50 -16.72 -18.83
C ARG C 184 18.66 -16.19 -18.00
N TYR C 185 18.61 -16.41 -16.69
CA TYR C 185 19.61 -15.87 -15.79
C TYR C 185 20.69 -16.92 -15.50
N TYR C 186 21.93 -16.46 -15.37
CA TYR C 186 23.07 -17.34 -15.12
C TYR C 186 23.82 -16.84 -13.89
N ASN C 187 24.28 -17.78 -13.06
CA ASN C 187 25.08 -17.46 -11.89
C ASN C 187 26.43 -18.15 -12.01
N THR C 188 27.50 -17.36 -12.02
CA THR C 188 28.85 -17.91 -12.13
C THR C 188 29.72 -17.57 -10.93
N GLY C 189 29.13 -17.20 -9.80
CA GLY C 189 29.89 -16.83 -8.62
C GLY C 189 29.91 -17.91 -7.57
N THR C 190 30.24 -17.52 -6.34
CA THR C 190 30.36 -18.46 -5.25
C THR C 190 29.16 -18.46 -4.31
N ALA C 191 28.24 -17.52 -4.45
CA ALA C 191 27.12 -17.42 -3.53
C ALA C 191 25.81 -17.47 -4.29
N PRO C 192 24.76 -18.02 -3.69
CA PRO C 192 23.44 -17.93 -4.29
C PRO C 192 22.84 -16.54 -4.13
N MET C 193 21.91 -16.23 -5.01
CA MET C 193 21.22 -14.94 -5.01
C MET C 193 19.73 -15.19 -4.91
N TYR C 194 19.13 -14.70 -3.84
CA TYR C 194 17.69 -14.83 -3.65
C TYR C 194 16.99 -13.59 -4.18
N LYS C 195 15.84 -13.80 -4.82
CA LYS C 195 15.04 -12.72 -5.37
C LYS C 195 15.81 -11.94 -6.43
N VAL C 196 16.27 -12.67 -7.44
CA VAL C 196 17.07 -12.06 -8.50
C VAL C 196 16.23 -11.08 -9.28
N THR C 197 16.75 -9.86 -9.46
CA THR C 197 16.03 -8.78 -10.12
C THR C 197 16.95 -8.05 -11.08
N PRO C 198 17.08 -8.52 -12.31
CA PRO C 198 17.96 -7.87 -13.27
C PRO C 198 17.34 -6.66 -13.96
N THR C 199 18.22 -5.74 -14.35
CA THR C 199 17.85 -4.59 -15.17
C THR C 199 18.59 -4.70 -16.49
N THR C 200 17.86 -4.64 -17.59
CA THR C 200 18.43 -4.92 -18.91
C THR C 200 18.15 -3.77 -19.87
N ASN C 201 19.00 -3.66 -20.88
CA ASN C 201 18.83 -2.72 -21.98
C ASN C 201 18.45 -3.47 -23.25
N LEU C 202 17.46 -2.97 -23.97
CA LEU C 202 17.08 -3.51 -25.26
C LEU C 202 17.54 -2.52 -26.33
N VAL C 203 18.65 -2.85 -26.98
CA VAL C 203 19.34 -1.94 -27.88
C VAL C 203 19.08 -2.37 -29.31
N LEU C 204 18.66 -1.43 -30.15
CA LEU C 204 18.40 -1.68 -31.56
C LEU C 204 19.15 -0.65 -32.39
N ASP C 205 20.31 -1.04 -32.91
CA ASP C 205 21.04 -0.23 -33.89
C ASP C 205 21.43 1.13 -33.30
N GLY C 206 22.13 1.09 -32.17
CA GLY C 206 22.72 2.28 -31.61
C GLY C 206 21.82 3.12 -30.73
N GLU C 207 20.63 2.64 -30.37
CA GLU C 207 19.76 3.34 -29.47
C GLU C 207 19.03 2.35 -28.58
N THR C 208 18.91 2.69 -27.30
CA THR C 208 18.28 1.83 -26.32
C THR C 208 16.78 2.03 -26.36
N LEU C 209 16.05 0.97 -26.69
CA LEU C 209 14.60 1.10 -26.84
C LEU C 209 13.91 1.20 -25.48
N ALA C 210 14.34 0.39 -24.52
CA ALA C 210 13.75 0.41 -23.19
C ALA C 210 14.70 -0.24 -22.21
N THR C 211 14.79 0.33 -21.03
CA THR C 211 15.54 -0.24 -19.91
C THR C 211 14.53 -0.77 -18.92
N ILE C 212 14.41 -2.10 -18.82
CA ILE C 212 13.38 -2.75 -18.01
C ILE C 212 14.03 -3.38 -16.81
N LYS C 213 13.35 -3.28 -15.67
CA LYS C 213 13.71 -3.99 -14.46
C LYS C 213 12.67 -5.09 -14.22
N ALA C 214 13.12 -6.25 -13.77
CA ALA C 214 12.23 -7.39 -13.63
C ALA C 214 11.28 -7.19 -12.46
N GLN C 215 9.98 -7.27 -12.74
CA GLN C 215 8.96 -7.21 -11.72
C GLN C 215 8.52 -8.62 -11.33
N ASP C 216 7.41 -8.72 -10.60
CA ASP C 216 7.00 -9.97 -9.97
C ASP C 216 7.03 -11.16 -10.92
N ASN C 217 6.52 -11.00 -12.14
CA ASN C 217 6.46 -12.13 -13.07
C ASN C 217 7.84 -12.60 -13.50
N GLN C 218 8.86 -11.76 -13.35
CA GLN C 218 10.17 -12.00 -13.95
C GLN C 218 11.27 -12.19 -12.91
N ILE C 219 10.90 -12.42 -11.66
CA ILE C 219 11.86 -12.52 -10.56
C ILE C 219 12.12 -13.98 -10.26
N GLY C 220 13.39 -14.34 -10.08
CA GLY C 220 13.77 -15.70 -9.74
C GLY C 220 14.02 -15.84 -8.25
N ASN C 221 13.29 -16.76 -7.63
CA ASN C 221 13.37 -16.92 -6.18
C ASN C 221 14.76 -17.34 -5.73
N ASN C 222 15.27 -18.44 -6.29
CA ASN C 222 16.60 -18.94 -5.98
C ASN C 222 17.44 -18.99 -7.25
N LEU C 223 18.72 -18.68 -7.11
CA LEU C 223 19.69 -18.88 -8.20
C LEU C 223 21.00 -19.32 -7.56
N SER C 224 21.17 -20.63 -7.43
CA SER C 224 22.38 -21.19 -6.88
C SER C 224 23.52 -21.05 -7.89
N PRO C 225 24.78 -21.07 -7.44
CA PRO C 225 25.89 -20.95 -8.38
C PRO C 225 25.92 -22.10 -9.38
N ASN C 226 26.45 -21.80 -10.56
CA ASN C 226 26.55 -22.73 -11.68
C ASN C 226 25.19 -23.22 -12.15
N GLU C 227 24.13 -22.51 -11.80
CA GLU C 227 22.78 -22.86 -12.21
C GLU C 227 22.11 -21.66 -12.88
N THR C 228 20.95 -21.92 -13.49
CA THR C 228 20.24 -20.91 -14.25
C THR C 228 18.80 -20.84 -13.77
N TYR C 229 18.13 -19.74 -14.11
CA TYR C 229 16.70 -19.60 -13.89
C TYR C 229 16.03 -19.11 -15.15
N PRO C 230 15.04 -19.82 -15.70
CA PRO C 230 14.57 -21.11 -15.24
C PRO C 230 15.61 -22.20 -15.43
N LYS C 231 15.44 -23.33 -14.74
CA LYS C 231 16.46 -24.36 -14.68
C LYS C 231 16.74 -24.94 -16.06
N LYS C 232 17.70 -25.85 -16.14
CA LYS C 232 18.22 -26.28 -17.44
C LYS C 232 17.14 -26.87 -18.32
N GLY C 233 16.22 -27.64 -17.75
CA GLY C 233 15.26 -28.34 -18.57
C GLY C 233 14.04 -27.56 -19.00
N LEU C 234 13.89 -26.32 -18.56
CA LEU C 234 12.68 -25.55 -18.80
C LEU C 234 12.93 -24.48 -19.87
N SER C 235 11.85 -23.89 -20.34
CA SER C 235 11.90 -22.89 -21.40
C SER C 235 12.08 -21.50 -20.80
N PRO C 236 12.70 -20.59 -21.54
CA PRO C 236 13.07 -19.28 -20.97
C PRO C 236 11.86 -18.46 -20.52
N LEU C 237 12.16 -17.35 -19.85
CA LEU C 237 11.16 -16.45 -19.31
C LEU C 237 10.49 -15.68 -20.44
N ALA C 238 9.64 -14.72 -20.08
CA ALA C 238 9.07 -13.79 -21.03
C ALA C 238 9.14 -12.39 -20.43
N LEU C 239 9.90 -11.51 -21.07
CA LEU C 239 10.05 -10.13 -20.63
C LEU C 239 9.04 -9.28 -21.39
N ASN C 240 7.81 -9.27 -20.88
CA ASN C 240 6.65 -8.75 -21.59
C ASN C 240 6.38 -7.28 -21.31
N THR C 241 6.55 -6.86 -20.06
CA THR C 241 6.00 -5.61 -19.58
C THR C 241 7.10 -4.68 -19.08
N MET C 242 6.82 -3.38 -19.16
CA MET C 242 7.76 -2.35 -18.76
C MET C 242 7.35 -1.61 -17.49
N ASP C 243 6.09 -1.69 -17.07
CA ASP C 243 5.63 -0.95 -15.91
C ASP C 243 5.86 -1.76 -14.64
N GLN C 244 5.37 -1.23 -13.51
CA GLN C 244 5.67 -1.79 -12.19
C GLN C 244 4.74 -2.93 -11.81
N PHE C 245 3.52 -2.95 -12.35
CA PHE C 245 2.53 -3.95 -11.96
C PHE C 245 2.30 -4.98 -13.07
N ASN C 246 3.14 -4.99 -14.10
CA ASN C 246 3.05 -5.96 -15.20
C ASN C 246 1.73 -5.81 -15.95
N ALA C 247 1.41 -4.59 -16.37
CA ALA C 247 0.19 -4.33 -17.11
C ALA C 247 0.40 -3.49 -18.36
N ARG C 248 1.63 -3.11 -18.69
CA ARG C 248 1.93 -2.25 -19.82
C ARG C 248 3.02 -2.91 -20.65
N LEU C 249 2.74 -3.13 -21.94
CA LEU C 249 3.68 -3.84 -22.79
C LEU C 249 4.81 -2.90 -23.23
N ILE C 250 5.78 -3.45 -23.95
CA ILE C 250 6.97 -2.71 -24.37
C ILE C 250 6.80 -2.30 -25.82
N PRO C 251 6.60 -1.03 -26.13
CA PRO C 251 6.35 -0.61 -27.51
C PRO C 251 7.61 -0.19 -28.26
N ILE C 252 7.50 -0.23 -29.59
CA ILE C 252 8.50 0.32 -30.50
C ILE C 252 7.76 1.10 -31.57
N ASN C 253 8.38 2.17 -32.06
CA ASN C 253 7.71 3.04 -33.01
C ASN C 253 7.86 2.46 -34.42
N TYR C 254 7.41 3.22 -35.43
CA TYR C 254 7.31 2.68 -36.78
C TYR C 254 8.68 2.53 -37.44
N ASP C 255 9.59 3.48 -37.20
CA ASP C 255 10.90 3.40 -37.85
C ASP C 255 11.76 2.31 -37.23
N GLN C 256 11.65 2.12 -35.92
CA GLN C 256 12.32 0.99 -35.29
C GLN C 256 11.77 -0.33 -35.79
N LEU C 257 10.45 -0.40 -36.00
CA LEU C 257 9.85 -1.63 -36.52
C LEU C 257 10.26 -1.88 -37.97
N LYS C 258 10.44 -0.82 -38.75
CA LYS C 258 10.92 -0.99 -40.12
C LYS C 258 12.37 -1.45 -40.14
N LYS C 259 13.20 -0.91 -39.24
CA LYS C 259 14.54 -1.48 -39.06
C LYS C 259 14.46 -2.95 -38.71
N LEU C 260 13.54 -3.32 -37.81
CA LEU C 260 13.44 -4.67 -37.30
C LEU C 260 13.03 -5.67 -38.36
N ASP C 261 12.22 -5.27 -39.33
CA ASP C 261 11.90 -6.12 -40.48
C ASP C 261 13.01 -6.02 -41.54
N SER C 262 14.23 -6.22 -41.07
CA SER C 262 15.43 -6.26 -41.90
C SER C 262 16.48 -7.02 -41.11
N GLY C 263 17.74 -6.91 -41.52
CA GLY C 263 18.80 -7.57 -40.79
C GLY C 263 19.00 -7.08 -39.38
N LYS C 264 18.43 -5.93 -39.03
CA LYS C 264 18.67 -5.32 -37.73
C LYS C 264 18.11 -6.19 -36.62
N GLN C 265 18.90 -6.36 -35.55
CA GLN C 265 18.55 -7.21 -34.44
C GLN C 265 18.52 -6.39 -33.15
N ILE C 266 17.74 -6.87 -32.19
CA ILE C 266 17.67 -6.28 -30.86
C ILE C 266 18.64 -7.05 -29.96
N LYS C 267 19.55 -6.33 -29.33
CA LYS C 267 20.47 -6.95 -28.38
C LYS C 267 19.99 -6.72 -26.95
N LEU C 268 20.53 -7.52 -26.04
CA LEU C 268 20.19 -7.41 -24.63
C LEU C 268 21.47 -7.26 -23.81
N GLU C 269 21.54 -6.20 -23.02
CA GLU C 269 22.65 -5.95 -22.12
C GLU C 269 22.13 -5.80 -20.70
N THR C 270 22.84 -6.40 -19.75
CA THR C 270 22.46 -6.35 -18.34
C THR C 270 23.30 -5.29 -17.65
N THR C 271 22.65 -4.26 -17.13
CA THR C 271 23.38 -3.17 -16.51
C THR C 271 23.64 -3.43 -15.03
N GLN C 272 22.73 -4.13 -14.35
CA GLN C 272 22.88 -4.41 -12.94
C GLN C 272 21.88 -5.49 -12.56
N VAL C 273 22.17 -6.19 -11.46
CA VAL C 273 21.27 -7.19 -10.91
C VAL C 273 21.22 -6.98 -9.39
N SER C 274 20.03 -7.03 -8.82
CA SER C 274 19.86 -6.90 -7.39
C SER C 274 19.29 -8.19 -6.82
N GLY C 275 19.67 -8.48 -5.58
CA GLY C 275 19.25 -9.71 -4.94
C GLY C 275 19.61 -9.68 -3.47
N ASN C 276 19.28 -10.77 -2.78
CA ASN C 276 19.45 -10.84 -1.34
C ASN C 276 20.47 -11.91 -0.99
N TYR C 277 20.86 -11.93 0.29
CA TYR C 277 21.65 -13.01 0.86
C TYR C 277 20.97 -13.46 2.14
N GLY C 278 21.40 -14.60 2.66
CA GLY C 278 20.76 -15.22 3.80
C GLY C 278 21.59 -15.08 5.07
N THR C 279 20.92 -14.75 6.16
CA THR C 279 21.53 -14.71 7.48
C THR C 279 20.56 -15.30 8.50
N LYS C 280 21.12 -15.93 9.53
CA LYS C 280 20.32 -16.43 10.64
C LYS C 280 19.87 -15.28 11.53
N ASN C 281 18.59 -15.23 11.85
CA ASN C 281 18.05 -14.17 12.69
C ASN C 281 18.13 -14.60 14.16
N SER C 282 17.39 -13.91 15.04
CA SER C 282 17.46 -14.21 16.47
C SER C 282 16.98 -15.62 16.78
N GLN C 283 16.47 -16.33 15.78
CA GLN C 283 16.08 -17.73 15.90
C GLN C 283 16.93 -18.55 14.94
N GLY C 284 16.60 -19.83 14.81
CA GLY C 284 17.26 -20.64 13.80
C GLY C 284 16.81 -20.36 12.39
N GLN C 285 16.00 -19.33 12.18
CA GLN C 285 15.42 -19.08 10.88
C GLN C 285 16.37 -18.27 10.00
N ILE C 286 16.28 -18.51 8.70
CA ILE C 286 17.07 -17.79 7.70
C ILE C 286 16.23 -16.62 7.20
N ILE C 287 16.85 -15.44 7.14
CA ILE C 287 16.18 -14.22 6.69
C ILE C 287 16.93 -13.68 5.49
N THR C 288 16.19 -13.28 4.45
CA THR C 288 16.79 -12.71 3.25
C THR C 288 15.98 -11.50 2.78
N GLU C 289 15.60 -10.61 3.69
CA GLU C 289 14.76 -9.48 3.34
C GLU C 289 15.49 -8.14 3.41
N GLY C 290 16.05 -7.79 4.56
CA GLY C 290 16.85 -6.58 4.59
C GLY C 290 18.22 -6.74 4.00
N ASN C 291 18.58 -7.96 3.67
CA ASN C 291 19.90 -8.29 3.15
C ASN C 291 19.94 -8.02 1.65
N SER C 292 20.86 -7.15 1.23
CA SER C 292 20.90 -6.73 -0.16
C SER C 292 22.34 -6.76 -0.64
N TRP C 293 22.58 -7.45 -1.76
CA TRP C 293 23.93 -7.60 -2.28
C TRP C 293 24.48 -6.29 -2.82
N SER C 294 23.60 -5.37 -3.21
CA SER C 294 24.05 -4.08 -3.72
C SER C 294 24.81 -3.28 -2.68
N ASN C 295 24.58 -3.53 -1.40
CA ASN C 295 25.36 -2.89 -0.35
C ASN C 295 26.82 -3.31 -0.35
N TYR C 296 27.12 -4.48 -0.90
CA TYR C 296 28.48 -5.00 -0.89
C TYR C 296 29.12 -5.07 -2.26
N ILE C 297 28.36 -4.87 -3.33
CA ILE C 297 28.94 -4.97 -4.68
C ILE C 297 30.06 -3.96 -4.86
N SER C 298 29.87 -2.72 -4.39
CA SER C 298 30.90 -1.70 -4.56
C SER C 298 32.07 -1.94 -3.62
N GLN C 299 31.80 -2.48 -2.43
CA GLN C 299 32.85 -2.64 -1.44
C GLN C 299 33.77 -3.80 -1.79
N ILE C 300 33.21 -4.92 -2.27
CA ILE C 300 34.03 -6.06 -2.65
C ILE C 300 34.92 -5.70 -3.84
N ASP C 301 34.37 -4.98 -4.82
CA ASP C 301 35.13 -4.68 -6.03
C ASP C 301 36.34 -3.80 -5.72
N SER C 302 36.27 -2.98 -4.67
CA SER C 302 37.32 -2.02 -4.38
C SER C 302 38.33 -2.53 -3.36
N VAL C 303 38.32 -3.83 -3.06
CA VAL C 303 39.23 -4.41 -2.09
C VAL C 303 39.89 -5.69 -2.60
N SER C 304 39.60 -6.09 -3.83
CA SER C 304 39.91 -7.42 -4.30
C SER C 304 40.55 -7.37 -5.68
N ALA C 305 40.95 -8.55 -6.16
CA ALA C 305 41.41 -8.73 -7.52
C ALA C 305 40.49 -9.71 -8.24
N SER C 306 40.24 -9.47 -9.52
CA SER C 306 39.34 -10.32 -10.28
C SER C 306 40.11 -11.45 -10.94
N ILE C 307 39.49 -12.63 -10.98
CA ILE C 307 40.06 -13.81 -11.61
C ILE C 307 38.93 -14.57 -12.29
N ILE C 308 39.14 -14.98 -13.53
CA ILE C 308 38.12 -15.68 -14.31
C ILE C 308 38.75 -16.93 -14.91
N LEU C 309 37.99 -18.01 -14.96
CA LEU C 309 38.43 -19.28 -15.50
C LEU C 309 37.49 -19.69 -16.64
N ASP C 310 37.95 -19.53 -17.87
CA ASP C 310 37.12 -19.73 -19.05
C ASP C 310 37.45 -21.12 -19.60
N THR C 311 36.75 -22.13 -19.08
CA THR C 311 37.00 -23.51 -19.48
C THR C 311 36.59 -23.75 -20.93
N GLY C 312 35.68 -22.96 -21.46
CA GLY C 312 35.21 -23.12 -22.81
C GLY C 312 33.77 -23.58 -22.81
N SER C 313 33.48 -24.52 -21.91
CA SER C 313 32.12 -24.98 -21.67
C SER C 313 31.43 -24.20 -20.56
N GLN C 314 32.15 -23.33 -19.86
CA GLN C 314 31.65 -22.72 -18.64
C GLN C 314 32.51 -21.50 -18.33
N THR C 315 32.21 -20.85 -17.21
CA THR C 315 32.99 -19.72 -16.74
C THR C 315 32.76 -19.57 -15.25
N PHE C 316 33.83 -19.22 -14.53
CA PHE C 316 33.80 -19.08 -13.09
C PHE C 316 34.54 -17.80 -12.72
N GLU C 317 33.82 -16.83 -12.19
CA GLU C 317 34.40 -15.54 -11.82
C GLU C 317 34.57 -15.44 -10.31
N ARG C 318 35.76 -15.05 -9.88
CA ARG C 318 36.11 -15.06 -8.46
C ARG C 318 36.64 -13.68 -8.06
N ARG C 319 36.70 -13.46 -6.75
CA ARG C 319 37.20 -12.22 -6.17
C ARG C 319 38.04 -12.60 -4.94
N VAL C 320 39.33 -12.30 -4.99
CA VAL C 320 40.26 -12.63 -3.90
C VAL C 320 40.78 -11.33 -3.31
N ALA C 321 40.78 -11.25 -1.99
CA ALA C 321 41.15 -10.01 -1.31
C ALA C 321 42.64 -9.75 -1.39
N ALA C 322 42.99 -8.49 -1.66
CA ALA C 322 44.39 -8.09 -1.83
C ALA C 322 44.66 -6.87 -0.98
N LYS C 323 45.92 -6.74 -0.56
CA LYS C 323 46.30 -5.70 0.38
C LYS C 323 46.45 -4.35 -0.32
N GLU C 324 46.00 -3.30 0.36
CA GLU C 324 46.17 -1.94 -0.13
C GLU C 324 47.64 -1.54 -0.07
N GLN C 325 48.09 -0.82 -1.10
CA GLN C 325 49.52 -0.68 -1.34
C GLN C 325 50.20 0.16 -0.27
N GLY C 326 49.75 1.39 -0.06
CA GLY C 326 50.46 2.29 0.83
C GLY C 326 50.19 2.08 2.30
N ASN C 327 48.93 1.83 2.65
CA ASN C 327 48.45 1.79 4.03
C ASN C 327 49.26 0.80 4.87
N PRO C 328 49.88 1.28 5.96
CA PRO C 328 50.55 0.37 6.90
C PRO C 328 49.60 -0.32 7.85
N GLU C 329 48.32 0.01 7.81
CA GLU C 329 47.33 -0.57 8.71
C GLU C 329 46.46 -1.62 8.03
N ASP C 330 46.75 -1.95 6.78
CA ASP C 330 46.05 -2.98 6.03
C ASP C 330 46.76 -4.30 6.27
N LYS C 331 46.24 -5.10 7.20
CA LYS C 331 46.89 -6.33 7.62
C LYS C 331 46.42 -7.53 6.81
N THR C 332 45.91 -7.32 5.61
CA THR C 332 45.51 -8.41 4.76
C THR C 332 46.73 -9.25 4.39
N PRO C 333 46.66 -10.58 4.49
CA PRO C 333 47.83 -11.39 4.16
C PRO C 333 48.10 -11.41 2.67
N GLU C 334 49.38 -11.32 2.31
CA GLU C 334 49.79 -11.36 0.92
C GLU C 334 49.94 -12.80 0.46
N ILE C 335 49.56 -13.07 -0.78
CA ILE C 335 49.69 -14.38 -1.39
C ILE C 335 50.06 -14.19 -2.85
N THR C 336 50.66 -15.21 -3.44
CA THR C 336 51.03 -15.13 -4.84
C THR C 336 49.82 -15.40 -5.72
N ILE C 337 50.00 -15.21 -7.02
CA ILE C 337 48.92 -15.42 -7.97
C ILE C 337 48.55 -16.89 -8.06
N GLY C 338 49.53 -17.79 -7.92
CA GLY C 338 49.23 -19.21 -7.98
C GLY C 338 48.41 -19.67 -6.78
N GLU C 339 48.74 -19.16 -5.59
CA GLU C 339 47.96 -19.48 -4.40
C GLU C 339 46.56 -18.89 -4.49
N ALA C 340 46.45 -17.71 -5.10
CA ALA C 340 45.13 -17.12 -5.29
C ALA C 340 44.29 -17.94 -6.25
N ILE C 341 44.89 -18.43 -7.33
CA ILE C 341 44.17 -19.26 -8.28
C ILE C 341 43.80 -20.59 -7.66
N LYS C 342 44.64 -21.12 -6.76
CA LYS C 342 44.30 -22.35 -6.09
C LYS C 342 43.16 -22.15 -5.09
N LYS C 343 43.15 -21.03 -4.38
CA LYS C 343 42.12 -20.80 -3.38
C LYS C 343 40.78 -20.44 -4.01
N ALA C 344 40.80 -19.62 -5.06
CA ALA C 344 39.56 -19.13 -5.65
C ALA C 344 38.76 -20.21 -6.33
N PHE C 345 39.41 -21.22 -6.90
CA PHE C 345 38.72 -22.31 -7.60
C PHE C 345 38.79 -23.63 -6.85
N SER C 346 39.32 -23.63 -5.62
CA SER C 346 39.46 -24.84 -4.83
C SER C 346 40.16 -25.95 -5.60
N ALA C 347 41.07 -25.57 -6.50
CA ALA C 347 41.80 -26.54 -7.30
C ALA C 347 42.69 -27.40 -6.40
N THR C 348 42.76 -28.68 -6.75
CA THR C 348 43.60 -29.65 -6.03
C THR C 348 44.91 -29.80 -6.79
N LYS C 349 46.02 -29.75 -6.05
CA LYS C 349 47.33 -29.74 -6.67
C LYS C 349 47.96 -31.13 -6.65
N ASN C 350 48.81 -31.39 -7.64
CA ASN C 350 49.48 -32.67 -7.80
C ASN C 350 50.94 -32.36 -8.10
N GLY C 351 51.76 -32.31 -7.05
CA GLY C 351 53.13 -31.90 -7.21
C GLY C 351 53.22 -30.46 -7.66
N GLU C 352 53.59 -30.24 -8.93
CA GLU C 352 53.57 -28.93 -9.54
C GLU C 352 52.32 -28.68 -10.37
N LEU C 353 51.57 -29.72 -10.72
CA LEU C 353 50.33 -29.53 -11.46
C LEU C 353 49.26 -28.99 -10.52
N LEU C 354 48.22 -28.40 -11.13
CA LEU C 354 47.12 -27.78 -10.41
C LEU C 354 45.84 -28.14 -11.14
N TYR C 355 45.04 -29.02 -10.54
CA TYR C 355 43.90 -29.61 -11.22
C TYR C 355 42.60 -28.95 -10.78
N PHE C 356 41.84 -28.46 -11.75
CA PHE C 356 40.44 -28.11 -11.56
C PHE C 356 39.65 -29.40 -11.63
N ASN C 357 38.32 -29.30 -11.84
CA ASN C 357 37.45 -30.46 -11.86
C ASN C 357 38.12 -31.70 -12.44
N GLY C 358 38.67 -31.59 -13.64
CA GLY C 358 39.56 -32.62 -14.15
C GLY C 358 40.66 -32.00 -14.98
N ILE C 359 40.63 -30.68 -15.09
CA ILE C 359 41.39 -29.94 -16.08
C ILE C 359 42.64 -29.39 -15.41
N PRO C 360 43.81 -29.46 -16.06
CA PRO C 360 44.98 -28.78 -15.52
C PRO C 360 44.93 -27.29 -15.80
N ILE C 361 45.17 -26.49 -14.75
CA ILE C 361 45.10 -25.04 -14.90
C ILE C 361 46.42 -24.43 -14.43
N ASP C 362 47.47 -25.23 -14.37
CA ASP C 362 48.78 -24.68 -14.03
C ASP C 362 49.29 -23.75 -15.13
N GLU C 363 50.31 -22.98 -14.79
CA GLU C 363 50.70 -21.85 -15.63
C GLU C 363 51.16 -22.27 -17.01
N SER C 364 51.72 -23.48 -17.14
CA SER C 364 52.25 -23.92 -18.42
C SER C 364 51.13 -24.37 -19.36
N CYS C 365 50.00 -24.77 -18.80
CA CYS C 365 48.94 -25.42 -19.56
C CYS C 365 47.72 -24.53 -19.78
N VAL C 366 47.86 -23.21 -19.70
CA VAL C 366 46.74 -22.29 -19.86
C VAL C 366 47.18 -21.12 -20.73
N GLU C 367 46.27 -20.16 -20.90
CA GLU C 367 46.52 -18.96 -21.69
C GLU C 367 46.03 -17.76 -20.89
N LEU C 368 46.93 -17.16 -20.12
CA LEU C 368 46.57 -16.02 -19.28
C LEU C 368 46.36 -14.77 -20.12
N ILE C 369 45.46 -13.90 -19.65
CA ILE C 369 45.13 -12.66 -20.33
C ILE C 369 44.88 -11.59 -19.27
N PHE C 370 45.57 -10.47 -19.38
CA PHE C 370 45.47 -9.38 -18.42
C PHE C 370 45.01 -8.12 -19.12
N ASP C 371 44.67 -7.11 -18.33
CA ASP C 371 44.48 -5.77 -18.85
C ASP C 371 45.83 -5.06 -18.81
N ASP C 372 45.86 -3.79 -19.21
CA ASP C 372 47.14 -3.12 -19.42
C ASP C 372 47.90 -2.93 -18.12
N ASN C 373 47.22 -2.50 -17.06
CA ASN C 373 47.92 -2.21 -15.82
C ASN C 373 48.35 -3.49 -15.10
N THR C 374 47.54 -4.55 -15.20
CA THR C 374 47.95 -5.82 -14.62
C THR C 374 49.18 -6.37 -15.32
N SER C 375 49.17 -6.35 -16.65
CA SER C 375 50.33 -6.78 -17.42
C SER C 375 51.55 -5.94 -17.09
N GLU C 376 51.35 -4.63 -16.88
CA GLU C 376 52.46 -3.78 -16.51
C GLU C 376 53.04 -4.19 -15.16
N ILE C 377 52.18 -4.36 -14.15
CA ILE C 377 52.65 -4.79 -12.83
C ILE C 377 53.40 -6.11 -12.93
N ILE C 378 52.87 -7.07 -13.69
CA ILE C 378 53.45 -8.40 -13.68
C ILE C 378 54.77 -8.42 -14.44
N LYS C 379 54.85 -7.69 -15.56
CA LYS C 379 56.12 -7.59 -16.27
C LYS C 379 57.16 -6.86 -15.44
N GLU C 380 56.78 -5.74 -14.81
CA GLU C 380 57.67 -5.01 -13.93
C GLU C 380 58.22 -5.91 -12.83
N GLN C 381 57.37 -6.73 -12.23
CA GLN C 381 57.77 -7.50 -11.06
C GLN C 381 58.42 -8.84 -11.42
N LEU C 382 58.31 -9.27 -12.68
CA LEU C 382 58.99 -10.49 -13.09
C LEU C 382 60.50 -10.29 -13.17
N LYS C 383 60.95 -9.06 -13.43
CA LYS C 383 62.38 -8.81 -13.57
C LYS C 383 63.07 -8.75 -12.21
N TYR C 384 62.51 -7.97 -11.28
CA TYR C 384 63.07 -7.82 -9.94
C TYR C 384 62.83 -9.04 -9.07
N LEU C 385 62.37 -10.11 -9.69
CA LEU C 385 62.12 -11.39 -9.03
C LEU C 385 63.03 -12.43 -9.66
N ASP C 386 63.12 -13.57 -9.00
CA ASP C 386 63.74 -14.76 -9.58
C ASP C 386 62.65 -15.75 -9.97
N ASP C 387 63.03 -16.74 -10.77
CA ASP C 387 62.11 -17.80 -11.19
C ASP C 387 60.88 -17.20 -11.88
N LYS C 388 61.10 -16.70 -13.09
CA LYS C 388 60.14 -15.81 -13.76
C LYS C 388 58.91 -16.61 -14.19
N LYS C 389 58.12 -17.02 -13.21
CA LYS C 389 56.82 -17.62 -13.41
C LYS C 389 55.75 -16.64 -12.94
N ILE C 390 54.73 -16.45 -13.78
CA ILE C 390 53.67 -15.49 -13.45
C ILE C 390 52.89 -15.92 -12.21
N TYR C 391 52.94 -17.20 -11.87
CA TYR C 391 52.27 -17.69 -10.66
C TYR C 391 53.08 -17.43 -9.40
N ASN C 392 54.12 -16.61 -9.47
CA ASN C 392 54.94 -16.29 -8.32
C ASN C 392 54.91 -14.82 -7.95
N VAL C 393 54.39 -13.96 -8.81
CA VAL C 393 54.08 -12.57 -8.46
C VAL C 393 52.92 -12.63 -7.50
N LYS C 394 52.67 -11.54 -6.75
CA LYS C 394 51.67 -11.62 -5.67
C LYS C 394 50.62 -10.51 -5.74
N LEU C 395 49.61 -10.73 -6.58
CA LEU C 395 48.24 -10.28 -6.39
C LEU C 395 48.06 -8.87 -5.81
N GLU C 396 48.45 -7.83 -6.53
CA GLU C 396 48.06 -6.50 -6.10
C GLU C 396 46.58 -6.28 -6.38
N ARG C 397 46.01 -5.25 -5.73
CA ARG C 397 44.63 -4.90 -5.97
C ARG C 397 44.41 -4.46 -7.41
N GLY C 398 43.18 -4.58 -7.87
CA GLY C 398 42.82 -4.15 -9.21
C GLY C 398 43.34 -5.02 -10.33
N MET C 399 44.00 -6.14 -10.02
CA MET C 399 44.43 -7.05 -11.07
C MET C 399 43.24 -7.70 -11.74
N ASN C 400 43.39 -8.00 -13.02
CA ASN C 400 42.35 -8.65 -13.83
C ASN C 400 43.01 -9.79 -14.58
N ILE C 401 42.79 -11.01 -14.13
CA ILE C 401 43.33 -12.19 -14.78
C ILE C 401 42.20 -12.96 -15.43
N LEU C 402 42.44 -13.48 -16.64
CA LEU C 402 41.48 -14.34 -17.33
C LEU C 402 42.22 -15.56 -17.83
N ILE C 403 41.94 -16.71 -17.23
CA ILE C 403 42.61 -17.97 -17.55
C ILE C 403 41.79 -18.66 -18.64
N LYS C 404 42.34 -18.71 -19.85
CA LYS C 404 41.72 -19.42 -20.96
C LYS C 404 42.28 -20.83 -21.03
N VAL C 405 41.40 -21.83 -20.95
CA VAL C 405 41.81 -23.22 -21.12
C VAL C 405 41.84 -23.54 -22.61
N PRO C 406 42.95 -24.08 -23.12
CA PRO C 406 43.10 -24.22 -24.57
C PRO C 406 42.23 -25.32 -25.14
N SER C 407 41.75 -25.09 -26.36
CA SER C 407 40.86 -26.04 -27.02
C SER C 407 41.58 -27.34 -27.35
N TYR C 408 42.70 -27.25 -28.07
CA TYR C 408 43.53 -28.39 -28.38
C TYR C 408 44.91 -28.17 -27.76
N PHE C 409 45.42 -29.20 -27.09
CA PHE C 409 46.66 -29.08 -26.35
C PHE C 409 47.21 -30.46 -26.06
N THR C 410 48.48 -30.69 -26.41
CA THR C 410 49.16 -31.95 -26.16
C THR C 410 50.30 -31.72 -25.18
N ASN C 411 50.43 -32.63 -24.22
CA ASN C 411 51.31 -32.44 -23.06
C ASN C 411 52.70 -33.00 -23.36
N PHE C 412 53.68 -32.11 -23.37
CA PHE C 412 55.07 -32.49 -23.58
C PHE C 412 55.98 -31.90 -22.50
N GLU D 7 29.92 -37.26 30.94
CA GLU D 7 29.97 -35.89 30.45
C GLU D 7 28.75 -35.55 29.61
N ASP D 8 28.22 -34.34 29.80
CA ASP D 8 27.08 -33.84 29.03
C ASP D 8 27.37 -32.43 28.57
N LEU D 9 27.66 -32.28 27.28
CA LEU D 9 27.92 -30.99 26.69
C LEU D 9 27.26 -30.94 25.32
N ASP D 10 26.63 -29.81 25.00
CA ASP D 10 25.79 -29.66 23.82
C ASP D 10 26.39 -28.56 22.94
N THR D 11 27.21 -28.96 21.97
CA THR D 11 27.99 -27.98 21.22
C THR D 11 27.10 -27.11 20.33
N ASP D 12 26.23 -27.73 19.53
CA ASP D 12 25.35 -26.98 18.65
C ASP D 12 24.20 -26.29 19.37
N ASN D 13 24.00 -26.61 20.65
CA ASN D 13 22.97 -25.98 21.48
C ASN D 13 21.57 -26.20 20.90
N ASP D 14 21.15 -27.46 20.88
CA ASP D 14 19.81 -27.82 20.46
C ASP D 14 19.17 -28.87 21.35
N ASN D 15 19.61 -28.97 22.60
CA ASN D 15 19.02 -29.78 23.66
C ASN D 15 19.26 -31.27 23.50
N ILE D 16 20.19 -31.68 22.64
CA ILE D 16 20.60 -33.06 22.52
C ILE D 16 22.11 -33.10 22.69
N PRO D 17 22.64 -33.78 23.72
CA PRO D 17 24.10 -33.79 23.92
C PRO D 17 24.82 -34.45 22.76
N ASP D 18 26.14 -34.25 22.75
CA ASP D 18 26.95 -34.74 21.63
C ASP D 18 26.98 -36.26 21.60
N ALA D 19 27.10 -36.90 22.76
CA ALA D 19 27.22 -38.34 22.81
C ALA D 19 25.95 -39.03 22.33
N TYR D 20 24.79 -38.53 22.79
CA TYR D 20 23.52 -39.05 22.31
C TYR D 20 23.40 -38.85 20.81
N GLU D 21 23.77 -37.65 20.34
CA GLU D 21 23.56 -37.31 18.95
C GLU D 21 24.44 -38.12 18.01
N LYS D 22 25.63 -38.53 18.46
CA LYS D 22 26.51 -39.30 17.59
C LYS D 22 26.43 -40.80 17.82
N ASN D 23 25.80 -41.25 18.91
CA ASN D 23 25.65 -42.68 19.14
C ASN D 23 24.21 -43.17 18.99
N GLY D 24 23.23 -42.31 19.17
CA GLY D 24 21.83 -42.70 19.03
C GLY D 24 21.03 -42.29 20.24
N TYR D 25 19.84 -41.75 19.99
CA TYR D 25 18.99 -41.26 21.05
C TYR D 25 17.53 -41.47 20.65
N THR D 26 16.63 -41.08 21.57
CA THR D 26 15.22 -41.01 21.29
C THR D 26 14.60 -40.06 22.31
N ILE D 27 13.35 -39.68 22.06
CA ILE D 27 12.67 -38.68 22.88
C ILE D 27 11.62 -39.38 23.72
N LYS D 28 11.66 -39.14 25.03
CA LYS D 28 10.68 -39.69 25.97
C LYS D 28 10.21 -38.57 26.88
N ASP D 29 8.93 -38.23 26.80
CA ASP D 29 8.34 -37.13 27.56
C ASP D 29 9.06 -35.81 27.24
N SER D 30 9.47 -35.67 25.98
CA SER D 30 10.11 -34.46 25.46
C SER D 30 11.47 -34.18 26.09
N ILE D 31 12.25 -35.23 26.34
CA ILE D 31 13.66 -35.10 26.69
C ILE D 31 14.40 -36.22 25.98
N ALA D 32 15.54 -35.88 25.38
CA ALA D 32 16.33 -36.89 24.67
C ALA D 32 16.98 -37.82 25.67
N VAL D 33 16.91 -39.12 25.40
CA VAL D 33 17.49 -40.14 26.28
C VAL D 33 18.41 -41.03 25.46
N LYS D 34 19.38 -41.62 26.14
CA LYS D 34 20.33 -42.52 25.49
C LYS D 34 19.62 -43.78 25.01
N TRP D 35 19.87 -44.14 23.75
CA TRP D 35 19.18 -45.27 23.14
C TRP D 35 19.54 -46.57 23.85
N ASN D 36 18.51 -47.32 24.25
CA ASN D 36 18.66 -48.69 24.69
C ASN D 36 17.87 -49.57 23.73
N ASP D 37 18.50 -50.65 23.27
CA ASP D 37 17.87 -51.51 22.27
C ASP D 37 16.64 -52.24 22.83
N SER D 38 16.35 -52.09 24.12
CA SER D 38 15.18 -52.74 24.70
C SER D 38 13.89 -52.15 24.14
N PHE D 39 13.77 -50.82 24.15
CA PHE D 39 12.52 -50.17 23.78
C PHE D 39 12.40 -49.88 22.30
N ALA D 40 13.03 -50.69 21.45
CA ALA D 40 12.69 -50.67 20.04
C ALA D 40 11.39 -51.41 19.75
N GLU D 41 10.91 -52.25 20.66
CA GLU D 41 9.61 -52.89 20.50
C GLU D 41 8.52 -52.27 21.35
N GLN D 42 8.83 -51.21 22.10
CA GLN D 42 7.77 -50.41 22.70
C GLN D 42 7.25 -49.36 21.73
N GLY D 43 7.93 -49.15 20.61
CA GLY D 43 7.47 -48.26 19.57
C GLY D 43 8.43 -47.14 19.21
N TYR D 44 9.55 -47.00 19.91
CA TYR D 44 10.43 -45.86 19.68
C TYR D 44 11.39 -46.14 18.53
N LYS D 45 11.99 -45.06 18.04
CA LYS D 45 12.91 -45.12 16.91
C LYS D 45 14.25 -44.50 17.32
N LYS D 46 15.31 -44.98 16.67
CA LYS D 46 16.66 -44.55 16.98
C LYS D 46 17.03 -43.43 16.02
N TYR D 47 17.30 -42.25 16.57
CA TYR D 47 17.68 -41.10 15.77
C TYR D 47 19.16 -40.81 15.94
N VAL D 48 19.80 -40.44 14.84
CA VAL D 48 21.15 -39.92 14.86
C VAL D 48 21.17 -38.64 14.03
N SER D 49 22.07 -37.74 14.37
CA SER D 49 22.20 -36.48 13.65
C SER D 49 23.55 -35.87 13.95
N SER D 50 23.77 -34.66 13.44
CA SER D 50 25.05 -34.00 13.58
C SER D 50 25.11 -33.25 14.90
N TYR D 51 26.19 -33.45 15.64
CA TYR D 51 26.37 -32.77 16.92
C TYR D 51 27.02 -31.40 16.77
N LEU D 52 27.35 -31.00 15.55
CA LEU D 52 27.85 -29.66 15.28
C LEU D 52 26.89 -28.82 14.45
N GLU D 53 25.81 -29.41 13.94
CA GLU D 53 24.79 -28.70 13.20
C GLU D 53 23.49 -28.72 14.00
N SER D 54 22.81 -27.58 14.02
CA SER D 54 21.52 -27.51 14.71
C SER D 54 20.40 -28.05 13.83
N ASN D 55 20.40 -27.67 12.55
CA ASN D 55 19.49 -28.20 11.55
C ASN D 55 20.28 -29.15 10.67
N THR D 56 20.31 -30.42 11.06
CA THR D 56 21.14 -31.40 10.35
C THR D 56 20.72 -31.54 8.90
N ALA D 57 19.42 -31.51 8.63
CA ALA D 57 18.92 -31.71 7.29
C ALA D 57 18.84 -30.43 6.47
N GLY D 58 18.95 -29.27 7.10
CA GLY D 58 18.89 -28.02 6.38
C GLY D 58 17.51 -27.41 6.25
N ASP D 59 16.53 -27.90 6.99
CA ASP D 59 15.17 -27.40 6.91
C ASP D 59 14.93 -26.37 8.00
N PRO D 60 13.77 -25.71 8.02
CA PRO D 60 13.54 -24.67 9.03
C PRO D 60 13.46 -25.17 10.46
N TYR D 61 13.45 -26.48 10.67
CA TYR D 61 13.24 -27.06 11.98
C TYR D 61 14.52 -27.74 12.46
N THR D 62 14.76 -27.68 13.77
CA THR D 62 15.99 -28.21 14.32
C THR D 62 15.89 -29.71 14.52
N ASP D 63 16.93 -30.30 15.10
CA ASP D 63 16.93 -31.74 15.32
C ASP D 63 16.00 -32.11 16.46
N TYR D 64 15.93 -31.27 17.50
CA TYR D 64 15.07 -31.59 18.63
C TYR D 64 13.61 -31.38 18.28
N GLN D 65 13.30 -30.40 17.42
CA GLN D 65 11.91 -30.18 17.02
C GLN D 65 11.41 -31.32 16.15
N LYS D 66 12.27 -31.82 15.26
CA LYS D 66 11.87 -32.94 14.42
C LYS D 66 11.77 -34.23 15.23
N ALA D 67 12.80 -34.55 16.00
CA ALA D 67 12.78 -35.78 16.80
C ALA D 67 11.63 -35.78 17.78
N SER D 68 11.46 -34.69 18.54
CA SER D 68 10.41 -34.64 19.56
C SER D 68 9.02 -34.47 18.97
N GLY D 69 8.91 -34.18 17.69
CA GLY D 69 7.62 -34.00 17.06
C GLY D 69 6.95 -32.66 17.31
N SER D 70 7.64 -31.71 17.94
CA SER D 70 7.04 -30.42 18.28
C SER D 70 7.10 -29.47 17.09
N ILE D 71 6.59 -29.95 15.96
CA ILE D 71 6.51 -29.17 14.75
C ILE D 71 5.08 -29.23 14.24
N ASP D 72 4.85 -28.64 13.06
CA ASP D 72 3.57 -28.76 12.38
C ASP D 72 3.09 -30.21 12.38
N LYS D 73 1.86 -30.43 12.84
CA LYS D 73 1.33 -31.78 12.86
C LYS D 73 0.86 -32.23 11.49
N ALA D 74 0.92 -31.36 10.48
CA ALA D 74 0.60 -31.74 9.11
C ALA D 74 1.81 -32.29 8.38
N ILE D 75 2.99 -32.26 8.99
CA ILE D 75 4.20 -32.78 8.37
C ILE D 75 4.23 -34.29 8.51
N LYS D 76 4.53 -34.97 7.40
CA LYS D 76 4.61 -36.43 7.40
C LYS D 76 5.64 -36.91 8.40
N LEU D 77 5.37 -38.07 9.01
CA LEU D 77 6.27 -38.57 10.05
C LEU D 77 7.56 -39.13 9.48
N GLU D 78 7.68 -39.24 8.16
CA GLU D 78 8.99 -39.37 7.54
C GLU D 78 9.95 -38.35 8.12
N ALA D 79 9.60 -37.07 8.03
CA ALA D 79 10.40 -35.93 8.40
C ALA D 79 10.49 -35.72 9.88
N ARG D 80 10.05 -36.63 10.74
CA ARG D 80 10.39 -36.54 12.15
C ARG D 80 11.77 -37.10 12.43
N ASP D 81 12.48 -37.53 11.43
CA ASP D 81 13.83 -38.06 11.46
C ASP D 81 14.81 -36.96 11.10
N PRO D 82 15.78 -36.64 11.96
CA PRO D 82 16.69 -35.52 11.67
C PRO D 82 17.43 -35.62 10.35
N LEU D 83 17.40 -36.78 9.69
CA LEU D 83 18.10 -36.93 8.43
C LEU D 83 17.21 -36.70 7.22
N VAL D 84 15.91 -36.87 7.36
CA VAL D 84 14.97 -36.57 6.29
C VAL D 84 14.55 -35.11 6.41
N ALA D 85 14.51 -34.42 5.28
CA ALA D 85 14.16 -33.01 5.26
C ALA D 85 12.66 -32.84 5.10
N ALA D 86 12.06 -32.03 5.96
CA ALA D 86 10.68 -31.61 5.80
C ALA D 86 10.65 -30.61 4.64
N TYR D 87 10.11 -31.03 3.51
CA TYR D 87 10.34 -30.28 2.29
C TYR D 87 9.24 -30.55 1.28
N PRO D 88 8.51 -29.53 0.84
CA PRO D 88 7.44 -29.76 -0.12
C PRO D 88 7.93 -29.71 -1.55
N VAL D 89 7.25 -30.46 -2.42
CA VAL D 89 7.56 -30.51 -3.84
C VAL D 89 6.24 -30.20 -4.56
N VAL D 90 6.06 -28.95 -4.96
CA VAL D 90 4.80 -28.48 -5.52
C VAL D 90 4.94 -28.35 -7.03
N GLY D 91 3.92 -28.79 -7.76
CA GLY D 91 3.90 -28.65 -9.20
C GLY D 91 2.50 -28.36 -9.69
N VAL D 92 2.43 -27.69 -10.83
CA VAL D 92 1.18 -27.27 -11.43
C VAL D 92 0.95 -28.09 -12.69
N GLY D 93 -0.30 -28.50 -12.91
CA GLY D 93 -0.67 -29.20 -14.12
C GLY D 93 -1.91 -28.60 -14.76
N MET D 94 -1.86 -28.36 -16.07
CA MET D 94 -2.97 -27.74 -16.77
C MET D 94 -3.96 -28.78 -17.24
N GLU D 95 -5.25 -28.44 -17.20
CA GLU D 95 -6.32 -29.37 -17.53
C GLU D 95 -7.00 -29.06 -18.86
N ASN D 96 -7.23 -27.80 -19.19
CA ASN D 96 -7.62 -27.42 -20.54
C ASN D 96 -7.33 -25.94 -20.73
N LEU D 97 -7.52 -25.47 -21.96
CA LEU D 97 -7.19 -24.10 -22.33
C LEU D 97 -8.36 -23.51 -23.11
N ILE D 98 -8.85 -22.37 -22.66
CA ILE D 98 -9.95 -21.67 -23.30
C ILE D 98 -9.40 -20.42 -23.99
N ILE D 99 -9.82 -20.19 -25.22
CA ILE D 99 -9.34 -19.09 -26.04
C ILE D 99 -10.51 -18.19 -26.40
N SER D 100 -10.40 -16.91 -26.08
CA SER D 100 -11.44 -15.92 -26.31
C SER D 100 -10.94 -14.94 -27.38
N THR D 101 -11.39 -15.12 -28.62
CA THR D 101 -11.00 -14.24 -29.70
C THR D 101 -11.75 -12.92 -29.55
N ASN D 102 -11.02 -11.82 -29.38
CA ASN D 102 -11.65 -10.51 -29.16
C ASN D 102 -11.76 -9.74 -30.47
N GLU D 103 -12.53 -10.31 -31.39
CA GLU D 103 -12.90 -9.61 -32.59
C GLU D 103 -14.17 -8.79 -32.34
N HIS D 104 -14.31 -7.72 -33.10
CA HIS D 104 -15.42 -6.79 -32.94
C HIS D 104 -16.35 -6.94 -34.15
N ALA D 105 -17.48 -7.60 -33.94
CA ALA D 105 -18.46 -7.78 -34.99
C ALA D 105 -19.44 -6.61 -35.00
N SER D 106 -20.00 -6.33 -36.18
CA SER D 106 -20.88 -5.19 -36.36
C SER D 106 -22.00 -5.59 -37.30
N SER D 107 -23.07 -4.80 -37.30
CA SER D 107 -24.23 -5.05 -38.15
C SER D 107 -25.13 -3.83 -38.21
N ASP D 108 -25.56 -3.43 -39.40
CA ASP D 108 -26.41 -2.27 -39.56
C ASP D 108 -27.58 -2.59 -40.49
N GLN D 109 -28.58 -1.72 -40.47
CA GLN D 109 -29.70 -1.79 -41.38
C GLN D 109 -30.02 -0.38 -41.84
N GLY D 110 -30.68 -0.27 -42.99
CA GLY D 110 -30.94 1.05 -43.53
C GLY D 110 -32.32 1.12 -44.16
N LYS D 111 -32.73 2.35 -44.43
CA LYS D 111 -34.00 2.63 -45.10
C LYS D 111 -33.99 4.08 -45.55
N THR D 112 -34.35 4.30 -46.80
CA THR D 112 -34.24 5.63 -47.40
C THR D 112 -35.51 5.92 -48.18
N VAL D 113 -35.95 7.18 -48.16
CA VAL D 113 -37.07 7.65 -48.97
C VAL D 113 -36.62 8.90 -49.69
N SER D 114 -37.20 9.15 -50.86
CA SER D 114 -36.80 10.31 -51.64
C SER D 114 -37.97 10.80 -52.47
N ARG D 115 -37.84 12.02 -52.99
CA ARG D 115 -38.83 12.58 -53.91
C ARG D 115 -38.19 13.71 -54.68
N ALA D 116 -38.04 13.54 -55.99
CA ALA D 116 -37.55 14.59 -56.87
C ALA D 116 -38.72 15.22 -57.61
N THR D 117 -38.47 16.39 -58.18
CA THR D 117 -39.48 17.05 -59.00
C THR D 117 -38.79 17.97 -59.98
N THR D 118 -38.75 17.58 -61.24
CA THR D 118 -38.06 18.33 -62.29
C THR D 118 -39.08 19.21 -63.00
N ASN D 119 -38.63 20.37 -63.46
CA ASN D 119 -39.45 21.30 -64.24
C ASN D 119 -38.61 21.78 -65.41
N SER D 120 -38.88 21.24 -66.59
CA SER D 120 -38.13 21.58 -67.79
C SER D 120 -38.86 22.66 -68.60
N LYS D 121 -38.13 23.23 -69.55
CA LYS D 121 -38.68 24.23 -70.47
C LYS D 121 -37.68 24.41 -71.60
N THR D 122 -38.17 24.45 -72.84
CA THR D 122 -37.30 24.30 -73.99
C THR D 122 -37.78 25.16 -75.16
N ASP D 123 -36.83 25.62 -75.98
CA ASP D 123 -37.09 26.31 -77.23
C ASP D 123 -36.28 25.67 -78.35
N ALA D 124 -36.82 25.73 -79.57
CA ALA D 124 -36.14 25.10 -80.69
C ALA D 124 -36.53 25.80 -82.00
N ASN D 125 -35.62 26.58 -82.55
CA ASN D 125 -35.78 27.13 -83.88
C ASN D 125 -35.28 26.12 -84.91
N THR D 126 -35.77 26.27 -86.14
CA THR D 126 -35.37 25.36 -87.22
C THR D 126 -35.54 26.06 -88.56
N VAL D 127 -34.43 26.29 -89.25
CA VAL D 127 -34.45 26.87 -90.58
C VAL D 127 -33.86 25.86 -91.55
N GLY D 128 -34.36 25.88 -92.78
CA GLY D 128 -33.91 24.90 -93.75
C GLY D 128 -34.24 25.21 -95.19
N VAL D 129 -33.32 24.89 -96.09
CA VAL D 129 -33.49 25.07 -97.52
C VAL D 129 -33.55 23.70 -98.18
N SER D 130 -34.51 23.50 -99.07
CA SER D 130 -34.61 22.27 -99.84
C SER D 130 -34.88 22.62 -101.30
N ILE D 131 -33.98 22.20 -102.18
CA ILE D 131 -34.09 22.44 -103.61
C ILE D 131 -34.28 21.11 -104.32
N SER D 132 -35.16 21.11 -105.32
CA SER D 132 -35.46 19.92 -106.12
C SER D 132 -35.35 20.29 -107.59
N ALA D 133 -34.79 19.38 -108.38
CA ALA D 133 -34.65 19.56 -109.82
C ALA D 133 -34.80 18.21 -110.50
N GLY D 134 -35.96 17.95 -111.08
CA GLY D 134 -36.21 16.66 -111.71
C GLY D 134 -37.16 16.75 -112.88
N TYR D 135 -36.78 16.16 -114.01
CA TYR D 135 -37.54 16.30 -115.25
C TYR D 135 -38.83 15.50 -115.14
N GLN D 136 -39.92 16.18 -114.77
CA GLN D 136 -41.23 15.54 -114.75
C GLN D 136 -41.64 15.14 -116.17
N ASN D 137 -41.78 16.12 -117.06
CA ASN D 137 -41.96 15.85 -118.47
C ASN D 137 -40.86 16.48 -119.32
N GLY D 138 -40.56 17.76 -119.12
CA GLY D 138 -39.43 18.35 -119.81
C GLY D 138 -38.43 19.03 -118.89
N PHE D 139 -38.90 19.54 -117.75
CA PHE D 139 -38.07 20.27 -116.81
C PHE D 139 -38.91 20.61 -115.59
N THR D 140 -38.23 20.85 -114.46
CA THR D 140 -38.89 21.26 -113.24
C THR D 140 -37.86 21.92 -112.34
N GLY D 141 -38.31 22.83 -111.48
CA GLY D 141 -37.45 23.45 -110.49
C GLY D 141 -38.25 23.77 -109.25
N ASN D 142 -37.55 23.82 -108.12
CA ASN D 142 -38.21 24.12 -106.85
C ASN D 142 -37.17 24.57 -105.84
N ILE D 143 -37.47 25.66 -105.14
CA ILE D 143 -36.65 26.16 -104.04
C ILE D 143 -37.56 26.45 -102.86
N THR D 144 -37.44 25.66 -101.80
CA THR D 144 -38.31 25.75 -100.64
C THR D 144 -37.53 26.27 -99.45
N THR D 145 -38.14 27.17 -98.69
CA THR D 145 -37.57 27.68 -97.45
C THR D 145 -38.62 27.59 -96.35
N SER D 146 -38.19 27.19 -95.15
CA SER D 146 -39.12 26.94 -94.07
C SER D 146 -38.52 27.40 -92.75
N TYR D 147 -39.40 27.74 -91.82
CA TYR D 147 -39.01 28.18 -90.48
C TYR D 147 -39.99 27.57 -89.48
N SER D 148 -39.51 27.31 -88.26
CA SER D 148 -40.33 26.70 -87.23
C SER D 148 -39.84 27.16 -85.87
N HIS D 149 -40.69 26.96 -84.87
CA HIS D 149 -40.34 27.31 -83.50
C HIS D 149 -41.22 26.50 -82.56
N THR D 150 -40.59 25.67 -81.72
CA THR D 150 -41.30 24.80 -80.80
C THR D 150 -41.06 25.26 -79.37
N THR D 151 -42.10 25.14 -78.55
CA THR D 151 -42.05 25.50 -77.14
C THR D 151 -42.48 24.30 -76.32
N ASP D 152 -41.77 24.07 -75.22
CA ASP D 152 -41.93 22.85 -74.45
C ASP D 152 -42.07 23.17 -72.97
N ASN D 153 -42.80 22.30 -72.28
CA ASN D 153 -42.90 22.31 -70.82
C ASN D 153 -42.93 20.86 -70.38
N SER D 154 -42.30 20.57 -69.24
CA SER D 154 -42.27 19.22 -68.72
C SER D 154 -42.59 19.25 -67.23
N THR D 155 -42.94 18.09 -66.70
CA THR D 155 -43.25 17.95 -65.28
C THR D 155 -42.97 16.50 -64.89
N ALA D 156 -41.86 16.27 -64.20
CA ALA D 156 -41.44 14.94 -63.81
C ALA D 156 -41.50 14.84 -62.29
N VAL D 157 -42.09 13.77 -61.78
CA VAL D 157 -42.12 13.47 -60.35
C VAL D 157 -41.52 12.08 -60.19
N GLN D 158 -40.69 11.91 -59.15
CA GLN D 158 -40.00 10.66 -58.93
C GLN D 158 -40.04 10.32 -57.46
N ASP D 159 -40.31 9.06 -57.15
CA ASP D 159 -40.27 8.56 -55.79
C ASP D 159 -39.22 7.45 -55.71
N SER D 160 -38.67 7.26 -54.52
CA SER D 160 -37.63 6.26 -54.34
C SER D 160 -37.78 5.61 -52.98
N ASN D 161 -37.37 4.35 -52.90
CA ASN D 161 -37.33 3.59 -51.66
C ASN D 161 -36.09 2.72 -51.68
N GLY D 162 -35.24 2.88 -50.67
CA GLY D 162 -34.01 2.12 -50.60
C GLY D 162 -33.94 1.30 -49.34
N GLU D 163 -33.02 0.34 -49.36
CA GLU D 163 -32.73 -0.51 -48.21
C GLU D 163 -31.27 -0.93 -48.27
N SER D 164 -30.73 -1.33 -47.13
CA SER D 164 -29.35 -1.76 -47.06
C SER D 164 -29.13 -2.49 -45.75
N TRP D 165 -28.11 -3.32 -45.74
CA TRP D 165 -27.64 -3.93 -44.50
C TRP D 165 -26.17 -4.25 -44.65
N ASN D 166 -25.40 -4.00 -43.59
CA ASN D 166 -23.96 -4.20 -43.59
C ASN D 166 -23.58 -5.10 -42.43
N THR D 167 -22.47 -5.82 -42.61
CA THR D 167 -21.86 -6.61 -41.55
C THR D 167 -20.35 -6.40 -41.63
N GLY D 168 -19.73 -6.09 -40.49
CA GLY D 168 -18.32 -5.87 -40.44
C GLY D 168 -17.67 -6.69 -39.33
N LEU D 169 -16.35 -6.86 -39.46
CA LEU D 169 -15.60 -7.65 -38.48
C LEU D 169 -14.18 -7.10 -38.43
N SER D 170 -13.77 -6.63 -37.26
CA SER D 170 -12.46 -6.04 -37.05
C SER D 170 -11.64 -6.92 -36.11
N ILE D 171 -10.33 -6.67 -36.10
CA ILE D 171 -9.45 -7.37 -35.17
C ILE D 171 -8.17 -6.56 -35.03
N ASN D 172 -7.65 -6.51 -33.81
CA ASN D 172 -6.31 -6.01 -33.54
C ASN D 172 -5.36 -7.20 -33.68
N LYS D 173 -4.30 -7.03 -34.47
CA LYS D 173 -3.43 -8.15 -34.75
C LYS D 173 -2.32 -8.32 -33.73
N GLY D 174 -2.35 -7.54 -32.65
CA GLY D 174 -1.36 -7.69 -31.59
C GLY D 174 -1.98 -8.23 -30.32
N GLU D 175 -3.30 -8.18 -30.25
CA GLU D 175 -4.05 -8.71 -29.10
C GLU D 175 -5.24 -9.51 -29.60
N SER D 176 -4.99 -10.42 -30.55
CA SER D 176 -6.05 -11.11 -31.25
C SER D 176 -6.91 -12.01 -30.38
N ALA D 177 -6.41 -12.49 -29.25
CA ALA D 177 -7.18 -13.38 -28.41
C ALA D 177 -6.65 -13.33 -26.99
N TYR D 178 -7.48 -13.76 -26.05
CA TYR D 178 -7.10 -13.87 -24.65
C TYR D 178 -7.09 -15.34 -24.25
N ILE D 179 -6.14 -15.69 -23.40
CA ILE D 179 -5.86 -17.07 -23.02
C ILE D 179 -6.33 -17.30 -21.59
N ASN D 180 -6.93 -18.46 -21.35
CA ASN D 180 -7.41 -18.86 -20.04
C ASN D 180 -7.01 -20.30 -19.79
N ALA D 181 -6.19 -20.53 -18.77
CA ALA D 181 -5.71 -21.86 -18.42
C ALA D 181 -6.39 -22.34 -17.14
N ASN D 182 -6.76 -23.62 -17.12
CA ASN D 182 -7.38 -24.25 -15.95
C ASN D 182 -6.34 -25.18 -15.35
N VAL D 183 -5.84 -24.83 -14.16
CA VAL D 183 -4.69 -25.52 -13.60
C VAL D 183 -5.05 -26.13 -12.24
N ARG D 184 -4.15 -26.95 -11.71
CA ARG D 184 -4.29 -27.52 -10.37
C ARG D 184 -2.91 -27.72 -9.80
N TYR D 185 -2.78 -27.62 -8.48
CA TYR D 185 -1.49 -27.78 -7.82
C TYR D 185 -1.41 -29.14 -7.15
N TYR D 186 -0.19 -29.66 -7.06
CA TYR D 186 0.06 -30.95 -6.42
C TYR D 186 1.19 -30.79 -5.42
N ASN D 187 1.09 -31.49 -4.29
CA ASN D 187 2.16 -31.53 -3.31
C ASN D 187 2.56 -32.98 -3.09
N THR D 188 3.75 -33.34 -3.53
CA THR D 188 4.28 -34.69 -3.37
C THR D 188 5.48 -34.74 -2.43
N GLY D 189 5.59 -33.79 -1.51
CA GLY D 189 6.68 -33.77 -0.55
C GLY D 189 6.25 -34.29 0.80
N THR D 190 6.97 -33.85 1.84
CA THR D 190 6.67 -34.27 3.20
C THR D 190 6.07 -33.19 4.07
N ALA D 191 6.10 -31.93 3.65
CA ALA D 191 5.62 -30.84 4.48
C ALA D 191 4.56 -30.04 3.74
N PRO D 192 3.61 -29.47 4.45
CA PRO D 192 2.62 -28.60 3.81
C PRO D 192 3.24 -27.27 3.41
N MET D 193 2.60 -26.63 2.44
CA MET D 193 3.01 -25.30 2.00
C MET D 193 1.83 -24.36 2.08
N TYR D 194 2.04 -23.20 2.68
CA TYR D 194 1.01 -22.20 2.84
C TYR D 194 1.24 -21.06 1.86
N LYS D 195 0.14 -20.43 1.45
CA LYS D 195 0.19 -19.29 0.54
C LYS D 195 0.92 -19.67 -0.75
N VAL D 196 0.52 -20.81 -1.32
CA VAL D 196 1.19 -21.37 -2.48
C VAL D 196 1.09 -20.42 -3.66
N THR D 197 2.24 -19.98 -4.16
CA THR D 197 2.31 -18.99 -5.23
C THR D 197 3.19 -19.50 -6.36
N PRO D 198 2.62 -20.22 -7.32
CA PRO D 198 3.41 -20.74 -8.44
C PRO D 198 3.68 -19.71 -9.52
N THR D 199 4.76 -19.96 -10.26
CA THR D 199 5.14 -19.17 -11.43
C THR D 199 5.29 -20.11 -12.61
N THR D 200 4.47 -19.92 -13.64
CA THR D 200 4.40 -20.85 -14.74
C THR D 200 4.67 -20.15 -16.07
N ASN D 201 5.29 -20.87 -16.99
CA ASN D 201 5.45 -20.44 -18.37
C ASN D 201 4.31 -20.99 -19.21
N LEU D 202 3.91 -20.21 -20.22
CA LEU D 202 2.95 -20.65 -21.22
C LEU D 202 3.70 -20.71 -22.54
N VAL D 203 3.95 -21.92 -23.02
CA VAL D 203 4.82 -22.15 -24.17
C VAL D 203 4.01 -22.63 -25.36
N LEU D 204 4.23 -22.00 -26.52
CA LEU D 204 3.50 -22.34 -27.74
C LEU D 204 4.50 -22.40 -28.90
N ASP D 205 4.88 -23.61 -29.28
CA ASP D 205 5.69 -23.85 -30.48
C ASP D 205 7.04 -23.16 -30.41
N GLY D 206 7.74 -23.37 -29.29
CA GLY D 206 9.10 -22.94 -29.13
C GLY D 206 9.27 -21.54 -28.58
N GLU D 207 8.18 -20.80 -28.43
CA GLU D 207 8.24 -19.45 -27.86
C GLU D 207 7.39 -19.38 -26.60
N THR D 208 7.87 -18.64 -25.62
CA THR D 208 7.12 -18.43 -24.38
C THR D 208 6.22 -17.22 -24.55
N LEU D 209 4.92 -17.41 -24.33
CA LEU D 209 3.98 -16.30 -24.52
C LEU D 209 3.94 -15.41 -23.28
N ALA D 210 3.95 -16.02 -22.10
CA ALA D 210 3.86 -15.26 -20.87
C ALA D 210 4.36 -16.10 -19.71
N THR D 211 4.93 -15.42 -18.72
CA THR D 211 5.32 -16.01 -17.44
C THR D 211 4.44 -15.36 -16.37
N ILE D 212 3.56 -16.14 -15.78
CA ILE D 212 2.56 -15.63 -14.85
C ILE D 212 2.88 -16.10 -13.45
N LYS D 213 2.94 -15.17 -12.51
CA LYS D 213 3.02 -15.47 -11.09
C LYS D 213 1.61 -15.38 -10.51
N ALA D 214 1.27 -16.32 -9.64
CA ALA D 214 -0.10 -16.41 -9.13
C ALA D 214 -0.41 -15.23 -8.22
N GLN D 215 -1.44 -14.47 -8.58
CA GLN D 215 -1.91 -13.37 -7.74
C GLN D 215 -3.05 -13.88 -6.85
N ASP D 216 -3.80 -12.95 -6.23
CA ASP D 216 -4.75 -13.31 -5.18
C ASP D 216 -5.72 -14.41 -5.60
N ASN D 217 -6.33 -14.28 -6.78
CA ASN D 217 -7.36 -15.23 -7.17
C ASN D 217 -6.83 -16.64 -7.36
N GLN D 218 -5.51 -16.81 -7.48
CA GLN D 218 -4.93 -18.11 -7.80
C GLN D 218 -4.06 -18.67 -6.70
N ILE D 219 -4.07 -18.10 -5.50
CA ILE D 219 -3.19 -18.55 -4.43
C ILE D 219 -3.91 -19.57 -3.57
N GLY D 220 -3.24 -20.67 -3.26
CA GLY D 220 -3.79 -21.71 -2.42
C GLY D 220 -3.35 -21.51 -0.99
N ASN D 221 -4.33 -21.37 -0.09
CA ASN D 221 -4.02 -21.07 1.30
C ASN D 221 -3.28 -22.21 1.96
N ASN D 222 -3.81 -23.43 1.85
CA ASN D 222 -3.15 -24.62 2.34
C ASN D 222 -2.89 -25.58 1.19
N LEU D 223 -1.80 -26.32 1.30
CA LEU D 223 -1.52 -27.40 0.36
C LEU D 223 -0.75 -28.47 1.12
N SER D 224 -1.45 -29.41 1.62
CA SER D 224 -0.92 -30.50 2.43
C SER D 224 -0.29 -31.55 1.52
N PRO D 225 0.67 -32.33 2.02
CA PRO D 225 1.30 -33.35 1.16
C PRO D 225 0.28 -34.40 0.71
N ASN D 226 0.48 -34.89 -0.50
CA ASN D 226 -0.37 -35.87 -1.17
C ASN D 226 -1.75 -35.34 -1.49
N GLU D 227 -1.93 -34.02 -1.50
CA GLU D 227 -3.21 -33.41 -1.81
C GLU D 227 -3.02 -32.39 -2.93
N THR D 228 -4.13 -31.81 -3.37
CA THR D 228 -4.13 -30.88 -4.48
C THR D 228 -4.89 -29.62 -4.08
N TYR D 229 -4.65 -28.54 -4.81
CA TYR D 229 -5.49 -27.37 -4.72
C TYR D 229 -5.98 -26.98 -6.10
N PRO D 230 -7.30 -26.87 -6.32
CA PRO D 230 -8.36 -27.21 -5.36
C PRO D 230 -8.45 -28.71 -5.10
N LYS D 231 -9.22 -29.08 -4.09
CA LYS D 231 -9.23 -30.46 -3.61
C LYS D 231 -9.73 -31.40 -4.70
N LYS D 232 -9.65 -32.70 -4.39
CA LYS D 232 -9.84 -33.73 -5.41
C LYS D 232 -11.19 -33.61 -6.10
N GLY D 233 -12.24 -33.31 -5.34
CA GLY D 233 -13.57 -33.30 -5.93
C GLY D 233 -14.01 -32.02 -6.58
N LEU D 234 -13.14 -31.03 -6.73
CA LEU D 234 -13.50 -29.71 -7.24
C LEU D 234 -13.01 -29.53 -8.67
N SER D 235 -13.31 -28.37 -9.23
CA SER D 235 -12.90 -28.03 -10.57
C SER D 235 -11.64 -27.17 -10.55
N PRO D 236 -10.82 -27.25 -11.60
CA PRO D 236 -9.52 -26.57 -11.57
C PRO D 236 -9.66 -25.05 -11.56
N LEU D 237 -8.56 -24.39 -11.23
CA LEU D 237 -8.50 -22.94 -11.11
C LEU D 237 -8.68 -22.28 -12.48
N ALA D 238 -8.64 -20.96 -12.50
CA ALA D 238 -8.64 -20.20 -13.74
C ALA D 238 -7.44 -19.27 -13.72
N LEU D 239 -6.35 -19.68 -14.37
CA LEU D 239 -5.20 -18.82 -14.57
C LEU D 239 -5.58 -17.84 -15.68
N ASN D 240 -6.09 -16.68 -15.27
CA ASN D 240 -6.88 -15.82 -16.12
C ASN D 240 -6.18 -14.52 -16.53
N THR D 241 -5.44 -13.91 -15.62
CA THR D 241 -4.86 -12.59 -15.81
C THR D 241 -3.35 -12.64 -15.59
N MET D 242 -2.68 -11.55 -15.98
CA MET D 242 -1.23 -11.50 -15.93
C MET D 242 -0.66 -10.40 -15.05
N ASP D 243 -1.47 -9.44 -14.62
CA ASP D 243 -0.95 -8.30 -13.87
C ASP D 243 -1.10 -8.53 -12.38
N GLN D 244 -0.67 -7.56 -11.59
CA GLN D 244 -0.60 -7.73 -10.14
C GLN D 244 -1.95 -7.62 -9.44
N PHE D 245 -2.96 -7.06 -10.10
CA PHE D 245 -4.25 -6.82 -9.46
C PHE D 245 -5.38 -7.58 -10.13
N ASN D 246 -5.07 -8.62 -10.92
CA ASN D 246 -6.07 -9.47 -11.55
C ASN D 246 -7.06 -8.63 -12.37
N ALA D 247 -6.50 -7.76 -13.21
CA ALA D 247 -7.32 -6.88 -14.04
C ALA D 247 -6.83 -6.79 -15.48
N ARG D 248 -5.82 -7.57 -15.87
CA ARG D 248 -5.23 -7.50 -17.20
C ARG D 248 -5.13 -8.92 -17.75
N LEU D 249 -5.94 -9.22 -18.76
CA LEU D 249 -6.01 -10.56 -19.33
C LEU D 249 -4.73 -10.87 -20.10
N ILE D 250 -4.51 -12.16 -20.36
CA ILE D 250 -3.29 -12.63 -21.00
C ILE D 250 -3.50 -12.64 -22.50
N PRO D 251 -2.82 -11.78 -23.27
CA PRO D 251 -3.06 -11.71 -24.71
C PRO D 251 -2.10 -12.57 -25.53
N ILE D 252 -2.57 -12.90 -26.74
CA ILE D 252 -1.73 -13.50 -27.77
C ILE D 252 -2.01 -12.77 -29.08
N ASN D 253 -1.01 -12.73 -29.96
CA ASN D 253 -1.11 -11.95 -31.17
C ASN D 253 -1.69 -12.82 -32.29
N TYR D 254 -1.68 -12.29 -33.52
CA TYR D 254 -2.44 -12.91 -34.59
C TYR D 254 -1.77 -14.18 -35.11
N ASP D 255 -0.43 -14.18 -35.17
CA ASP D 255 0.26 -15.35 -35.68
C ASP D 255 0.16 -16.52 -34.71
N GLN D 256 0.21 -16.22 -33.41
CA GLN D 256 0.04 -17.28 -32.42
C GLN D 256 -1.39 -17.80 -32.41
N LEU D 257 -2.37 -16.92 -32.63
CA LEU D 257 -3.75 -17.36 -32.69
C LEU D 257 -3.99 -18.25 -33.92
N LYS D 258 -3.43 -17.86 -35.06
CA LYS D 258 -3.56 -18.70 -36.25
C LYS D 258 -2.85 -20.03 -36.07
N LYS D 259 -1.67 -20.01 -35.46
CA LYS D 259 -0.95 -21.24 -35.14
C LYS D 259 -1.71 -22.07 -34.13
N LEU D 260 -2.61 -21.46 -33.37
CA LEU D 260 -3.38 -22.15 -32.34
C LEU D 260 -4.65 -22.77 -32.90
N ASP D 261 -5.15 -22.28 -34.02
CA ASP D 261 -6.25 -22.93 -34.73
C ASP D 261 -5.73 -24.07 -35.60
N SER D 262 -4.91 -24.93 -35.00
CA SER D 262 -4.25 -26.01 -35.70
C SER D 262 -3.88 -27.06 -34.66
N GLY D 263 -3.02 -28.01 -35.04
CA GLY D 263 -2.56 -29.03 -34.12
C GLY D 263 -1.72 -28.51 -32.97
N LYS D 264 -1.38 -27.23 -32.97
CA LYS D 264 -0.49 -26.71 -31.94
C LYS D 264 -1.25 -26.52 -30.63
N GLN D 265 -0.62 -26.94 -29.54
CA GLN D 265 -1.15 -26.79 -28.20
C GLN D 265 -0.21 -25.89 -27.39
N ILE D 266 -0.71 -25.45 -26.25
CA ILE D 266 0.05 -24.63 -25.32
C ILE D 266 0.40 -25.50 -24.13
N LYS D 267 1.70 -25.67 -23.87
CA LYS D 267 2.12 -26.38 -22.67
C LYS D 267 2.28 -25.40 -21.52
N LEU D 268 2.48 -25.94 -20.32
CA LEU D 268 2.59 -25.14 -19.11
C LEU D 268 3.69 -25.75 -18.25
N GLU D 269 4.66 -24.91 -17.87
CA GLU D 269 5.82 -25.37 -17.11
C GLU D 269 5.97 -24.52 -15.86
N THR D 270 6.11 -25.19 -14.72
CA THR D 270 6.32 -24.52 -13.45
C THR D 270 7.81 -24.25 -13.27
N THR D 271 8.19 -22.98 -13.31
CA THR D 271 9.59 -22.63 -13.15
C THR D 271 9.99 -22.53 -11.69
N GLN D 272 9.04 -22.22 -10.81
CA GLN D 272 9.29 -22.17 -9.38
C GLN D 272 7.95 -22.06 -8.67
N VAL D 273 7.97 -22.31 -7.36
CA VAL D 273 6.79 -22.20 -6.52
C VAL D 273 7.21 -21.58 -5.21
N SER D 274 6.48 -20.57 -4.76
CA SER D 274 6.76 -19.87 -3.51
C SER D 274 5.67 -20.20 -2.49
N GLY D 275 6.02 -20.13 -1.22
CA GLY D 275 5.11 -20.52 -0.17
C GLY D 275 5.67 -20.28 1.20
N ASN D 276 5.04 -20.82 2.24
CA ASN D 276 5.41 -20.51 3.61
C ASN D 276 5.41 -21.78 4.45
N TYR D 277 6.05 -21.70 5.61
CA TYR D 277 6.01 -22.76 6.59
C TYR D 277 5.60 -22.16 7.93
N GLY D 278 5.05 -23.00 8.79
CA GLY D 278 4.54 -22.53 10.05
C GLY D 278 5.46 -22.81 11.22
N THR D 279 5.67 -21.78 12.03
CA THR D 279 6.40 -21.93 13.29
C THR D 279 5.54 -21.36 14.41
N LYS D 280 5.85 -21.76 15.63
CA LYS D 280 5.19 -21.24 16.82
C LYS D 280 5.95 -20.03 17.32
N ASN D 281 5.25 -18.91 17.49
CA ASN D 281 5.89 -17.68 17.96
C ASN D 281 6.09 -17.75 19.47
N SER D 282 6.34 -16.60 20.11
CA SER D 282 6.66 -16.58 21.53
C SER D 282 5.61 -17.31 22.36
N GLN D 283 4.34 -17.26 21.96
CA GLN D 283 3.28 -18.04 22.57
C GLN D 283 2.91 -19.19 21.63
N GLY D 284 1.86 -19.93 22.00
CA GLY D 284 1.50 -21.12 21.25
C GLY D 284 0.83 -20.86 19.91
N GLN D 285 1.00 -19.65 19.38
CA GLN D 285 0.38 -19.30 18.11
C GLN D 285 1.29 -19.65 16.94
N ILE D 286 0.70 -20.18 15.88
CA ILE D 286 1.41 -20.56 14.67
C ILE D 286 1.47 -19.34 13.74
N ILE D 287 2.64 -19.07 13.20
CA ILE D 287 2.86 -17.96 12.27
C ILE D 287 3.39 -18.53 10.97
N THR D 288 2.88 -18.01 9.85
CA THR D 288 3.38 -18.43 8.55
C THR D 288 3.66 -17.23 7.64
N GLU D 289 3.79 -16.03 8.20
CA GLU D 289 3.83 -14.82 7.40
C GLU D 289 5.21 -14.54 6.80
N GLY D 290 6.23 -14.41 7.63
CA GLY D 290 7.54 -14.06 7.13
C GLY D 290 8.44 -15.25 6.95
N ASN D 291 7.87 -16.44 7.06
CA ASN D 291 8.61 -17.69 6.98
C ASN D 291 8.50 -18.23 5.56
N SER D 292 9.48 -17.93 4.72
CA SER D 292 9.43 -18.29 3.31
C SER D 292 10.25 -19.55 3.05
N TRP D 293 9.69 -20.44 2.24
CA TRP D 293 10.37 -21.68 1.88
C TRP D 293 11.54 -21.46 0.94
N SER D 294 11.58 -20.32 0.24
CA SER D 294 12.63 -20.09 -0.74
C SER D 294 13.98 -19.88 -0.08
N ASN D 295 13.99 -19.50 1.19
CA ASN D 295 15.23 -19.36 1.94
C ASN D 295 15.91 -20.70 2.16
N TYR D 296 15.19 -21.82 2.02
CA TYR D 296 15.72 -23.12 2.36
C TYR D 296 15.80 -24.09 1.19
N ILE D 297 15.44 -23.67 -0.01
CA ILE D 297 15.41 -24.59 -1.13
C ILE D 297 16.83 -24.94 -1.59
N SER D 298 17.63 -23.91 -1.87
CA SER D 298 18.99 -24.13 -2.34
C SER D 298 19.81 -24.87 -1.29
N GLN D 299 19.61 -24.52 -0.02
CA GLN D 299 20.39 -25.13 1.05
C GLN D 299 20.02 -26.59 1.24
N ILE D 300 18.73 -26.92 1.12
CA ILE D 300 18.31 -28.31 1.25
C ILE D 300 18.80 -29.12 0.07
N ASP D 301 18.67 -28.59 -1.14
CA ASP D 301 19.19 -29.28 -2.32
C ASP D 301 20.70 -29.45 -2.28
N SER D 302 21.41 -28.57 -1.60
CA SER D 302 22.86 -28.61 -1.61
C SER D 302 23.48 -29.64 -0.69
N VAL D 303 22.73 -30.17 0.27
CA VAL D 303 23.29 -31.06 1.27
C VAL D 303 22.59 -32.43 1.28
N SER D 304 21.89 -32.77 0.20
CA SER D 304 21.00 -33.91 0.22
C SER D 304 21.22 -34.78 -0.99
N ALA D 305 20.75 -36.01 -0.90
CA ALA D 305 20.49 -36.86 -2.04
C ALA D 305 18.98 -36.91 -2.27
N SER D 306 18.58 -36.95 -3.53
CA SER D 306 17.16 -36.90 -3.88
C SER D 306 16.69 -38.29 -4.29
N ILE D 307 15.71 -38.82 -3.58
CA ILE D 307 15.10 -40.11 -3.88
C ILE D 307 13.66 -39.88 -4.28
N ILE D 308 13.25 -40.48 -5.38
CA ILE D 308 11.88 -40.39 -5.87
C ILE D 308 11.33 -41.80 -6.03
N LEU D 309 10.19 -42.06 -5.40
CA LEU D 309 9.48 -43.33 -5.53
C LEU D 309 8.26 -43.14 -6.41
N ASP D 310 8.16 -43.94 -7.46
CA ASP D 310 7.10 -43.82 -8.47
C ASP D 310 6.32 -45.13 -8.49
N THR D 311 5.21 -45.18 -7.76
CA THR D 311 4.44 -46.42 -7.67
C THR D 311 3.56 -46.65 -8.88
N GLY D 312 3.64 -45.80 -9.91
CA GLY D 312 2.86 -46.00 -11.11
C GLY D 312 1.74 -44.98 -11.25
N SER D 313 1.07 -44.70 -10.13
CA SER D 313 0.01 -43.70 -10.09
C SER D 313 0.34 -42.49 -9.24
N GLN D 314 1.02 -42.67 -8.11
CA GLN D 314 1.46 -41.59 -7.25
C GLN D 314 2.95 -41.38 -7.43
N THR D 315 3.48 -40.36 -6.76
CA THR D 315 4.90 -40.06 -6.79
C THR D 315 5.27 -39.38 -5.49
N PHE D 316 6.38 -39.80 -4.89
CA PHE D 316 6.81 -39.32 -3.58
C PHE D 316 8.28 -38.93 -3.67
N GLU D 317 8.56 -37.64 -3.58
CA GLU D 317 9.92 -37.13 -3.66
C GLU D 317 10.44 -36.82 -2.27
N ARG D 318 11.71 -37.15 -2.03
CA ARG D 318 12.30 -37.04 -0.70
C ARG D 318 13.69 -36.43 -0.81
N ARG D 319 14.17 -35.91 0.32
CA ARG D 319 15.52 -35.36 0.43
C ARG D 319 16.14 -35.90 1.70
N VAL D 320 17.28 -36.57 1.58
CA VAL D 320 17.96 -37.18 2.72
C VAL D 320 19.34 -36.57 2.84
N ALA D 321 19.71 -36.16 4.05
CA ALA D 321 20.97 -35.46 4.26
C ALA D 321 22.15 -36.41 4.13
N ALA D 322 23.15 -36.02 3.34
CA ALA D 322 24.34 -36.83 3.13
C ALA D 322 25.57 -36.04 3.52
N LYS D 323 26.63 -36.76 3.85
CA LYS D 323 27.84 -36.15 4.38
C LYS D 323 28.73 -35.62 3.26
N GLU D 324 29.29 -34.44 3.48
CA GLU D 324 30.28 -33.89 2.57
C GLU D 324 31.56 -34.70 2.65
N GLN D 325 32.19 -34.93 1.50
CA GLN D 325 33.25 -35.94 1.43
C GLN D 325 34.55 -35.44 2.02
N GLY D 326 35.02 -34.27 1.58
CA GLY D 326 36.34 -33.82 1.98
C GLY D 326 36.39 -33.20 3.36
N ASN D 327 35.27 -32.66 3.83
CA ASN D 327 35.26 -31.93 5.08
C ASN D 327 35.43 -32.85 6.27
N PRO D 328 36.45 -32.65 7.11
CA PRO D 328 36.58 -33.45 8.34
C PRO D 328 35.70 -32.96 9.47
N GLU D 329 35.17 -31.74 9.38
CA GLU D 329 34.26 -31.21 10.38
C GLU D 329 32.80 -31.42 10.00
N ASP D 330 32.52 -32.25 9.01
CA ASP D 330 31.16 -32.65 8.69
C ASP D 330 30.83 -33.93 9.43
N LYS D 331 29.87 -33.86 10.34
CA LYS D 331 29.56 -34.95 11.24
C LYS D 331 28.24 -35.64 10.93
N THR D 332 27.70 -35.41 9.74
CA THR D 332 26.41 -35.99 9.38
C THR D 332 26.52 -37.51 9.38
N PRO D 333 25.68 -38.22 10.13
CA PRO D 333 25.79 -39.68 10.18
C PRO D 333 25.64 -40.30 8.81
N GLU D 334 26.46 -41.32 8.56
CA GLU D 334 26.53 -41.97 7.26
C GLU D 334 25.64 -43.21 7.26
N ILE D 335 24.81 -43.34 6.22
CA ILE D 335 23.87 -44.43 6.10
C ILE D 335 23.93 -44.97 4.68
N THR D 336 23.33 -46.14 4.48
CA THR D 336 23.33 -46.75 3.17
C THR D 336 22.06 -46.34 2.40
N ILE D 337 21.95 -46.84 1.18
CA ILE D 337 20.79 -46.51 0.35
C ILE D 337 19.56 -47.23 0.86
N GLY D 338 19.71 -48.43 1.40
CA GLY D 338 18.59 -49.14 1.98
C GLY D 338 18.06 -48.45 3.22
N GLU D 339 18.95 -48.06 4.12
CA GLU D 339 18.54 -47.31 5.30
C GLU D 339 17.94 -45.97 4.92
N ALA D 340 18.46 -45.33 3.88
CA ALA D 340 17.91 -44.06 3.42
C ALA D 340 16.49 -44.24 2.91
N ILE D 341 16.26 -45.24 2.07
CA ILE D 341 14.93 -45.46 1.51
C ILE D 341 13.94 -45.83 2.60
N LYS D 342 14.38 -46.67 3.55
CA LYS D 342 13.50 -47.03 4.65
C LYS D 342 13.14 -45.83 5.51
N LYS D 343 14.13 -44.99 5.82
CA LYS D 343 13.87 -43.82 6.65
C LYS D 343 13.00 -42.80 5.91
N ALA D 344 13.18 -42.69 4.60
CA ALA D 344 12.54 -41.65 3.81
C ALA D 344 11.14 -42.00 3.37
N PHE D 345 10.76 -43.28 3.34
CA PHE D 345 9.38 -43.59 2.99
C PHE D 345 8.64 -44.33 4.09
N SER D 346 9.13 -44.28 5.34
CA SER D 346 8.47 -44.93 6.48
C SER D 346 8.18 -46.40 6.19
N ALA D 347 9.01 -47.01 5.35
CA ALA D 347 8.76 -48.36 4.89
C ALA D 347 8.97 -49.36 6.01
N THR D 348 8.08 -50.35 6.09
CA THR D 348 8.15 -51.37 7.11
C THR D 348 9.03 -52.54 6.65
N LYS D 349 9.91 -52.98 7.54
CA LYS D 349 10.89 -54.01 7.26
C LYS D 349 10.50 -55.30 7.98
N ASN D 350 10.42 -56.39 7.23
CA ASN D 350 10.28 -57.73 7.81
C ASN D 350 11.37 -58.63 7.21
N GLY D 351 12.56 -58.56 7.78
CA GLY D 351 13.68 -59.34 7.29
C GLY D 351 14.26 -58.85 5.99
N GLU D 352 14.10 -59.63 4.93
CA GLU D 352 14.64 -59.30 3.62
C GLU D 352 13.73 -58.41 2.80
N LEU D 353 12.52 -58.13 3.26
CA LEU D 353 11.53 -57.41 2.49
C LEU D 353 11.25 -56.05 3.10
N LEU D 354 11.28 -55.01 2.25
CA LEU D 354 10.94 -53.65 2.63
C LEU D 354 9.62 -53.27 1.96
N TYR D 355 8.65 -52.86 2.76
CA TYR D 355 7.29 -52.66 2.27
C TYR D 355 6.90 -51.20 2.34
N PHE D 356 6.37 -50.68 1.23
CA PHE D 356 5.67 -49.41 1.24
C PHE D 356 4.25 -49.67 1.73
N ASN D 357 3.31 -48.76 1.47
CA ASN D 357 1.94 -48.90 1.95
C ASN D 357 1.45 -50.34 1.88
N GLY D 358 1.46 -50.93 0.69
CA GLY D 358 1.21 -52.35 0.54
C GLY D 358 2.08 -52.91 -0.57
N ILE D 359 2.97 -52.08 -1.07
CA ILE D 359 3.81 -52.39 -2.22
C ILE D 359 5.19 -52.77 -1.71
N PRO D 360 5.79 -53.85 -2.20
CA PRO D 360 7.16 -54.19 -1.79
C PRO D 360 8.17 -53.37 -2.58
N ILE D 361 9.07 -52.70 -1.86
CA ILE D 361 10.00 -51.77 -2.50
C ILE D 361 11.45 -52.15 -2.18
N ASP D 362 11.71 -53.44 -1.98
CA ASP D 362 13.09 -53.87 -1.85
C ASP D 362 13.75 -53.91 -3.23
N GLU D 363 15.05 -54.19 -3.23
CA GLU D 363 15.86 -53.98 -4.43
C GLU D 363 15.48 -54.92 -5.56
N SER D 364 14.91 -56.09 -5.25
CA SER D 364 14.65 -57.07 -6.28
C SER D 364 13.32 -56.81 -6.97
N CYS D 365 12.33 -56.30 -6.25
CA CYS D 365 11.00 -56.10 -6.79
C CYS D 365 10.80 -54.73 -7.43
N VAL D 366 11.84 -53.89 -7.52
CA VAL D 366 11.72 -52.56 -8.08
C VAL D 366 12.73 -52.42 -9.22
N GLU D 367 12.70 -51.26 -9.87
CA GLU D 367 13.58 -50.98 -10.99
C GLU D 367 14.22 -49.61 -10.77
N LEU D 368 15.50 -49.59 -10.40
CA LEU D 368 16.19 -48.37 -10.03
C LEU D 368 16.72 -47.67 -11.28
N ILE D 369 16.69 -46.34 -11.26
CA ILE D 369 17.09 -45.51 -12.39
C ILE D 369 17.94 -44.38 -11.83
N PHE D 370 19.26 -44.49 -12.00
CA PHE D 370 20.18 -43.45 -11.60
C PHE D 370 20.55 -42.58 -12.79
N ASP D 371 21.10 -41.40 -12.50
CA ASP D 371 21.69 -40.58 -13.55
C ASP D 371 23.09 -41.11 -13.84
N ASP D 372 23.87 -40.38 -14.62
CA ASP D 372 25.17 -40.89 -15.05
C ASP D 372 26.19 -40.80 -13.93
N ASN D 373 26.24 -39.65 -13.24
CA ASN D 373 27.19 -39.47 -12.15
C ASN D 373 27.00 -40.53 -11.07
N THR D 374 25.76 -40.75 -10.65
CA THR D 374 25.54 -41.64 -9.52
C THR D 374 25.60 -43.11 -9.94
N SER D 375 25.23 -43.41 -11.19
CA SER D 375 25.48 -44.77 -11.69
C SER D 375 26.97 -45.07 -11.70
N GLU D 376 27.78 -44.10 -12.10
CA GLU D 376 29.23 -44.25 -12.04
C GLU D 376 29.70 -44.47 -10.62
N ILE D 377 29.24 -43.63 -9.69
CA ILE D 377 29.65 -43.74 -8.28
C ILE D 377 29.27 -45.11 -7.73
N ILE D 378 28.07 -45.58 -8.05
CA ILE D 378 27.58 -46.82 -7.45
C ILE D 378 28.32 -48.02 -8.02
N LYS D 379 28.56 -48.04 -9.34
CA LYS D 379 29.24 -49.20 -9.90
C LYS D 379 30.74 -49.15 -9.61
N GLU D 380 31.26 -47.98 -9.24
CA GLU D 380 32.60 -47.93 -8.65
C GLU D 380 32.60 -48.53 -7.25
N GLN D 381 31.70 -48.05 -6.38
CA GLN D 381 31.70 -48.48 -4.99
C GLN D 381 31.28 -49.93 -4.81
N LEU D 382 30.62 -50.52 -5.80
CA LEU D 382 30.18 -51.91 -5.69
C LEU D 382 31.36 -52.88 -5.71
N LYS D 383 32.45 -52.56 -6.40
CA LYS D 383 33.57 -53.47 -6.50
C LYS D 383 34.27 -53.66 -5.16
N TYR D 384 34.48 -52.58 -4.42
CA TYR D 384 35.15 -52.63 -3.13
C TYR D 384 34.25 -53.12 -2.01
N LEU D 385 33.12 -53.73 -2.34
CA LEU D 385 32.11 -54.10 -1.37
C LEU D 385 31.80 -55.58 -1.52
N ASP D 386 31.55 -56.25 -0.39
CA ASP D 386 30.98 -57.59 -0.43
C ASP D 386 29.45 -57.51 -0.39
N ASP D 387 28.81 -58.62 -0.72
CA ASP D 387 27.35 -58.68 -0.80
C ASP D 387 26.85 -57.60 -1.76
N LYS D 388 27.22 -57.78 -3.02
CA LYS D 388 27.13 -56.72 -4.02
C LYS D 388 25.67 -56.45 -4.37
N LYS D 389 24.98 -55.80 -3.44
CA LYS D 389 23.64 -55.26 -3.66
C LYS D 389 23.74 -53.75 -3.67
N ILE D 390 22.84 -53.09 -4.41
CA ILE D 390 22.89 -51.64 -4.49
C ILE D 390 22.45 -50.99 -3.19
N TYR D 391 21.65 -51.69 -2.38
CA TYR D 391 21.15 -51.14 -1.13
C TYR D 391 22.18 -51.09 -0.02
N ASN D 392 23.45 -51.39 -0.31
CA ASN D 392 24.52 -51.28 0.67
C ASN D 392 25.53 -50.20 0.31
N VAL D 393 25.32 -49.49 -0.79
CA VAL D 393 26.14 -48.32 -1.09
C VAL D 393 25.80 -47.20 -0.11
N LYS D 394 26.78 -46.33 0.13
CA LYS D 394 26.77 -45.49 1.32
C LYS D 394 26.17 -44.10 1.11
N LEU D 395 25.33 -43.92 0.10
CA LEU D 395 24.52 -42.69 -0.03
C LEU D 395 25.38 -41.43 -0.04
N GLU D 396 26.14 -41.28 -1.11
CA GLU D 396 26.92 -40.06 -1.30
C GLU D 396 26.00 -38.85 -1.45
N ARG D 397 26.60 -37.66 -1.42
CA ARG D 397 25.83 -36.44 -1.53
C ARG D 397 25.66 -36.04 -2.99
N GLY D 398 24.42 -35.76 -3.37
CA GLY D 398 24.11 -35.41 -4.74
C GLY D 398 23.56 -36.53 -5.59
N MET D 399 23.07 -37.60 -4.99
CA MET D 399 22.54 -38.73 -5.73
C MET D 399 21.11 -38.44 -6.18
N ASN D 400 20.69 -39.14 -7.24
CA ASN D 400 19.38 -38.93 -7.86
C ASN D 400 18.70 -40.27 -8.12
N ILE D 401 18.62 -41.12 -7.08
CA ILE D 401 17.97 -42.40 -7.22
C ILE D 401 16.50 -42.21 -7.56
N LEU D 402 16.00 -43.03 -8.49
CA LEU D 402 14.58 -43.04 -8.86
C LEU D 402 14.10 -44.48 -8.83
N ILE D 403 13.15 -44.75 -7.93
CA ILE D 403 12.62 -46.10 -7.74
C ILE D 403 11.34 -46.23 -8.54
N LYS D 404 11.31 -47.21 -9.44
CA LYS D 404 10.16 -47.48 -10.28
C LYS D 404 9.52 -48.79 -9.83
N VAL D 405 8.23 -48.73 -9.49
CA VAL D 405 7.48 -49.94 -9.16
C VAL D 405 6.96 -50.50 -10.48
N PRO D 406 7.18 -51.78 -10.77
CA PRO D 406 6.83 -52.30 -12.09
C PRO D 406 5.32 -52.47 -12.25
N SER D 407 4.87 -52.40 -13.50
CA SER D 407 3.44 -52.56 -13.77
C SER D 407 3.00 -54.01 -13.55
N TYR D 408 3.84 -54.96 -13.95
CA TYR D 408 3.52 -56.38 -13.85
C TYR D 408 4.68 -57.12 -13.21
N PHE D 409 4.39 -57.90 -12.18
CA PHE D 409 5.41 -58.61 -11.41
C PHE D 409 5.01 -60.07 -11.28
N THR D 410 5.99 -60.89 -10.87
CA THR D 410 5.75 -62.30 -10.61
C THR D 410 6.63 -62.71 -9.45
N ASN D 411 6.01 -63.09 -8.34
CA ASN D 411 6.71 -63.34 -7.09
C ASN D 411 7.10 -64.81 -7.01
N PHE D 412 8.35 -65.06 -6.66
CA PHE D 412 8.85 -66.41 -6.44
C PHE D 412 9.84 -66.43 -5.27
N GLU E 7 1.99 -36.11 41.39
CA GLU E 7 1.97 -34.78 41.99
C GLU E 7 1.57 -33.71 40.99
N ASP E 8 2.12 -32.51 41.15
CA ASP E 8 1.78 -31.36 40.32
C ASP E 8 3.03 -30.93 39.55
N LEU E 9 3.25 -31.54 38.39
CA LEU E 9 4.25 -31.09 37.43
C LEU E 9 3.57 -30.88 36.10
N ASP E 10 4.05 -29.90 35.34
CA ASP E 10 3.40 -29.43 34.12
C ASP E 10 4.40 -29.54 32.98
N THR E 11 4.41 -30.68 32.29
CA THR E 11 5.40 -30.90 31.24
C THR E 11 5.17 -29.98 30.06
N ASP E 12 3.91 -29.79 29.66
CA ASP E 12 3.62 -28.98 28.48
C ASP E 12 3.29 -27.54 28.82
N ASN E 13 3.24 -27.17 30.10
CA ASN E 13 3.01 -25.79 30.54
C ASN E 13 1.69 -25.24 30.01
N ASP E 14 0.60 -25.88 30.44
CA ASP E 14 -0.74 -25.40 30.10
C ASP E 14 -1.60 -25.28 31.35
N ASN E 15 -0.98 -25.08 32.51
CA ASN E 15 -1.64 -24.82 33.78
C ASN E 15 -2.50 -25.97 34.27
N ILE E 16 -2.34 -27.17 33.72
CA ILE E 16 -3.01 -28.36 34.21
C ILE E 16 -1.94 -29.41 34.48
N PRO E 17 -1.85 -29.94 35.70
CA PRO E 17 -0.82 -30.94 36.00
C PRO E 17 -0.98 -32.20 35.16
N ASP E 18 0.12 -32.94 35.04
CA ASP E 18 0.12 -34.15 34.24
C ASP E 18 -0.81 -35.21 34.81
N ALA E 19 -0.89 -35.30 36.13
CA ALA E 19 -1.74 -36.31 36.74
C ALA E 19 -3.22 -36.02 36.49
N TYR E 20 -3.57 -34.75 36.30
CA TYR E 20 -4.96 -34.39 36.07
C TYR E 20 -5.36 -34.60 34.62
N GLU E 21 -4.41 -34.38 33.70
CA GLU E 21 -4.72 -34.46 32.28
C GLU E 21 -5.00 -35.88 31.84
N LYS E 22 -4.34 -36.87 32.45
CA LYS E 22 -4.50 -38.25 32.07
C LYS E 22 -5.60 -38.97 32.83
N ASN E 23 -6.04 -38.43 33.97
CA ASN E 23 -7.01 -39.11 34.82
C ASN E 23 -8.37 -38.43 34.87
N GLY E 24 -8.47 -37.18 34.48
CA GLY E 24 -9.75 -36.50 34.50
C GLY E 24 -9.73 -35.34 35.48
N TYR E 25 -10.18 -34.19 35.01
CA TYR E 25 -10.15 -32.97 35.82
C TYR E 25 -11.34 -32.11 35.45
N THR E 26 -11.57 -31.08 36.25
CA THR E 26 -12.54 -30.05 35.92
C THR E 26 -11.96 -28.71 36.39
N ILE E 27 -12.64 -27.63 36.00
CA ILE E 27 -12.21 -26.28 36.35
C ILE E 27 -13.21 -25.71 37.34
N LYS E 28 -12.71 -25.22 38.47
CA LYS E 28 -13.53 -24.56 39.48
C LYS E 28 -12.83 -23.28 39.90
N ASP E 29 -13.53 -22.15 39.76
CA ASP E 29 -12.99 -20.83 40.08
C ASP E 29 -11.66 -20.56 39.37
N SER E 30 -11.59 -20.94 38.09
CA SER E 30 -10.46 -20.63 37.21
C SER E 30 -9.18 -21.35 37.63
N ILE E 31 -9.31 -22.45 38.36
CA ILE E 31 -8.19 -23.34 38.65
C ILE E 31 -8.65 -24.77 38.45
N ALA E 32 -7.78 -25.59 37.89
CA ALA E 32 -8.10 -26.99 37.62
C ALA E 32 -7.99 -27.80 38.90
N VAL E 33 -9.02 -28.59 39.18
CA VAL E 33 -9.04 -29.45 40.36
C VAL E 33 -9.23 -30.88 39.90
N LYS E 34 -8.73 -31.82 40.71
CA LYS E 34 -8.86 -33.23 40.39
C LYS E 34 -10.33 -33.62 40.35
N TRP E 35 -10.69 -34.44 39.38
CA TRP E 35 -12.09 -34.81 39.20
C TRP E 35 -12.51 -35.84 40.23
N ASN E 36 -13.46 -35.47 41.06
CA ASN E 36 -14.18 -36.39 41.93
C ASN E 36 -15.58 -36.59 41.36
N ASP E 37 -16.03 -37.84 41.35
CA ASP E 37 -17.28 -38.20 40.67
C ASP E 37 -18.51 -37.67 41.38
N SER E 38 -18.37 -37.01 42.54
CA SER E 38 -19.53 -36.57 43.28
C SER E 38 -20.15 -35.32 42.67
N PHE E 39 -19.32 -34.43 42.12
CA PHE E 39 -19.82 -33.18 41.57
C PHE E 39 -20.09 -33.25 40.06
N ALA E 40 -20.47 -34.42 39.55
CA ALA E 40 -21.05 -34.49 38.22
C ALA E 40 -22.51 -34.08 38.23
N GLU E 41 -23.15 -34.01 39.41
CA GLU E 41 -24.54 -33.62 39.50
C GLU E 41 -24.73 -32.13 39.74
N GLN E 42 -23.68 -31.40 40.11
CA GLN E 42 -23.75 -29.95 40.12
C GLN E 42 -23.72 -29.36 38.72
N GLY E 43 -23.34 -30.14 37.71
CA GLY E 43 -23.30 -29.67 36.35
C GLY E 43 -21.93 -29.68 35.71
N TYR E 44 -20.88 -30.05 36.44
CA TYR E 44 -19.54 -30.03 35.90
C TYR E 44 -19.35 -31.19 34.92
N LYS E 45 -18.25 -31.12 34.16
CA LYS E 45 -17.93 -32.13 33.17
C LYS E 45 -16.48 -32.56 33.34
N LYS E 46 -16.20 -33.81 33.02
CA LYS E 46 -14.90 -34.42 33.23
C LYS E 46 -14.09 -34.33 31.94
N TYR E 47 -13.00 -33.57 31.98
CA TYR E 47 -12.14 -33.37 30.82
C TYR E 47 -10.90 -34.24 30.93
N VAL E 48 -10.35 -34.60 29.78
CA VAL E 48 -9.09 -35.32 29.67
C VAL E 48 -8.33 -34.75 28.48
N SER E 49 -7.01 -34.87 28.53
CA SER E 49 -6.17 -34.25 27.53
C SER E 49 -4.84 -34.97 27.48
N SER E 50 -3.98 -34.50 26.59
CA SER E 50 -2.60 -34.98 26.54
C SER E 50 -1.74 -34.12 27.45
N TYR E 51 -1.02 -34.77 28.35
CA TYR E 51 -0.13 -34.03 29.24
C TYR E 51 1.18 -33.64 28.55
N LEU E 52 1.37 -34.05 27.30
CA LEU E 52 2.55 -33.70 26.53
C LEU E 52 2.26 -32.72 25.40
N GLU E 53 1.00 -32.45 25.11
CA GLU E 53 0.62 -31.47 24.12
C GLU E 53 -0.16 -30.35 24.80
N SER E 54 0.20 -29.11 24.48
CA SER E 54 -0.48 -27.98 25.11
C SER E 54 -1.76 -27.62 24.37
N ASN E 55 -1.84 -27.97 23.09
CA ASN E 55 -3.01 -27.75 22.24
C ASN E 55 -3.39 -29.13 21.72
N THR E 56 -4.19 -29.86 22.50
CA THR E 56 -4.46 -31.26 22.17
C THR E 56 -5.22 -31.39 20.86
N ALA E 57 -6.30 -30.63 20.70
CA ALA E 57 -7.13 -30.71 19.51
C ALA E 57 -6.47 -30.14 18.27
N GLY E 58 -5.40 -29.36 18.43
CA GLY E 58 -4.71 -28.79 17.29
C GLY E 58 -5.22 -27.43 16.83
N ASP E 59 -5.96 -26.74 17.67
CA ASP E 59 -6.57 -25.46 17.34
C ASP E 59 -5.86 -24.33 18.05
N PRO E 60 -6.19 -23.07 17.73
CA PRO E 60 -5.42 -21.95 18.31
C PRO E 60 -5.56 -21.75 19.81
N TYR E 61 -6.36 -22.56 20.49
CA TYR E 61 -6.61 -22.42 21.91
C TYR E 61 -6.07 -23.61 22.67
N THR E 62 -5.39 -23.36 23.79
CA THR E 62 -4.79 -24.44 24.56
C THR E 62 -5.84 -25.19 25.36
N ASP E 63 -5.40 -26.24 26.05
CA ASP E 63 -6.33 -27.08 26.79
C ASP E 63 -6.99 -26.31 27.93
N TYR E 64 -6.22 -25.46 28.61
CA TYR E 64 -6.77 -24.74 29.76
C TYR E 64 -7.74 -23.66 29.31
N GLN E 65 -7.46 -22.98 28.21
CA GLN E 65 -8.36 -21.95 27.71
C GLN E 65 -9.69 -22.55 27.29
N LYS E 66 -9.67 -23.73 26.69
CA LYS E 66 -10.90 -24.39 26.28
C LYS E 66 -11.66 -24.92 27.49
N ALA E 67 -10.97 -25.60 28.40
CA ALA E 67 -11.64 -26.15 29.57
C ALA E 67 -12.24 -25.05 30.44
N SER E 68 -11.47 -24.01 30.73
CA SER E 68 -11.92 -22.94 31.60
C SER E 68 -12.89 -21.99 30.92
N GLY E 69 -13.11 -22.13 29.61
CA GLY E 69 -13.98 -21.22 28.91
C GLY E 69 -13.45 -19.82 28.76
N SER E 70 -12.18 -19.58 29.06
CA SER E 70 -11.61 -18.24 28.92
C SER E 70 -11.19 -17.98 27.48
N ILE E 71 -12.12 -18.17 26.56
CA ILE E 71 -11.91 -17.90 25.14
C ILE E 71 -13.05 -17.04 24.65
N ASP E 72 -13.10 -16.80 23.34
CA ASP E 72 -14.23 -16.12 22.72
C ASP E 72 -15.55 -16.74 23.19
N LYS E 73 -16.49 -15.89 23.58
CA LYS E 73 -17.75 -16.36 24.11
C LYS E 73 -18.75 -16.76 23.03
N ALA E 74 -18.38 -16.59 21.76
CA ALA E 74 -19.21 -17.08 20.66
C ALA E 74 -18.88 -18.50 20.25
N ILE E 75 -17.81 -19.07 20.81
CA ILE E 75 -17.46 -20.46 20.54
C ILE E 75 -18.56 -21.36 21.10
N LYS E 76 -18.94 -22.37 20.31
CA LYS E 76 -19.95 -23.31 20.76
C LYS E 76 -19.50 -24.04 22.02
N LEU E 77 -20.46 -24.33 22.89
CA LEU E 77 -20.19 -25.07 24.12
C LEU E 77 -19.56 -26.42 23.88
N GLU E 78 -19.76 -27.01 22.69
CA GLU E 78 -19.06 -28.24 22.33
C GLU E 78 -17.56 -28.07 22.45
N ALA E 79 -17.01 -27.08 21.76
CA ALA E 79 -15.58 -26.86 21.65
C ALA E 79 -14.95 -26.42 22.95
N ARG E 80 -15.70 -26.36 24.04
CA ARG E 80 -15.12 -26.14 25.36
C ARG E 80 -14.54 -27.41 25.96
N ASP E 81 -14.52 -28.47 25.21
CA ASP E 81 -13.89 -29.73 25.56
C ASP E 81 -12.56 -29.83 24.84
N PRO E 82 -11.46 -30.19 25.53
CA PRO E 82 -10.15 -30.19 24.87
C PRO E 82 -10.04 -31.15 23.71
N LEU E 83 -10.98 -32.08 23.54
CA LEU E 83 -10.92 -33.06 22.46
C LEU E 83 -11.72 -32.65 21.24
N VAL E 84 -12.64 -31.70 21.38
CA VAL E 84 -13.41 -31.16 20.27
C VAL E 84 -12.81 -29.83 19.87
N ALA E 85 -12.49 -29.69 18.59
CA ALA E 85 -11.79 -28.52 18.09
C ALA E 85 -12.76 -27.37 17.83
N ALA E 86 -12.35 -26.17 18.26
CA ALA E 86 -13.01 -24.95 17.83
C ALA E 86 -12.63 -24.70 16.38
N TYR E 87 -13.59 -24.84 15.47
CA TYR E 87 -13.22 -24.93 14.07
C TYR E 87 -14.37 -24.52 13.16
N PRO E 88 -14.23 -23.44 12.41
CA PRO E 88 -15.30 -23.00 11.52
C PRO E 88 -15.33 -23.76 10.21
N VAL E 89 -16.54 -24.03 9.74
CA VAL E 89 -16.76 -24.71 8.47
C VAL E 89 -17.62 -23.76 7.63
N VAL E 90 -16.99 -22.92 6.83
CA VAL E 90 -17.67 -21.90 6.05
C VAL E 90 -17.82 -22.39 4.63
N GLY E 91 -19.01 -22.20 4.06
CA GLY E 91 -19.26 -22.55 2.68
C GLY E 91 -20.17 -21.51 2.05
N VAL E 92 -20.13 -21.48 0.72
CA VAL E 92 -20.84 -20.47 -0.06
C VAL E 92 -21.91 -21.16 -0.89
N GLY E 93 -23.01 -20.44 -1.12
CA GLY E 93 -24.08 -20.95 -1.95
C GLY E 93 -24.66 -19.87 -2.85
N MET E 94 -24.89 -20.20 -4.12
CA MET E 94 -25.40 -19.22 -5.07
C MET E 94 -26.92 -19.20 -5.07
N GLU E 95 -27.49 -18.01 -5.28
CA GLU E 95 -28.94 -17.81 -5.21
C GLU E 95 -29.54 -17.58 -6.60
N ASN E 96 -28.96 -16.67 -7.37
CA ASN E 96 -29.28 -16.53 -8.78
C ASN E 96 -28.15 -15.80 -9.46
N LEU E 97 -28.23 -15.71 -10.79
CA LEU E 97 -27.13 -15.19 -11.61
C LEU E 97 -27.68 -14.29 -12.70
N ILE E 98 -27.24 -13.04 -12.70
CA ILE E 98 -27.68 -12.02 -13.64
C ILE E 98 -26.62 -11.86 -14.71
N ILE E 99 -27.06 -11.71 -15.96
CA ILE E 99 -26.16 -11.52 -17.10
C ILE E 99 -26.45 -10.16 -17.73
N SER E 100 -25.38 -9.42 -18.04
CA SER E 100 -25.47 -8.09 -18.62
C SER E 100 -24.77 -8.11 -19.96
N THR E 101 -25.50 -8.46 -21.02
CA THR E 101 -24.94 -8.52 -22.35
C THR E 101 -24.53 -7.12 -22.80
N ASN E 102 -23.23 -6.89 -22.97
CA ASN E 102 -22.75 -5.55 -23.29
C ASN E 102 -22.50 -5.42 -24.78
N GLU E 103 -23.59 -5.17 -25.49
CA GLU E 103 -23.54 -4.79 -26.89
C GLU E 103 -23.88 -3.32 -27.03
N HIS E 104 -23.39 -2.71 -28.09
CA HIS E 104 -23.52 -1.28 -28.31
C HIS E 104 -24.57 -1.07 -29.40
N ALA E 105 -25.74 -0.58 -29.00
CA ALA E 105 -26.81 -0.31 -29.93
C ALA E 105 -26.82 1.17 -30.30
N SER E 106 -27.18 1.45 -31.54
CA SER E 106 -27.22 2.82 -32.04
C SER E 106 -28.42 2.98 -32.96
N SER E 107 -28.75 4.23 -33.24
CA SER E 107 -29.87 4.56 -34.11
C SER E 107 -29.69 5.96 -34.64
N ASP E 108 -29.73 6.10 -35.96
CA ASP E 108 -29.49 7.37 -36.62
C ASP E 108 -30.74 7.78 -37.40
N GLN E 109 -30.89 9.08 -37.60
CA GLN E 109 -31.96 9.63 -38.41
C GLN E 109 -31.39 10.73 -39.29
N GLY E 110 -31.98 10.90 -40.46
CA GLY E 110 -31.45 11.87 -41.41
C GLY E 110 -32.56 12.61 -42.13
N LYS E 111 -32.15 13.66 -42.83
CA LYS E 111 -33.06 14.45 -43.64
C LYS E 111 -32.23 15.30 -44.58
N THR E 112 -32.65 15.38 -45.84
CA THR E 112 -31.87 16.04 -46.88
C THR E 112 -32.77 16.88 -47.76
N VAL E 113 -32.26 18.02 -48.22
CA VAL E 113 -32.89 18.84 -49.24
C VAL E 113 -31.82 19.16 -50.28
N SER E 114 -32.25 19.38 -51.52
CA SER E 114 -31.32 19.67 -52.59
C SER E 114 -32.03 20.50 -53.65
N ARG E 115 -31.24 21.05 -54.57
CA ARG E 115 -31.78 21.82 -55.69
C ARG E 115 -30.74 21.94 -56.80
N ALA E 116 -31.07 21.49 -58.00
CA ALA E 116 -30.18 21.57 -59.15
C ALA E 116 -30.80 22.46 -60.22
N THR E 117 -29.97 22.92 -61.14
CA THR E 117 -30.41 23.83 -62.19
C THR E 117 -29.55 23.59 -63.44
N THR E 118 -30.16 23.04 -64.49
CA THR E 118 -29.46 22.71 -65.71
C THR E 118 -29.77 23.73 -66.79
N ASN E 119 -28.75 24.19 -67.50
CA ASN E 119 -28.92 25.08 -68.64
C ASN E 119 -28.24 24.48 -69.86
N SER E 120 -29.04 24.01 -70.80
CA SER E 120 -28.55 23.27 -71.96
C SER E 120 -28.61 24.14 -73.19
N LYS E 121 -27.90 23.71 -74.23
CA LYS E 121 -27.92 24.37 -75.53
C LYS E 121 -27.49 23.35 -76.57
N THR E 122 -27.95 23.53 -77.81
CA THR E 122 -27.74 22.51 -78.82
C THR E 122 -27.75 23.14 -80.21
N ASP E 123 -26.74 22.83 -80.99
CA ASP E 123 -26.66 23.23 -82.39
C ASP E 123 -26.48 22.00 -83.27
N ALA E 124 -27.49 21.72 -84.10
CA ALA E 124 -27.49 20.51 -84.91
C ALA E 124 -27.77 20.87 -86.36
N ASN E 125 -26.96 20.36 -87.26
CA ASN E 125 -27.15 20.52 -88.70
C ASN E 125 -27.69 19.24 -89.30
N THR E 126 -28.18 19.35 -90.53
CA THR E 126 -28.71 18.19 -91.24
C THR E 126 -28.45 18.39 -92.72
N VAL E 127 -28.00 17.33 -93.40
CA VAL E 127 -27.75 17.36 -94.83
C VAL E 127 -28.42 16.14 -95.43
N GLY E 128 -29.45 16.36 -96.22
CA GLY E 128 -30.23 15.29 -96.82
C GLY E 128 -30.11 15.30 -98.34
N VAL E 129 -30.16 14.11 -98.93
CA VAL E 129 -30.21 13.92 -100.37
C VAL E 129 -31.18 12.78 -100.65
N SER E 130 -32.17 13.05 -101.50
CA SER E 130 -33.15 12.03 -101.84
C SER E 130 -33.29 11.95 -103.35
N ILE E 131 -32.98 10.79 -103.91
CA ILE E 131 -33.09 10.53 -105.34
C ILE E 131 -34.29 9.62 -105.55
N SER E 132 -35.02 9.85 -106.64
CA SER E 132 -36.25 9.12 -106.91
C SER E 132 -36.53 9.10 -108.40
N ALA E 133 -37.28 8.09 -108.85
CA ALA E 133 -37.72 7.97 -110.23
C ALA E 133 -39.05 7.23 -110.25
N GLY E 134 -40.14 7.98 -110.44
CA GLY E 134 -41.47 7.41 -110.48
C GLY E 134 -42.00 7.30 -111.89
N TYR E 135 -42.67 6.18 -112.18
CA TYR E 135 -43.31 5.97 -113.48
C TYR E 135 -44.80 6.34 -113.40
N GLN E 136 -45.04 7.62 -113.15
CA GLN E 136 -46.38 8.17 -112.99
C GLN E 136 -47.24 7.89 -114.22
N ASN E 137 -46.86 8.44 -115.38
CA ASN E 137 -47.50 8.10 -116.63
C ASN E 137 -46.54 7.36 -117.57
N GLY E 138 -45.41 7.98 -117.92
CA GLY E 138 -44.38 7.27 -118.64
C GLY E 138 -43.01 7.35 -118.00
N PHE E 139 -42.76 8.45 -117.27
CA PHE E 139 -41.47 8.70 -116.66
C PHE E 139 -41.58 9.95 -115.80
N THR E 140 -40.92 9.92 -114.64
CA THR E 140 -40.82 11.10 -113.78
C THR E 140 -39.67 10.88 -112.81
N GLY E 141 -38.64 11.72 -112.90
CA GLY E 141 -37.49 11.63 -112.02
C GLY E 141 -37.56 12.68 -110.92
N ASN E 142 -36.50 12.70 -110.11
CA ASN E 142 -36.40 13.65 -109.00
C ASN E 142 -34.99 13.62 -108.45
N ILE E 143 -34.44 14.80 -108.19
CA ILE E 143 -33.18 14.95 -107.47
C ILE E 143 -33.36 16.09 -106.48
N THR E 144 -33.28 15.76 -105.18
CA THR E 144 -33.57 16.72 -104.13
C THR E 144 -32.31 16.95 -103.28
N THR E 145 -32.21 18.14 -102.70
CA THR E 145 -31.16 18.46 -101.75
C THR E 145 -31.82 19.13 -100.55
N SER E 146 -31.25 18.91 -99.36
CA SER E 146 -31.81 19.44 -98.14
C SER E 146 -30.68 19.90 -97.22
N TYR E 147 -31.02 20.86 -96.35
CA TYR E 147 -30.06 21.36 -95.37
C TYR E 147 -30.84 22.07 -94.27
N SER E 148 -30.68 21.60 -93.03
CA SER E 148 -31.40 22.12 -91.88
C SER E 148 -30.41 22.50 -90.80
N HIS E 149 -30.86 23.32 -89.85
CA HIS E 149 -30.01 23.76 -88.75
C HIS E 149 -30.90 24.12 -87.57
N THR E 150 -30.89 23.28 -86.54
CA THR E 150 -31.75 23.42 -85.38
C THR E 150 -30.96 23.95 -84.19
N THR E 151 -31.47 25.01 -83.58
CA THR E 151 -30.85 25.62 -82.40
C THR E 151 -31.79 25.45 -81.21
N ASP E 152 -31.26 24.89 -80.13
CA ASP E 152 -32.05 24.53 -78.96
C ASP E 152 -31.58 25.30 -77.73
N ASN E 153 -32.50 25.44 -76.77
CA ASN E 153 -32.19 26.04 -75.48
C ASN E 153 -33.13 25.43 -74.45
N SER E 154 -32.57 24.97 -73.34
CA SER E 154 -33.35 24.26 -72.34
C SER E 154 -33.05 24.83 -70.96
N THR E 155 -33.83 24.38 -69.98
CA THR E 155 -33.67 24.80 -68.59
C THR E 155 -34.47 23.84 -67.71
N ALA E 156 -33.83 23.32 -66.67
CA ALA E 156 -34.48 22.37 -65.78
C ALA E 156 -34.13 22.71 -64.34
N VAL E 157 -35.12 22.65 -63.46
CA VAL E 157 -34.94 22.93 -62.05
C VAL E 157 -35.49 21.75 -61.26
N GLN E 158 -34.61 21.02 -60.57
CA GLN E 158 -35.00 19.83 -59.83
C GLN E 158 -34.93 20.12 -58.35
N ASP E 159 -35.96 19.69 -57.62
CA ASP E 159 -36.06 19.90 -56.19
C ASP E 159 -36.22 18.55 -55.50
N SER E 160 -35.34 18.25 -54.55
CA SER E 160 -35.26 16.94 -53.96
C SER E 160 -35.52 17.01 -52.47
N ASN E 161 -36.00 15.90 -51.90
CA ASN E 161 -36.24 15.77 -50.47
C ASN E 161 -35.97 14.33 -50.07
N GLY E 162 -35.04 14.13 -49.14
CA GLY E 162 -34.67 12.82 -48.69
C GLY E 162 -35.00 12.62 -47.21
N GLU E 163 -34.84 11.39 -46.77
CA GLU E 163 -35.03 11.01 -45.37
C GLU E 163 -34.53 9.59 -45.19
N SER E 164 -33.89 9.34 -44.06
CA SER E 164 -33.31 8.02 -43.82
C SER E 164 -33.20 7.77 -42.33
N TRP E 165 -33.14 6.49 -41.97
CA TRP E 165 -32.99 6.09 -40.57
C TRP E 165 -32.27 4.76 -40.54
N ASN E 166 -31.16 4.71 -39.81
CA ASN E 166 -30.35 3.51 -39.68
C ASN E 166 -30.48 2.95 -38.28
N THR E 167 -30.20 1.66 -38.14
CA THR E 167 -30.15 1.02 -36.83
C THR E 167 -29.06 -0.05 -36.88
N GLY E 168 -28.32 -0.17 -35.79
CA GLY E 168 -27.19 -1.09 -35.77
C GLY E 168 -26.91 -1.56 -34.35
N LEU E 169 -26.02 -2.55 -34.28
CA LEU E 169 -25.58 -3.05 -32.98
C LEU E 169 -24.30 -3.86 -33.20
N SER E 170 -23.30 -3.58 -32.37
CA SER E 170 -22.03 -4.26 -32.43
C SER E 170 -21.72 -4.90 -31.08
N ILE E 171 -20.93 -5.95 -31.11
CA ILE E 171 -20.56 -6.66 -29.88
C ILE E 171 -19.11 -7.08 -30.00
N ASN E 172 -18.43 -7.16 -28.86
CA ASN E 172 -17.07 -7.68 -28.79
C ASN E 172 -17.17 -9.16 -28.45
N LYS E 173 -16.57 -10.01 -29.25
CA LYS E 173 -16.71 -11.43 -28.97
C LYS E 173 -15.72 -11.95 -27.96
N GLY E 174 -14.99 -11.10 -27.24
CA GLY E 174 -14.13 -11.58 -26.18
C GLY E 174 -14.68 -11.21 -24.82
N GLU E 175 -15.51 -10.18 -24.79
CA GLU E 175 -16.12 -9.68 -23.55
C GLU E 175 -17.60 -9.44 -23.79
N SER E 176 -18.28 -10.45 -24.33
CA SER E 176 -19.64 -10.28 -24.80
C SER E 176 -20.61 -9.96 -23.66
N ALA E 177 -20.35 -10.44 -22.46
CA ALA E 177 -21.29 -10.26 -21.36
C ALA E 177 -20.54 -10.12 -20.06
N TYR E 178 -21.27 -9.72 -19.02
CA TYR E 178 -20.76 -9.62 -17.66
C TYR E 178 -21.63 -10.46 -16.74
N ILE E 179 -21.00 -11.11 -15.79
CA ILE E 179 -21.66 -12.05 -14.89
C ILE E 179 -21.78 -11.41 -13.51
N ASN E 180 -22.91 -11.65 -12.84
CA ASN E 180 -23.18 -11.11 -11.52
C ASN E 180 -23.93 -12.16 -10.72
N ALA E 181 -23.25 -12.81 -9.78
CA ALA E 181 -23.84 -13.85 -8.96
C ALA E 181 -24.20 -13.30 -7.58
N ASN E 182 -25.31 -13.78 -7.04
CA ASN E 182 -25.75 -13.42 -5.69
C ASN E 182 -25.54 -14.63 -4.80
N VAL E 183 -24.77 -14.44 -3.73
CA VAL E 183 -24.33 -15.55 -2.90
C VAL E 183 -24.58 -15.24 -1.42
N ARG E 184 -24.47 -16.28 -0.60
CA ARG E 184 -24.67 -16.16 0.84
C ARG E 184 -23.76 -17.16 1.51
N TYR E 185 -23.11 -16.77 2.61
CA TYR E 185 -22.17 -17.70 3.23
C TYR E 185 -22.84 -18.41 4.40
N TYR E 186 -22.29 -19.55 4.77
CA TYR E 186 -22.84 -20.39 5.83
C TYR E 186 -21.71 -20.86 6.73
N ASN E 187 -21.97 -20.90 8.03
CA ASN E 187 -21.02 -21.46 8.98
C ASN E 187 -21.70 -22.59 9.72
N THR E 188 -21.19 -23.81 9.53
CA THR E 188 -21.72 -24.97 10.22
C THR E 188 -20.75 -25.58 11.20
N GLY E 189 -19.74 -24.84 11.65
CA GLY E 189 -18.77 -25.34 12.61
C GLY E 189 -19.06 -24.90 14.02
N THR E 190 -18.02 -24.87 14.84
CA THR E 190 -18.15 -24.52 16.25
C THR E 190 -17.54 -23.18 16.62
N ALA E 191 -16.92 -22.48 15.68
CA ALA E 191 -16.27 -21.22 16.00
C ALA E 191 -16.70 -20.15 15.01
N PRO E 192 -16.74 -18.89 15.45
CA PRO E 192 -17.02 -17.82 14.51
C PRO E 192 -15.77 -17.44 13.73
N MET E 193 -15.96 -17.08 12.47
CA MET E 193 -14.88 -16.65 11.59
C MET E 193 -15.05 -15.17 11.31
N TYR E 194 -14.01 -14.39 11.55
CA TYR E 194 -14.02 -12.97 11.28
C TYR E 194 -13.30 -12.68 9.96
N LYS E 195 -13.82 -11.70 9.23
CA LYS E 195 -13.24 -11.29 7.95
C LYS E 195 -13.25 -12.43 6.94
N VAL E 196 -14.45 -12.97 6.70
CA VAL E 196 -14.61 -14.14 5.84
C VAL E 196 -14.28 -13.79 4.41
N THR E 197 -13.34 -14.52 3.82
CA THR E 197 -12.87 -14.27 2.45
C THR E 197 -12.90 -15.54 1.65
N PRO E 198 -14.02 -15.86 1.02
CA PRO E 198 -14.10 -17.07 0.21
C PRO E 198 -13.46 -16.88 -1.16
N THR E 199 -13.00 -18.01 -1.71
CA THR E 199 -12.54 -18.07 -3.09
C THR E 199 -13.42 -19.08 -3.82
N THR E 200 -14.05 -18.64 -4.89
CA THR E 200 -15.06 -19.44 -5.56
C THR E 200 -14.70 -19.67 -7.02
N ASN E 201 -15.07 -20.84 -7.52
CA ASN E 201 -15.00 -21.18 -8.93
C ASN E 201 -16.35 -20.91 -9.59
N LEU E 202 -16.29 -20.48 -10.84
CA LEU E 202 -17.48 -20.24 -11.66
C LEU E 202 -17.39 -21.14 -12.87
N VAL E 203 -18.08 -22.28 -12.82
CA VAL E 203 -17.90 -23.36 -13.79
C VAL E 203 -19.11 -23.40 -14.71
N LEU E 204 -18.87 -23.31 -16.01
CA LEU E 204 -19.92 -23.40 -17.03
C LEU E 204 -19.54 -24.50 -18.01
N ASP E 205 -20.21 -25.64 -17.90
CA ASP E 205 -20.13 -26.71 -18.89
C ASP E 205 -18.71 -27.25 -19.02
N GLY E 206 -18.14 -27.64 -17.87
CA GLY E 206 -16.88 -28.33 -17.84
C GLY E 206 -15.65 -27.47 -17.76
N GLU E 207 -15.78 -26.15 -17.93
CA GLU E 207 -14.65 -25.24 -17.83
C GLU E 207 -14.92 -24.19 -16.78
N THR E 208 -13.86 -23.76 -16.09
CA THR E 208 -13.95 -22.70 -15.10
C THR E 208 -13.82 -21.35 -15.81
N LEU E 209 -14.86 -20.52 -15.71
CA LEU E 209 -14.82 -19.21 -16.34
C LEU E 209 -13.90 -18.27 -15.58
N ALA E 210 -14.04 -18.24 -14.25
CA ALA E 210 -13.21 -17.37 -13.43
C ALA E 210 -13.17 -17.91 -12.01
N THR E 211 -12.09 -17.62 -11.31
CA THR E 211 -11.92 -17.96 -9.89
C THR E 211 -11.79 -16.64 -9.14
N ILE E 212 -12.81 -16.27 -8.39
CA ILE E 212 -12.89 -14.95 -7.76
C ILE E 212 -12.65 -15.09 -6.27
N LYS E 213 -11.89 -14.18 -5.71
CA LYS E 213 -11.68 -14.06 -4.28
C LYS E 213 -12.43 -12.82 -3.78
N ALA E 214 -13.00 -12.91 -2.58
CA ALA E 214 -13.84 -11.83 -2.09
C ALA E 214 -12.99 -10.63 -1.68
N GLN E 215 -13.25 -9.49 -2.30
CA GLN E 215 -12.58 -8.24 -1.97
C GLN E 215 -13.41 -7.48 -0.95
N ASP E 216 -13.09 -6.19 -0.76
CA ASP E 216 -13.70 -5.39 0.31
C ASP E 216 -15.22 -5.49 0.34
N ASN E 217 -15.88 -5.40 -0.83
CA ASN E 217 -17.33 -5.40 -0.86
C ASN E 217 -17.91 -6.73 -0.39
N GLN E 218 -17.24 -7.84 -0.66
CA GLN E 218 -17.82 -9.17 -0.44
C GLN E 218 -17.28 -9.86 0.80
N ILE E 219 -16.60 -9.12 1.68
CA ILE E 219 -16.05 -9.70 2.90
C ILE E 219 -17.09 -9.59 4.01
N GLY E 220 -17.29 -10.67 4.74
CA GLY E 220 -18.21 -10.70 5.86
C GLY E 220 -17.47 -10.49 7.17
N ASN E 221 -17.92 -9.50 7.93
CA ASN E 221 -17.20 -9.11 9.13
C ASN E 221 -17.26 -10.18 10.19
N ASN E 222 -18.47 -10.64 10.54
CA ASN E 222 -18.67 -11.69 11.52
C ASN E 222 -19.48 -12.81 10.87
N LEU E 223 -19.24 -14.04 11.33
CA LEU E 223 -20.02 -15.20 10.89
C LEU E 223 -19.98 -16.21 12.03
N SER E 224 -21.02 -16.22 12.83
CA SER E 224 -21.10 -17.14 13.96
C SER E 224 -21.56 -18.51 13.50
N PRO E 225 -21.34 -19.53 14.30
CA PRO E 225 -21.81 -20.87 13.92
C PRO E 225 -23.33 -20.91 13.79
N ASN E 226 -23.78 -21.65 12.78
CA ASN E 226 -25.19 -21.85 12.44
C ASN E 226 -25.87 -20.59 11.94
N GLU E 227 -25.11 -19.58 11.53
CA GLU E 227 -25.67 -18.36 10.97
C GLU E 227 -25.19 -18.18 9.54
N THR E 228 -25.61 -17.07 8.94
CA THR E 228 -25.26 -16.76 7.57
C THR E 228 -24.79 -15.31 7.47
N TYR E 229 -24.04 -15.02 6.43
CA TYR E 229 -23.81 -13.64 6.04
C TYR E 229 -24.17 -13.47 4.56
N PRO E 230 -25.07 -12.55 4.22
CA PRO E 230 -25.82 -11.71 5.14
C PRO E 230 -26.89 -12.48 5.89
N LYS E 231 -27.36 -11.91 7.00
CA LYS E 231 -28.25 -12.61 7.94
C LYS E 231 -29.53 -13.08 7.26
N LYS E 232 -30.29 -13.90 7.98
CA LYS E 232 -31.37 -14.68 7.37
C LYS E 232 -32.37 -13.79 6.64
N GLY E 233 -32.79 -12.69 7.24
CA GLY E 233 -33.83 -11.88 6.64
C GLY E 233 -33.40 -10.92 5.56
N LEU E 234 -32.16 -11.00 5.10
CA LEU E 234 -31.60 -10.06 4.14
C LEU E 234 -31.39 -10.72 2.78
N SER E 235 -31.05 -9.90 1.80
CA SER E 235 -30.85 -10.37 0.44
C SER E 235 -29.39 -10.74 0.21
N PRO E 236 -29.12 -11.66 -0.72
CA PRO E 236 -27.76 -12.15 -0.91
C PRO E 236 -26.83 -11.08 -1.45
N LEU E 237 -25.53 -11.36 -1.33
CA LEU E 237 -24.47 -10.45 -1.75
C LEU E 237 -24.45 -10.34 -3.28
N ALA E 238 -23.52 -9.54 -3.79
CA ALA E 238 -23.33 -9.41 -5.22
C ALA E 238 -21.85 -9.63 -5.53
N LEU E 239 -21.57 -10.61 -6.39
CA LEU E 239 -20.20 -10.92 -6.81
C LEU E 239 -20.02 -10.35 -8.22
N ASN E 240 -19.64 -9.08 -8.28
CA ASN E 240 -19.59 -8.32 -9.52
C ASN E 240 -18.22 -8.34 -10.18
N THR E 241 -17.17 -8.18 -9.39
CA THR E 241 -15.85 -7.84 -9.89
C THR E 241 -14.88 -8.99 -9.69
N MET E 242 -13.76 -8.92 -10.41
CA MET E 242 -12.73 -9.93 -10.36
C MET E 242 -11.36 -9.39 -9.98
N ASP E 243 -11.18 -8.07 -9.93
CA ASP E 243 -9.88 -7.51 -9.59
C ASP E 243 -9.83 -7.19 -8.10
N GLN E 244 -8.73 -6.58 -7.67
CA GLN E 244 -8.47 -6.38 -6.25
C GLN E 244 -9.17 -5.15 -5.68
N PHE E 245 -9.46 -4.14 -6.51
CA PHE E 245 -10.04 -2.90 -6.04
C PHE E 245 -11.51 -2.75 -6.37
N ASN E 246 -12.16 -3.83 -6.83
CA ASN E 246 -13.59 -3.84 -7.12
C ASN E 246 -13.94 -2.88 -8.26
N ALA E 247 -13.15 -2.95 -9.32
CA ALA E 247 -13.32 -2.01 -10.43
C ALA E 247 -13.26 -2.70 -11.80
N ARG E 248 -13.49 -4.00 -11.87
CA ARG E 248 -13.36 -4.74 -13.12
C ARG E 248 -14.36 -5.90 -13.10
N LEU E 249 -15.43 -5.77 -13.90
CA LEU E 249 -16.48 -6.77 -13.91
C LEU E 249 -15.96 -8.09 -14.48
N ILE E 250 -16.76 -9.14 -14.32
CA ILE E 250 -16.36 -10.50 -14.69
C ILE E 250 -16.83 -10.76 -16.12
N PRO E 251 -15.94 -11.00 -17.07
CA PRO E 251 -16.34 -11.23 -18.45
C PRO E 251 -16.54 -12.70 -18.79
N ILE E 252 -17.38 -12.93 -19.79
CA ILE E 252 -17.45 -14.21 -20.48
C ILE E 252 -17.43 -13.93 -21.97
N ASN E 253 -16.88 -14.84 -22.75
CA ASN E 253 -16.76 -14.62 -24.19
C ASN E 253 -18.03 -15.06 -24.89
N TYR E 254 -17.98 -15.10 -26.23
CA TYR E 254 -19.21 -15.24 -27.00
C TYR E 254 -19.74 -16.67 -26.98
N ASP E 255 -18.84 -17.66 -27.06
CA ASP E 255 -19.29 -19.05 -27.03
C ASP E 255 -19.93 -19.39 -25.69
N GLN E 256 -19.34 -18.88 -24.61
CA GLN E 256 -19.92 -19.11 -23.28
C GLN E 256 -21.26 -18.42 -23.13
N LEU E 257 -21.40 -17.24 -23.72
CA LEU E 257 -22.69 -16.56 -23.71
C LEU E 257 -23.73 -17.35 -24.49
N LYS E 258 -23.34 -17.93 -25.62
CA LYS E 258 -24.26 -18.73 -26.41
C LYS E 258 -24.71 -19.97 -25.65
N LYS E 259 -23.76 -20.67 -25.03
CA LYS E 259 -24.12 -21.75 -24.12
C LYS E 259 -25.09 -21.28 -23.05
N LEU E 260 -24.86 -20.09 -22.49
CA LEU E 260 -25.66 -19.57 -21.40
C LEU E 260 -27.09 -19.24 -21.82
N ASP E 261 -27.31 -18.85 -23.08
CA ASP E 261 -28.65 -18.61 -23.58
C ASP E 261 -29.31 -19.92 -24.03
N SER E 262 -29.25 -20.91 -23.14
CA SER E 262 -29.80 -22.23 -23.36
C SER E 262 -29.99 -22.86 -21.98
N GLY E 263 -30.17 -24.18 -21.94
CA GLY E 263 -30.33 -24.88 -20.68
C GLY E 263 -29.12 -24.83 -19.77
N LYS E 264 -27.98 -24.32 -20.25
CA LYS E 264 -26.75 -24.38 -19.46
C LYS E 264 -26.80 -23.44 -18.28
N GLN E 265 -26.36 -23.92 -17.13
CA GLN E 265 -26.31 -23.16 -15.90
C GLN E 265 -24.87 -23.06 -15.40
N ILE E 266 -24.56 -21.94 -14.75
CA ILE E 266 -23.26 -21.72 -14.14
C ILE E 266 -23.33 -22.22 -12.70
N LYS E 267 -22.36 -23.05 -12.32
CA LYS E 267 -22.28 -23.53 -10.95
C LYS E 267 -21.24 -22.71 -10.17
N LEU E 268 -21.41 -22.70 -8.86
CA LEU E 268 -20.48 -22.04 -7.96
C LEU E 268 -20.01 -23.04 -6.91
N GLU E 269 -18.70 -23.18 -6.76
CA GLU E 269 -18.12 -24.02 -5.73
C GLU E 269 -16.99 -23.28 -5.05
N THR E 270 -16.98 -23.31 -3.72
CA THR E 270 -15.94 -22.66 -2.94
C THR E 270 -14.76 -23.61 -2.79
N THR E 271 -13.57 -23.12 -3.14
CA THR E 271 -12.35 -23.92 -3.06
C THR E 271 -11.60 -23.71 -1.76
N GLN E 272 -11.73 -22.54 -1.15
CA GLN E 272 -11.11 -22.25 0.13
C GLN E 272 -11.82 -21.04 0.74
N VAL E 273 -11.68 -20.91 2.06
CA VAL E 273 -12.21 -19.76 2.78
C VAL E 273 -11.14 -19.28 3.74
N SER E 274 -10.90 -17.98 3.74
CA SER E 274 -9.92 -17.36 4.61
C SER E 274 -10.63 -16.48 5.64
N GLY E 275 -10.15 -16.54 6.88
CA GLY E 275 -10.72 -15.72 7.92
C GLY E 275 -9.89 -15.82 9.19
N ASN E 276 -10.26 -15.01 10.17
CA ASN E 276 -9.48 -14.81 11.38
C ASN E 276 -10.17 -15.42 12.59
N TYR E 277 -9.40 -15.63 13.64
CA TYR E 277 -9.91 -15.96 14.96
C TYR E 277 -9.54 -14.84 15.92
N GLY E 278 -10.17 -14.85 17.09
CA GLY E 278 -9.93 -13.82 18.10
C GLY E 278 -9.18 -14.37 19.30
N THR E 279 -8.29 -13.55 19.84
CA THR E 279 -7.55 -13.89 21.05
C THR E 279 -7.64 -12.74 22.02
N LYS E 280 -8.07 -13.02 23.24
CA LYS E 280 -8.26 -12.01 24.27
C LYS E 280 -6.93 -11.66 24.92
N ASN E 281 -6.98 -10.97 26.05
CA ASN E 281 -5.81 -10.68 26.87
C ASN E 281 -6.24 -10.80 28.33
N SER E 282 -5.43 -10.23 29.24
CA SER E 282 -5.81 -10.20 30.64
C SER E 282 -7.22 -9.65 30.82
N GLN E 283 -7.52 -8.53 30.16
CA GLN E 283 -8.85 -7.97 30.08
C GLN E 283 -9.59 -8.60 28.91
N GLY E 284 -10.72 -8.02 28.51
CA GLY E 284 -11.40 -8.48 27.33
C GLY E 284 -11.01 -7.77 26.04
N GLN E 285 -9.71 -7.60 25.79
CA GLN E 285 -9.27 -6.99 24.54
C GLN E 285 -9.04 -8.08 23.50
N ILE E 286 -9.88 -8.08 22.47
CA ILE E 286 -9.87 -9.10 21.42
C ILE E 286 -9.13 -8.54 20.21
N ILE E 287 -8.28 -9.37 19.61
CA ILE E 287 -7.50 -9.00 18.44
C ILE E 287 -7.65 -10.10 17.40
N THR E 288 -7.95 -9.70 16.16
CA THR E 288 -8.23 -10.67 15.10
C THR E 288 -7.47 -10.33 13.82
N GLU E 289 -6.20 -9.96 13.93
CA GLU E 289 -5.45 -9.49 12.77
C GLU E 289 -4.32 -10.42 12.36
N GLY E 290 -3.38 -10.71 13.24
CA GLY E 290 -2.41 -11.70 12.85
C GLY E 290 -2.90 -13.13 12.96
N ASN E 291 -4.14 -13.28 13.40
CA ASN E 291 -4.73 -14.58 13.70
C ASN E 291 -5.42 -15.12 12.45
N SER E 292 -4.84 -16.16 11.84
CA SER E 292 -5.35 -16.68 10.59
C SER E 292 -5.71 -18.15 10.74
N TRP E 293 -6.93 -18.51 10.32
CA TRP E 293 -7.39 -19.89 10.44
C TRP E 293 -6.65 -20.83 9.52
N SER E 294 -6.06 -20.31 8.43
CA SER E 294 -5.37 -21.16 7.48
C SER E 294 -4.11 -21.77 8.08
N ASN E 295 -3.56 -21.13 9.12
CA ASN E 295 -2.42 -21.71 9.83
C ASN E 295 -2.79 -22.97 10.59
N TYR E 296 -4.07 -23.16 10.89
CA TYR E 296 -4.52 -24.29 11.69
C TYR E 296 -5.42 -25.26 10.95
N ILE E 297 -5.88 -24.93 9.75
CA ILE E 297 -6.80 -25.81 9.03
C ILE E 297 -6.14 -27.17 8.77
N SER E 298 -4.93 -27.17 8.23
CA SER E 298 -4.27 -28.44 7.89
C SER E 298 -3.90 -29.22 9.14
N GLN E 299 -3.40 -28.52 10.17
CA GLN E 299 -3.04 -29.19 11.42
C GLN E 299 -4.26 -29.81 12.08
N ILE E 300 -5.43 -29.18 11.97
CA ILE E 300 -6.63 -29.75 12.55
C ILE E 300 -7.10 -30.95 11.74
N ASP E 301 -7.06 -30.83 10.41
CA ASP E 301 -7.43 -31.97 9.57
C ASP E 301 -6.52 -33.16 9.75
N SER E 302 -5.28 -32.94 10.18
CA SER E 302 -4.29 -34.02 10.22
C SER E 302 -4.27 -34.78 11.54
N VAL E 303 -5.02 -34.36 12.55
CA VAL E 303 -5.02 -35.03 13.84
C VAL E 303 -6.44 -35.34 14.32
N SER E 304 -7.40 -35.45 13.41
CA SER E 304 -8.80 -35.48 13.79
C SER E 304 -9.54 -36.57 13.02
N ALA E 305 -10.78 -36.79 13.44
CA ALA E 305 -11.74 -37.63 12.73
C ALA E 305 -12.96 -36.77 12.44
N SER E 306 -13.46 -36.83 11.21
CA SER E 306 -14.59 -36.00 10.81
C SER E 306 -15.91 -36.68 11.19
N ILE E 307 -16.81 -35.90 11.76
CA ILE E 307 -18.16 -36.36 12.09
C ILE E 307 -19.15 -35.30 11.62
N ILE E 308 -20.06 -35.69 10.73
CA ILE E 308 -21.08 -34.79 10.21
C ILE E 308 -22.45 -35.31 10.60
N LEU E 309 -23.30 -34.43 11.10
CA LEU E 309 -24.67 -34.75 11.46
C LEU E 309 -25.58 -33.77 10.72
N ASP E 310 -26.43 -34.30 9.84
CA ASP E 310 -27.41 -33.48 9.15
C ASP E 310 -28.81 -33.97 9.48
N THR E 311 -29.54 -33.19 10.27
CA THR E 311 -30.90 -33.51 10.64
C THR E 311 -31.87 -33.44 9.46
N GLY E 312 -31.37 -33.11 8.26
CA GLY E 312 -32.20 -32.99 7.08
C GLY E 312 -32.31 -31.55 6.61
N SER E 313 -32.47 -30.63 7.55
CA SER E 313 -32.52 -29.21 7.22
C SER E 313 -31.20 -28.52 7.49
N GLN E 314 -30.59 -28.78 8.64
CA GLN E 314 -29.30 -28.20 9.01
C GLN E 314 -28.22 -29.26 8.85
N THR E 315 -26.98 -28.84 9.06
CA THR E 315 -25.83 -29.72 9.04
C THR E 315 -24.81 -29.19 10.03
N PHE E 316 -24.17 -30.10 10.76
CA PHE E 316 -23.18 -29.72 11.76
C PHE E 316 -21.94 -30.59 11.56
N GLU E 317 -20.81 -29.96 11.25
CA GLU E 317 -19.55 -30.66 11.03
C GLU E 317 -18.63 -30.46 12.23
N ARG E 318 -18.01 -31.54 12.69
CA ARG E 318 -17.18 -31.51 13.88
C ARG E 318 -15.84 -32.18 13.60
N ARG E 319 -14.87 -31.91 14.46
CA ARG E 319 -13.54 -32.51 14.37
C ARG E 319 -13.13 -32.92 15.78
N VAL E 320 -13.00 -34.22 16.02
CA VAL E 320 -12.61 -34.75 17.32
C VAL E 320 -11.21 -35.33 17.19
N ALA E 321 -10.36 -35.06 18.17
CA ALA E 321 -8.97 -35.48 18.13
C ALA E 321 -8.84 -36.97 18.43
N ALA E 322 -8.13 -37.68 17.54
CA ALA E 322 -7.87 -39.09 17.71
C ALA E 322 -6.37 -39.32 17.82
N LYS E 323 -6.00 -40.43 18.44
CA LYS E 323 -4.61 -40.73 18.74
C LYS E 323 -3.89 -41.31 17.53
N GLU E 324 -2.61 -40.95 17.39
CA GLU E 324 -1.77 -41.53 16.36
C GLU E 324 -1.29 -42.92 16.80
N GLN E 325 -1.35 -43.88 15.89
CA GLN E 325 -1.25 -45.28 16.29
C GLN E 325 0.19 -45.69 16.62
N GLY E 326 1.10 -45.54 15.66
CA GLY E 326 2.45 -46.04 15.88
C GLY E 326 3.19 -45.31 16.97
N ASN E 327 2.96 -44.01 17.08
CA ASN E 327 3.67 -43.16 18.04
C ASN E 327 3.36 -43.58 19.46
N PRO E 328 4.34 -44.04 20.24
CA PRO E 328 4.09 -44.32 21.65
C PRO E 328 4.15 -43.09 22.54
N GLU E 329 4.62 -41.96 22.00
CA GLU E 329 4.69 -40.71 22.73
C GLU E 329 3.49 -39.81 22.45
N ASP E 330 2.45 -40.36 21.86
CA ASP E 330 1.21 -39.64 21.58
C ASP E 330 0.22 -40.00 22.69
N LYS E 331 0.03 -39.09 23.64
CA LYS E 331 -0.76 -39.34 24.83
C LYS E 331 -2.20 -38.87 24.69
N THR E 332 -2.69 -38.74 23.45
CA THR E 332 -4.08 -38.35 23.26
C THR E 332 -4.99 -39.41 23.83
N PRO E 333 -6.00 -39.04 24.63
CA PRO E 333 -6.89 -40.04 25.20
C PRO E 333 -7.75 -40.69 24.13
N GLU E 334 -8.10 -41.95 24.38
CA GLU E 334 -8.91 -42.72 23.45
C GLU E 334 -10.35 -42.75 23.92
N ILE E 335 -11.27 -42.54 22.99
CA ILE E 335 -12.70 -42.56 23.25
C ILE E 335 -13.37 -43.39 22.17
N THR E 336 -14.58 -43.84 22.45
CA THR E 336 -15.34 -44.58 21.45
C THR E 336 -16.07 -43.63 20.53
N ILE E 337 -16.73 -44.19 19.52
CA ILE E 337 -17.47 -43.37 18.57
C ILE E 337 -18.65 -42.70 19.26
N GLY E 338 -19.35 -43.42 20.13
CA GLY E 338 -20.50 -42.84 20.80
C GLY E 338 -20.11 -41.72 21.74
N GLU E 339 -19.02 -41.88 22.48
CA GLU E 339 -18.54 -40.80 23.34
C GLU E 339 -18.09 -39.61 22.51
N ALA E 340 -17.53 -39.87 21.33
CA ALA E 340 -17.11 -38.78 20.45
C ALA E 340 -18.30 -38.00 19.92
N ILE E 341 -19.38 -38.71 19.57
CA ILE E 341 -20.60 -38.03 19.13
C ILE E 341 -21.20 -37.23 20.27
N LYS E 342 -21.27 -37.81 21.46
CA LYS E 342 -21.83 -37.13 22.62
C LYS E 342 -21.02 -35.90 22.97
N LYS E 343 -19.71 -35.92 22.76
CA LYS E 343 -18.90 -34.75 23.04
C LYS E 343 -19.00 -33.70 21.94
N ALA E 344 -18.94 -34.13 20.67
CA ALA E 344 -18.90 -33.19 19.56
C ALA E 344 -20.24 -32.50 19.33
N PHE E 345 -21.36 -33.10 19.71
CA PHE E 345 -22.64 -32.45 19.47
C PHE E 345 -23.36 -32.05 20.74
N SER E 346 -22.74 -32.22 21.91
CA SER E 346 -23.36 -31.92 23.18
C SER E 346 -24.71 -32.62 23.32
N ALA E 347 -24.78 -33.88 22.91
CA ALA E 347 -26.01 -34.62 22.99
C ALA E 347 -26.31 -35.02 24.43
N THR E 348 -27.57 -34.90 24.82
CA THR E 348 -28.02 -35.36 26.12
C THR E 348 -28.25 -36.87 26.05
N LYS E 349 -27.86 -37.55 27.12
CA LYS E 349 -27.96 -39.00 27.19
C LYS E 349 -28.84 -39.39 28.37
N ASN E 350 -30.06 -39.84 28.07
CA ASN E 350 -31.01 -40.26 29.09
C ASN E 350 -30.98 -41.80 29.17
N GLY E 351 -29.91 -42.30 29.78
CA GLY E 351 -29.75 -43.73 29.99
C GLY E 351 -29.27 -44.49 28.77
N GLU E 352 -30.17 -44.71 27.81
CA GLU E 352 -29.84 -45.40 26.58
C GLU E 352 -29.89 -44.49 25.37
N LEU E 353 -30.95 -43.69 25.26
CA LEU E 353 -31.12 -42.82 24.11
C LEU E 353 -30.16 -41.64 24.18
N LEU E 354 -29.58 -41.30 23.04
CA LEU E 354 -28.74 -40.13 22.91
C LEU E 354 -29.52 -39.05 22.16
N TYR E 355 -29.69 -37.90 22.79
CA TYR E 355 -30.61 -36.88 22.31
C TYR E 355 -29.84 -35.66 21.84
N PHE E 356 -30.01 -35.30 20.57
CA PHE E 356 -29.60 -33.99 20.08
C PHE E 356 -30.66 -33.00 20.52
N ASN E 357 -30.72 -31.82 19.89
CA ASN E 357 -31.64 -30.75 20.30
C ASN E 357 -32.98 -31.30 20.77
N GLY E 358 -33.64 -32.08 19.93
CA GLY E 358 -34.73 -32.91 20.38
C GLY E 358 -34.74 -34.23 19.63
N ILE E 359 -33.82 -34.37 18.70
CA ILE E 359 -33.73 -35.53 17.81
C ILE E 359 -32.95 -36.64 18.50
N PRO E 360 -33.46 -37.87 18.54
CA PRO E 360 -32.67 -38.97 19.10
C PRO E 360 -31.62 -39.43 18.11
N ILE E 361 -30.34 -39.25 18.47
CA ILE E 361 -29.25 -39.60 17.57
C ILE E 361 -28.55 -40.85 18.06
N ASP E 362 -29.26 -41.71 18.78
CA ASP E 362 -28.68 -42.97 19.21
C ASP E 362 -28.48 -43.87 17.99
N GLU E 363 -27.59 -44.86 18.15
CA GLU E 363 -27.21 -45.71 17.04
C GLU E 363 -28.40 -46.43 16.43
N SER E 364 -29.44 -46.66 17.23
CA SER E 364 -30.61 -47.37 16.72
C SER E 364 -31.42 -46.52 15.76
N CYS E 365 -31.53 -45.21 16.04
CA CYS E 365 -32.48 -44.35 15.36
C CYS E 365 -31.87 -43.56 14.20
N VAL E 366 -30.60 -43.78 13.88
CA VAL E 366 -29.93 -43.02 12.84
C VAL E 366 -29.32 -43.99 11.83
N GLU E 367 -28.89 -43.43 10.69
CA GLU E 367 -28.32 -44.20 9.59
C GLU E 367 -26.88 -43.71 9.39
N LEU E 368 -25.92 -44.60 9.60
CA LEU E 368 -24.52 -44.21 9.57
C LEU E 368 -23.90 -44.51 8.22
N ILE E 369 -23.17 -43.52 7.69
CA ILE E 369 -22.61 -43.58 6.34
C ILE E 369 -21.14 -43.23 6.42
N PHE E 370 -20.28 -44.20 6.17
CA PHE E 370 -18.84 -44.02 6.22
C PHE E 370 -18.28 -43.94 4.79
N ASP E 371 -16.98 -43.70 4.70
CA ASP E 371 -16.27 -43.87 3.45
C ASP E 371 -15.75 -45.31 3.39
N ASP E 372 -14.83 -45.59 2.47
CA ASP E 372 -14.41 -46.98 2.27
C ASP E 372 -13.50 -47.44 3.40
N ASN E 373 -12.48 -46.65 3.73
CA ASN E 373 -11.47 -47.10 4.69
C ASN E 373 -12.02 -47.12 6.11
N THR E 374 -12.82 -46.12 6.47
CA THR E 374 -13.46 -46.15 7.79
C THR E 374 -14.41 -47.32 7.91
N SER E 375 -15.14 -47.64 6.83
CA SER E 375 -16.01 -48.80 6.86
C SER E 375 -15.22 -50.07 7.06
N GLU E 376 -14.09 -50.22 6.34
CA GLU E 376 -13.22 -51.36 6.57
C GLU E 376 -12.79 -51.45 8.03
N ILE E 377 -12.27 -50.34 8.58
CA ILE E 377 -11.76 -50.35 9.95
C ILE E 377 -12.84 -50.77 10.93
N ILE E 378 -14.04 -50.18 10.81
CA ILE E 378 -15.10 -50.47 11.77
C ILE E 378 -15.58 -51.91 11.63
N LYS E 379 -15.73 -52.39 10.39
CA LYS E 379 -16.18 -53.75 10.20
C LYS E 379 -15.16 -54.77 10.69
N GLU E 380 -13.86 -54.49 10.56
CA GLU E 380 -12.87 -55.42 11.06
C GLU E 380 -12.74 -55.36 12.58
N GLN E 381 -12.93 -54.19 13.17
CA GLN E 381 -12.79 -54.06 14.61
C GLN E 381 -13.99 -54.57 15.39
N LEU E 382 -15.13 -54.79 14.72
CA LEU E 382 -16.30 -55.33 15.40
C LEU E 382 -16.13 -56.79 15.78
N LYS E 383 -15.27 -57.52 15.08
CA LYS E 383 -15.16 -58.97 15.30
C LYS E 383 -14.67 -59.28 16.71
N TYR E 384 -13.64 -58.56 17.17
CA TYR E 384 -13.03 -58.78 18.48
C TYR E 384 -13.76 -58.06 19.60
N LEU E 385 -15.03 -57.71 19.41
CA LEU E 385 -15.75 -56.86 20.36
C LEU E 385 -17.02 -57.57 20.81
N ASP E 386 -17.18 -57.72 22.12
CA ASP E 386 -18.50 -58.03 22.65
C ASP E 386 -19.35 -56.76 22.70
N ASP E 387 -20.66 -56.94 22.69
CA ASP E 387 -21.61 -55.83 22.55
C ASP E 387 -21.35 -55.08 21.25
N LYS E 388 -21.54 -55.81 20.14
CA LYS E 388 -21.17 -55.33 18.81
C LYS E 388 -22.08 -54.18 18.39
N LYS E 389 -21.83 -53.00 18.94
CA LYS E 389 -22.49 -51.77 18.51
C LYS E 389 -21.42 -50.84 17.94
N ILE E 390 -21.70 -50.26 16.77
CA ILE E 390 -20.73 -49.43 16.10
C ILE E 390 -20.32 -48.22 16.94
N TYR E 391 -21.15 -47.84 17.90
CA TYR E 391 -20.80 -46.77 18.83
C TYR E 391 -19.81 -47.22 19.90
N ASN E 392 -19.16 -48.37 19.72
CA ASN E 392 -18.17 -48.86 20.67
C ASN E 392 -16.80 -49.07 20.03
N VAL E 393 -16.68 -48.84 18.72
CA VAL E 393 -15.36 -48.80 18.08
C VAL E 393 -14.62 -47.55 18.57
N LYS E 394 -13.29 -47.59 18.46
CA LYS E 394 -12.43 -46.72 19.25
C LYS E 394 -11.92 -45.49 18.51
N LEU E 395 -12.58 -45.05 17.44
CA LEU E 395 -12.34 -43.73 16.85
C LEU E 395 -10.87 -43.52 16.44
N GLU E 396 -10.47 -44.25 15.42
CA GLU E 396 -9.15 -44.05 14.83
C GLU E 396 -9.09 -42.68 14.13
N ARG E 397 -7.89 -42.33 13.66
CA ARG E 397 -7.72 -41.13 12.88
C ARG E 397 -8.23 -41.34 11.45
N GLY E 398 -8.52 -40.24 10.78
CA GLY E 398 -8.98 -40.29 9.41
C GLY E 398 -10.37 -40.82 9.22
N MET E 399 -11.10 -41.11 10.30
CA MET E 399 -12.47 -41.60 10.16
C MET E 399 -13.36 -40.50 9.61
N ASN E 400 -14.42 -40.91 8.91
CA ASN E 400 -15.29 -39.99 8.18
C ASN E 400 -16.76 -40.34 8.41
N ILE E 401 -17.14 -40.52 9.67
CA ILE E 401 -18.52 -40.84 10.00
C ILE E 401 -19.46 -39.74 9.51
N LEU E 402 -20.59 -40.14 8.93
CA LEU E 402 -21.68 -39.23 8.57
C LEU E 402 -22.98 -39.77 9.13
N ILE E 403 -23.66 -38.96 9.93
CA ILE E 403 -24.88 -39.36 10.63
C ILE E 403 -26.07 -38.75 9.93
N LYS E 404 -26.99 -39.59 9.47
CA LYS E 404 -28.19 -39.16 8.77
C LYS E 404 -29.41 -39.43 9.64
N VAL E 405 -30.11 -38.37 10.00
CA VAL E 405 -31.41 -38.51 10.67
C VAL E 405 -32.45 -38.90 9.63
N PRO E 406 -33.24 -39.94 9.88
CA PRO E 406 -34.23 -40.35 8.88
C PRO E 406 -35.41 -39.38 8.84
N SER E 407 -36.03 -39.29 7.67
CA SER E 407 -37.16 -38.38 7.50
C SER E 407 -38.39 -38.88 8.22
N TYR E 408 -38.66 -40.18 8.15
CA TYR E 408 -39.76 -40.79 8.87
C TYR E 408 -39.21 -41.91 9.75
N PHE E 409 -39.75 -42.03 10.97
CA PHE E 409 -39.29 -43.04 11.92
C PHE E 409 -40.48 -43.62 12.67
N THR E 410 -40.37 -44.91 13.00
CA THR E 410 -41.40 -45.63 13.77
C THR E 410 -40.72 -46.23 14.98
N ASN E 411 -41.00 -45.68 16.17
CA ASN E 411 -40.31 -46.10 17.37
C ASN E 411 -40.99 -47.32 17.98
N PHE E 412 -40.24 -48.40 18.10
CA PHE E 412 -40.74 -49.64 18.67
C PHE E 412 -39.71 -50.25 19.61
N GLU F 7 -12.70 -11.24 52.66
CA GLU F 7 -11.71 -10.17 52.62
C GLU F 7 -11.74 -9.40 51.29
N ASP F 8 -10.59 -8.89 50.90
CA ASP F 8 -10.43 -8.20 49.62
C ASP F 8 -9.62 -9.12 48.71
N LEU F 9 -10.32 -10.06 48.05
CA LEU F 9 -9.70 -11.00 47.13
C LEU F 9 -10.23 -10.71 45.73
N ASP F 10 -9.33 -10.62 44.76
CA ASP F 10 -9.68 -10.31 43.37
C ASP F 10 -9.26 -11.48 42.50
N THR F 11 -10.23 -12.23 41.99
CA THR F 11 -9.93 -13.41 41.20
C THR F 11 -9.73 -13.07 39.73
N ASP F 12 -10.68 -12.34 39.14
CA ASP F 12 -10.58 -11.97 37.73
C ASP F 12 -9.62 -10.82 37.50
N ASN F 13 -9.13 -10.17 38.56
CA ASN F 13 -8.14 -9.10 38.46
C ASN F 13 -8.71 -7.92 37.66
N ASP F 14 -9.78 -7.33 38.22
CA ASP F 14 -10.40 -6.14 37.63
C ASP F 14 -10.64 -5.06 38.67
N ASN F 15 -9.93 -5.12 39.80
CA ASN F 15 -9.93 -4.10 40.85
C ASN F 15 -11.24 -4.02 41.62
N ILE F 16 -12.03 -5.10 41.63
CA ILE F 16 -13.22 -5.19 42.47
C ILE F 16 -13.16 -6.54 43.18
N PRO F 17 -13.10 -6.56 44.52
CA PRO F 17 -13.04 -7.84 45.23
C PRO F 17 -14.23 -8.73 44.92
N ASP F 18 -14.05 -10.03 45.21
CA ASP F 18 -15.07 -11.02 44.85
C ASP F 18 -16.36 -10.80 45.63
N ALA F 19 -16.26 -10.61 46.94
CA ALA F 19 -17.45 -10.40 47.75
C ALA F 19 -18.23 -9.17 47.30
N TYR F 20 -17.50 -8.12 46.89
CA TYR F 20 -18.15 -6.92 46.40
C TYR F 20 -18.94 -7.21 45.13
N GLU F 21 -18.30 -7.86 44.15
CA GLU F 21 -18.98 -8.21 42.92
C GLU F 21 -20.19 -9.09 43.18
N LYS F 22 -20.12 -9.95 44.18
CA LYS F 22 -21.22 -10.88 44.44
C LYS F 22 -22.40 -10.20 45.12
N ASN F 23 -22.13 -9.34 46.11
CA ASN F 23 -23.21 -8.85 46.96
C ASN F 23 -23.61 -7.40 46.67
N GLY F 24 -22.76 -6.63 46.01
CA GLY F 24 -23.10 -5.27 45.64
C GLY F 24 -22.02 -4.30 46.05
N TYR F 25 -21.79 -3.30 45.19
CA TYR F 25 -20.75 -2.32 45.45
C TYR F 25 -21.12 -1.02 44.73
N THR F 26 -20.32 0.01 45.00
CA THR F 26 -20.44 1.28 44.29
C THR F 26 -19.06 1.94 44.30
N ILE F 27 -18.91 2.97 43.47
CA ILE F 27 -17.62 3.63 43.30
C ILE F 27 -17.67 4.97 44.01
N LYS F 28 -16.68 5.22 44.86
CA LYS F 28 -16.52 6.47 45.58
C LYS F 28 -15.07 6.90 45.47
N ASP F 29 -14.82 8.04 44.82
CA ASP F 29 -13.48 8.55 44.60
C ASP F 29 -12.62 7.54 43.84
N SER F 30 -13.24 6.87 42.87
CA SER F 30 -12.57 5.96 41.94
C SER F 30 -12.04 4.70 42.63
N ILE F 31 -12.65 4.31 43.75
CA ILE F 31 -12.39 3.00 44.36
C ILE F 31 -13.71 2.36 44.71
N ALA F 32 -13.74 1.04 44.66
CA ALA F 32 -14.95 0.28 44.95
C ALA F 32 -15.15 0.13 46.45
N VAL F 33 -16.36 0.40 46.90
CA VAL F 33 -16.72 0.32 48.31
C VAL F 33 -17.96 -0.56 48.45
N LYS F 34 -17.99 -1.35 49.52
CA LYS F 34 -19.12 -2.24 49.76
C LYS F 34 -20.41 -1.44 49.84
N TRP F 35 -21.46 -1.99 49.24
CA TRP F 35 -22.72 -1.27 49.14
C TRP F 35 -23.40 -1.17 50.50
N ASN F 36 -23.92 0.02 50.79
CA ASN F 36 -24.71 0.27 51.97
C ASN F 36 -25.93 1.06 51.56
N ASP F 37 -27.11 0.56 51.93
CA ASP F 37 -28.35 1.21 51.54
C ASP F 37 -28.44 2.66 52.01
N SER F 38 -27.53 3.09 52.87
CA SER F 38 -27.57 4.46 53.39
C SER F 38 -27.40 5.49 52.28
N PHE F 39 -26.54 5.22 51.31
CA PHE F 39 -26.22 6.20 50.27
C PHE F 39 -26.87 5.89 48.92
N ALA F 40 -28.11 5.42 48.92
CA ALA F 40 -28.94 5.54 47.73
C ALA F 40 -29.64 6.89 47.68
N GLU F 41 -29.55 7.67 48.75
CA GLU F 41 -30.11 9.02 48.79
C GLU F 41 -29.21 10.02 48.10
N GLN F 42 -27.89 9.87 48.23
CA GLN F 42 -26.97 10.73 47.51
C GLN F 42 -27.06 10.55 46.01
N GLY F 43 -27.65 9.44 45.55
CA GLY F 43 -27.77 9.17 44.14
C GLY F 43 -26.87 8.06 43.63
N TYR F 44 -26.29 7.24 44.51
CA TYR F 44 -25.46 6.14 44.07
C TYR F 44 -26.33 4.97 43.60
N LYS F 45 -25.72 4.11 42.80
CA LYS F 45 -26.39 2.93 42.28
C LYS F 45 -25.60 1.69 42.67
N LYS F 46 -26.32 0.62 42.96
CA LYS F 46 -25.70 -0.65 43.30
C LYS F 46 -25.37 -1.40 42.03
N TYR F 47 -24.13 -1.84 41.91
CA TYR F 47 -23.68 -2.63 40.77
C TYR F 47 -23.42 -4.06 41.22
N VAL F 48 -23.65 -5.01 40.31
CA VAL F 48 -23.25 -6.39 40.49
C VAL F 48 -22.66 -6.89 39.18
N SER F 49 -21.73 -7.82 39.28
CA SER F 49 -21.06 -8.34 38.09
C SER F 49 -20.47 -9.71 38.43
N SER F 50 -19.98 -10.38 37.39
CA SER F 50 -19.39 -11.69 37.57
C SER F 50 -17.99 -11.55 38.16
N TYR F 51 -17.76 -12.18 39.31
CA TYR F 51 -16.46 -12.13 39.96
C TYR F 51 -15.45 -13.05 39.29
N LEU F 52 -15.84 -13.74 38.21
CA LEU F 52 -14.93 -14.57 37.45
C LEU F 52 -14.60 -13.99 36.07
N GLU F 53 -15.37 -13.01 35.60
CA GLU F 53 -15.11 -12.32 34.35
C GLU F 53 -14.73 -10.88 34.59
N SER F 54 -13.82 -10.37 33.75
CA SER F 54 -13.49 -8.95 33.78
C SER F 54 -14.47 -8.12 32.97
N ASN F 55 -15.06 -8.71 31.94
CA ASN F 55 -16.02 -8.05 31.07
C ASN F 55 -17.30 -8.87 31.17
N THR F 56 -18.13 -8.56 32.17
CA THR F 56 -19.35 -9.31 32.37
C THR F 56 -20.28 -9.21 31.17
N ALA F 57 -20.42 -7.99 30.62
CA ALA F 57 -21.31 -7.77 29.50
C ALA F 57 -20.70 -8.18 28.17
N GLY F 58 -19.41 -8.46 28.12
CA GLY F 58 -18.77 -8.87 26.89
C GLY F 58 -18.41 -7.76 25.94
N ASP F 59 -18.34 -6.53 26.42
CA ASP F 59 -17.96 -5.37 25.62
C ASP F 59 -16.48 -5.07 25.80
N PRO F 60 -15.93 -4.10 25.07
CA PRO F 60 -14.48 -3.86 25.20
C PRO F 60 -14.05 -3.23 26.51
N TYR F 61 -14.96 -2.90 27.42
CA TYR F 61 -14.64 -2.22 28.66
C TYR F 61 -14.91 -3.14 29.85
N THR F 62 -14.02 -3.08 30.84
CA THR F 62 -14.10 -4.00 31.97
C THR F 62 -15.21 -3.55 32.93
N ASP F 63 -15.48 -4.40 33.92
CA ASP F 63 -16.52 -4.09 34.90
C ASP F 63 -16.19 -2.81 35.67
N TYR F 64 -14.92 -2.61 35.99
CA TYR F 64 -14.53 -1.45 36.76
C TYR F 64 -14.61 -0.18 35.93
N GLN F 65 -14.10 -0.21 34.70
CA GLN F 65 -14.18 0.96 33.84
C GLN F 65 -15.61 1.38 33.60
N LYS F 66 -16.52 0.42 33.47
CA LYS F 66 -17.92 0.75 33.29
C LYS F 66 -18.52 1.32 34.57
N ALA F 67 -18.31 0.66 35.71
CA ALA F 67 -18.89 1.13 36.95
C ALA F 67 -18.28 2.46 37.37
N SER F 68 -16.95 2.57 37.29
CA SER F 68 -16.26 3.80 37.67
C SER F 68 -16.50 4.95 36.69
N GLY F 69 -17.08 4.68 35.53
CA GLY F 69 -17.31 5.73 34.55
C GLY F 69 -16.07 6.21 33.85
N SER F 70 -14.94 5.53 34.03
CA SER F 70 -13.68 5.99 33.44
C SER F 70 -13.50 5.49 32.02
N ILE F 71 -14.50 5.73 31.18
CA ILE F 71 -14.48 5.34 29.77
C ILE F 71 -14.81 6.57 28.95
N ASP F 72 -14.96 6.40 27.64
CA ASP F 72 -15.45 7.45 26.77
C ASP F 72 -16.64 8.16 27.39
N LYS F 73 -16.57 9.49 27.43
CA LYS F 73 -17.65 10.25 28.05
C LYS F 73 -18.85 10.43 27.15
N ALA F 74 -18.79 9.93 25.92
CA ALA F 74 -19.91 10.02 24.99
C ALA F 74 -20.87 8.83 25.12
N ILE F 75 -20.52 7.84 25.91
CA ILE F 75 -21.34 6.64 26.10
C ILE F 75 -22.50 6.97 27.03
N LYS F 76 -23.69 6.51 26.67
CA LYS F 76 -24.86 6.70 27.52
C LYS F 76 -24.61 6.11 28.90
N LEU F 77 -25.13 6.78 29.93
CA LEU F 77 -24.91 6.31 31.29
C LEU F 77 -25.61 4.99 31.57
N GLU F 78 -26.55 4.59 30.71
CA GLU F 78 -27.08 3.23 30.76
C GLU F 78 -25.95 2.22 30.80
N ALA F 79 -24.99 2.36 29.88
CA ALA F 79 -23.88 1.44 29.74
C ALA F 79 -22.80 1.64 30.79
N ARG F 80 -23.08 2.36 31.87
CA ARG F 80 -22.17 2.38 33.01
C ARG F 80 -22.50 1.28 34.01
N ASP F 81 -23.54 0.52 33.77
CA ASP F 81 -23.82 -0.66 34.58
C ASP F 81 -23.04 -1.84 34.02
N PRO F 82 -22.42 -2.67 34.85
CA PRO F 82 -21.64 -3.80 34.34
C PRO F 82 -22.46 -4.85 33.62
N LEU F 83 -23.78 -4.71 33.53
CA LEU F 83 -24.60 -5.70 32.84
C LEU F 83 -25.08 -5.21 31.48
N VAL F 84 -25.48 -3.94 31.39
CA VAL F 84 -25.85 -3.37 30.10
C VAL F 84 -24.58 -3.12 29.31
N ALA F 85 -24.53 -3.64 28.09
CA ALA F 85 -23.35 -3.53 27.25
C ALA F 85 -23.32 -2.18 26.55
N ALA F 86 -22.13 -1.61 26.42
CA ALA F 86 -21.93 -0.48 25.52
C ALA F 86 -21.84 -1.01 24.11
N TYR F 87 -22.83 -0.70 23.29
CA TYR F 87 -22.99 -1.42 22.04
C TYR F 87 -23.72 -0.56 21.01
N PRO F 88 -23.06 -0.15 19.94
CA PRO F 88 -23.72 0.71 18.96
C PRO F 88 -24.57 -0.10 17.99
N VAL F 89 -25.69 0.47 17.59
CA VAL F 89 -26.63 -0.16 16.69
C VAL F 89 -26.85 0.80 15.53
N VAL F 90 -26.10 0.60 14.45
CA VAL F 90 -26.07 1.53 13.34
C VAL F 90 -26.89 0.97 12.18
N GLY F 91 -27.70 1.81 11.57
CA GLY F 91 -28.46 1.46 10.39
C GLY F 91 -28.32 2.54 9.33
N VAL F 92 -28.70 2.19 8.10
CA VAL F 92 -28.62 3.09 6.96
C VAL F 92 -30.00 3.18 6.32
N GLY F 93 -30.43 4.39 6.01
CA GLY F 93 -31.70 4.58 5.34
C GLY F 93 -31.60 5.46 4.12
N MET F 94 -32.04 4.97 2.97
CA MET F 94 -31.95 5.74 1.75
C MET F 94 -33.07 6.77 1.68
N GLU F 95 -32.77 7.93 1.12
CA GLU F 95 -33.72 9.04 1.10
C GLU F 95 -34.24 9.37 -0.29
N ASN F 96 -33.41 9.24 -1.33
CA ASN F 96 -33.90 9.21 -2.70
C ASN F 96 -32.76 8.74 -3.60
N LEU F 97 -33.13 8.16 -4.73
CA LEU F 97 -32.15 7.58 -5.64
C LEU F 97 -32.22 8.31 -6.98
N ILE F 98 -31.04 8.62 -7.52
CA ILE F 98 -30.89 9.32 -8.80
C ILE F 98 -30.38 8.34 -9.83
N ILE F 99 -30.92 8.41 -11.04
CA ILE F 99 -30.47 7.60 -12.16
C ILE F 99 -29.87 8.51 -13.21
N SER F 100 -28.71 8.14 -13.74
CA SER F 100 -28.01 8.88 -14.78
C SER F 100 -27.84 7.95 -15.97
N THR F 101 -28.67 8.14 -17.00
CA THR F 101 -28.55 7.32 -18.19
C THR F 101 -27.40 7.82 -19.05
N ASN F 102 -26.48 6.92 -19.39
CA ASN F 102 -25.34 7.31 -20.24
C ASN F 102 -25.61 6.80 -21.65
N GLU F 103 -26.36 7.58 -22.39
CA GLU F 103 -26.49 7.41 -23.84
C GLU F 103 -25.76 8.55 -24.52
N HIS F 104 -25.20 8.27 -25.69
CA HIS F 104 -24.35 9.23 -26.39
C HIS F 104 -25.16 9.85 -27.53
N ALA F 105 -25.74 11.01 -27.25
CA ALA F 105 -26.48 11.74 -28.27
C ALA F 105 -25.52 12.45 -29.23
N SER F 106 -25.97 12.65 -30.45
CA SER F 106 -25.15 13.27 -31.50
C SER F 106 -26.07 14.03 -32.44
N SER F 107 -25.47 14.94 -33.21
CA SER F 107 -26.21 15.72 -34.20
C SER F 107 -25.27 16.36 -35.22
N ASP F 108 -25.55 16.17 -36.50
CA ASP F 108 -24.71 16.67 -37.57
C ASP F 108 -25.47 17.73 -38.37
N GLN F 109 -24.75 18.46 -39.20
CA GLN F 109 -25.34 19.49 -40.03
C GLN F 109 -24.46 19.76 -41.24
N GLY F 110 -24.87 19.30 -42.43
CA GLY F 110 -24.02 19.34 -43.59
C GLY F 110 -24.47 20.40 -44.58
N LYS F 111 -23.65 20.58 -45.62
CA LYS F 111 -23.95 21.52 -46.69
C LYS F 111 -22.97 21.25 -47.83
N THR F 112 -23.48 21.10 -49.04
CA THR F 112 -22.64 20.82 -50.20
C THR F 112 -22.99 21.77 -51.34
N VAL F 113 -22.02 21.98 -52.22
CA VAL F 113 -22.18 22.80 -53.43
C VAL F 113 -21.43 22.09 -54.55
N SER F 114 -22.06 21.98 -55.72
CA SER F 114 -21.47 21.26 -56.83
C SER F 114 -21.59 22.08 -58.11
N ARG F 115 -21.00 21.55 -59.18
CA ARG F 115 -21.14 22.11 -60.51
C ARG F 115 -20.63 21.10 -61.53
N ALA F 116 -21.43 20.81 -62.53
CA ALA F 116 -21.07 19.88 -63.59
C ALA F 116 -21.11 20.58 -64.93
N THR F 117 -20.37 20.03 -65.89
CA THR F 117 -20.31 20.61 -67.23
C THR F 117 -20.18 19.47 -68.22
N THR F 118 -21.17 19.31 -69.09
CA THR F 118 -21.18 18.24 -70.07
C THR F 118 -20.92 18.84 -71.44
N ASN F 119 -20.27 18.06 -72.30
CA ASN F 119 -20.09 18.38 -73.71
C ASN F 119 -20.39 17.12 -74.51
N SER F 120 -21.15 17.25 -75.59
CA SER F 120 -21.64 16.09 -76.31
C SER F 120 -21.36 16.24 -77.79
N LYS F 121 -21.60 15.15 -78.52
CA LYS F 121 -21.43 15.12 -79.97
C LYS F 121 -22.23 13.94 -80.51
N THR F 122 -22.60 14.03 -81.79
CA THR F 122 -23.51 13.05 -82.38
C THR F 122 -23.37 13.09 -83.89
N ASP F 123 -23.31 11.92 -84.51
CA ASP F 123 -23.31 11.78 -85.97
C ASP F 123 -24.27 10.66 -86.33
N ALA F 124 -25.47 11.01 -86.79
CA ALA F 124 -26.52 10.05 -87.12
C ALA F 124 -26.70 10.01 -88.63
N ASN F 125 -26.56 8.82 -89.21
CA ASN F 125 -26.75 8.61 -90.63
C ASN F 125 -28.02 7.81 -90.87
N THR F 126 -28.83 8.24 -91.83
CA THR F 126 -30.10 7.61 -92.11
C THR F 126 -30.22 7.28 -93.60
N VAL F 127 -30.60 6.04 -93.89
CA VAL F 127 -30.89 5.58 -95.24
C VAL F 127 -32.31 5.04 -95.27
N GLY F 128 -33.00 5.28 -96.39
CA GLY F 128 -34.38 4.85 -96.49
C GLY F 128 -34.86 4.60 -97.90
N VAL F 129 -35.77 3.64 -98.04
CA VAL F 129 -36.42 3.35 -99.31
C VAL F 129 -37.92 3.51 -99.14
N SER F 130 -38.55 4.25 -100.06
CA SER F 130 -39.99 4.42 -100.05
C SER F 130 -40.53 4.02 -101.41
N ILE F 131 -41.42 3.03 -101.43
CA ILE F 131 -42.02 2.51 -102.65
C ILE F 131 -43.54 2.64 -102.54
N SER F 132 -44.16 3.17 -103.58
CA SER F 132 -45.57 3.53 -103.54
C SER F 132 -46.30 2.95 -104.75
N ALA F 133 -47.63 2.96 -104.67
CA ALA F 133 -48.46 2.55 -105.79
C ALA F 133 -49.78 3.29 -105.66
N GLY F 134 -50.21 3.97 -106.72
CA GLY F 134 -51.41 4.77 -106.65
C GLY F 134 -52.22 4.70 -107.93
N TYR F 135 -53.31 5.46 -107.94
CA TYR F 135 -54.19 5.57 -109.10
C TYR F 135 -54.60 7.03 -109.24
N GLN F 136 -53.83 7.79 -110.02
CA GLN F 136 -54.23 9.17 -110.30
C GLN F 136 -55.31 9.22 -111.38
N ASN F 137 -55.00 8.68 -112.56
CA ASN F 137 -56.00 8.53 -113.60
C ASN F 137 -56.31 7.06 -113.88
N GLY F 138 -55.30 6.26 -114.24
CA GLY F 138 -55.50 4.83 -114.37
C GLY F 138 -54.50 4.01 -113.58
N PHE F 139 -53.31 4.57 -113.36
CA PHE F 139 -52.23 3.88 -112.68
C PHE F 139 -51.09 4.87 -112.44
N THR F 140 -50.42 4.73 -111.29
CA THR F 140 -49.38 5.66 -110.90
C THR F 140 -48.57 5.06 -109.76
N GLY F 141 -47.26 5.22 -109.82
CA GLY F 141 -46.39 4.77 -108.75
C GLY F 141 -45.10 5.55 -108.76
N ASN F 142 -44.42 5.53 -107.61
CA ASN F 142 -43.18 6.28 -107.43
C ASN F 142 -42.21 5.42 -106.64
N ILE F 143 -40.93 5.58 -106.92
CA ILE F 143 -39.87 4.88 -106.21
C ILE F 143 -38.96 5.94 -105.58
N THR F 144 -38.84 5.91 -104.26
CA THR F 144 -38.16 6.98 -103.54
C THR F 144 -37.04 6.42 -102.68
N THR F 145 -35.92 7.14 -102.66
CA THR F 145 -34.77 6.83 -101.81
C THR F 145 -34.31 8.12 -101.15
N SER F 146 -33.62 8.00 -100.02
CA SER F 146 -33.15 9.19 -99.31
C SER F 146 -31.97 8.84 -98.42
N TYR F 147 -31.08 9.81 -98.24
CA TYR F 147 -29.93 9.69 -97.35
C TYR F 147 -29.83 10.97 -96.53
N SER F 148 -29.72 10.83 -95.21
CA SER F 148 -29.62 11.95 -94.30
C SER F 148 -28.48 11.73 -93.31
N HIS F 149 -27.61 12.72 -93.18
CA HIS F 149 -26.50 12.68 -92.24
C HIS F 149 -26.65 13.85 -91.29
N THR F 150 -26.50 13.58 -89.99
CA THR F 150 -26.74 14.57 -88.95
C THR F 150 -25.45 14.82 -88.17
N THR F 151 -25.22 16.06 -87.78
CA THR F 151 -24.16 16.43 -86.85
C THR F 151 -24.77 17.26 -85.73
N ASP F 152 -24.30 17.03 -84.51
CA ASP F 152 -24.90 17.65 -83.34
C ASP F 152 -23.82 18.01 -82.33
N ASN F 153 -23.97 19.18 -81.72
CA ASN F 153 -23.18 19.61 -80.59
C ASN F 153 -24.10 20.01 -79.46
N SER F 154 -23.64 19.85 -78.23
CA SER F 154 -24.45 20.21 -77.07
C SER F 154 -23.54 20.61 -75.92
N THR F 155 -24.15 21.26 -74.93
CA THR F 155 -23.44 21.77 -73.77
C THR F 155 -24.45 22.01 -72.67
N ALA F 156 -24.13 21.54 -71.46
CA ALA F 156 -25.04 21.69 -70.34
C ALA F 156 -24.25 21.97 -69.08
N VAL F 157 -24.62 23.03 -68.37
CA VAL F 157 -24.03 23.37 -67.08
C VAL F 157 -25.09 23.17 -66.01
N GLN F 158 -24.73 22.49 -64.94
CA GLN F 158 -25.66 22.17 -63.87
C GLN F 158 -25.04 22.46 -62.51
N ASP F 159 -25.64 23.40 -61.79
CA ASP F 159 -25.18 23.76 -60.45
C ASP F 159 -26.18 23.22 -59.44
N SER F 160 -25.67 22.70 -58.34
CA SER F 160 -26.53 22.11 -57.31
C SER F 160 -26.14 22.65 -55.95
N ASN F 161 -27.05 22.49 -54.99
CA ASN F 161 -26.85 22.95 -53.63
C ASN F 161 -27.55 21.99 -52.70
N GLY F 162 -26.78 21.30 -51.85
CA GLY F 162 -27.34 20.37 -50.90
C GLY F 162 -27.46 20.97 -49.51
N GLU F 163 -28.03 20.16 -48.61
CA GLU F 163 -28.21 20.53 -47.22
C GLU F 163 -28.62 19.27 -46.46
N SER F 164 -28.01 19.05 -45.30
CA SER F 164 -28.24 17.81 -44.58
C SER F 164 -28.17 18.07 -43.09
N TRP F 165 -28.80 17.18 -42.33
CA TRP F 165 -28.70 17.20 -40.88
C TRP F 165 -29.16 15.86 -40.35
N ASN F 166 -28.35 15.28 -39.46
CA ASN F 166 -28.62 13.97 -38.87
C ASN F 166 -28.65 14.07 -37.36
N THR F 167 -29.28 13.10 -36.72
CA THR F 167 -29.26 12.96 -35.26
C THR F 167 -29.17 11.48 -34.92
N GLY F 168 -28.36 11.16 -33.93
CA GLY F 168 -28.23 9.78 -33.48
C GLY F 168 -28.26 9.70 -31.96
N LEU F 169 -28.30 8.48 -31.47
CA LEU F 169 -28.11 8.22 -30.05
C LEU F 169 -27.76 6.76 -29.85
N SER F 170 -26.64 6.51 -29.19
CA SER F 170 -26.14 5.17 -28.93
C SER F 170 -26.25 4.85 -27.45
N ILE F 171 -26.18 3.56 -27.13
CA ILE F 171 -26.24 3.12 -25.74
C ILE F 171 -25.52 1.80 -25.56
N ASN F 172 -24.92 1.61 -24.39
CA ASN F 172 -24.32 0.33 -24.02
C ASN F 172 -25.35 -0.46 -23.23
N LYS F 173 -25.59 -1.69 -23.62
CA LYS F 173 -26.62 -2.46 -22.96
C LYS F 173 -26.13 -3.19 -21.75
N GLY F 174 -24.87 -2.98 -21.35
CA GLY F 174 -24.37 -3.54 -20.12
C GLY F 174 -24.03 -2.45 -19.14
N GLU F 175 -24.02 -1.22 -19.63
CA GLU F 175 -23.60 -0.05 -18.88
C GLU F 175 -24.59 1.08 -19.13
N SER F 176 -25.88 0.77 -19.01
CA SER F 176 -26.92 1.67 -19.52
C SER F 176 -27.13 2.89 -18.66
N ALA F 177 -26.94 2.80 -17.35
CA ALA F 177 -27.24 3.92 -16.46
C ALA F 177 -26.39 3.81 -15.21
N TYR F 178 -26.27 4.92 -14.49
CA TYR F 178 -25.55 4.97 -13.23
C TYR F 178 -26.52 5.27 -12.10
N ILE F 179 -26.18 4.80 -10.92
CA ILE F 179 -27.04 4.92 -9.74
C ILE F 179 -26.36 5.81 -8.72
N ASN F 180 -27.15 6.71 -8.12
CA ASN F 180 -26.67 7.59 -7.06
C ASN F 180 -27.73 7.61 -5.97
N ALA F 181 -27.39 7.07 -4.80
CA ALA F 181 -28.32 6.98 -3.68
C ALA F 181 -27.88 7.94 -2.59
N ASN F 182 -28.84 8.70 -2.05
CA ASN F 182 -28.58 9.65 -0.99
C ASN F 182 -29.04 9.03 0.33
N VAL F 183 -28.08 8.71 1.19
CA VAL F 183 -28.34 7.89 2.37
C VAL F 183 -27.99 8.69 3.62
N ARG F 184 -28.34 8.12 4.78
CA ARG F 184 -28.03 8.71 6.06
C ARG F 184 -27.98 7.63 7.12
N TYR F 185 -27.02 7.72 8.04
CA TYR F 185 -26.81 6.71 9.06
C TYR F 185 -27.51 7.11 10.37
N TYR F 186 -27.79 6.10 11.19
CA TYR F 186 -28.46 6.30 12.47
C TYR F 186 -27.79 5.43 13.52
N ASN F 187 -27.81 5.90 14.77
CA ASN F 187 -27.22 5.16 15.87
C ASN F 187 -28.22 5.13 17.03
N THR F 188 -28.89 4.00 17.21
CA THR F 188 -29.82 3.82 18.31
C THR F 188 -29.28 2.91 19.40
N GLY F 189 -27.96 2.90 19.61
CA GLY F 189 -27.36 2.10 20.66
C GLY F 189 -26.92 2.93 21.84
N THR F 190 -26.02 2.38 22.67
CA THR F 190 -25.54 3.07 23.85
C THR F 190 -24.15 3.66 23.71
N ALA F 191 -23.38 3.28 22.69
CA ALA F 191 -22.02 3.77 22.55
C ALA F 191 -21.86 4.48 21.21
N PRO F 192 -20.89 5.38 21.11
CA PRO F 192 -20.60 5.98 19.81
C PRO F 192 -19.71 5.09 18.98
N MET F 193 -19.80 5.27 17.65
CA MET F 193 -19.01 4.51 16.70
C MET F 193 -18.17 5.47 15.89
N TYR F 194 -16.88 5.20 15.81
CA TYR F 194 -15.95 6.01 15.04
C TYR F 194 -15.62 5.33 13.73
N LYS F 195 -15.51 6.13 12.66
CA LYS F 195 -15.13 5.65 11.35
C LYS F 195 -16.17 4.67 10.79
N VAL F 196 -17.44 5.11 10.80
CA VAL F 196 -18.54 4.24 10.40
C VAL F 196 -18.41 3.87 8.93
N THR F 197 -18.44 2.56 8.65
CA THR F 197 -18.25 2.03 7.30
C THR F 197 -19.31 0.99 7.01
N PRO F 198 -20.51 1.42 6.65
CA PRO F 198 -21.58 0.46 6.39
C PRO F 198 -21.43 -0.25 5.06
N THR F 199 -22.05 -1.41 4.97
CA THR F 199 -22.16 -2.20 3.75
C THR F 199 -23.62 -2.34 3.39
N THR F 200 -24.00 -1.96 2.18
CA THR F 200 -25.40 -1.96 1.78
C THR F 200 -25.57 -2.76 0.49
N ASN F 201 -26.75 -3.36 0.36
CA ASN F 201 -27.22 -3.95 -0.87
C ASN F 201 -28.12 -2.96 -1.60
N LEU F 202 -28.19 -3.11 -2.91
CA LEU F 202 -29.15 -2.37 -3.72
C LEU F 202 -29.97 -3.41 -4.46
N VAL F 203 -31.18 -3.65 -3.98
CA VAL F 203 -32.03 -4.73 -4.48
C VAL F 203 -33.12 -4.14 -5.35
N LEU F 204 -33.21 -4.63 -6.58
CA LEU F 204 -34.24 -4.18 -7.53
C LEU F 204 -34.98 -5.42 -8.04
N ASP F 205 -36.22 -5.58 -7.60
CA ASP F 205 -37.12 -6.63 -8.05
C ASP F 205 -36.46 -8.01 -7.89
N GLY F 206 -36.14 -8.31 -6.64
CA GLY F 206 -35.63 -9.62 -6.30
C GLY F 206 -34.28 -9.98 -6.86
N GLU F 207 -33.40 -9.01 -7.07
CA GLU F 207 -32.03 -9.29 -7.44
C GLU F 207 -31.16 -8.14 -6.94
N THR F 208 -29.99 -8.49 -6.40
CA THR F 208 -29.08 -7.53 -5.82
C THR F 208 -28.23 -6.92 -6.93
N LEU F 209 -28.42 -5.62 -7.16
CA LEU F 209 -27.66 -4.93 -8.20
C LEU F 209 -26.20 -4.79 -7.81
N ALA F 210 -25.94 -4.24 -6.63
CA ALA F 210 -24.57 -4.08 -6.16
C ALA F 210 -24.56 -4.19 -4.64
N THR F 211 -23.41 -4.56 -4.11
CA THR F 211 -23.12 -4.50 -2.68
C THR F 211 -21.96 -3.54 -2.49
N ILE F 212 -22.24 -2.38 -1.91
CA ILE F 212 -21.26 -1.31 -1.82
C ILE F 212 -20.86 -1.14 -0.36
N LYS F 213 -19.56 -1.03 -0.11
CA LYS F 213 -19.01 -0.74 1.19
C LYS F 213 -18.43 0.67 1.16
N ALA F 214 -18.73 1.46 2.19
CA ALA F 214 -18.44 2.89 2.15
C ALA F 214 -16.95 3.17 2.19
N GLN F 215 -16.45 3.87 1.16
CA GLN F 215 -15.07 4.30 1.11
C GLN F 215 -14.95 5.72 1.67
N ASP F 216 -13.83 6.39 1.39
CA ASP F 216 -13.48 7.63 2.08
C ASP F 216 -14.61 8.66 2.04
N ASN F 217 -15.26 8.82 0.90
CA ASN F 217 -16.23 9.91 0.78
C ASN F 217 -17.50 9.63 1.59
N GLN F 218 -17.70 8.39 2.01
CA GLN F 218 -18.95 8.00 2.66
C GLN F 218 -18.76 7.58 4.11
N ILE F 219 -17.56 7.71 4.64
CA ILE F 219 -17.26 7.32 6.02
C ILE F 219 -17.62 8.47 6.95
N GLY F 220 -18.26 8.13 8.07
CA GLY F 220 -18.63 9.10 9.08
C GLY F 220 -17.69 9.04 10.25
N ASN F 221 -17.02 10.16 10.53
CA ASN F 221 -15.97 10.17 11.55
C ASN F 221 -16.52 9.84 12.93
N ASN F 222 -17.56 10.55 13.35
CA ASN F 222 -18.21 10.33 14.64
C ASN F 222 -19.67 10.03 14.42
N LEU F 223 -20.23 9.16 15.27
CA LEU F 223 -21.66 8.90 15.24
C LEU F 223 -22.07 8.53 16.66
N SER F 224 -22.52 9.53 17.42
CA SER F 224 -22.93 9.32 18.79
C SER F 224 -24.29 8.66 18.86
N PRO F 225 -24.66 8.11 20.02
CA PRO F 225 -26.00 7.55 20.16
C PRO F 225 -27.08 8.61 20.01
N ASN F 226 -28.14 8.24 19.31
CA ASN F 226 -29.34 9.04 19.03
C ASN F 226 -29.08 10.17 18.05
N GLU F 227 -27.91 10.22 17.42
CA GLU F 227 -27.61 11.20 16.39
C GLU F 227 -27.50 10.48 15.05
N THR F 228 -27.23 11.26 14.01
CA THR F 228 -27.13 10.73 12.66
C THR F 228 -25.83 11.20 12.03
N TYR F 229 -25.53 10.68 10.84
CA TYR F 229 -24.50 11.25 9.99
C TYR F 229 -25.02 11.29 8.56
N PRO F 230 -25.09 12.46 7.92
CA PRO F 230 -24.76 13.76 8.52
C PRO F 230 -25.77 14.20 9.55
N LYS F 231 -25.50 15.32 10.22
CA LYS F 231 -26.33 15.77 11.33
C LYS F 231 -27.74 16.13 10.85
N LYS F 232 -28.60 16.52 11.79
CA LYS F 232 -30.02 16.64 11.48
C LYS F 232 -30.30 17.67 10.40
N GLY F 233 -29.64 18.83 10.45
CA GLY F 233 -29.98 19.89 9.53
C GLY F 233 -29.42 19.76 8.13
N LEU F 234 -28.49 18.85 7.90
CA LEU F 234 -27.78 18.76 6.64
C LEU F 234 -28.50 17.80 5.67
N SER F 235 -28.02 17.80 4.44
CA SER F 235 -28.59 16.95 3.40
C SER F 235 -27.94 15.57 3.46
N PRO F 236 -28.59 14.54 2.92
CA PRO F 236 -28.02 13.19 3.01
C PRO F 236 -26.72 13.04 2.24
N LEU F 237 -26.12 11.86 2.35
CA LEU F 237 -24.85 11.57 1.71
C LEU F 237 -25.07 11.31 0.22
N ALA F 238 -24.02 10.85 -0.45
CA ALA F 238 -24.13 10.39 -1.83
C ALA F 238 -23.32 9.10 -1.93
N LEU F 239 -24.02 7.98 -2.01
CA LEU F 239 -23.38 6.68 -2.26
C LEU F 239 -23.25 6.53 -3.77
N ASN F 240 -22.07 6.82 -4.27
CA ASN F 240 -21.90 7.22 -5.66
C ASN F 240 -20.99 6.30 -6.46
N THR F 241 -20.01 5.67 -5.81
CA THR F 241 -19.03 4.84 -6.47
C THR F 241 -18.97 3.46 -5.83
N MET F 242 -18.48 2.49 -6.60
CA MET F 242 -18.42 1.11 -6.15
C MET F 242 -17.02 0.61 -5.81
N ASP F 243 -15.96 1.25 -6.30
CA ASP F 243 -14.62 0.71 -6.15
C ASP F 243 -13.95 1.30 -4.91
N GLN F 244 -12.69 0.93 -4.70
CA GLN F 244 -11.96 1.27 -3.48
C GLN F 244 -11.47 2.71 -3.44
N PHE F 245 -11.24 3.33 -4.61
CA PHE F 245 -10.67 4.66 -4.67
C PHE F 245 -11.67 5.72 -5.06
N ASN F 246 -12.97 5.39 -5.06
CA ASN F 246 -14.03 6.35 -5.38
C ASN F 246 -13.85 6.91 -6.80
N ALA F 247 -13.59 6.01 -7.75
CA ALA F 247 -13.31 6.41 -9.13
C ALA F 247 -14.06 5.56 -10.15
N ARG F 248 -15.10 4.85 -9.72
CA ARG F 248 -15.83 3.93 -10.60
C ARG F 248 -17.29 3.93 -10.15
N LEU F 249 -18.16 4.51 -10.98
CA LEU F 249 -19.56 4.65 -10.62
C LEU F 249 -20.26 3.29 -10.67
N ILE F 250 -21.53 3.29 -10.27
CA ILE F 250 -22.29 2.06 -10.04
C ILE F 250 -23.14 1.80 -11.28
N PRO F 251 -22.88 0.75 -12.05
CA PRO F 251 -23.65 0.51 -13.26
C PRO F 251 -24.87 -0.37 -13.08
N ILE F 252 -25.87 -0.17 -13.93
CA ILE F 252 -26.98 -1.10 -14.10
C ILE F 252 -27.15 -1.32 -15.60
N ASN F 253 -27.64 -2.50 -15.97
CA ASN F 253 -27.73 -2.82 -17.38
C ASN F 253 -29.05 -2.33 -17.95
N TYR F 254 -29.35 -2.75 -19.18
CA TYR F 254 -30.48 -2.18 -19.90
C TYR F 254 -31.81 -2.75 -19.42
N ASP F 255 -31.82 -4.01 -19.00
CA ASP F 255 -33.06 -4.62 -18.56
C ASP F 255 -33.45 -4.11 -17.18
N GLN F 256 -32.47 -3.95 -16.29
CA GLN F 256 -32.73 -3.31 -15.01
C GLN F 256 -33.17 -1.87 -15.17
N LEU F 257 -32.66 -1.17 -16.18
CA LEU F 257 -33.06 0.21 -16.42
C LEU F 257 -34.49 0.28 -16.95
N LYS F 258 -34.83 -0.58 -17.91
CA LYS F 258 -36.22 -0.62 -18.39
C LYS F 258 -37.17 -1.00 -17.29
N LYS F 259 -36.77 -1.93 -16.42
CA LYS F 259 -37.58 -2.29 -15.27
C LYS F 259 -37.71 -1.13 -14.28
N LEU F 260 -36.68 -0.30 -14.17
CA LEU F 260 -36.68 0.83 -13.27
C LEU F 260 -37.50 2.00 -13.78
N ASP F 261 -37.74 2.08 -15.08
CA ASP F 261 -38.62 3.10 -15.66
C ASP F 261 -40.07 2.67 -15.57
N SER F 262 -40.47 2.27 -14.38
CA SER F 262 -41.78 1.71 -14.09
C SER F 262 -42.02 1.88 -12.59
N GLY F 263 -43.01 1.17 -12.06
CA GLY F 263 -43.29 1.23 -10.64
C GLY F 263 -42.21 0.65 -9.75
N LYS F 264 -41.13 0.12 -10.33
CA LYS F 264 -40.13 -0.57 -9.53
C LYS F 264 -39.21 0.40 -8.81
N GLN F 265 -38.97 0.14 -7.54
CA GLN F 265 -38.05 0.92 -6.73
C GLN F 265 -36.88 0.05 -6.29
N ILE F 266 -35.77 0.71 -5.96
CA ILE F 266 -34.58 0.05 -5.47
C ILE F 266 -34.61 0.17 -3.95
N LYS F 267 -34.55 -0.96 -3.25
CA LYS F 267 -34.44 -0.93 -1.81
C LYS F 267 -32.97 -0.93 -1.40
N LEU F 268 -32.75 -0.65 -0.11
CA LEU F 268 -31.39 -0.59 0.42
C LEU F 268 -31.37 -1.35 1.74
N GLU F 269 -30.47 -2.32 1.85
CA GLU F 269 -30.35 -3.17 3.02
C GLU F 269 -28.94 -3.07 3.54
N THR F 270 -28.77 -2.64 4.78
CA THR F 270 -27.46 -2.60 5.40
C THR F 270 -27.15 -4.00 5.95
N THR F 271 -26.09 -4.61 5.45
CA THR F 271 -25.77 -5.98 5.84
C THR F 271 -24.79 -6.02 7.00
N GLN F 272 -23.95 -4.99 7.14
CA GLN F 272 -23.02 -4.92 8.24
C GLN F 272 -22.51 -3.50 8.36
N VAL F 273 -21.99 -3.17 9.53
CA VAL F 273 -21.39 -1.85 9.79
C VAL F 273 -20.07 -2.07 10.50
N SER F 274 -19.06 -1.31 10.10
CA SER F 274 -17.72 -1.41 10.66
C SER F 274 -17.34 -0.07 11.28
N GLY F 275 -16.73 -0.11 12.46
CA GLY F 275 -16.38 1.09 13.15
C GLY F 275 -15.52 0.82 14.36
N ASN F 276 -15.01 1.89 14.95
CA ASN F 276 -14.02 1.80 16.02
C ASN F 276 -14.65 2.20 17.34
N TYR F 277 -13.93 1.89 18.41
CA TYR F 277 -14.25 2.40 19.74
C TYR F 277 -12.99 3.06 20.30
N GLY F 278 -13.15 3.78 21.41
CA GLY F 278 -12.07 4.57 21.99
C GLY F 278 -11.63 4.01 23.33
N THR F 279 -10.34 4.15 23.63
CA THR F 279 -9.74 3.61 24.85
C THR F 279 -8.83 4.67 25.45
N LYS F 280 -9.19 5.17 26.63
CA LYS F 280 -8.45 6.25 27.28
C LYS F 280 -7.30 5.69 28.11
N ASN F 281 -6.19 6.41 28.15
CA ASN F 281 -5.15 6.16 29.14
C ASN F 281 -5.52 6.91 30.42
N SER F 282 -4.57 7.01 31.36
CA SER F 282 -4.88 7.69 32.61
C SER F 282 -5.02 9.20 32.40
N GLN F 283 -4.48 9.69 31.29
CA GLN F 283 -4.73 11.03 30.79
C GLN F 283 -5.92 10.95 29.83
N GLY F 284 -6.12 12.00 29.04
CA GLY F 284 -7.16 11.89 28.05
C GLY F 284 -6.69 11.48 26.67
N GLN F 285 -5.76 10.55 26.55
CA GLN F 285 -5.32 10.11 25.24
C GLN F 285 -6.23 9.00 24.72
N ILE F 286 -6.95 9.28 23.64
CA ILE F 286 -7.94 8.36 23.10
C ILE F 286 -7.40 7.81 21.78
N ILE F 287 -7.45 6.49 21.63
CA ILE F 287 -7.02 5.80 20.42
C ILE F 287 -8.21 5.03 19.88
N THR F 288 -8.42 5.12 18.56
CA THR F 288 -9.53 4.41 17.92
C THR F 288 -9.06 3.73 16.63
N GLU F 289 -7.95 3.00 16.68
CA GLU F 289 -7.43 2.38 15.46
C GLU F 289 -7.45 0.86 15.47
N GLY F 290 -6.81 0.23 16.44
CA GLY F 290 -6.83 -1.22 16.47
C GLY F 290 -8.09 -1.73 17.13
N ASN F 291 -9.06 -0.83 17.27
CA ASN F 291 -10.26 -1.06 18.06
C ASN F 291 -11.42 -1.24 17.09
N SER F 292 -11.86 -2.48 16.92
CA SER F 292 -12.95 -2.79 16.01
C SER F 292 -14.13 -3.33 16.79
N TRP F 293 -15.33 -2.87 16.45
CA TRP F 293 -16.53 -3.41 17.06
C TRP F 293 -16.86 -4.80 16.53
N SER F 294 -16.34 -5.15 15.36
CA SER F 294 -16.56 -6.48 14.81
C SER F 294 -15.97 -7.56 15.68
N ASN F 295 -14.91 -7.24 16.43
CA ASN F 295 -14.33 -8.21 17.35
C ASN F 295 -15.28 -8.58 18.48
N TYR F 296 -16.27 -7.73 18.76
CA TYR F 296 -17.13 -7.92 19.91
C TYR F 296 -18.60 -8.10 19.56
N ILE F 297 -19.00 -7.90 18.31
CA ILE F 297 -20.41 -8.02 17.97
C ILE F 297 -20.90 -9.44 18.23
N SER F 298 -20.15 -10.44 17.77
CA SER F 298 -20.54 -11.83 17.96
C SER F 298 -20.51 -12.23 19.42
N GLN F 299 -19.57 -11.69 20.19
CA GLN F 299 -19.48 -12.07 21.59
C GLN F 299 -20.57 -11.43 22.42
N ILE F 300 -20.93 -10.18 22.11
CA ILE F 300 -22.01 -9.51 22.83
C ILE F 300 -23.34 -10.16 22.49
N ASP F 301 -23.54 -10.50 21.21
CA ASP F 301 -24.80 -11.12 20.82
C ASP F 301 -24.95 -12.56 21.28
N SER F 302 -23.99 -13.10 22.03
CA SER F 302 -24.09 -14.48 22.49
C SER F 302 -24.30 -14.60 23.99
N VAL F 303 -23.94 -13.57 24.75
CA VAL F 303 -24.07 -13.59 26.20
C VAL F 303 -25.18 -12.67 26.68
N SER F 304 -26.06 -12.23 25.78
CA SER F 304 -26.97 -11.15 26.09
C SER F 304 -28.40 -11.55 25.77
N ALA F 305 -29.32 -10.68 26.17
CA ALA F 305 -30.72 -10.74 25.77
C ALA F 305 -31.07 -9.43 25.11
N SER F 306 -31.80 -9.48 24.00
CA SER F 306 -32.10 -8.28 23.24
C SER F 306 -33.38 -7.63 23.76
N ILE F 307 -33.28 -6.36 24.12
CA ILE F 307 -34.44 -5.57 24.54
C ILE F 307 -34.50 -4.31 23.68
N ILE F 308 -35.70 -3.97 23.22
CA ILE F 308 -35.91 -2.84 22.32
C ILE F 308 -37.10 -2.04 22.83
N LEU F 309 -36.98 -0.72 22.80
CA LEU F 309 -38.08 0.18 23.15
C LEU F 309 -38.42 1.00 21.91
N ASP F 310 -39.68 0.92 21.48
CA ASP F 310 -40.13 1.58 20.26
C ASP F 310 -41.22 2.56 20.65
N THR F 311 -40.84 3.81 20.87
CA THR F 311 -41.75 4.84 21.38
C THR F 311 -42.56 5.49 20.31
N GLY F 312 -42.73 4.84 19.17
CA GLY F 312 -43.47 5.37 18.05
C GLY F 312 -42.59 6.09 17.05
N SER F 313 -41.95 7.18 17.47
CA SER F 313 -41.12 7.98 16.59
C SER F 313 -39.65 7.62 16.63
N GLN F 314 -39.16 7.05 17.74
CA GLN F 314 -37.75 6.74 17.87
C GLN F 314 -37.63 5.35 18.48
N THR F 315 -36.43 4.76 18.38
CA THR F 315 -36.18 3.40 18.81
C THR F 315 -34.89 3.34 19.62
N PHE F 316 -34.87 2.51 20.63
CA PHE F 316 -33.70 2.34 21.50
C PHE F 316 -33.46 0.86 21.71
N GLU F 317 -32.37 0.33 21.14
CA GLU F 317 -32.02 -1.07 21.25
C GLU F 317 -30.92 -1.28 22.27
N ARG F 318 -31.04 -2.33 23.09
CA ARG F 318 -30.11 -2.60 24.17
C ARG F 318 -29.71 -4.06 24.18
N ARG F 319 -28.69 -4.37 24.98
CA ARG F 319 -28.26 -5.75 25.23
C ARG F 319 -27.90 -5.86 26.71
N VAL F 320 -28.47 -6.84 27.39
CA VAL F 320 -28.28 -7.03 28.82
C VAL F 320 -27.72 -8.42 29.04
N ALA F 321 -26.68 -8.52 29.88
CA ALA F 321 -25.98 -9.77 30.08
C ALA F 321 -26.81 -10.74 30.89
N ALA F 322 -26.97 -11.95 30.36
CA ALA F 322 -27.73 -13.01 31.02
C ALA F 322 -26.83 -14.19 31.32
N LYS F 323 -27.30 -15.07 32.18
CA LYS F 323 -26.49 -16.17 32.66
C LYS F 323 -26.71 -17.43 31.81
N GLU F 324 -25.64 -18.19 31.62
CA GLU F 324 -25.70 -19.47 30.94
C GLU F 324 -26.37 -20.51 31.81
N GLN F 325 -27.28 -21.27 31.22
CA GLN F 325 -28.16 -22.12 31.99
C GLN F 325 -27.43 -23.32 32.58
N GLY F 326 -26.72 -24.07 31.75
CA GLY F 326 -26.10 -25.29 32.21
C GLY F 326 -24.81 -25.10 32.99
N ASN F 327 -24.13 -24.00 32.76
CA ASN F 327 -22.79 -23.79 33.31
C ASN F 327 -22.87 -23.50 34.80
N PRO F 328 -22.20 -24.28 35.66
CA PRO F 328 -22.06 -23.88 37.07
C PRO F 328 -20.99 -22.85 37.29
N GLU F 329 -20.05 -22.69 36.37
CA GLU F 329 -18.98 -21.70 36.48
C GLU F 329 -19.34 -20.38 35.82
N ASP F 330 -20.63 -20.09 35.69
CA ASP F 330 -21.12 -18.82 35.21
C ASP F 330 -21.73 -18.07 36.38
N LYS F 331 -21.02 -17.05 36.86
CA LYS F 331 -21.44 -16.28 38.02
C LYS F 331 -22.10 -14.96 37.65
N THR F 332 -22.66 -14.85 36.46
CA THR F 332 -23.37 -13.64 36.09
C THR F 332 -24.58 -13.46 36.99
N PRO F 333 -24.85 -12.25 37.48
CA PRO F 333 -26.03 -12.06 38.32
C PRO F 333 -27.31 -12.36 37.57
N GLU F 334 -28.33 -12.74 38.32
CA GLU F 334 -29.63 -13.13 37.77
C GLU F 334 -30.63 -12.04 38.14
N ILE F 335 -31.30 -11.48 37.13
CA ILE F 335 -32.21 -10.36 37.31
C ILE F 335 -33.49 -10.62 36.52
N THR F 336 -34.56 -9.96 36.94
CA THR F 336 -35.82 -10.13 36.27
C THR F 336 -35.94 -9.19 35.09
N ILE F 337 -37.03 -9.33 34.34
CA ILE F 337 -37.21 -8.51 33.14
C ILE F 337 -37.46 -7.05 33.52
N GLY F 338 -38.07 -6.81 34.68
CA GLY F 338 -38.39 -5.45 35.07
C GLY F 338 -37.16 -4.60 35.35
N GLU F 339 -36.27 -5.10 36.21
CA GLU F 339 -35.05 -4.32 36.44
C GLU F 339 -34.11 -4.40 35.26
N ALA F 340 -34.18 -5.46 34.45
CA ALA F 340 -33.43 -5.45 33.20
C ALA F 340 -33.83 -4.26 32.33
N ILE F 341 -35.14 -4.03 32.18
CA ILE F 341 -35.61 -2.90 31.40
C ILE F 341 -35.22 -1.58 32.07
N LYS F 342 -35.38 -1.50 33.39
CA LYS F 342 -35.04 -0.27 34.10
C LYS F 342 -33.57 0.08 33.97
N LYS F 343 -32.69 -0.91 34.02
CA LYS F 343 -31.26 -0.66 33.82
C LYS F 343 -30.96 -0.32 32.38
N ALA F 344 -31.47 -1.11 31.44
CA ALA F 344 -31.17 -0.91 30.02
C ALA F 344 -31.58 0.46 29.52
N PHE F 345 -32.73 0.99 29.97
CA PHE F 345 -33.19 2.27 29.46
C PHE F 345 -33.08 3.39 30.48
N SER F 346 -32.47 3.15 31.64
CA SER F 346 -32.22 4.18 32.65
C SER F 346 -33.53 4.81 33.14
N ALA F 347 -34.60 4.02 33.15
CA ALA F 347 -35.90 4.52 33.55
C ALA F 347 -35.92 4.82 35.05
N THR F 348 -36.71 5.81 35.43
CA THR F 348 -36.91 6.14 36.84
C THR F 348 -38.21 5.56 37.34
N LYS F 349 -38.17 4.99 38.53
CA LYS F 349 -39.31 4.27 39.10
C LYS F 349 -39.98 5.16 40.14
N ASN F 350 -41.16 5.68 39.81
CA ASN F 350 -41.95 6.52 40.70
C ASN F 350 -43.03 5.64 41.30
N GLY F 351 -42.88 5.29 42.57
CA GLY F 351 -43.72 4.26 43.14
C GLY F 351 -43.35 2.94 42.51
N GLU F 352 -44.32 2.26 41.89
CA GLU F 352 -43.99 1.14 41.04
C GLU F 352 -44.20 1.45 39.56
N LEU F 353 -44.64 2.66 39.22
CA LEU F 353 -44.56 3.13 37.85
C LEU F 353 -43.11 3.06 37.37
N LEU F 354 -42.94 2.97 36.06
CA LEU F 354 -41.62 2.93 35.44
C LEU F 354 -41.64 3.93 34.29
N TYR F 355 -40.99 5.07 34.49
CA TYR F 355 -41.08 6.19 33.58
C TYR F 355 -39.82 6.30 32.75
N PHE F 356 -39.99 6.38 31.43
CA PHE F 356 -38.91 6.79 30.54
C PHE F 356 -38.83 8.31 30.57
N ASN F 357 -38.17 8.91 29.58
CA ASN F 357 -37.97 10.35 29.51
C ASN F 357 -39.17 11.13 30.03
N GLY F 358 -40.36 10.83 29.50
CA GLY F 358 -41.58 11.31 30.10
C GLY F 358 -42.68 10.28 30.01
N ILE F 359 -42.36 9.14 29.42
CA ILE F 359 -43.35 8.14 29.02
C ILE F 359 -43.36 6.97 30.00
N PRO F 360 -44.52 6.54 30.49
CA PRO F 360 -44.55 5.37 31.37
C PRO F 360 -44.36 4.08 30.57
N ILE F 361 -43.37 3.28 30.97
CA ILE F 361 -43.12 2.03 30.28
C ILE F 361 -43.34 0.85 31.23
N ASP F 362 -44.13 1.05 32.27
CA ASP F 362 -44.50 -0.05 33.14
C ASP F 362 -45.32 -1.06 32.36
N GLU F 363 -45.47 -2.26 32.93
CA GLU F 363 -45.99 -3.40 32.17
C GLU F 363 -47.41 -3.17 31.69
N SER F 364 -48.21 -2.42 32.44
CA SER F 364 -49.62 -2.26 32.08
C SER F 364 -49.80 -1.30 30.91
N CYS F 365 -48.89 -0.32 30.79
CA CYS F 365 -49.07 0.78 29.85
C CYS F 365 -48.31 0.57 28.53
N VAL F 366 -47.85 -0.65 28.25
CA VAL F 366 -47.08 -0.94 27.05
C VAL F 366 -47.60 -2.21 26.41
N GLU F 367 -46.96 -2.59 25.30
CA GLU F 367 -47.38 -3.75 24.50
C GLU F 367 -46.14 -4.59 24.22
N LEU F 368 -45.98 -5.67 24.98
CA LEU F 368 -44.79 -6.51 24.85
C LEU F 368 -44.95 -7.48 23.69
N ILE F 369 -43.87 -7.67 22.94
CA ILE F 369 -43.89 -8.50 21.73
C ILE F 369 -42.68 -9.41 21.78
N PHE F 370 -42.91 -10.72 21.70
CA PHE F 370 -41.86 -11.73 21.77
C PHE F 370 -41.82 -12.54 20.48
N ASP F 371 -40.76 -13.33 20.34
CA ASP F 371 -40.70 -14.35 19.32
C ASP F 371 -41.23 -15.65 19.92
N ASP F 372 -41.03 -16.78 19.21
CA ASP F 372 -41.56 -18.05 19.70
C ASP F 372 -40.83 -18.50 20.96
N ASN F 373 -39.49 -18.43 20.96
CA ASN F 373 -38.72 -18.96 22.08
C ASN F 373 -38.98 -18.16 23.34
N THR F 374 -38.95 -16.84 23.25
CA THR F 374 -39.23 -16.02 24.41
C THR F 374 -40.67 -16.20 24.87
N SER F 375 -41.61 -16.31 23.94
CA SER F 375 -42.99 -16.55 24.32
C SER F 375 -43.13 -17.82 25.13
N GLU F 376 -42.55 -18.93 24.65
CA GLU F 376 -42.71 -20.19 25.35
C GLU F 376 -41.97 -20.18 26.69
N ILE F 377 -40.77 -19.58 26.74
CA ILE F 377 -40.06 -19.50 28.00
C ILE F 377 -40.87 -18.72 29.03
N ILE F 378 -41.39 -17.57 28.64
CA ILE F 378 -42.11 -16.72 29.60
C ILE F 378 -43.41 -17.38 30.02
N LYS F 379 -44.12 -18.02 29.09
CA LYS F 379 -45.39 -18.64 29.48
C LYS F 379 -45.17 -19.86 30.36
N GLU F 380 -44.10 -20.63 30.15
CA GLU F 380 -43.87 -21.78 31.02
C GLU F 380 -43.32 -21.33 32.37
N GLN F 381 -42.66 -20.17 32.41
CA GLN F 381 -42.14 -19.66 33.68
C GLN F 381 -43.21 -18.92 34.47
N LEU F 382 -44.28 -18.47 33.82
CA LEU F 382 -45.33 -17.75 34.54
C LEU F 382 -46.19 -18.70 35.38
N LYS F 383 -46.13 -20.00 35.10
CA LYS F 383 -47.02 -20.94 35.78
C LYS F 383 -46.55 -21.21 37.21
N TYR F 384 -45.26 -21.49 37.40
CA TYR F 384 -44.70 -21.75 38.71
C TYR F 384 -44.33 -20.48 39.46
N LEU F 385 -44.93 -19.35 39.08
CA LEU F 385 -44.52 -18.04 39.59
C LEU F 385 -45.62 -17.48 40.48
N ASP F 386 -45.21 -16.94 41.63
CA ASP F 386 -46.09 -16.10 42.42
C ASP F 386 -46.09 -14.69 41.84
N ASP F 387 -47.24 -14.02 41.93
CA ASP F 387 -47.42 -12.69 41.37
C ASP F 387 -47.12 -12.71 39.87
N LYS F 388 -48.00 -13.37 39.12
CA LYS F 388 -47.73 -13.75 37.74
C LYS F 388 -47.75 -12.51 36.85
N LYS F 389 -46.63 -11.78 36.88
CA LYS F 389 -46.40 -10.63 36.02
C LYS F 389 -45.19 -10.91 35.14
N ILE F 390 -45.26 -10.47 33.88
CA ILE F 390 -44.17 -10.73 32.94
C ILE F 390 -42.89 -10.04 33.37
N TYR F 391 -42.98 -8.91 34.06
CA TYR F 391 -41.81 -8.20 34.53
C TYR F 391 -41.12 -8.89 35.69
N ASN F 392 -41.53 -10.11 36.04
CA ASN F 392 -40.89 -10.88 37.10
C ASN F 392 -40.29 -12.19 36.62
N VAL F 393 -40.31 -12.45 35.32
CA VAL F 393 -39.63 -13.60 34.73
C VAL F 393 -38.13 -13.28 34.78
N LYS F 394 -37.27 -14.28 34.58
CA LYS F 394 -35.89 -14.21 35.04
C LYS F 394 -34.88 -13.87 33.96
N LEU F 395 -35.31 -13.43 32.78
CA LEU F 395 -34.40 -12.86 31.77
C LEU F 395 -33.28 -13.83 31.40
N GLU F 396 -33.67 -14.90 30.71
CA GLU F 396 -32.68 -15.84 30.21
C GLU F 396 -32.05 -15.30 28.92
N ARG F 397 -31.02 -16.01 28.46
CA ARG F 397 -30.36 -15.63 27.20
C ARG F 397 -31.29 -15.83 26.02
N GLY F 398 -30.89 -15.29 24.88
CA GLY F 398 -31.64 -15.44 23.66
C GLY F 398 -33.04 -14.87 23.66
N MET F 399 -33.35 -13.98 24.60
CA MET F 399 -34.67 -13.35 24.60
C MET F 399 -34.69 -12.19 23.62
N ASN F 400 -35.88 -11.91 23.10
CA ASN F 400 -36.09 -10.89 22.07
C ASN F 400 -37.27 -10.00 22.42
N ILE F 401 -37.26 -9.47 23.65
CA ILE F 401 -38.34 -8.59 24.09
C ILE F 401 -38.38 -7.34 23.24
N LEU F 402 -39.60 -6.89 22.93
CA LEU F 402 -39.83 -5.63 22.23
C LEU F 402 -40.96 -4.90 22.93
N ILE F 403 -40.77 -3.61 23.20
CA ILE F 403 -41.75 -2.81 23.91
C ILE F 403 -42.28 -1.76 22.95
N LYS F 404 -43.56 -1.84 22.65
CA LYS F 404 -44.25 -0.84 21.84
C LYS F 404 -45.00 0.09 22.77
N VAL F 405 -44.70 1.38 22.67
CA VAL F 405 -45.48 2.38 23.40
C VAL F 405 -46.74 2.67 22.59
N PRO F 406 -47.92 2.54 23.18
CA PRO F 406 -49.14 2.70 22.40
C PRO F 406 -49.43 4.16 22.09
N SER F 407 -49.82 4.42 20.84
CA SER F 407 -50.08 5.78 20.41
C SER F 407 -51.25 6.39 21.15
N TYR F 408 -52.32 5.62 21.36
CA TYR F 408 -53.50 6.10 22.06
C TYR F 408 -53.74 5.23 23.29
N PHE F 409 -53.65 5.83 24.47
CA PHE F 409 -53.77 5.11 25.72
C PHE F 409 -54.39 6.04 26.77
N THR F 410 -55.42 5.53 27.44
CA THR F 410 -56.14 6.30 28.45
C THR F 410 -55.88 5.69 29.82
N ASN F 411 -55.57 6.56 30.78
CA ASN F 411 -55.04 6.14 32.09
C ASN F 411 -56.15 6.23 33.13
N PHE F 412 -56.51 5.10 33.71
CA PHE F 412 -57.48 5.06 34.81
C PHE F 412 -56.90 4.31 35.99
N GLU G 7 -4.40 18.44 52.65
CA GLU G 7 -3.07 17.87 52.47
C GLU G 7 -2.65 17.92 51.00
N ASP G 8 -1.66 17.11 50.63
CA ASP G 8 -1.17 17.05 49.25
C ASP G 8 -1.20 15.60 48.78
N LEU G 9 -2.36 15.17 48.29
CA LEU G 9 -2.49 13.92 47.57
C LEU G 9 -3.19 14.20 46.25
N ASP G 10 -2.98 13.34 45.27
CA ASP G 10 -3.39 13.58 43.89
C ASP G 10 -4.13 12.35 43.38
N THR G 11 -5.47 12.38 43.48
CA THR G 11 -6.27 11.23 43.06
C THR G 11 -6.25 11.07 41.55
N ASP G 12 -6.66 12.10 40.81
CA ASP G 12 -6.69 12.00 39.35
C ASP G 12 -5.30 11.87 38.75
N ASN G 13 -4.26 12.15 39.52
CA ASN G 13 -2.87 11.94 39.11
C ASN G 13 -2.49 12.84 37.93
N ASP G 14 -2.63 14.16 38.13
CA ASP G 14 -2.35 15.14 37.09
C ASP G 14 -1.51 16.30 37.60
N ASN G 15 -0.82 16.11 38.72
CA ASN G 15 0.15 17.05 39.29
C ASN G 15 -0.51 18.26 39.95
N ILE G 16 -1.80 18.22 40.23
CA ILE G 16 -2.42 19.24 41.07
C ILE G 16 -3.12 18.54 42.22
N PRO G 17 -2.86 18.94 43.48
CA PRO G 17 -3.50 18.28 44.62
C PRO G 17 -5.00 18.53 44.64
N ASP G 18 -5.71 17.64 45.32
CA ASP G 18 -7.17 17.72 45.34
C ASP G 18 -7.67 18.96 46.05
N ALA G 19 -7.10 19.29 47.20
CA ALA G 19 -7.49 20.48 47.94
C ALA G 19 -7.45 21.72 47.05
N TYR G 20 -6.32 21.93 46.37
CA TYR G 20 -6.21 23.05 45.45
C TYR G 20 -7.25 22.95 44.35
N GLU G 21 -7.36 21.77 43.75
CA GLU G 21 -8.18 21.61 42.56
C GLU G 21 -9.66 21.79 42.85
N LYS G 22 -10.07 21.75 44.11
CA LYS G 22 -11.46 22.03 44.43
C LYS G 22 -11.66 23.38 45.10
N ASN G 23 -10.63 23.93 45.73
CA ASN G 23 -10.76 25.26 46.34
C ASN G 23 -10.24 26.37 45.45
N GLY G 24 -9.22 26.09 44.63
CA GLY G 24 -8.65 27.10 43.75
C GLY G 24 -7.14 27.12 43.78
N TYR G 25 -6.52 27.27 42.60
CA TYR G 25 -5.07 27.24 42.51
C TYR G 25 -4.63 28.15 41.37
N THR G 26 -3.31 28.31 41.26
CA THR G 26 -2.71 28.99 40.12
C THR G 26 -1.32 28.41 39.93
N ILE G 27 -0.69 28.76 38.80
CA ILE G 27 0.60 28.21 38.42
C ILE G 27 1.65 29.30 38.55
N LYS G 28 2.72 29.01 39.28
CA LYS G 28 3.84 29.93 39.46
C LYS G 28 5.14 29.17 39.37
N ASP G 29 5.95 29.47 38.34
CA ASP G 29 7.21 28.76 38.09
C ASP G 29 6.98 27.28 37.81
N SER G 30 5.84 26.97 37.19
CA SER G 30 5.47 25.63 36.77
C SER G 30 5.19 24.70 37.94
N ILE G 31 4.65 25.23 39.03
CA ILE G 31 4.10 24.43 40.12
C ILE G 31 2.76 25.02 40.50
N ALA G 32 1.89 24.18 41.03
CA ALA G 32 0.56 24.61 41.42
C ALA G 32 0.57 25.06 42.87
N VAL G 33 0.25 26.34 43.09
CA VAL G 33 0.26 26.93 44.41
C VAL G 33 -1.16 27.27 44.81
N LYS G 34 -1.41 27.24 46.11
CA LYS G 34 -2.75 27.54 46.62
C LYS G 34 -3.11 28.99 46.32
N TRP G 35 -4.36 29.21 45.92
CA TRP G 35 -4.79 30.55 45.58
C TRP G 35 -4.81 31.46 46.81
N ASN G 36 -4.12 32.57 46.71
CA ASN G 36 -4.23 33.67 47.67
C ASN G 36 -4.66 34.91 46.91
N ASP G 37 -5.84 35.44 47.26
CA ASP G 37 -6.43 36.56 46.54
C ASP G 37 -5.54 37.81 46.55
N SER G 38 -4.43 37.78 47.26
CA SER G 38 -3.57 38.95 47.32
C SER G 38 -2.83 39.18 46.02
N PHE G 39 -2.61 38.14 45.21
CA PHE G 39 -1.92 38.28 43.94
C PHE G 39 -2.83 38.05 42.74
N ALA G 40 -4.06 38.54 42.82
CA ALA G 40 -4.87 38.71 41.62
C ALA G 40 -4.52 39.98 40.88
N GLU G 41 -3.67 40.83 41.46
CA GLU G 41 -3.31 42.09 40.83
C GLU G 41 -2.16 41.91 39.84
N GLN G 42 -1.19 41.06 40.17
CA GLN G 42 -0.08 40.80 39.26
C GLN G 42 -0.53 40.18 37.95
N GLY G 43 -1.75 39.65 37.89
CA GLY G 43 -2.28 39.07 36.68
C GLY G 43 -2.48 37.58 36.74
N TYR G 44 -2.31 36.96 37.90
CA TYR G 44 -2.57 35.54 38.01
C TYR G 44 -4.06 35.27 38.07
N LYS G 45 -4.49 34.20 37.41
CA LYS G 45 -5.88 33.84 37.33
C LYS G 45 -6.15 32.64 38.21
N LYS G 46 -7.39 32.56 38.71
CA LYS G 46 -7.81 31.49 39.61
C LYS G 46 -8.44 30.37 38.79
N TYR G 47 -7.89 29.17 38.91
CA TYR G 47 -8.40 28.02 38.19
C TYR G 47 -9.04 27.03 39.15
N VAL G 48 -10.11 26.40 38.70
CA VAL G 48 -10.71 25.27 39.39
C VAL G 48 -11.04 24.21 38.35
N SER G 49 -10.94 22.95 38.75
CA SER G 49 -11.23 21.84 37.85
C SER G 49 -11.70 20.66 38.70
N SER G 50 -11.80 19.50 38.06
CA SER G 50 -12.23 18.30 38.76
C SER G 50 -11.03 17.60 39.38
N TYR G 51 -11.19 17.13 40.61
CA TYR G 51 -10.10 16.40 41.25
C TYR G 51 -10.20 14.90 41.02
N LEU G 52 -11.19 14.44 40.25
CA LEU G 52 -11.32 13.05 39.87
C LEU G 52 -11.05 12.83 38.38
N GLU G 53 -10.96 13.91 37.62
CA GLU G 53 -10.66 13.85 36.19
C GLU G 53 -9.32 14.50 35.94
N SER G 54 -8.52 13.88 35.07
CA SER G 54 -7.30 14.54 34.63
C SER G 54 -7.56 15.50 33.47
N ASN G 55 -8.61 15.25 32.69
CA ASN G 55 -9.06 16.13 31.62
C ASN G 55 -10.48 16.54 31.95
N THR G 56 -10.64 17.65 32.68
CA THR G 56 -11.98 18.09 33.03
C THR G 56 -12.79 18.50 31.82
N ALA G 57 -12.22 19.33 30.94
CA ALA G 57 -12.94 19.86 29.81
C ALA G 57 -13.15 18.85 28.69
N GLY G 58 -12.58 17.66 28.79
CA GLY G 58 -12.81 16.62 27.81
C GLY G 58 -11.91 16.67 26.59
N ASP G 59 -10.89 17.50 26.57
CA ASP G 59 -10.04 17.69 25.42
C ASP G 59 -8.72 16.94 25.62
N PRO G 60 -7.86 16.87 24.60
CA PRO G 60 -6.66 16.01 24.72
C PRO G 60 -5.66 16.44 25.78
N TYR G 61 -5.76 17.64 26.34
CA TYR G 61 -4.75 18.15 27.28
C TYR G 61 -5.30 18.13 28.69
N THR G 62 -4.43 17.83 29.64
CA THR G 62 -4.85 17.68 31.03
C THR G 62 -5.12 19.05 31.65
N ASP G 63 -5.51 19.05 32.92
CA ASP G 63 -5.78 20.31 33.61
C ASP G 63 -4.50 21.05 33.93
N TYR G 64 -3.43 20.32 34.27
CA TYR G 64 -2.16 20.97 34.57
C TYR G 64 -1.53 21.56 33.32
N GLN G 65 -1.60 20.84 32.20
CA GLN G 65 -1.02 21.35 30.95
C GLN G 65 -1.72 22.61 30.49
N LYS G 66 -3.04 22.66 30.66
CA LYS G 66 -3.79 23.84 30.24
C LYS G 66 -3.59 25.00 31.19
N ALA G 67 -3.57 24.72 32.50
CA ALA G 67 -3.39 25.79 33.47
C ALA G 67 -2.00 26.41 33.35
N SER G 68 -0.97 25.57 33.31
CA SER G 68 0.39 26.09 33.24
C SER G 68 0.73 26.68 31.88
N GLY G 69 0.15 26.16 30.80
CA GLY G 69 0.46 26.63 29.47
C GLY G 69 1.40 25.75 28.69
N SER G 70 1.60 24.51 29.10
CA SER G 70 2.55 23.60 28.45
C SER G 70 1.88 22.92 27.26
N ILE G 71 1.29 23.72 26.38
CA ILE G 71 0.59 23.22 25.21
C ILE G 71 0.96 24.05 23.99
N ASP G 72 0.36 23.73 22.85
CA ASP G 72 0.54 24.50 21.63
C ASP G 72 0.42 25.99 21.89
N LYS G 73 1.42 26.75 21.48
CA LYS G 73 1.41 28.18 21.75
C LYS G 73 0.45 28.93 20.84
N ALA G 74 -0.07 28.29 19.80
CA ALA G 74 -1.08 28.89 18.95
C ALA G 74 -2.49 28.70 19.49
N ILE G 75 -2.64 28.04 20.62
CA ILE G 75 -3.92 27.86 21.29
C ILE G 75 -4.29 29.15 21.99
N LYS G 76 -5.53 29.59 21.82
CA LYS G 76 -5.98 30.83 22.47
C LYS G 76 -5.85 30.69 23.99
N LEU G 77 -5.58 31.82 24.66
CA LEU G 77 -5.43 31.76 26.11
C LEU G 77 -6.75 31.52 26.82
N GLU G 78 -7.88 31.71 26.14
CA GLU G 78 -9.17 31.27 26.67
C GLU G 78 -9.10 29.80 27.07
N ALA G 79 -8.58 28.96 26.18
CA ALA G 79 -8.52 27.52 26.40
C ALA G 79 -7.47 27.12 27.42
N ARG G 80 -6.80 28.07 28.06
CA ARG G 80 -5.87 27.75 29.14
C ARG G 80 -6.56 27.67 30.49
N ASP G 81 -7.89 27.70 30.50
CA ASP G 81 -8.69 27.51 31.69
C ASP G 81 -9.21 26.09 31.69
N PRO G 82 -8.98 25.31 32.75
CA PRO G 82 -9.34 23.89 32.72
C PRO G 82 -10.81 23.62 32.47
N LEU G 83 -11.67 24.64 32.46
CA LEU G 83 -13.08 24.44 32.15
C LEU G 83 -13.42 24.73 30.69
N VAL G 84 -12.65 25.56 30.02
CA VAL G 84 -12.86 25.86 28.61
C VAL G 84 -12.00 24.92 27.79
N ALA G 85 -12.59 24.32 26.76
CA ALA G 85 -11.95 23.27 25.99
C ALA G 85 -11.21 23.84 24.79
N ALA G 86 -10.03 23.31 24.50
CA ALA G 86 -9.36 23.56 23.24
C ALA G 86 -10.13 22.84 22.15
N TYR G 87 -10.66 23.58 21.19
CA TYR G 87 -11.61 23.02 20.27
C TYR G 87 -11.63 23.81 18.96
N PRO G 88 -11.34 23.18 17.84
CA PRO G 88 -11.44 23.87 16.56
C PRO G 88 -12.84 23.72 15.96
N VAL G 89 -13.34 24.81 15.40
CA VAL G 89 -14.64 24.83 14.76
C VAL G 89 -14.40 25.24 13.31
N VAL G 90 -14.19 24.27 12.44
CA VAL G 90 -13.81 24.50 11.06
C VAL G 90 -15.03 24.32 10.17
N GLY G 91 -15.20 25.24 9.23
CA GLY G 91 -16.27 25.15 8.26
C GLY G 91 -15.79 25.68 6.92
N VAL G 92 -16.42 25.18 5.86
CA VAL G 92 -16.04 25.50 4.50
C VAL G 92 -17.10 26.41 3.91
N GLY G 93 -16.66 27.40 3.12
CA GLY G 93 -17.58 28.25 2.39
C GLY G 93 -17.26 28.27 0.92
N MET G 94 -18.26 28.07 0.07
CA MET G 94 -18.06 28.12 -1.37
C MET G 94 -18.11 29.56 -1.84
N GLU G 95 -17.22 29.91 -2.77
CA GLU G 95 -17.11 31.27 -3.26
C GLU G 95 -17.65 31.44 -4.67
N ASN G 96 -17.26 30.58 -5.61
CA ASN G 96 -17.91 30.52 -6.90
C ASN G 96 -17.72 29.14 -7.49
N LEU G 97 -18.55 28.80 -8.46
CA LEU G 97 -18.58 27.46 -9.04
C LEU G 97 -18.43 27.56 -10.54
N ILE G 98 -17.53 26.75 -11.10
CA ILE G 98 -17.24 26.74 -12.53
C ILE G 98 -17.79 25.45 -13.12
N ILE G 99 -18.43 25.57 -14.28
CA ILE G 99 -19.01 24.43 -14.99
C ILE G 99 -18.28 24.25 -16.31
N SER G 100 -17.89 23.02 -16.61
CA SER G 100 -17.14 22.68 -17.82
C SER G 100 -17.96 21.66 -18.61
N THR G 101 -18.70 22.14 -19.60
CA THR G 101 -19.55 21.27 -20.40
C THR G 101 -18.72 20.54 -21.45
N ASN G 102 -18.54 19.24 -21.27
CA ASN G 102 -17.65 18.49 -22.15
C ASN G 102 -18.43 17.93 -23.33
N GLU G 103 -18.88 18.84 -24.18
CA GLU G 103 -19.36 18.42 -25.49
C GLU G 103 -18.17 18.08 -26.38
N HIS G 104 -18.45 17.47 -27.51
CA HIS G 104 -17.41 17.12 -28.47
C HIS G 104 -17.79 17.72 -29.81
N ALA G 105 -17.13 18.83 -30.15
CA ALA G 105 -17.39 19.49 -31.41
C ALA G 105 -16.63 18.81 -32.54
N SER G 106 -16.94 19.23 -33.76
CA SER G 106 -16.40 18.60 -34.95
C SER G 106 -16.67 19.52 -36.13
N SER G 107 -15.83 19.40 -37.15
CA SER G 107 -15.93 20.28 -38.32
C SER G 107 -15.15 19.64 -39.45
N ASP G 108 -15.72 19.65 -40.65
CA ASP G 108 -15.09 19.04 -41.80
C ASP G 108 -15.11 20.02 -42.97
N GLN G 109 -14.25 19.75 -43.94
CA GLN G 109 -14.28 20.41 -45.23
C GLN G 109 -13.93 19.38 -46.28
N GLY G 110 -14.65 19.41 -47.40
CA GLY G 110 -14.43 18.46 -48.46
C GLY G 110 -14.19 19.17 -49.77
N LYS G 111 -13.75 18.39 -50.75
CA LYS G 111 -13.52 18.88 -52.09
C LYS G 111 -13.34 17.68 -53.00
N THR G 112 -13.96 17.74 -54.18
CA THR G 112 -13.99 16.60 -55.08
C THR G 112 -13.90 17.09 -56.51
N VAL G 113 -13.25 16.31 -57.36
CA VAL G 113 -13.26 16.52 -58.80
C VAL G 113 -13.48 15.17 -59.47
N SER G 114 -14.31 15.16 -60.50
CA SER G 114 -14.67 13.93 -61.19
C SER G 114 -14.50 14.13 -62.69
N ARG G 115 -14.84 13.09 -63.44
CA ARG G 115 -14.79 13.11 -64.89
C ARG G 115 -15.49 11.86 -65.41
N ALA G 116 -16.19 12.00 -66.53
CA ALA G 116 -16.91 10.89 -67.14
C ALA G 116 -16.78 10.99 -68.66
N THR G 117 -16.78 9.84 -69.32
CA THR G 117 -16.68 9.78 -70.78
C THR G 117 -17.60 8.67 -71.25
N THR G 118 -18.71 9.05 -71.89
CA THR G 118 -19.73 8.12 -72.33
C THR G 118 -19.60 7.91 -73.83
N ASN G 119 -19.84 6.68 -74.29
CA ASN G 119 -19.82 6.34 -75.70
C ASN G 119 -21.06 5.50 -76.02
N SER G 120 -21.93 6.03 -76.87
CA SER G 120 -23.18 5.37 -77.18
C SER G 120 -23.21 4.92 -78.63
N LYS G 121 -24.18 4.06 -78.94
CA LYS G 121 -24.38 3.58 -80.31
C LYS G 121 -25.81 3.09 -80.43
N THR G 122 -26.58 3.69 -81.34
CA THR G 122 -27.98 3.36 -81.54
C THR G 122 -28.19 2.91 -82.98
N ASP G 123 -29.03 1.91 -83.17
CA ASP G 123 -29.42 1.48 -84.51
C ASP G 123 -30.91 1.19 -84.50
N ALA G 124 -31.67 1.93 -85.30
CA ALA G 124 -33.12 1.86 -85.28
C ALA G 124 -33.66 1.62 -86.68
N ASN G 125 -34.55 0.64 -86.80
CA ASN G 125 -35.29 0.37 -88.02
C ASN G 125 -36.67 1.01 -87.91
N THR G 126 -37.31 1.20 -89.06
CA THR G 126 -38.65 1.77 -89.09
C THR G 126 -39.37 1.26 -90.33
N VAL G 127 -40.63 0.88 -90.17
CA VAL G 127 -41.44 0.36 -91.25
C VAL G 127 -42.82 1.01 -91.16
N GLY G 128 -43.21 1.71 -92.21
CA GLY G 128 -44.45 2.45 -92.18
C GLY G 128 -45.27 2.23 -93.44
N VAL G 129 -46.59 2.35 -93.28
CA VAL G 129 -47.54 2.20 -94.36
C VAL G 129 -48.57 3.31 -94.27
N SER G 130 -48.79 4.03 -95.36
CA SER G 130 -49.72 5.14 -95.41
C SER G 130 -50.64 4.97 -96.60
N ILE G 131 -51.84 4.46 -96.35
CA ILE G 131 -52.85 4.23 -97.38
C ILE G 131 -53.75 5.45 -97.46
N SER G 132 -53.83 6.05 -98.65
CA SER G 132 -54.60 7.26 -98.84
C SER G 132 -55.63 7.02 -99.94
N ALA G 133 -56.71 7.78 -99.88
CA ALA G 133 -57.76 7.71 -100.89
C ALA G 133 -58.55 9.00 -100.85
N GLY G 134 -58.40 9.83 -101.88
CA GLY G 134 -59.05 11.13 -101.91
C GLY G 134 -59.63 11.43 -103.28
N TYR G 135 -60.11 12.66 -103.41
CA TYR G 135 -60.68 13.15 -104.67
C TYR G 135 -59.69 14.09 -105.36
N GLN G 136 -58.71 13.49 -106.06
CA GLN G 136 -57.72 14.29 -106.77
C GLN G 136 -58.39 15.14 -107.84
N ASN G 137 -59.01 14.49 -108.83
CA ASN G 137 -60.01 15.17 -109.66
C ASN G 137 -61.37 14.50 -109.56
N GLY G 138 -61.46 13.21 -109.89
CA GLY G 138 -62.72 12.49 -109.78
C GLY G 138 -62.66 11.40 -108.74
N PHE G 139 -61.49 10.76 -108.63
CA PHE G 139 -61.18 9.81 -107.57
C PHE G 139 -59.72 9.41 -107.67
N THR G 140 -59.08 9.15 -106.53
CA THR G 140 -57.71 8.68 -106.53
C THR G 140 -57.46 7.91 -105.25
N GLY G 141 -56.28 7.27 -105.19
CA GLY G 141 -55.88 6.55 -104.00
C GLY G 141 -54.38 6.35 -104.00
N ASN G 142 -53.89 5.81 -102.89
CA ASN G 142 -52.49 5.46 -102.77
C ASN G 142 -52.36 4.32 -101.77
N ILE G 143 -51.35 3.49 -101.98
CA ILE G 143 -50.86 2.57 -100.96
C ILE G 143 -49.35 2.73 -100.93
N THR G 144 -48.78 2.86 -99.74
CA THR G 144 -47.38 3.24 -99.61
C THR G 144 -46.71 2.38 -98.54
N THR G 145 -45.46 2.03 -98.79
CA THR G 145 -44.63 1.32 -97.82
C THR G 145 -43.27 2.00 -97.79
N SER G 146 -42.70 2.11 -96.58
CA SER G 146 -41.42 2.77 -96.42
C SER G 146 -40.55 1.94 -95.50
N TYR G 147 -39.24 2.09 -95.65
CA TYR G 147 -38.26 1.47 -94.77
C TYR G 147 -37.27 2.53 -94.33
N SER G 148 -36.65 2.30 -93.17
CA SER G 148 -35.69 3.23 -92.62
C SER G 148 -34.62 2.47 -91.86
N HIS G 149 -33.48 3.13 -91.65
CA HIS G 149 -32.37 2.57 -90.91
C HIS G 149 -31.51 3.73 -90.42
N THR G 150 -31.52 3.96 -89.10
CA THR G 150 -30.77 5.06 -88.51
C THR G 150 -29.71 4.50 -87.58
N THR G 151 -28.48 5.00 -87.69
CA THR G 151 -27.39 4.66 -86.79
C THR G 151 -26.86 5.94 -86.18
N ASP G 152 -26.56 5.91 -84.88
CA ASP G 152 -26.15 7.10 -84.16
C ASP G 152 -24.96 6.77 -83.27
N ASN G 153 -23.89 7.55 -83.42
CA ASN G 153 -22.73 7.46 -82.56
C ASN G 153 -22.64 8.73 -81.73
N SER G 154 -22.30 8.57 -80.46
CA SER G 154 -22.33 9.68 -79.52
C SER G 154 -21.08 9.63 -78.65
N THR G 155 -20.74 10.79 -78.09
CA THR G 155 -19.62 10.89 -77.16
C THR G 155 -19.88 12.08 -76.26
N ALA G 156 -19.75 11.86 -74.94
CA ALA G 156 -19.92 12.93 -73.98
C ALA G 156 -18.71 12.95 -73.06
N VAL G 157 -18.38 14.12 -72.53
CA VAL G 157 -17.33 14.28 -71.54
C VAL G 157 -17.86 15.20 -70.45
N GLN G 158 -18.01 14.67 -69.24
CA GLN G 158 -18.59 15.42 -68.13
C GLN G 158 -17.52 15.67 -67.08
N ASP G 159 -17.29 16.95 -66.77
CA ASP G 159 -16.41 17.34 -65.69
C ASP G 159 -17.25 17.77 -64.50
N SER G 160 -16.73 17.53 -63.30
CA SER G 160 -17.48 17.79 -62.08
C SER G 160 -16.58 18.41 -61.04
N ASN G 161 -17.19 19.10 -60.09
CA ASN G 161 -16.49 19.76 -59.01
C ASN G 161 -17.42 19.84 -57.81
N GLY G 162 -16.93 19.44 -56.64
CA GLY G 162 -17.72 19.42 -55.43
C GLY G 162 -17.08 20.24 -54.32
N GLU G 163 -17.83 20.37 -53.25
CA GLU G 163 -17.37 21.03 -52.03
C GLU G 163 -18.36 20.71 -50.94
N SER G 164 -17.89 20.74 -49.69
CA SER G 164 -18.70 20.23 -48.60
C SER G 164 -18.25 20.87 -47.30
N TRP G 165 -19.15 20.86 -46.33
CA TRP G 165 -18.87 21.35 -44.98
C TRP G 165 -19.81 20.61 -44.04
N ASN G 166 -19.26 19.96 -43.02
CA ASN G 166 -20.07 19.33 -41.99
C ASN G 166 -19.67 19.89 -40.63
N THR G 167 -20.64 19.94 -39.72
CA THR G 167 -20.39 20.24 -38.32
C THR G 167 -21.06 19.19 -37.46
N GLY G 168 -20.54 18.98 -36.27
CA GLY G 168 -21.05 17.97 -35.38
C GLY G 168 -21.01 18.43 -33.94
N LEU G 169 -21.78 17.72 -33.11
CA LEU G 169 -21.82 18.00 -31.68
C LEU G 169 -22.38 16.78 -30.99
N SER G 170 -21.63 16.21 -30.07
CA SER G 170 -22.08 15.08 -29.28
C SER G 170 -21.97 15.39 -27.80
N ILE G 171 -22.79 14.70 -27.01
CA ILE G 171 -22.77 14.83 -25.56
C ILE G 171 -22.95 13.45 -24.96
N ASN G 172 -22.48 13.28 -23.74
CA ASN G 172 -22.76 12.10 -22.95
C ASN G 172 -23.82 12.48 -21.94
N LYS G 173 -25.02 11.93 -22.09
CA LYS G 173 -26.12 12.36 -21.24
C LYS G 173 -26.02 11.84 -19.81
N GLY G 174 -24.90 11.24 -19.43
CA GLY G 174 -24.72 10.83 -18.05
C GLY G 174 -23.57 11.54 -17.39
N GLU G 175 -22.69 12.13 -18.20
CA GLU G 175 -21.54 12.89 -17.71
C GLU G 175 -21.38 14.18 -18.49
N SER G 176 -22.47 14.95 -18.59
CA SER G 176 -22.51 16.08 -19.50
C SER G 176 -21.62 17.23 -19.09
N ALA G 177 -21.29 17.38 -17.80
CA ALA G 177 -20.50 18.51 -17.37
C ALA G 177 -19.66 18.11 -16.18
N TYR G 178 -18.61 18.88 -15.91
CA TYR G 178 -17.74 18.70 -14.75
C TYR G 178 -17.84 19.94 -13.87
N ILE G 179 -17.99 19.71 -12.58
CA ILE G 179 -18.17 20.78 -11.60
C ILE G 179 -16.84 21.11 -10.95
N ASN G 180 -16.59 22.40 -10.74
CA ASN G 180 -15.39 22.89 -10.09
C ASN G 180 -15.81 23.99 -9.13
N ALA G 181 -15.49 23.83 -7.85
CA ALA G 181 -15.93 24.75 -6.80
C ALA G 181 -14.73 25.39 -6.12
N ASN G 182 -14.81 26.70 -5.89
CA ASN G 182 -13.74 27.45 -5.23
C ASN G 182 -14.17 27.73 -3.80
N VAL G 183 -13.46 27.13 -2.84
CA VAL G 183 -13.89 27.13 -1.45
C VAL G 183 -12.79 27.73 -0.58
N ARG G 184 -13.13 27.95 0.69
CA ARG G 184 -12.17 28.46 1.67
C ARG G 184 -12.54 27.88 3.03
N TYR G 185 -11.53 27.63 3.87
CA TYR G 185 -11.77 27.05 5.18
C TYR G 185 -11.69 28.12 6.25
N TYR G 186 -12.56 28.04 7.24
CA TYR G 186 -12.58 28.98 8.34
C TYR G 186 -12.43 28.25 9.66
N ASN G 187 -11.76 28.89 10.63
CA ASN G 187 -11.62 28.35 11.96
C ASN G 187 -12.11 29.39 12.96
N THR G 188 -13.18 29.07 13.68
CA THR G 188 -13.73 29.97 14.68
C THR G 188 -13.66 29.39 16.09
N GLY G 189 -12.73 28.48 16.36
CA GLY G 189 -12.60 27.90 17.69
C GLY G 189 -11.42 28.45 18.45
N THR G 190 -10.88 27.67 19.39
CA THR G 190 -9.78 28.11 20.24
C THR G 190 -8.50 27.34 20.03
N ALA G 191 -8.47 26.35 19.15
CA ALA G 191 -7.28 25.57 18.94
C ALA G 191 -7.02 25.42 17.45
N PRO G 192 -5.76 25.46 17.04
CA PRO G 192 -5.44 25.26 15.62
C PRO G 192 -5.58 23.81 15.22
N MET G 193 -5.98 23.62 13.97
CA MET G 193 -6.21 22.28 13.42
C MET G 193 -5.19 22.04 12.32
N TYR G 194 -4.39 21.00 12.48
CA TYR G 194 -3.40 20.64 11.48
C TYR G 194 -3.96 19.57 10.55
N LYS G 195 -3.63 19.69 9.28
CA LYS G 195 -4.06 18.73 8.26
C LYS G 195 -5.58 18.71 8.12
N VAL G 196 -6.14 19.90 7.90
CA VAL G 196 -7.59 20.04 7.75
C VAL G 196 -8.06 19.24 6.55
N THR G 197 -9.09 18.42 6.76
CA THR G 197 -9.61 17.54 5.70
C THR G 197 -11.12 17.56 5.75
N PRO G 198 -11.75 18.54 5.11
CA PRO G 198 -13.21 18.63 5.14
C PRO G 198 -13.90 17.62 4.23
N THR G 199 -15.13 17.30 4.60
CA THR G 199 -16.06 16.56 3.76
C THR G 199 -17.24 17.47 3.45
N THR G 200 -17.59 17.57 2.16
CA THR G 200 -18.60 18.52 1.74
C THR G 200 -19.67 17.83 0.91
N ASN G 201 -20.89 18.36 0.99
CA ASN G 201 -22.00 17.96 0.14
C ASN G 201 -22.17 18.98 -0.96
N LEU G 202 -22.45 18.51 -2.17
CA LEU G 202 -22.77 19.37 -3.31
C LEU G 202 -24.24 19.16 -3.63
N VAL G 203 -25.08 20.03 -3.10
CA VAL G 203 -26.53 19.88 -3.20
C VAL G 203 -27.07 20.77 -4.30
N LEU G 204 -27.86 20.18 -5.20
CA LEU G 204 -28.52 20.93 -6.27
C LEU G 204 -29.98 20.50 -6.32
N ASP G 205 -30.87 21.39 -5.86
CA ASP G 205 -32.31 21.16 -5.92
C ASP G 205 -32.69 19.87 -5.19
N GLY G 206 -32.39 19.82 -3.90
CA GLY G 206 -32.79 18.71 -3.06
C GLY G 206 -31.85 17.52 -3.10
N GLU G 207 -31.47 17.08 -4.29
CA GLU G 207 -30.60 15.93 -4.44
C GLU G 207 -29.14 16.33 -4.29
N THR G 208 -28.38 15.45 -3.66
CA THR G 208 -26.94 15.63 -3.44
C THR G 208 -26.19 15.03 -4.63
N LEU G 209 -25.47 15.88 -5.36
CA LEU G 209 -24.77 15.40 -6.54
C LEU G 209 -23.55 14.57 -6.15
N ALA G 210 -22.80 15.02 -5.16
CA ALA G 210 -21.59 14.31 -4.75
C ALA G 210 -21.20 14.74 -3.35
N THR G 211 -20.55 13.83 -2.64
CA THR G 211 -19.95 14.12 -1.33
C THR G 211 -18.45 13.88 -1.48
N ILE G 212 -17.67 14.95 -1.37
CA ILE G 212 -16.25 14.92 -1.68
C ILE G 212 -15.46 15.07 -0.39
N LYS G 213 -14.41 14.28 -0.26
CA LYS G 213 -13.41 14.45 0.78
C LYS G 213 -12.17 15.10 0.19
N ALA G 214 -11.47 15.89 0.99
CA ALA G 214 -10.30 16.60 0.48
C ALA G 214 -9.08 15.70 0.46
N GLN G 215 -8.52 15.50 -0.72
CA GLN G 215 -7.28 14.76 -0.88
C GLN G 215 -6.10 15.73 -0.88
N ASP G 216 -4.93 15.25 -1.31
CA ASP G 216 -3.67 15.96 -1.08
C ASP G 216 -3.72 17.42 -1.55
N ASN G 217 -4.34 17.68 -2.71
CA ASN G 217 -4.31 19.04 -3.24
C ASN G 217 -5.13 20.00 -2.40
N GLN G 218 -6.16 19.51 -1.70
CA GLN G 218 -7.12 20.37 -1.03
C GLN G 218 -6.94 20.42 0.48
N ILE G 219 -5.91 19.78 1.01
CA ILE G 219 -5.67 19.76 2.44
C ILE G 219 -4.95 21.02 2.86
N GLY G 220 -5.36 21.59 3.99
CA GLY G 220 -4.70 22.75 4.55
C GLY G 220 -3.78 22.32 5.68
N ASN G 221 -2.52 22.73 5.58
CA ASN G 221 -1.51 22.27 6.54
C ASN G 221 -1.77 22.86 7.92
N ASN G 222 -2.01 24.16 7.98
CA ASN G 222 -2.24 24.87 9.24
C ASN G 222 -3.53 25.66 9.15
N LEU G 223 -4.23 25.78 10.27
CA LEU G 223 -5.41 26.65 10.34
C LEU G 223 -5.54 27.10 11.79
N SER G 224 -4.99 28.26 12.09
CA SER G 224 -5.09 28.83 13.42
C SER G 224 -6.48 29.39 13.66
N PRO G 225 -6.89 29.57 14.92
CA PRO G 225 -8.20 30.16 15.19
C PRO G 225 -8.30 31.57 14.63
N ASN G 226 -9.49 31.91 14.14
CA ASN G 226 -9.82 33.22 13.58
C ASN G 226 -9.06 33.50 12.29
N GLU G 227 -8.69 32.45 11.55
CA GLU G 227 -7.97 32.59 10.29
C GLU G 227 -8.62 31.70 9.24
N THR G 228 -8.15 31.85 8.01
CA THR G 228 -8.67 31.10 6.87
C THR G 228 -7.55 30.30 6.22
N TYR G 229 -7.95 29.32 5.42
CA TYR G 229 -7.04 28.67 4.48
C TYR G 229 -7.74 28.61 3.13
N PRO G 230 -7.16 29.17 2.07
CA PRO G 230 -5.91 29.96 2.08
C PRO G 230 -6.10 31.28 2.79
N LYS G 231 -5.00 32.00 3.03
CA LYS G 231 -5.02 33.13 3.93
C LYS G 231 -5.81 34.29 3.33
N LYS G 232 -5.82 35.41 4.06
CA LYS G 232 -6.79 36.46 3.82
C LYS G 232 -6.70 37.02 2.42
N GLY G 233 -5.48 37.23 1.92
CA GLY G 233 -5.33 37.91 0.66
C GLY G 233 -5.04 37.03 -0.53
N LEU G 234 -5.33 35.74 -0.41
CA LEU G 234 -5.09 34.77 -1.48
C LEU G 234 -6.42 34.27 -2.02
N SER G 235 -6.34 33.67 -3.18
CA SER G 235 -7.48 33.15 -3.92
C SER G 235 -7.90 31.78 -3.38
N PRO G 236 -9.18 31.46 -3.45
CA PRO G 236 -9.68 30.23 -2.84
C PRO G 236 -9.16 28.97 -3.52
N LEU G 237 -9.35 27.84 -2.84
CA LEU G 237 -8.93 26.54 -3.32
C LEU G 237 -9.79 26.14 -4.52
N ALA G 238 -9.36 25.09 -5.21
CA ALA G 238 -10.15 24.49 -6.28
C ALA G 238 -10.46 23.05 -5.91
N LEU G 239 -11.74 22.69 -5.95
CA LEU G 239 -12.18 21.34 -5.61
C LEU G 239 -12.62 20.66 -6.90
N ASN G 240 -11.65 20.06 -7.60
CA ASN G 240 -11.89 19.49 -8.92
C ASN G 240 -12.27 18.02 -8.88
N THR G 241 -11.70 17.27 -7.95
CA THR G 241 -11.65 15.82 -8.07
C THR G 241 -12.51 15.15 -7.01
N MET G 242 -12.89 13.91 -7.31
CA MET G 242 -13.73 13.11 -6.43
C MET G 242 -13.07 11.81 -5.98
N ASP G 243 -12.03 11.34 -6.65
CA ASP G 243 -11.38 10.09 -6.27
C ASP G 243 -10.28 10.37 -5.26
N GLN G 244 -9.52 9.33 -4.92
CA GLN G 244 -8.50 9.40 -3.88
C GLN G 244 -7.20 10.03 -4.36
N PHE G 245 -6.88 9.96 -5.64
CA PHE G 245 -5.58 10.38 -6.14
C PHE G 245 -5.64 11.65 -6.98
N ASN G 246 -6.76 12.39 -6.93
CA ASN G 246 -6.90 13.65 -7.64
C ASN G 246 -6.81 13.47 -9.15
N ALA G 247 -7.43 12.41 -9.65
CA ALA G 247 -7.36 12.10 -11.07
C ALA G 247 -8.73 11.87 -11.71
N ARG G 248 -9.81 12.19 -11.02
CA ARG G 248 -11.16 11.94 -11.52
C ARG G 248 -12.02 13.16 -11.22
N LEU G 249 -12.50 13.82 -12.27
CA LEU G 249 -13.28 15.04 -12.10
C LEU G 249 -14.72 14.71 -11.68
N ILE G 250 -15.41 15.72 -11.17
CA ILE G 250 -16.75 15.54 -10.60
C ILE G 250 -17.81 15.75 -11.68
N PRO G 251 -18.55 14.72 -12.07
CA PRO G 251 -19.52 14.87 -13.16
C PRO G 251 -20.94 15.17 -12.70
N ILE G 252 -21.74 15.73 -13.60
CA ILE G 252 -23.18 15.86 -13.43
C ILE G 252 -23.84 15.38 -14.71
N ASN G 253 -25.08 14.93 -14.60
CA ASN G 253 -25.76 14.35 -15.76
C ASN G 253 -26.43 15.47 -16.56
N TYR G 254 -27.17 15.09 -17.60
CA TYR G 254 -27.73 16.09 -18.50
C TYR G 254 -28.87 16.88 -17.86
N ASP G 255 -29.74 16.20 -17.11
CA ASP G 255 -30.84 16.89 -16.46
C ASP G 255 -30.33 17.87 -15.40
N GLN G 256 -29.30 17.48 -14.65
CA GLN G 256 -28.70 18.40 -13.69
C GLN G 256 -28.03 19.58 -14.38
N LEU G 257 -27.45 19.35 -15.55
CA LEU G 257 -26.82 20.45 -16.28
C LEU G 257 -27.86 21.42 -16.81
N LYS G 258 -28.99 20.90 -17.29
CA LYS G 258 -30.04 21.78 -17.76
C LYS G 258 -30.67 22.55 -16.60
N LYS G 259 -30.84 21.88 -15.47
CA LYS G 259 -31.33 22.54 -14.26
C LYS G 259 -30.39 23.64 -13.81
N LEU G 260 -29.09 23.38 -13.87
CA LEU G 260 -28.08 24.32 -13.41
C LEU G 260 -27.94 25.55 -14.30
N ASP G 261 -28.34 25.45 -15.56
CA ASP G 261 -28.46 26.64 -16.43
C ASP G 261 -29.83 27.29 -16.29
N SER G 262 -30.19 27.59 -15.05
CA SER G 262 -31.45 28.23 -14.70
C SER G 262 -31.25 28.90 -13.35
N GLY G 263 -32.36 29.27 -12.70
CA GLY G 263 -32.27 29.89 -11.40
C GLY G 263 -31.81 28.98 -10.28
N LYS G 264 -31.26 27.81 -10.61
CA LYS G 264 -30.75 26.90 -9.59
C LYS G 264 -29.26 27.12 -9.36
N GLN G 265 -28.87 27.21 -8.10
CA GLN G 265 -27.48 27.23 -7.70
C GLN G 265 -27.15 26.00 -6.89
N ILE G 266 -25.88 25.60 -6.95
CA ILE G 266 -25.37 24.48 -6.18
C ILE G 266 -24.97 25.01 -4.82
N LYS G 267 -25.33 24.29 -3.77
CA LYS G 267 -24.95 24.67 -2.41
C LYS G 267 -23.89 23.72 -1.87
N LEU G 268 -23.15 24.21 -0.87
CA LEU G 268 -22.06 23.45 -0.28
C LEU G 268 -22.33 23.30 1.20
N GLU G 269 -22.56 22.08 1.65
CA GLU G 269 -22.74 21.78 3.07
C GLU G 269 -21.56 20.97 3.56
N THR G 270 -20.99 21.39 4.69
CA THR G 270 -19.87 20.70 5.31
C THR G 270 -20.41 19.73 6.36
N THR G 271 -20.21 18.44 6.12
CA THR G 271 -20.78 17.43 7.01
C THR G 271 -19.85 17.09 8.16
N GLN G 272 -18.54 17.23 7.97
CA GLN G 272 -17.56 16.92 8.99
C GLN G 272 -16.21 17.43 8.53
N VAL G 273 -15.28 17.57 9.47
CA VAL G 273 -13.93 18.01 9.20
C VAL G 273 -12.95 17.20 10.03
N SER G 274 -11.91 16.68 9.39
CA SER G 274 -10.88 15.90 10.05
C SER G 274 -9.63 16.74 10.21
N GLY G 275 -8.90 16.49 11.30
CA GLY G 275 -7.67 17.23 11.54
C GLY G 275 -6.92 16.65 12.71
N ASN G 276 -5.73 17.18 12.93
CA ASN G 276 -4.84 16.72 13.98
C ASN G 276 -4.66 17.79 15.04
N TYR G 277 -4.07 17.38 16.16
CA TYR G 277 -3.64 18.30 17.20
C TYR G 277 -2.20 17.99 17.55
N GLY G 278 -1.58 18.90 18.30
CA GLY G 278 -0.15 18.84 18.58
C GLY G 278 0.13 18.43 20.01
N THR G 279 0.97 17.41 20.16
CA THR G 279 1.54 17.03 21.44
C THR G 279 3.05 17.04 21.30
N LYS G 280 3.74 16.97 22.44
CA LYS G 280 5.19 16.87 22.46
C LYS G 280 5.57 15.45 22.87
N ASN G 281 6.54 14.87 22.16
CA ASN G 281 6.92 13.48 22.36
C ASN G 281 8.05 13.39 23.40
N SER G 282 8.70 12.23 23.46
CA SER G 282 9.75 11.98 24.46
C SER G 282 10.82 13.06 24.45
N GLN G 283 11.15 13.61 23.29
CA GLN G 283 12.06 14.74 23.17
C GLN G 283 11.26 16.00 22.86
N GLY G 284 11.96 17.10 22.62
CA GLY G 284 11.30 18.37 22.45
C GLY G 284 10.45 18.51 21.20
N GLN G 285 10.36 17.47 20.38
CA GLN G 285 9.64 17.57 19.12
C GLN G 285 8.13 17.67 19.36
N ILE G 286 7.45 18.28 18.41
CA ILE G 286 5.99 18.38 18.41
C ILE G 286 5.47 17.40 17.37
N ILE G 287 4.58 16.52 17.79
CA ILE G 287 4.04 15.48 16.92
C ILE G 287 2.55 15.73 16.74
N THR G 288 2.08 15.68 15.49
CA THR G 288 0.67 15.87 15.15
C THR G 288 0.22 14.82 14.16
N GLU G 289 0.49 13.55 14.42
CA GLU G 289 0.24 12.52 13.42
C GLU G 289 -0.87 11.55 13.80
N GLY G 290 -0.73 10.83 14.91
CA GLY G 290 -1.78 9.91 15.31
C GLY G 290 -2.76 10.58 16.23
N ASN G 291 -2.75 11.92 16.22
CA ASN G 291 -3.49 12.75 17.17
C ASN G 291 -4.70 13.32 16.45
N SER G 292 -5.81 12.59 16.44
CA SER G 292 -6.98 12.99 15.68
C SER G 292 -8.00 13.69 16.56
N TRP G 293 -8.63 14.73 16.00
CA TRP G 293 -9.62 15.49 16.73
C TRP G 293 -10.95 14.78 16.83
N SER G 294 -11.26 13.90 15.87
CA SER G 294 -12.55 13.24 15.87
C SER G 294 -12.63 12.18 16.96
N ASN G 295 -11.53 11.91 17.65
CA ASN G 295 -11.60 11.11 18.86
C ASN G 295 -12.17 11.90 20.03
N TYR G 296 -12.06 13.22 20.00
CA TYR G 296 -12.51 14.07 21.08
C TYR G 296 -13.74 14.89 20.74
N ILE G 297 -14.17 14.92 19.48
CA ILE G 297 -15.34 15.70 19.11
C ILE G 297 -16.55 15.25 19.92
N SER G 298 -16.87 13.95 19.87
CA SER G 298 -18.06 13.44 20.52
C SER G 298 -17.95 13.54 22.05
N GLN G 299 -16.74 13.44 22.59
CA GLN G 299 -16.58 13.51 24.03
C GLN G 299 -16.72 14.94 24.54
N ILE G 300 -16.21 15.92 23.78
CA ILE G 300 -16.35 17.31 24.18
C ILE G 300 -17.79 17.76 24.03
N ASP G 301 -18.47 17.30 22.97
CA ASP G 301 -19.85 17.73 22.75
C ASP G 301 -20.81 17.13 23.77
N SER G 302 -20.32 16.28 24.67
CA SER G 302 -21.18 15.56 25.59
C SER G 302 -20.98 15.96 27.04
N VAL G 303 -20.06 16.88 27.33
CA VAL G 303 -19.80 17.28 28.70
C VAL G 303 -19.81 18.80 28.80
N SER G 304 -20.35 19.46 27.77
CA SER G 304 -20.13 20.88 27.59
C SER G 304 -21.45 21.57 27.28
N ALA G 305 -21.44 22.89 27.45
CA ALA G 305 -22.53 23.76 27.03
C ALA G 305 -22.02 24.69 25.93
N SER G 306 -22.71 24.68 24.79
CA SER G 306 -22.28 25.42 23.61
C SER G 306 -22.58 26.90 23.81
N ILE G 307 -21.57 27.75 23.57
CA ILE G 307 -21.72 29.19 23.65
C ILE G 307 -21.13 29.80 22.38
N ILE G 308 -21.92 30.62 21.70
CA ILE G 308 -21.49 31.28 20.47
C ILE G 308 -21.74 32.77 20.62
N LEU G 309 -20.75 33.57 20.24
CA LEU G 309 -20.85 35.03 20.25
C LEU G 309 -20.72 35.51 18.82
N ASP G 310 -21.73 36.21 18.33
CA ASP G 310 -21.75 36.73 16.97
C ASP G 310 -21.65 38.24 17.04
N THR G 311 -20.46 38.77 16.79
CA THR G 311 -20.23 40.21 16.84
C THR G 311 -20.73 40.94 15.60
N GLY G 312 -21.53 40.29 14.77
CA GLY G 312 -22.08 40.92 13.59
C GLY G 312 -21.34 40.53 12.33
N SER G 313 -20.01 40.48 12.41
CA SER G 313 -19.18 40.08 11.29
C SER G 313 -18.33 38.86 11.56
N GLN G 314 -17.76 38.73 12.75
CA GLN G 314 -16.92 37.59 13.10
C GLN G 314 -17.61 36.80 14.19
N THR G 315 -17.43 35.47 14.14
CA THR G 315 -18.11 34.55 15.03
C THR G 315 -17.10 33.78 15.86
N PHE G 316 -17.43 33.51 17.11
CA PHE G 316 -16.55 32.80 18.03
C PHE G 316 -17.36 31.75 18.78
N GLU G 317 -17.12 30.48 18.47
CA GLU G 317 -17.82 29.38 19.13
C GLU G 317 -16.97 28.78 20.23
N ARG G 318 -17.59 28.54 21.39
CA ARG G 318 -16.89 28.04 22.56
C ARG G 318 -17.60 26.80 23.10
N ARG G 319 -16.89 26.07 23.96
CA ARG G 319 -17.43 24.91 24.66
C ARG G 319 -16.94 24.94 26.09
N VAL G 320 -17.84 25.20 27.03
CA VAL G 320 -17.50 25.28 28.44
C VAL G 320 -18.05 24.05 29.15
N ALA G 321 -17.22 23.46 30.02
CA ALA G 321 -17.56 22.19 30.64
C ALA G 321 -18.53 22.38 31.79
N ALA G 322 -19.59 21.56 31.81
CA ALA G 322 -20.65 21.67 32.79
C ALA G 322 -20.79 20.35 33.54
N LYS G 323 -21.50 20.39 34.65
CA LYS G 323 -21.61 19.27 35.55
C LYS G 323 -22.81 18.41 35.20
N GLU G 324 -22.65 17.09 35.32
CA GLU G 324 -23.75 16.17 35.11
C GLU G 324 -24.69 16.21 36.31
N GLN G 325 -25.98 16.02 36.04
CA GLN G 325 -26.99 16.33 37.05
C GLN G 325 -27.06 15.24 38.11
N GLY G 326 -27.21 13.98 37.70
CA GLY G 326 -27.54 12.94 38.66
C GLY G 326 -26.33 12.38 39.38
N ASN G 327 -25.18 12.43 38.75
CA ASN G 327 -23.99 11.77 39.28
C ASN G 327 -23.49 12.44 40.55
N PRO G 328 -23.32 11.68 41.65
CA PRO G 328 -22.66 12.26 42.83
C PRO G 328 -21.15 12.22 42.75
N GLU G 329 -20.58 11.52 41.77
CA GLU G 329 -19.15 11.43 41.57
C GLU G 329 -18.68 12.30 40.40
N ASP G 330 -19.44 13.34 40.07
CA ASP G 330 -19.09 14.26 39.00
C ASP G 330 -18.68 15.57 39.68
N LYS G 331 -17.38 15.80 39.76
CA LYS G 331 -16.83 16.93 40.52
C LYS G 331 -16.46 18.10 39.64
N THR G 332 -17.12 18.28 38.51
CA THR G 332 -16.88 19.45 37.68
C THR G 332 -17.33 20.70 38.42
N PRO G 333 -16.49 21.72 38.55
CA PRO G 333 -16.90 22.92 39.26
C PRO G 333 -18.11 23.57 38.62
N GLU G 334 -18.92 24.21 39.44
CA GLU G 334 -20.22 24.71 39.05
C GLU G 334 -20.19 26.23 39.00
N ILE G 335 -20.42 26.78 37.80
CA ILE G 335 -20.27 28.21 37.56
C ILE G 335 -21.57 28.73 36.95
N THR G 336 -21.67 30.06 36.89
CA THR G 336 -22.85 30.70 36.32
C THR G 336 -22.62 31.06 34.86
N ILE G 337 -23.66 31.56 34.21
CA ILE G 337 -23.57 31.89 32.80
C ILE G 337 -22.68 33.11 32.58
N GLY G 338 -22.73 34.06 33.51
CA GLY G 338 -21.85 35.21 33.42
C GLY G 338 -20.39 34.82 33.51
N GLU G 339 -20.06 33.93 34.45
CA GLU G 339 -18.68 33.48 34.59
C GLU G 339 -18.23 32.66 33.40
N ALA G 340 -19.14 31.89 32.81
CA ALA G 340 -18.78 31.10 31.63
C ALA G 340 -18.55 32.00 30.42
N ILE G 341 -19.35 33.05 30.28
CA ILE G 341 -19.15 33.98 29.17
C ILE G 341 -17.88 34.80 29.39
N LYS G 342 -17.51 35.04 30.66
CA LYS G 342 -16.27 35.77 30.91
C LYS G 342 -15.04 34.87 30.73
N LYS G 343 -15.18 33.57 30.99
CA LYS G 343 -14.06 32.66 30.83
C LYS G 343 -13.86 32.27 29.37
N ALA G 344 -14.94 31.94 28.66
CA ALA G 344 -14.82 31.39 27.32
C ALA G 344 -14.31 32.40 26.31
N PHE G 345 -14.52 33.69 26.55
CA PHE G 345 -14.09 34.72 25.61
C PHE G 345 -12.99 35.60 26.18
N SER G 346 -12.49 35.28 27.37
CA SER G 346 -11.51 36.11 28.07
C SER G 346 -11.92 37.57 28.07
N ALA G 347 -13.22 37.81 28.25
CA ALA G 347 -13.71 39.18 28.38
C ALA G 347 -13.22 39.78 29.69
N THR G 348 -13.08 41.08 29.71
CA THR G 348 -12.67 41.82 30.89
C THR G 348 -13.86 42.57 31.45
N LYS G 349 -13.88 42.72 32.78
CA LYS G 349 -14.95 43.43 33.46
C LYS G 349 -14.37 44.63 34.19
N ASN G 350 -14.91 45.81 33.88
CA ASN G 350 -14.58 47.04 34.58
C ASN G 350 -15.84 47.46 35.33
N GLY G 351 -15.93 47.06 36.59
CA GLY G 351 -17.16 47.24 37.35
C GLY G 351 -18.08 46.05 37.18
N GLU G 352 -19.25 46.29 36.60
CA GLU G 352 -20.21 45.22 36.32
C GLU G 352 -20.24 44.88 34.83
N LEU G 353 -19.71 45.77 34.00
CA LEU G 353 -19.83 45.61 32.56
C LEU G 353 -18.73 44.70 32.02
N LEU G 354 -19.14 43.74 31.19
CA LEU G 354 -18.22 42.86 30.48
C LEU G 354 -17.84 43.49 29.15
N TYR G 355 -16.56 43.39 28.81
CA TYR G 355 -16.05 43.95 27.56
C TYR G 355 -15.33 42.86 26.77
N PHE G 356 -15.73 42.69 25.52
CA PHE G 356 -14.99 41.91 24.55
C PHE G 356 -13.86 42.79 24.03
N ASN G 357 -13.29 42.45 22.87
CA ASN G 357 -12.20 43.20 22.29
C ASN G 357 -12.33 44.71 22.55
N GLY G 358 -13.47 45.28 22.18
CA GLY G 358 -13.85 46.57 22.71
C GLY G 358 -15.35 46.65 22.92
N ILE G 359 -16.04 45.58 22.55
CA ILE G 359 -17.50 45.55 22.49
C ILE G 359 -18.08 45.17 23.85
N PRO G 360 -19.15 45.81 24.30
CA PRO G 360 -19.84 45.36 25.51
C PRO G 360 -20.64 44.10 25.22
N ILE G 361 -20.41 43.06 26.02
CA ILE G 361 -21.15 41.81 25.88
C ILE G 361 -21.85 41.50 27.19
N ASP G 362 -22.09 42.53 28.00
CA ASP G 362 -22.86 42.33 29.22
C ASP G 362 -24.30 42.02 28.87
N GLU G 363 -25.03 41.50 29.86
CA GLU G 363 -26.40 41.03 29.63
C GLU G 363 -27.31 42.16 29.18
N SER G 364 -27.08 43.38 29.70
CA SER G 364 -28.00 44.48 29.44
C SER G 364 -27.88 44.99 28.01
N CYS G 365 -26.82 44.60 27.29
CA CYS G 365 -26.50 45.22 26.01
C CYS G 365 -26.53 44.25 24.84
N VAL G 366 -26.88 42.97 25.06
CA VAL G 366 -26.85 41.97 24.02
C VAL G 366 -28.23 41.34 23.88
N GLU G 367 -28.39 40.53 22.84
CA GLU G 367 -29.62 39.80 22.58
C GLU G 367 -29.31 38.31 22.67
N LEU G 368 -29.84 37.65 23.69
CA LEU G 368 -29.60 36.23 23.88
C LEU G 368 -30.65 35.40 23.16
N ILE G 369 -30.22 34.30 22.55
CA ILE G 369 -31.07 33.47 21.71
C ILE G 369 -30.77 32.02 22.08
N PHE G 370 -31.64 31.41 22.85
CA PHE G 370 -31.47 30.02 23.26
C PHE G 370 -32.26 29.10 22.33
N ASP G 371 -32.35 27.84 22.70
CA ASP G 371 -33.32 26.94 22.11
C ASP G 371 -34.32 26.52 23.19
N ASP G 372 -35.27 25.67 22.82
CA ASP G 372 -36.41 25.41 23.69
C ASP G 372 -35.99 24.85 25.04
N ASN G 373 -35.15 23.81 25.04
CA ASN G 373 -34.71 23.22 26.29
C ASN G 373 -33.95 24.22 27.15
N THR G 374 -33.00 24.94 26.54
CA THR G 374 -32.24 25.94 27.28
C THR G 374 -33.13 27.03 27.84
N SER G 375 -34.02 27.57 27.00
CA SER G 375 -34.92 28.64 27.44
C SER G 375 -35.80 28.17 28.58
N GLU G 376 -36.24 26.90 28.54
CA GLU G 376 -37.09 26.39 29.60
C GLU G 376 -36.33 26.24 30.90
N ILE G 377 -35.14 25.64 30.84
CA ILE G 377 -34.29 25.54 32.04
C ILE G 377 -34.07 26.93 32.63
N ILE G 378 -33.84 27.92 31.77
CA ILE G 378 -33.47 29.24 32.26
C ILE G 378 -34.66 29.94 32.88
N LYS G 379 -35.80 29.97 32.18
CA LYS G 379 -36.97 30.65 32.71
C LYS G 379 -37.55 29.91 33.91
N GLU G 380 -37.18 28.63 34.10
CA GLU G 380 -37.53 27.95 35.33
C GLU G 380 -36.63 28.39 36.47
N GLN G 381 -35.31 28.26 36.29
CA GLN G 381 -34.36 28.60 37.34
C GLN G 381 -34.35 30.08 37.67
N LEU G 382 -35.01 30.92 36.86
CA LEU G 382 -35.10 32.35 37.19
C LEU G 382 -36.06 32.60 38.35
N LYS G 383 -37.06 31.74 38.54
CA LYS G 383 -38.05 31.98 39.58
C LYS G 383 -37.43 31.88 40.97
N TYR G 384 -36.80 30.75 41.26
CA TYR G 384 -36.22 30.46 42.56
C TYR G 384 -34.93 31.23 42.82
N LEU G 385 -34.56 32.14 41.93
CA LEU G 385 -33.31 32.89 42.03
C LEU G 385 -33.65 34.37 42.18
N ASP G 386 -33.42 34.91 43.37
CA ASP G 386 -33.56 36.35 43.58
C ASP G 386 -32.51 37.08 42.76
N ASP G 387 -32.79 38.36 42.47
CA ASP G 387 -32.00 39.15 41.54
C ASP G 387 -31.99 38.47 40.17
N LYS G 388 -33.18 38.44 39.58
CA LYS G 388 -33.45 37.61 38.41
C LYS G 388 -32.71 38.16 37.20
N LYS G 389 -31.52 37.62 36.94
CA LYS G 389 -30.76 37.93 35.75
C LYS G 389 -30.33 36.63 35.10
N ILE G 390 -30.35 36.59 33.77
CA ILE G 390 -30.04 35.36 33.05
C ILE G 390 -28.58 34.97 33.24
N TYR G 391 -27.72 35.95 33.52
CA TYR G 391 -26.31 35.67 33.73
C TYR G 391 -26.02 35.02 35.08
N ASN G 392 -27.06 34.68 35.85
CA ASN G 392 -26.88 34.04 37.15
C ASN G 392 -27.41 32.62 37.18
N VAL G 393 -27.97 32.12 36.08
CA VAL G 393 -28.32 30.71 35.98
C VAL G 393 -27.05 29.87 36.02
N LYS G 394 -27.22 28.56 36.25
CA LYS G 394 -26.14 27.71 36.71
C LYS G 394 -25.42 26.94 35.60
N LEU G 395 -25.87 27.03 34.35
CA LEU G 395 -25.11 26.50 33.21
C LEU G 395 -24.83 25.00 33.36
N GLU G 396 -25.88 24.20 33.20
CA GLU G 396 -25.68 22.76 33.14
C GLU G 396 -25.51 22.29 31.70
N ARG G 397 -25.30 20.98 31.54
CA ARG G 397 -25.00 20.39 30.26
C ARG G 397 -26.17 20.53 29.29
N GLY G 398 -25.82 20.76 28.02
CA GLY G 398 -26.81 20.86 26.97
C GLY G 398 -27.39 22.23 26.74
N MET G 399 -26.82 23.26 27.34
CA MET G 399 -27.25 24.61 27.04
C MET G 399 -26.66 25.09 25.72
N ASN G 400 -27.39 25.96 25.03
CA ASN G 400 -27.02 26.40 23.68
C ASN G 400 -27.15 27.91 23.57
N ILE G 401 -26.56 28.64 24.51
CA ILE G 401 -26.66 30.10 24.50
C ILE G 401 -26.02 30.68 23.24
N LEU G 402 -26.71 31.63 22.62
CA LEU G 402 -26.18 32.39 21.48
C LEU G 402 -26.31 33.88 21.78
N ILE G 403 -25.18 34.59 21.70
CA ILE G 403 -25.13 36.02 22.00
C ILE G 403 -24.99 36.79 20.70
N LYS G 404 -25.98 37.61 20.39
CA LYS G 404 -25.92 38.52 19.25
C LYS G 404 -25.57 39.92 19.73
N VAL G 405 -24.64 40.56 19.04
CA VAL G 405 -24.36 41.98 19.25
C VAL G 405 -25.26 42.76 18.29
N PRO G 406 -25.97 43.78 18.77
CA PRO G 406 -26.92 44.48 17.89
C PRO G 406 -26.22 45.37 16.88
N SER G 407 -26.86 45.51 15.72
CA SER G 407 -26.34 46.38 14.67
C SER G 407 -26.18 47.81 15.19
N TYR G 408 -27.28 48.43 15.61
CA TYR G 408 -27.26 49.75 16.21
C TYR G 408 -27.81 49.68 17.63
N PHE G 409 -27.20 50.45 18.52
CA PHE G 409 -27.54 50.38 19.95
C PHE G 409 -27.15 51.69 20.61
N THR G 410 -28.11 52.37 21.20
CA THR G 410 -27.86 53.64 21.89
C THR G 410 -27.95 53.41 23.40
N ASN G 411 -26.94 53.89 24.12
CA ASN G 411 -26.74 53.54 25.53
C ASN G 411 -27.38 54.61 26.41
N PHE G 412 -28.11 54.17 27.43
CA PHE G 412 -28.65 55.06 28.45
C PHE G 412 -28.33 54.53 29.85
N GLN H 22 7.54 -7.84 15.37
CA GLN H 22 6.18 -7.87 14.85
C GLN H 22 5.14 -7.97 15.97
N TRP H 23 5.11 -9.10 16.69
CA TRP H 23 4.18 -9.24 17.81
C TRP H 23 4.68 -8.45 19.02
N GLU H 24 5.93 -8.67 19.41
CA GLU H 24 6.48 -7.98 20.57
C GLU H 24 6.61 -6.49 20.33
N LYS H 25 6.96 -6.08 19.11
CA LYS H 25 7.00 -4.67 18.76
C LYS H 25 5.63 -4.03 18.95
N LYS H 26 4.60 -4.66 18.40
CA LYS H 26 3.24 -4.13 18.50
C LYS H 26 2.79 -4.02 19.95
N GLU H 27 2.90 -5.12 20.71
CA GLU H 27 2.41 -5.13 22.07
C GLU H 27 3.21 -4.18 22.96
N ALA H 28 4.52 -4.06 22.71
CA ALA H 28 5.35 -3.16 23.49
C ALA H 28 4.99 -1.70 23.21
N GLU H 29 4.96 -1.32 21.93
CA GLU H 29 4.54 0.03 21.57
C GLU H 29 3.12 0.34 22.01
N ARG H 30 2.28 -0.67 22.23
CA ARG H 30 0.93 -0.45 22.72
C ARG H 30 0.88 -0.28 24.23
N VAL H 31 1.72 -1.00 24.96
CA VAL H 31 1.77 -0.82 26.41
C VAL H 31 2.37 0.53 26.78
N GLU H 32 3.22 1.09 25.93
CA GLU H 32 3.81 2.39 26.20
C GLU H 32 2.84 3.55 26.01
N LYS H 33 1.55 3.27 25.82
CA LYS H 33 0.51 4.30 25.81
C LYS H 33 -0.39 4.22 27.04
N ASN H 34 -0.88 3.03 27.38
CA ASN H 34 -1.72 2.86 28.57
C ASN H 34 -0.84 2.66 29.81
N LEU H 35 0.11 3.57 29.96
CA LEU H 35 0.88 3.72 31.18
C LEU H 35 0.58 5.09 31.75
N ASP H 36 0.63 5.18 33.07
CA ASP H 36 0.41 6.47 33.71
C ASP H 36 1.66 7.33 33.54
N THR H 37 1.47 8.65 33.51
CA THR H 37 2.58 9.55 33.16
C THR H 37 3.80 9.34 34.05
N LEU H 38 3.60 9.12 35.36
CA LEU H 38 4.73 8.88 36.23
C LEU H 38 5.28 7.46 36.04
N GLU H 39 4.43 6.52 35.65
CA GLU H 39 4.95 5.20 35.27
C GLU H 39 5.88 5.29 34.07
N LYS H 40 5.51 6.08 33.05
CA LYS H 40 6.45 6.25 31.94
C LYS H 40 7.65 7.06 32.39
N GLU H 41 7.48 7.93 33.39
CA GLU H 41 8.62 8.60 34.00
C GLU H 41 9.62 7.61 34.60
N ALA H 42 9.13 6.65 35.39
CA ALA H 42 10.00 5.64 35.97
C ALA H 42 10.62 4.77 34.90
N LEU H 43 9.86 4.46 33.84
CA LEU H 43 10.39 3.62 32.77
C LEU H 43 11.47 4.33 31.97
N GLU H 44 11.34 5.64 31.76
CA GLU H 44 12.34 6.36 30.97
C GLU H 44 13.54 6.74 31.82
N LEU H 45 13.35 6.97 33.12
CA LEU H 45 14.49 7.17 34.00
C LEU H 45 15.11 5.84 34.42
N TYR H 46 14.49 4.72 34.02
CA TYR H 46 15.16 3.43 34.08
C TYR H 46 16.23 3.32 33.00
N LYS H 47 15.96 3.88 31.81
CA LYS H 47 16.94 3.83 30.72
C LYS H 47 18.15 4.73 30.96
N LYS H 48 18.20 5.35 32.13
CA LYS H 48 19.30 6.20 32.57
C LYS H 48 20.02 5.63 33.78
N ASP H 49 19.29 5.13 34.77
CA ASP H 49 19.89 4.61 35.99
C ASP H 49 19.61 3.12 36.15
N SER H 50 19.74 2.36 35.06
CA SER H 50 19.47 0.92 35.11
C SER H 50 20.24 0.25 36.23
N GLU H 51 21.56 0.46 36.27
CA GLU H 51 22.37 -0.11 37.34
C GLU H 51 21.97 0.46 38.70
N GLN H 52 21.79 1.78 38.79
CA GLN H 52 21.55 2.39 40.10
C GLN H 52 20.19 2.00 40.65
N ILE H 53 19.13 2.14 39.85
CA ILE H 53 17.81 1.81 40.35
C ILE H 53 17.66 0.30 40.49
N SER H 54 18.41 -0.48 39.71
CA SER H 54 18.42 -1.92 39.91
C SER H 54 18.98 -2.28 41.28
N ASN H 55 20.16 -1.76 41.60
CA ASN H 55 20.77 -2.05 42.90
C ASN H 55 19.91 -1.52 44.03
N TYR H 56 19.25 -0.38 43.83
CA TYR H 56 18.40 0.14 44.90
C TYR H 56 17.15 -0.71 45.07
N SER H 57 16.63 -1.28 43.99
CA SER H 57 15.52 -2.24 44.14
C SER H 57 16.00 -3.50 44.83
N GLN H 58 17.27 -3.86 44.63
CA GLN H 58 17.82 -5.03 45.31
C GLN H 58 18.01 -4.79 46.80
N THR H 59 18.33 -3.56 47.20
CA THR H 59 18.70 -3.29 48.59
C THR H 59 17.89 -2.15 49.24
N ARG H 60 16.65 -1.93 48.82
CA ARG H 60 15.86 -0.82 49.36
C ARG H 60 15.36 -1.09 50.77
N GLN H 61 15.03 -2.33 51.08
CA GLN H 61 14.29 -2.71 52.28
C GLN H 61 15.15 -2.83 53.54
N TYR H 62 16.37 -2.30 53.60
CA TYR H 62 17.29 -2.54 54.71
C TYR H 62 17.64 -1.24 55.41
N PHE H 63 16.62 -0.44 55.71
CA PHE H 63 16.83 0.89 56.27
C PHE H 63 15.85 1.08 57.42
N TYR H 64 15.73 2.31 57.90
CA TYR H 64 14.61 2.71 58.75
C TYR H 64 13.48 3.23 57.87
N ASP H 65 12.29 3.33 58.46
CA ASP H 65 11.13 3.76 57.69
C ASP H 65 11.29 5.18 57.19
N TYR H 66 11.76 6.09 58.05
CA TYR H 66 12.02 7.45 57.59
C TYR H 66 13.15 7.48 56.58
N GLN H 67 14.12 6.57 56.70
CA GLN H 67 15.14 6.42 55.67
C GLN H 67 14.55 5.82 54.39
N ILE H 68 13.33 5.29 54.45
CA ILE H 68 12.71 4.72 53.26
C ILE H 68 11.90 5.77 52.52
N GLU H 69 10.89 6.35 53.19
CA GLU H 69 10.00 7.28 52.50
C GLU H 69 10.65 8.63 52.23
N SER H 70 11.88 8.87 52.70
CA SER H 70 12.60 10.08 52.33
C SER H 70 13.45 9.90 51.08
N ASN H 71 13.76 8.66 50.71
CA ASN H 71 14.67 8.40 49.60
C ASN H 71 13.99 8.78 48.28
N PRO H 72 14.59 9.68 47.50
CA PRO H 72 13.95 10.17 46.27
C PRO H 72 13.72 9.09 45.20
N ARG H 73 14.33 7.92 45.35
CA ARG H 73 14.13 6.86 44.37
C ARG H 73 12.90 6.01 44.65
N GLU H 74 12.28 6.15 45.83
CA GLU H 74 11.14 5.31 46.17
C GLU H 74 9.96 5.59 45.27
N LYS H 75 9.75 6.86 44.89
CA LYS H 75 8.68 7.21 43.98
C LYS H 75 8.77 6.40 42.69
N GLU H 76 9.86 6.60 41.95
CA GLU H 76 10.07 5.84 40.72
C GLU H 76 10.16 4.35 40.98
N TYR H 77 10.72 3.93 42.12
CA TYR H 77 10.81 2.52 42.42
C TYR H 77 9.44 1.87 42.38
N LYS H 78 8.50 2.36 43.19
CA LYS H 78 7.22 1.69 43.28
C LYS H 78 6.33 2.00 42.08
N ASN H 79 6.55 3.15 41.43
CA ASN H 79 5.87 3.40 40.17
C ASN H 79 6.25 2.36 39.13
N LEU H 80 7.54 2.07 39.03
CA LEU H 80 8.02 1.05 38.11
C LEU H 80 7.53 -0.33 38.50
N ARG H 81 7.49 -0.61 39.81
CA ARG H 81 7.00 -1.90 40.27
C ARG H 81 5.55 -2.13 39.91
N ASN H 82 4.71 -1.11 40.12
CA ASN H 82 3.30 -1.22 39.72
C ASN H 82 3.13 -1.27 38.22
N ALA H 83 3.94 -0.53 37.46
CA ALA H 83 3.93 -0.68 36.01
C ALA H 83 4.21 -2.11 35.60
N ILE H 84 5.22 -2.74 36.21
CA ILE H 84 5.53 -4.14 35.91
C ILE H 84 4.33 -5.03 36.23
N SER H 85 3.89 -4.99 37.49
CA SER H 85 2.83 -5.90 37.93
C SER H 85 1.48 -5.54 37.31
N LYS H 86 1.46 -4.50 36.47
CA LYS H 86 0.23 -4.12 35.78
C LYS H 86 -0.12 -5.06 34.64
N ASN H 87 0.80 -5.93 34.22
CA ASN H 87 0.56 -6.89 33.15
C ASN H 87 1.21 -8.21 33.53
N LYS H 88 0.42 -9.12 34.09
CA LYS H 88 0.88 -10.44 34.45
C LYS H 88 0.54 -11.43 33.35
N ILE H 89 1.44 -12.38 33.10
CA ILE H 89 1.27 -13.34 32.01
C ILE H 89 0.19 -14.36 32.38
N ASP H 90 -0.25 -15.14 31.40
CA ASP H 90 -1.29 -16.12 31.59
C ASP H 90 -0.80 -17.57 31.62
N LYS H 91 0.41 -17.83 31.13
CA LYS H 91 0.98 -19.17 31.05
C LYS H 91 2.49 -19.08 31.24
N PRO H 92 3.12 -20.17 31.69
CA PRO H 92 4.57 -20.14 31.89
C PRO H 92 5.33 -19.73 30.64
N ILE H 93 6.47 -19.08 30.85
CA ILE H 93 7.29 -18.55 29.77
C ILE H 93 8.73 -18.95 30.03
N ASN H 94 9.49 -19.16 28.95
CA ASN H 94 10.92 -19.43 29.04
C ASN H 94 11.70 -18.17 28.68
N VAL H 95 12.51 -17.67 29.62
CA VAL H 95 13.31 -16.48 29.41
C VAL H 95 14.78 -16.86 29.49
N TYR H 96 15.63 -15.95 28.98
CA TYR H 96 17.06 -16.18 28.88
C TYR H 96 17.78 -14.91 29.29
N TYR H 97 18.81 -15.05 30.13
CA TYR H 97 19.61 -13.88 30.49
C TYR H 97 20.97 -14.30 31.02
N PHE H 98 21.96 -13.45 30.81
CA PHE H 98 23.31 -13.73 31.25
C PHE H 98 23.48 -13.35 32.71
N GLU H 99 24.42 -14.01 33.38
CA GLU H 99 24.71 -13.74 34.77
C GLU H 99 26.20 -13.93 35.04
N SER H 100 26.69 -13.21 36.05
CA SER H 100 28.07 -13.35 36.47
C SER H 100 28.20 -14.57 37.40
N PRO H 101 29.35 -15.24 37.40
CA PRO H 101 29.51 -16.42 38.27
C PRO H 101 29.50 -16.10 39.76
N GLU H 102 29.98 -14.93 40.18
CA GLU H 102 29.99 -14.63 41.61
C GLU H 102 28.60 -14.29 42.13
N LYS H 103 27.61 -14.17 41.24
CA LYS H 103 26.23 -14.15 41.70
C LYS H 103 25.84 -15.46 42.35
N PHE H 104 26.54 -16.55 42.02
CA PHE H 104 26.29 -17.86 42.60
C PHE H 104 27.46 -18.35 43.44
N ALA H 105 28.15 -17.43 44.11
CA ALA H 105 29.21 -17.76 45.07
C ALA H 105 30.42 -18.42 44.42
N PHE H 106 30.51 -18.38 43.10
CA PHE H 106 31.69 -18.86 42.39
C PHE H 106 32.61 -17.66 42.21
N ASN H 107 33.51 -17.45 43.16
CA ASN H 107 34.32 -16.24 43.23
C ASN H 107 35.56 -16.30 42.35
N LYS H 108 35.64 -17.28 41.46
CA LYS H 108 36.69 -17.35 40.45
C LYS H 108 36.07 -17.03 39.09
N GLU H 109 36.89 -17.11 38.05
CA GLU H 109 36.43 -16.87 36.69
C GLU H 109 36.25 -18.18 35.95
N ILE H 110 35.12 -18.31 35.25
CA ILE H 110 34.93 -19.46 34.37
C ILE H 110 35.92 -19.41 33.22
N ARG H 111 35.96 -18.28 32.51
CA ARG H 111 37.02 -17.91 31.60
C ARG H 111 36.86 -16.43 31.30
N THR H 112 37.97 -15.76 31.04
CA THR H 112 37.90 -14.36 30.67
C THR H 112 37.32 -14.22 29.27
N GLU H 113 36.44 -13.23 29.11
CA GLU H 113 35.62 -13.14 27.91
C GLU H 113 36.42 -12.89 26.64
N ASN H 114 37.74 -12.76 26.72
CA ASN H 114 38.59 -12.79 25.54
C ASN H 114 39.19 -14.16 25.30
N GLN H 115 38.92 -15.13 26.16
CA GLN H 115 39.26 -16.52 25.92
C GLN H 115 38.08 -17.23 25.28
N ASN H 116 38.36 -18.37 24.65
CA ASN H 116 37.34 -19.09 23.91
C ASN H 116 36.96 -20.44 24.51
N GLU H 117 37.73 -20.97 25.47
CA GLU H 117 37.51 -22.31 25.98
C GLU H 117 37.26 -22.29 27.48
N ILE H 118 36.57 -23.31 27.96
CA ILE H 118 36.34 -23.55 29.38
C ILE H 118 36.94 -24.90 29.73
N SER H 119 37.74 -24.94 30.78
CA SER H 119 38.40 -26.18 31.18
C SER H 119 37.45 -27.06 31.96
N LEU H 120 37.64 -28.38 31.84
CA LEU H 120 36.82 -29.33 32.60
C LEU H 120 36.94 -29.08 34.09
N GLU H 121 38.07 -28.55 34.55
CA GLU H 121 38.25 -28.27 35.97
C GLU H 121 37.30 -27.19 36.43
N LYS H 122 37.22 -26.08 35.69
CA LYS H 122 36.31 -24.99 36.06
C LYS H 122 34.85 -25.44 35.95
N PHE H 123 34.56 -26.28 34.94
CA PHE H 123 33.22 -26.83 34.80
C PHE H 123 32.84 -27.66 36.03
N ASN H 124 33.75 -28.54 36.47
CA ASN H 124 33.48 -29.37 37.64
C ASN H 124 33.36 -28.52 38.90
N GLU H 125 34.21 -27.50 39.05
CA GLU H 125 34.11 -26.62 40.22
C GLU H 125 32.77 -25.91 40.26
N LEU H 126 32.38 -25.29 39.14
CA LEU H 126 31.09 -24.63 39.07
C LEU H 126 29.96 -25.60 39.40
N LYS H 127 29.92 -26.75 38.72
CA LYS H 127 28.88 -27.74 38.99
C LYS H 127 28.86 -28.12 40.47
N GLU H 128 30.03 -28.22 41.09
CA GLU H 128 30.09 -28.57 42.51
C GLU H 128 29.52 -27.47 43.39
N THR H 129 29.66 -26.20 42.98
CA THR H 129 29.26 -25.11 43.85
C THR H 129 27.89 -24.51 43.55
N ILE H 130 27.26 -24.87 42.42
CA ILE H 130 25.97 -24.28 42.08
C ILE H 130 24.86 -25.33 41.99
N GLN H 131 25.08 -26.52 42.56
CA GLN H 131 24.12 -27.60 42.38
C GLN H 131 23.18 -27.71 43.58
N ASP H 132 23.61 -27.28 44.76
CA ASP H 132 22.90 -27.63 46.00
C ASP H 132 22.66 -26.40 46.86
N LYS H 133 22.13 -25.33 46.27
CA LYS H 133 21.75 -24.13 47.01
C LYS H 133 20.41 -23.61 46.51
N LEU H 134 19.88 -22.60 47.20
CA LEU H 134 18.64 -21.92 46.82
C LEU H 134 18.92 -20.42 46.82
N PHE H 135 19.20 -19.88 45.64
CA PHE H 135 19.64 -18.49 45.50
C PHE H 135 18.42 -17.59 45.41
N LYS H 136 18.17 -16.84 46.48
CA LYS H 136 17.12 -15.82 46.43
C LYS H 136 17.52 -14.70 45.48
N GLN H 137 16.54 -14.15 44.79
CA GLN H 137 16.75 -13.05 43.86
C GLN H 137 16.06 -11.81 44.41
N ASP H 138 16.30 -10.67 43.73
CA ASP H 138 15.80 -9.40 44.25
C ASP H 138 15.83 -8.36 43.16
N GLY H 139 14.91 -7.39 43.26
CA GLY H 139 14.91 -6.23 42.41
C GLY H 139 14.42 -6.48 40.99
N PHE H 140 14.63 -5.47 40.15
CA PHE H 140 14.23 -5.57 38.76
C PHE H 140 15.38 -6.11 37.90
N LYS H 141 15.02 -6.63 36.74
CA LYS H 141 16.01 -7.08 35.77
C LYS H 141 15.35 -7.22 34.40
N ASP H 142 16.11 -6.88 33.37
CA ASP H 142 15.67 -7.06 32.00
C ASP H 142 16.05 -8.45 31.51
N VAL H 143 15.14 -9.10 30.80
CA VAL H 143 15.35 -10.42 30.25
C VAL H 143 14.89 -10.44 28.80
N SER H 144 15.13 -11.57 28.14
CA SER H 144 14.74 -11.79 26.76
C SER H 144 13.89 -13.04 26.67
N LEU H 145 13.23 -13.21 25.53
CA LEU H 145 12.41 -14.38 25.28
C LEU H 145 13.04 -15.36 24.30
N TYR H 146 14.27 -15.08 23.86
CA TYR H 146 14.99 -15.94 22.93
C TYR H 146 16.47 -15.93 23.27
N GLU H 147 17.14 -17.06 23.04
CA GLU H 147 18.56 -17.18 23.32
C GLU H 147 19.35 -16.10 22.59
N PRO H 148 20.57 -15.78 23.06
CA PRO H 148 21.37 -14.78 22.36
C PRO H 148 21.83 -15.28 21.00
N GLY H 149 21.94 -14.34 20.06
CA GLY H 149 22.40 -14.65 18.73
C GLY H 149 23.63 -13.84 18.33
N ASN H 150 23.63 -13.33 17.11
CA ASN H 150 24.75 -12.52 16.62
C ASN H 150 24.35 -11.06 16.62
N GLY H 151 25.13 -10.24 17.31
CA GLY H 151 24.84 -8.85 17.55
C GLY H 151 24.46 -8.54 18.97
N ASP H 152 23.91 -9.52 19.70
CA ASP H 152 23.59 -9.34 21.10
C ASP H 152 24.87 -9.33 21.93
N GLU H 153 24.82 -8.64 23.07
CA GLU H 153 25.98 -8.49 23.94
C GLU H 153 26.01 -9.62 24.96
N LYS H 154 27.17 -10.28 25.09
CA LYS H 154 27.34 -11.46 25.91
C LYS H 154 28.59 -11.28 26.77
N PRO H 155 28.49 -10.57 27.90
CA PRO H 155 29.69 -10.25 28.67
C PRO H 155 30.11 -11.33 29.64
N THR H 156 29.20 -12.21 30.02
CA THR H 156 29.47 -13.22 31.02
C THR H 156 29.37 -14.61 30.43
N PRO H 157 30.15 -15.57 30.93
CA PRO H 157 30.10 -16.93 30.37
C PRO H 157 28.87 -17.72 30.76
N LEU H 158 28.10 -17.29 31.76
CA LEU H 158 27.00 -18.08 32.29
C LEU H 158 25.67 -17.57 31.76
N LEU H 159 24.93 -18.45 31.11
CA LEU H 159 23.63 -18.17 30.52
C LEU H 159 22.57 -18.88 31.33
N ILE H 160 21.69 -18.12 31.99
CA ILE H 160 20.62 -18.66 32.80
C ILE H 160 19.36 -18.73 31.96
N HIS H 161 18.85 -19.95 31.78
CA HIS H 161 17.57 -20.21 31.13
C HIS H 161 16.54 -20.42 32.23
N LEU H 162 15.66 -19.44 32.40
CA LEU H 162 14.71 -19.44 33.51
C LEU H 162 13.31 -19.70 32.99
N LYS H 163 12.46 -20.22 33.88
CA LYS H 163 11.05 -20.45 33.59
C LYS H 163 10.22 -19.57 34.53
N LEU H 164 9.57 -18.57 33.96
CA LEU H 164 8.72 -17.70 34.75
C LEU H 164 7.30 -18.28 34.78
N PRO H 165 6.69 -18.39 35.95
CA PRO H 165 5.43 -19.13 36.07
C PRO H 165 4.22 -18.24 35.83
N LYS H 166 3.05 -18.85 36.05
CA LYS H 166 1.77 -18.17 36.02
C LYS H 166 1.81 -16.86 36.78
N ASN H 167 1.27 -15.81 36.16
CA ASN H 167 1.04 -14.52 36.80
C ASN H 167 2.33 -13.91 37.37
N THR H 168 3.24 -13.58 36.46
CA THR H 168 4.45 -12.84 36.80
C THR H 168 4.51 -11.62 35.89
N GLY H 169 4.54 -10.43 36.50
CA GLY H 169 4.58 -9.21 35.74
C GLY H 169 5.76 -9.11 34.79
N MET H 170 5.46 -8.85 33.52
CA MET H 170 6.48 -8.62 32.50
C MET H 170 6.12 -7.32 31.80
N LEU H 171 7.08 -6.41 31.69
CA LEU H 171 6.83 -5.15 31.00
C LEU H 171 7.74 -5.06 29.77
N PRO H 172 7.19 -5.06 28.57
CA PRO H 172 8.05 -4.94 27.38
C PRO H 172 8.32 -3.49 27.02
N TYR H 173 9.59 -3.09 27.00
CA TYR H 173 9.94 -1.72 26.62
C TYR H 173 10.97 -1.74 25.51
N ILE H 174 11.21 -0.58 24.93
CA ILE H 174 11.99 -0.44 23.70
C ILE H 174 13.11 0.56 23.94
N ASN H 175 14.33 0.16 23.64
CA ASN H 175 15.46 1.10 23.57
C ASN H 175 15.69 1.54 22.13
N SER H 176 14.60 1.96 21.49
CA SER H 176 14.57 2.62 20.20
C SER H 176 14.89 1.68 19.03
N ASN H 177 15.37 0.47 19.32
CA ASN H 177 15.51 -0.53 18.25
C ASN H 177 15.10 -1.93 18.64
N ASP H 178 15.12 -2.30 19.92
CA ASP H 178 14.90 -3.67 20.36
C ASP H 178 13.88 -3.67 21.49
N VAL H 179 13.63 -4.86 22.04
CA VAL H 179 12.64 -5.04 23.11
C VAL H 179 13.30 -5.76 24.27
N LYS H 180 13.05 -5.27 25.48
CA LYS H 180 13.48 -5.92 26.72
C LYS H 180 12.25 -6.19 27.57
N THR H 181 12.33 -7.27 28.37
CA THR H 181 11.26 -7.64 29.28
C THR H 181 11.70 -7.33 30.70
N LEU H 182 11.20 -6.24 31.25
CA LEU H 182 11.48 -5.88 32.63
C LEU H 182 10.62 -6.72 33.57
N ILE H 183 11.26 -7.46 34.47
CA ILE H 183 10.57 -8.26 35.47
C ILE H 183 11.12 -7.91 36.83
N GLU H 184 10.38 -8.30 37.86
CA GLU H 184 10.81 -8.16 39.25
C GLU H 184 10.98 -9.56 39.83
N GLN H 185 11.98 -9.73 40.69
CA GLN H 185 12.39 -11.05 41.15
C GLN H 185 12.05 -11.22 42.63
N ASP H 186 10.92 -11.88 42.90
CA ASP H 186 10.55 -12.30 44.24
C ASP H 186 10.48 -13.82 44.30
N TYR H 187 11.46 -14.46 43.66
CA TYR H 187 11.54 -15.92 43.62
C TYR H 187 12.95 -16.33 44.01
N SER H 188 13.21 -17.64 44.00
CA SER H 188 14.51 -18.19 44.30
C SER H 188 14.83 -19.27 43.28
N ILE H 189 15.93 -19.12 42.56
CA ILE H 189 16.22 -19.93 41.39
C ILE H 189 16.91 -21.21 41.83
N LYS H 190 16.59 -22.31 41.16
CA LYS H 190 17.04 -23.65 41.51
C LYS H 190 17.72 -24.26 40.28
N ILE H 191 19.05 -24.34 40.31
CA ILE H 191 19.79 -24.87 39.17
C ILE H 191 19.54 -26.36 39.04
N ASP H 192 19.27 -26.82 37.82
CA ASP H 192 19.02 -28.23 37.53
C ASP H 192 20.21 -28.89 36.85
N LYS H 193 20.67 -28.34 35.73
CA LYS H 193 21.78 -28.90 34.98
C LYS H 193 22.50 -27.79 34.25
N ILE H 194 23.82 -27.90 34.21
CA ILE H 194 24.64 -26.97 33.43
C ILE H 194 25.31 -27.76 32.32
N VAL H 195 25.37 -27.16 31.14
CA VAL H 195 26.07 -27.72 30.00
C VAL H 195 26.96 -26.64 29.42
N ARG H 196 28.06 -27.05 28.79
CA ARG H 196 28.93 -26.10 28.12
C ARG H 196 28.53 -26.01 26.65
N ILE H 197 28.29 -24.79 26.19
CA ILE H 197 27.71 -24.48 24.89
C ILE H 197 28.75 -23.76 24.06
N VAL H 198 28.68 -23.93 22.75
CA VAL H 198 29.48 -23.16 21.80
C VAL H 198 28.57 -22.16 21.10
N ILE H 199 28.94 -20.88 21.16
CA ILE H 199 28.24 -19.81 20.46
C ILE H 199 29.28 -18.93 19.80
N GLU H 200 29.27 -18.88 18.46
CA GLU H 200 30.13 -17.98 17.68
C GLU H 200 31.61 -18.29 17.88
N GLY H 201 31.93 -19.52 18.24
CA GLY H 201 33.31 -19.86 18.52
C GLY H 201 33.78 -19.52 19.91
N LYS H 202 32.86 -19.20 20.83
CA LYS H 202 33.17 -19.08 22.24
C LYS H 202 32.45 -20.16 23.01
N GLN H 203 32.92 -20.45 24.20
CA GLN H 203 32.33 -21.48 25.06
C GLN H 203 31.67 -20.80 26.26
N TYR H 204 30.35 -20.86 26.30
CA TYR H 204 29.55 -20.36 27.40
C TYR H 204 29.02 -21.53 28.20
N ILE H 205 28.23 -21.22 29.23
CA ILE H 205 27.57 -22.24 30.05
C ILE H 205 26.07 -21.95 30.05
N LYS H 206 25.28 -22.93 29.62
CA LYS H 206 23.84 -22.85 29.70
C LYS H 206 23.37 -23.65 30.90
N ALA H 207 22.80 -22.95 31.88
CA ALA H 207 22.31 -23.56 33.10
C ALA H 207 20.78 -23.45 33.13
N GLU H 208 20.13 -24.59 33.29
CA GLU H 208 18.67 -24.65 33.41
C GLU H 208 18.28 -24.40 34.86
N ALA H 209 17.38 -23.44 35.07
CA ALA H 209 16.99 -23.02 36.40
C ALA H 209 15.51 -23.28 36.62
N SER H 210 15.11 -23.16 37.88
CA SER H 210 13.74 -23.33 38.32
C SER H 210 13.42 -22.19 39.28
N ILE H 211 12.31 -22.32 40.00
CA ILE H 211 11.99 -21.43 41.11
C ILE H 211 11.48 -22.27 42.26
N VAL H 212 11.71 -21.80 43.48
CA VAL H 212 11.09 -22.34 44.69
C VAL H 212 10.53 -21.13 45.43
N ASN H 213 9.25 -20.84 45.22
CA ASN H 213 8.64 -19.63 45.73
C ASN H 213 8.54 -19.67 47.25
N SER H 214 8.34 -18.49 47.83
CA SER H 214 8.23 -18.33 49.27
C SER H 214 7.55 -16.99 49.53
N LEU H 215 7.54 -16.56 50.79
CA LEU H 215 6.97 -15.28 51.19
C LEU H 215 8.00 -14.46 51.93
N ASP H 216 8.05 -13.17 51.62
CA ASP H 216 8.85 -12.22 52.38
C ASP H 216 8.16 -10.87 52.34
N PHE H 217 8.45 -10.05 53.36
CA PHE H 217 7.73 -8.81 53.60
C PHE H 217 8.70 -7.65 53.69
N LYS H 218 9.54 -7.51 52.66
CA LYS H 218 10.73 -6.65 52.64
C LYS H 218 10.52 -5.29 53.30
N ASP H 219 9.45 -4.59 52.98
CA ASP H 219 9.18 -3.32 53.66
C ASP H 219 7.78 -3.22 54.22
N ASP H 220 6.78 -3.75 53.53
CA ASP H 220 5.39 -3.66 53.97
C ASP H 220 5.13 -4.71 55.05
N VAL H 221 5.53 -4.35 56.28
CA VAL H 221 5.44 -5.28 57.40
C VAL H 221 4.03 -5.39 57.95
N SER H 222 3.10 -4.56 57.45
CA SER H 222 1.72 -4.65 57.88
C SER H 222 1.10 -5.98 57.44
N LYS H 223 1.32 -6.36 56.18
CA LYS H 223 0.92 -7.69 55.75
C LYS H 223 1.59 -8.77 56.59
N GLY H 224 2.85 -8.54 56.97
CA GLY H 224 3.58 -9.46 57.82
C GLY H 224 2.88 -9.74 59.13
N ASP H 225 2.63 -8.71 59.95
CA ASP H 225 1.99 -8.97 61.24
C ASP H 225 0.53 -9.38 61.07
N LEU H 226 -0.16 -8.89 60.02
CA LEU H 226 -1.52 -9.34 59.78
C LEU H 226 -1.58 -10.85 59.57
N TRP H 227 -0.72 -11.34 58.65
CA TRP H 227 -0.73 -12.77 58.33
C TRP H 227 -0.24 -13.59 59.52
N GLY H 228 0.77 -13.09 60.24
CA GLY H 228 1.26 -13.81 61.40
C GLY H 228 0.23 -13.89 62.51
N LYS H 229 -0.41 -12.76 62.82
CA LYS H 229 -1.57 -12.75 63.70
C LYS H 229 -2.59 -13.79 63.29
N GLU H 230 -2.90 -13.87 62.00
CA GLU H 230 -3.91 -14.83 61.54
C GLU H 230 -3.48 -16.27 61.81
N ASN H 231 -2.28 -16.64 61.37
CA ASN H 231 -1.95 -18.05 61.27
C ASN H 231 -1.42 -18.65 62.57
N TYR H 232 -1.28 -17.87 63.63
CA TYR H 232 -0.79 -18.41 64.90
C TYR H 232 -1.53 -17.89 66.12
N SER H 233 -2.69 -17.24 65.94
CA SER H 233 -3.42 -16.73 67.10
C SER H 233 -4.00 -17.86 67.94
N ASP H 234 -4.61 -18.85 67.30
CA ASP H 234 -5.16 -20.00 68.00
C ASP H 234 -4.10 -21.03 68.37
N TRP H 235 -2.84 -20.78 68.02
CA TRP H 235 -1.73 -21.57 68.53
C TRP H 235 -1.54 -21.38 70.02
N SER H 236 -2.06 -20.28 70.57
CA SER H 236 -1.95 -20.01 71.99
C SER H 236 -2.90 -20.86 72.84
N ASN H 237 -3.95 -21.42 72.24
CA ASN H 237 -4.99 -22.11 73.00
C ASN H 237 -5.32 -23.50 72.45
N LYS H 238 -4.30 -24.28 72.07
CA LYS H 238 -4.46 -25.71 71.82
C LYS H 238 -3.40 -26.55 72.53
N LEU H 239 -2.94 -26.12 73.70
CA LEU H 239 -1.88 -26.84 74.40
C LEU H 239 -2.02 -26.62 75.90
N THR H 240 -1.30 -27.44 76.66
CA THR H 240 -1.33 -27.40 78.12
C THR H 240 -0.66 -26.11 78.62
N PRO H 241 -1.26 -25.47 79.63
CA PRO H 241 -0.71 -24.19 80.11
C PRO H 241 0.63 -24.29 80.85
N ASN H 242 1.22 -25.48 80.98
CA ASN H 242 2.48 -25.59 81.70
C ASN H 242 3.64 -24.99 80.91
N GLU H 243 3.91 -25.51 79.71
CA GLU H 243 4.91 -24.86 78.88
C GLU H 243 4.45 -23.48 78.42
N LEU H 244 3.15 -23.20 78.52
CA LEU H 244 2.69 -21.83 78.29
C LEU H 244 3.22 -20.88 79.36
N ALA H 245 3.15 -21.27 80.63
CA ALA H 245 3.75 -20.47 81.68
C ALA H 245 5.28 -20.45 81.53
N ASP H 246 5.84 -21.54 81.03
CA ASP H 246 7.28 -21.58 80.77
C ASP H 246 7.69 -20.52 79.76
N VAL H 247 7.01 -20.48 78.61
CA VAL H 247 7.31 -19.44 77.62
C VAL H 247 6.92 -18.07 78.14
N ASN H 248 5.99 -18.00 79.11
CA ASN H 248 5.68 -16.72 79.73
C ASN H 248 6.84 -16.17 80.54
N ASP H 249 7.52 -17.04 81.30
CA ASP H 249 8.77 -16.61 81.94
C ASP H 249 9.85 -16.36 80.88
N TYR H 250 9.81 -17.13 79.78
CA TYR H 250 10.70 -16.92 78.65
C TYR H 250 10.54 -15.52 78.06
N MET H 251 9.37 -14.90 78.23
CA MET H 251 9.11 -13.58 77.67
C MET H 251 10.06 -12.53 78.21
N ARG H 252 10.20 -12.43 79.53
CA ARG H 252 10.80 -11.26 80.16
C ARG H 252 12.18 -11.49 80.74
N GLY H 253 12.88 -12.55 80.32
CA GLY H 253 14.15 -12.85 80.95
C GLY H 253 14.42 -14.33 81.13
N GLY H 254 13.48 -15.16 80.68
CA GLY H 254 13.77 -16.58 80.60
C GLY H 254 14.73 -16.90 79.47
N TYR H 255 14.49 -16.32 78.29
CA TYR H 255 15.32 -16.65 77.14
C TYR H 255 16.76 -16.21 77.33
N THR H 256 16.99 -15.09 78.03
CA THR H 256 18.36 -14.64 78.21
C THR H 256 19.14 -15.62 79.07
N ALA H 257 18.51 -16.19 80.10
CA ALA H 257 19.18 -17.19 80.92
C ALA H 257 19.37 -18.49 80.14
N ILE H 258 18.39 -18.86 79.32
CA ILE H 258 18.55 -20.08 78.52
C ILE H 258 19.67 -19.90 77.49
N ASN H 259 19.86 -18.68 77.01
CA ASN H 259 20.99 -18.40 76.13
C ASN H 259 22.30 -18.43 76.91
N ASN H 260 22.28 -17.91 78.12
CA ASN H 260 23.46 -17.93 78.99
C ASN H 260 23.88 -19.36 79.29
N TYR H 261 22.92 -20.29 79.24
CA TYR H 261 23.22 -21.68 79.56
C TYR H 261 23.57 -22.52 78.31
N LEU H 262 22.64 -22.59 77.35
CA LEU H 262 22.76 -23.56 76.26
C LEU H 262 23.92 -23.26 75.31
N ILE H 263 24.15 -22.00 74.97
CA ILE H 263 25.15 -21.68 73.95
C ILE H 263 26.55 -22.10 74.37
N SER H 264 26.74 -22.41 75.66
CA SER H 264 27.98 -22.96 76.17
C SER H 264 28.02 -24.48 76.09
N ASN H 265 27.15 -25.08 75.28
CA ASN H 265 27.02 -26.53 75.16
C ASN H 265 26.85 -27.18 76.54
N GLY H 266 25.75 -26.83 77.17
CA GLY H 266 25.43 -27.32 78.49
C GLY H 266 25.16 -28.81 78.56
N PRO H 267 24.09 -29.29 77.89
CA PRO H 267 23.60 -30.65 78.16
C PRO H 267 24.63 -31.76 77.92
N LEU H 268 25.75 -31.46 77.25
CA LEU H 268 26.78 -32.46 77.00
C LEU H 268 27.85 -32.49 78.07
N ASN H 269 28.13 -31.37 78.73
CA ASN H 269 29.14 -31.30 79.78
C ASN H 269 28.63 -30.76 81.10
N ASN H 270 27.43 -30.19 81.14
CA ASN H 270 26.86 -29.64 82.36
C ASN H 270 25.36 -29.89 82.38
N PRO H 271 24.91 -30.91 83.11
CA PRO H 271 23.46 -31.12 83.25
C PRO H 271 22.82 -30.05 84.10
N ASN H 272 22.01 -29.19 83.47
CA ASN H 272 21.23 -28.18 84.15
C ASN H 272 19.80 -28.70 84.22
N PRO H 273 19.40 -29.34 85.33
CA PRO H 273 18.14 -30.10 85.33
C PRO H 273 16.91 -29.29 84.93
N GLU H 274 16.61 -28.21 85.66
CA GLU H 274 15.37 -27.50 85.40
C GLU H 274 15.43 -26.75 84.08
N LEU H 275 16.60 -26.21 83.72
CA LEU H 275 16.70 -25.51 82.44
C LEU H 275 16.63 -26.47 81.26
N ASP H 276 17.21 -27.67 81.39
CA ASP H 276 17.07 -28.65 80.32
C ASP H 276 15.61 -29.11 80.20
N SER H 277 14.94 -29.30 81.34
CA SER H 277 13.54 -29.66 81.31
C SER H 277 12.70 -28.56 80.65
N LYS H 278 12.97 -27.30 80.98
CA LYS H 278 12.20 -26.20 80.40
C LYS H 278 12.53 -26.03 78.92
N VAL H 279 13.77 -26.35 78.52
CA VAL H 279 14.10 -26.36 77.10
C VAL H 279 13.30 -27.43 76.36
N ASN H 280 13.20 -28.62 76.93
CA ASN H 280 12.36 -29.64 76.31
C ASN H 280 10.89 -29.22 76.29
N ASN H 281 10.44 -28.52 77.32
CA ASN H 281 9.05 -28.10 77.41
C ASN H 281 8.72 -27.01 76.40
N ILE H 282 9.68 -26.12 76.12
CA ILE H 282 9.47 -25.09 75.10
C ILE H 282 9.85 -25.59 73.71
N GLU H 283 10.46 -26.77 73.61
CA GLU H 283 10.69 -27.37 72.31
C GLU H 283 9.49 -28.18 71.85
N ASN H 284 8.87 -28.94 72.75
CA ASN H 284 7.68 -29.69 72.35
C ASN H 284 6.46 -28.78 72.21
N ALA H 285 6.59 -27.52 72.59
CA ALA H 285 5.59 -26.47 72.40
C ALA H 285 5.69 -25.79 71.06
N LEU H 286 6.41 -26.36 70.09
CA LEU H 286 6.66 -25.68 68.83
C LEU H 286 6.20 -26.50 67.64
N LYS H 287 6.23 -27.82 67.77
CA LYS H 287 5.81 -28.71 66.69
C LYS H 287 4.32 -29.04 66.73
N LEU H 288 3.51 -28.24 67.43
CA LEU H 288 2.06 -28.38 67.33
C LEU H 288 1.60 -28.24 65.88
N THR H 289 1.85 -27.07 65.28
CA THR H 289 1.63 -26.85 63.86
C THR H 289 2.82 -26.07 63.33
N PRO H 290 3.69 -26.70 62.56
CA PRO H 290 4.90 -26.03 62.06
C PRO H 290 4.57 -24.84 61.16
N ILE H 291 5.62 -24.16 60.73
CA ILE H 291 5.46 -23.00 59.83
C ILE H 291 4.61 -23.41 58.64
N PRO H 292 3.49 -22.72 58.38
CA PRO H 292 2.53 -23.19 57.36
C PRO H 292 2.87 -22.81 55.92
N SER H 293 4.09 -22.37 55.64
CA SER H 293 4.46 -21.98 54.28
C SER H 293 5.98 -21.85 54.22
N ASN H 294 6.49 -21.71 53.01
CA ASN H 294 7.87 -21.32 52.80
C ASN H 294 7.98 -19.81 52.97
N LEU H 295 8.75 -19.37 53.94
CA LEU H 295 8.96 -17.94 54.13
C LEU H 295 10.43 -17.60 54.12
N ILE H 296 10.72 -16.31 53.95
CA ILE H 296 12.07 -15.78 53.99
C ILE H 296 12.13 -14.85 55.20
N VAL H 297 12.59 -15.39 56.32
CA VAL H 297 12.66 -14.70 57.59
C VAL H 297 14.03 -14.03 57.70
N TYR H 298 14.11 -12.94 58.45
CA TYR H 298 15.33 -12.16 58.56
C TYR H 298 15.88 -12.27 59.98
N ARG H 299 17.18 -12.06 60.11
CA ARG H 299 17.83 -12.08 61.41
C ARG H 299 18.92 -11.03 61.45
N ARG H 300 18.98 -10.28 62.54
CA ARG H 300 20.00 -9.27 62.76
C ARG H 300 21.01 -9.81 63.77
N SER H 301 22.29 -9.79 63.39
CA SER H 301 23.35 -10.37 64.20
C SER H 301 24.59 -9.49 64.10
N GLY H 302 25.32 -9.41 65.21
CA GLY H 302 26.55 -8.66 65.26
C GLY H 302 27.74 -9.53 64.89
N PRO H 303 28.93 -9.11 65.29
CA PRO H 303 30.13 -9.87 64.95
C PRO H 303 30.35 -11.10 65.84
N GLN H 304 29.35 -11.42 66.65
CA GLN H 304 29.50 -12.53 67.60
C GLN H 304 29.18 -13.87 66.96
N GLU H 305 28.09 -13.92 66.18
CA GLU H 305 27.59 -15.17 65.62
C GLU H 305 28.57 -15.84 64.67
N PHE H 306 29.71 -15.21 64.38
CA PHE H 306 30.79 -15.82 63.62
C PHE H 306 32.11 -15.64 64.35
N GLY H 307 32.01 -15.58 65.68
CA GLY H 307 33.17 -15.70 66.55
C GLY H 307 34.17 -14.56 66.50
N LEU H 308 33.72 -13.32 66.60
CA LEU H 308 34.61 -12.19 66.74
C LEU H 308 33.93 -11.10 67.56
N THR H 309 34.52 -9.90 67.54
CA THR H 309 34.20 -8.85 68.49
C THR H 309 33.71 -7.59 67.78
N LEU H 310 33.14 -6.69 68.58
CA LEU H 310 32.47 -5.49 68.05
C LEU H 310 33.39 -4.63 67.20
N THR H 311 34.70 -4.68 67.46
CA THR H 311 35.66 -3.86 66.74
C THR H 311 36.86 -4.65 66.25
N SER H 312 36.67 -5.93 65.91
CA SER H 312 37.78 -6.74 65.44
C SER H 312 38.35 -6.17 64.14
N PRO H 313 39.61 -6.49 63.81
CA PRO H 313 40.14 -6.09 62.50
C PRO H 313 39.33 -6.68 61.35
N GLU H 314 38.71 -7.84 61.57
CA GLU H 314 37.81 -8.40 60.57
C GLU H 314 36.54 -7.56 60.43
N TYR H 315 36.08 -6.96 61.52
CA TYR H 315 34.83 -6.21 61.48
C TYR H 315 34.87 -5.08 60.48
N ASP H 316 36.05 -4.49 60.24
CA ASP H 316 36.17 -3.37 59.33
C ASP H 316 35.98 -3.89 57.91
N PHE H 317 34.72 -4.13 57.56
CA PHE H 317 34.32 -4.57 56.24
C PHE H 317 34.38 -3.46 55.19
N ASN H 318 34.73 -2.23 55.59
CA ASN H 318 34.69 -1.10 54.66
C ASN H 318 35.63 -1.27 53.48
N LYS H 319 36.67 -2.09 53.61
CA LYS H 319 37.52 -2.45 52.49
C LYS H 319 37.21 -3.88 52.08
N ILE H 320 36.88 -4.05 50.80
CA ILE H 320 36.21 -5.26 50.33
C ILE H 320 37.12 -6.49 50.43
N GLU H 321 38.40 -6.31 50.76
CA GLU H 321 39.24 -7.48 50.99
C GLU H 321 38.86 -8.18 52.29
N ASN H 322 38.45 -7.42 53.31
CA ASN H 322 37.91 -8.04 54.52
C ASN H 322 36.59 -8.73 54.21
N ILE H 323 35.80 -8.15 53.30
CA ILE H 323 34.61 -8.83 52.79
C ILE H 323 34.99 -10.19 52.21
N ASP H 324 35.99 -10.21 51.32
CA ASP H 324 36.44 -11.46 50.71
C ASP H 324 36.89 -12.46 51.77
N ALA H 325 37.59 -11.97 52.80
CA ALA H 325 38.00 -12.84 53.90
C ALA H 325 36.79 -13.48 54.58
N PHE H 326 35.75 -12.68 54.87
CA PHE H 326 34.54 -13.24 55.48
C PHE H 326 33.86 -14.23 54.54
N LYS H 327 33.86 -13.94 53.24
CA LYS H 327 33.30 -14.84 52.25
C LYS H 327 33.98 -16.21 52.32
N GLU H 328 35.30 -16.22 52.28
CA GLU H 328 36.02 -17.49 52.37
C GLU H 328 35.81 -18.14 53.74
N LYS H 329 35.57 -17.32 54.77
CA LYS H 329 35.30 -17.87 56.09
C LYS H 329 34.00 -18.66 56.15
N TRP H 330 32.90 -18.10 55.63
CA TRP H 330 31.59 -18.66 55.94
C TRP H 330 30.76 -19.05 54.73
N GLU H 331 30.93 -18.39 53.59
CA GLU H 331 30.14 -18.71 52.40
C GLU H 331 30.29 -20.16 51.99
N GLY H 332 29.22 -20.94 52.10
CA GLY H 332 29.26 -22.34 51.74
C GLY H 332 29.62 -23.28 52.87
N LYS H 333 29.18 -22.99 54.09
CA LYS H 333 29.50 -23.79 55.27
C LYS H 333 28.22 -24.16 56.01
N VAL H 334 28.37 -24.73 57.19
CA VAL H 334 27.25 -25.14 58.03
C VAL H 334 27.39 -24.44 59.38
N ILE H 335 26.41 -23.60 59.72
CA ILE H 335 26.36 -22.95 61.00
C ILE H 335 25.30 -23.64 61.84
N THR H 336 25.54 -23.72 63.15
CA THR H 336 24.59 -24.35 64.06
C THR H 336 24.40 -23.44 65.26
N TYR H 337 23.17 -23.39 65.77
CA TYR H 337 22.81 -22.55 66.91
C TYR H 337 22.20 -23.40 68.01
N PRO H 338 22.99 -23.82 69.01
CA PRO H 338 22.41 -24.59 70.11
C PRO H 338 21.44 -23.78 70.96
N ASN H 339 21.38 -22.47 70.77
CA ASN H 339 20.45 -21.61 71.48
C ASN H 339 19.09 -21.66 70.79
N PHE H 340 18.15 -20.87 71.28
CA PHE H 340 16.93 -20.61 70.54
C PHE H 340 17.05 -19.30 69.77
N ILE H 341 16.75 -19.36 68.48
CA ILE H 341 17.11 -18.32 67.53
C ILE H 341 15.94 -17.35 67.44
N SER H 342 16.17 -16.12 67.90
CA SER H 342 15.18 -15.06 67.76
C SER H 342 15.44 -14.27 66.48
N THR H 343 14.46 -14.25 65.58
CA THR H 343 14.60 -13.59 64.29
C THR H 343 13.38 -12.73 64.01
N SER H 344 13.47 -11.94 62.94
CA SER H 344 12.42 -10.99 62.58
C SER H 344 11.90 -11.26 61.17
N ILE H 345 10.60 -11.01 60.98
CA ILE H 345 10.00 -11.14 59.66
C ILE H 345 9.97 -9.82 58.90
N GLY H 346 10.65 -8.79 59.38
CA GLY H 346 10.69 -7.52 58.71
C GLY H 346 12.09 -6.98 58.49
N SER H 347 12.48 -6.83 57.23
CA SER H 347 13.82 -6.37 56.89
C SER H 347 14.08 -4.92 57.31
N VAL H 348 13.07 -4.20 57.79
CA VAL H 348 13.29 -2.82 58.21
C VAL H 348 14.12 -2.81 59.48
N ASN H 349 15.17 -2.00 59.49
CA ASN H 349 16.12 -1.99 60.60
C ASN H 349 15.51 -1.34 61.83
N MET H 350 15.88 -1.84 63.00
CA MET H 350 15.42 -1.30 64.27
C MET H 350 16.59 -0.68 65.02
N SER H 351 16.30 -0.17 66.23
CA SER H 351 17.30 0.56 66.99
C SER H 351 17.93 -0.27 68.10
N ALA H 352 17.13 -1.08 68.81
CA ALA H 352 17.65 -1.85 69.94
C ALA H 352 18.79 -2.78 69.56
N PHE H 353 18.93 -3.09 68.27
CA PHE H 353 20.03 -3.89 67.73
C PHE H 353 20.51 -3.25 66.43
N ALA H 354 20.68 -1.93 66.45
CA ALA H 354 20.89 -1.13 65.25
C ALA H 354 22.15 -1.52 64.47
N LYS H 355 23.32 -1.31 65.06
CA LYS H 355 24.57 -1.41 64.31
C LYS H 355 25.08 -2.85 64.16
N ARG H 356 24.23 -3.85 64.37
CA ARG H 356 24.64 -5.23 64.14
C ARG H 356 24.79 -5.46 62.64
N LYS H 357 26.03 -5.55 62.17
CA LYS H 357 26.37 -5.41 60.76
C LYS H 357 26.20 -6.68 59.95
N ILE H 358 25.52 -7.69 60.48
CA ILE H 358 25.29 -8.93 59.74
C ILE H 358 23.81 -9.24 59.75
N ILE H 359 23.31 -9.74 58.63
CA ILE H 359 21.89 -10.05 58.47
C ILE H 359 21.79 -11.45 57.87
N LEU H 360 21.32 -12.41 58.67
CA LEU H 360 21.03 -13.74 58.18
C LEU H 360 19.64 -13.76 57.58
N ARG H 361 19.55 -13.73 56.26
CA ARG H 361 18.28 -13.76 55.54
C ARG H 361 17.94 -15.23 55.28
N ILE H 362 17.39 -15.88 56.30
CA ILE H 362 17.15 -17.32 56.25
C ILE H 362 15.89 -17.58 55.43
N ASN H 363 15.91 -18.66 54.66
CA ASN H 363 14.73 -19.13 53.94
C ASN H 363 14.19 -20.33 54.69
N ILE H 364 13.25 -20.08 55.60
CA ILE H 364 12.65 -21.14 56.39
C ILE H 364 11.65 -21.90 55.54
N PRO H 365 11.88 -23.18 55.29
CA PRO H 365 11.01 -23.96 54.40
C PRO H 365 9.75 -24.47 55.07
N LYS H 366 9.02 -25.31 54.34
CA LYS H 366 7.87 -26.04 54.86
C LYS H 366 8.32 -26.94 56.01
N ASP H 367 7.35 -27.53 56.72
CA ASP H 367 7.59 -28.46 57.82
C ASP H 367 8.70 -27.97 58.76
N SER H 368 8.59 -26.71 59.17
CA SER H 368 9.56 -26.12 60.06
C SER H 368 8.96 -25.93 61.44
N PRO H 369 9.43 -26.66 62.45
CA PRO H 369 8.86 -26.48 63.80
C PRO H 369 9.19 -25.12 64.40
N GLY H 370 8.18 -24.28 64.51
CA GLY H 370 8.34 -22.91 64.98
C GLY H 370 7.04 -22.14 64.91
N ALA H 371 6.90 -21.12 65.76
CA ALA H 371 5.67 -20.37 65.84
C ALA H 371 5.97 -18.88 65.82
N TYR H 372 4.90 -18.08 65.76
CA TYR H 372 4.99 -16.62 65.73
C TYR H 372 4.94 -16.13 67.17
N LEU H 373 6.12 -16.00 67.79
CA LEU H 373 6.21 -15.60 69.19
C LEU H 373 5.69 -14.19 69.44
N SER H 374 5.24 -13.47 68.41
CA SER H 374 4.69 -12.14 68.57
C SER H 374 3.18 -12.14 68.73
N ALA H 375 2.53 -13.29 68.57
CA ALA H 375 1.08 -13.34 68.75
C ALA H 375 0.68 -13.16 70.20
N ILE H 376 1.57 -13.49 71.12
CA ILE H 376 1.30 -13.45 72.56
C ILE H 376 1.32 -11.99 73.01
N PRO H 377 0.25 -11.47 73.61
CA PRO H 377 0.29 -10.09 74.12
C PRO H 377 1.17 -9.99 75.36
N GLY H 378 2.00 -8.94 75.37
CA GLY H 378 2.92 -8.74 76.47
C GLY H 378 4.35 -9.12 76.19
N TYR H 379 4.67 -9.48 74.94
CA TYR H 379 6.04 -9.81 74.55
C TYR H 379 6.62 -8.65 73.77
N ALA H 380 7.85 -8.25 74.13
CA ALA H 380 8.47 -7.11 73.46
C ALA H 380 8.90 -7.45 72.04
N GLY H 381 8.99 -8.73 71.71
CA GLY H 381 9.37 -9.12 70.36
C GLY H 381 8.33 -8.72 69.34
N GLU H 382 8.64 -7.69 68.56
CA GLU H 382 7.77 -7.17 67.52
C GLU H 382 8.17 -7.77 66.17
N TYR H 383 7.19 -8.39 65.50
CA TYR H 383 7.42 -9.15 64.27
C TYR H 383 8.50 -10.21 64.48
N GLU H 384 8.48 -10.86 65.64
CA GLU H 384 9.55 -11.76 66.05
C GLU H 384 9.07 -13.20 65.98
N VAL H 385 9.91 -14.07 65.42
CA VAL H 385 9.64 -15.50 65.34
C VAL H 385 10.85 -16.25 65.89
N LEU H 386 10.64 -17.53 66.19
CA LEU H 386 11.68 -18.36 66.79
C LEU H 386 11.43 -19.82 66.44
N LEU H 387 12.53 -20.56 66.27
CA LEU H 387 12.45 -21.96 65.88
C LEU H 387 13.38 -22.79 66.77
N ASN H 388 13.50 -24.06 66.44
CA ASN H 388 14.14 -25.06 67.29
C ASN H 388 15.60 -24.69 67.58
N HIS H 389 16.16 -25.34 68.60
CA HIS H 389 17.55 -25.16 68.96
C HIS H 389 18.43 -26.16 68.22
N GLY H 390 19.71 -25.81 68.09
CA GLY H 390 20.63 -26.65 67.35
C GLY H 390 20.36 -26.73 65.87
N SER H 391 19.56 -25.80 65.34
CA SER H 391 19.20 -25.83 63.93
C SER H 391 20.42 -25.61 63.05
N LYS H 392 20.34 -26.10 61.81
CA LYS H 392 21.41 -25.90 60.84
C LYS H 392 21.11 -24.68 59.98
N PHE H 393 22.17 -24.13 59.37
CA PHE H 393 22.04 -23.01 58.45
C PHE H 393 23.17 -23.10 57.44
N LYS H 394 22.81 -23.30 56.17
CA LYS H 394 23.78 -23.38 55.09
C LYS H 394 23.89 -22.01 54.45
N ILE H 395 25.05 -21.37 54.63
CA ILE H 395 25.30 -20.05 54.07
C ILE H 395 25.45 -20.22 52.56
N ASN H 396 24.42 -19.84 51.80
CA ASN H 396 24.48 -20.00 50.36
C ASN H 396 25.20 -18.84 49.68
N LYS H 397 25.04 -17.62 50.18
CA LYS H 397 25.79 -16.50 49.60
C LYS H 397 25.89 -15.37 50.61
N VAL H 398 26.71 -14.38 50.24
CA VAL H 398 27.01 -13.22 51.07
C VAL H 398 27.13 -12.00 50.16
N ASP H 399 26.62 -10.86 50.62
CA ASP H 399 26.70 -9.63 49.86
C ASP H 399 26.75 -8.46 50.83
N SER H 400 27.09 -7.29 50.30
CA SER H 400 27.30 -6.11 51.13
C SER H 400 26.39 -4.98 50.68
N TYR H 401 26.20 -4.01 51.59
CA TYR H 401 25.44 -2.81 51.27
C TYR H 401 25.78 -1.74 52.30
N LYS H 402 25.90 -0.50 51.83
CA LYS H 402 26.52 0.57 52.61
C LYS H 402 25.45 1.51 53.15
N ASP H 403 25.36 1.56 54.47
CA ASP H 403 24.55 2.54 55.20
C ASP H 403 25.49 3.63 55.70
N GLY H 404 25.24 4.87 55.27
CA GLY H 404 26.14 5.96 55.61
C GLY H 404 27.51 5.74 55.01
N THR H 405 28.49 5.43 55.86
CA THR H 405 29.82 5.07 55.42
C THR H 405 30.22 3.66 55.86
N VAL H 406 29.29 2.91 56.46
CA VAL H 406 29.56 1.58 56.98
C VAL H 406 28.99 0.56 56.01
N THR H 407 29.68 -0.57 55.85
CA THR H 407 29.26 -1.60 54.88
C THR H 407 28.69 -2.79 55.64
N LYS H 408 27.37 -2.75 55.86
CA LYS H 408 26.68 -3.86 56.48
C LYS H 408 26.65 -5.06 55.53
N LEU H 409 26.47 -6.24 56.11
CA LEU H 409 26.64 -7.50 55.40
C LEU H 409 25.36 -8.32 55.44
N ILE H 410 24.74 -8.52 54.29
CA ILE H 410 23.60 -9.41 54.14
C ILE H 410 24.13 -10.82 53.87
N LEU H 411 23.51 -11.80 54.52
CA LEU H 411 23.94 -13.19 54.42
C LEU H 411 22.72 -14.03 54.08
N ASP H 412 22.72 -14.65 52.90
CA ASP H 412 21.56 -15.39 52.42
C ASP H 412 21.83 -16.88 52.63
N ALA H 413 21.12 -17.47 53.59
CA ALA H 413 21.28 -18.86 53.98
C ALA H 413 19.92 -19.55 53.94
N THR H 414 19.94 -20.86 54.19
CA THR H 414 18.72 -21.66 54.20
C THR H 414 18.71 -22.55 55.44
N LEU H 415 17.55 -22.64 56.07
CA LEU H 415 17.37 -23.50 57.22
C LEU H 415 17.02 -24.91 56.76
N ILE H 416 17.83 -25.89 57.17
CA ILE H 416 17.54 -27.28 56.87
C ILE H 416 17.65 -28.09 58.15
N ASN H 417 17.63 -27.39 59.29
CA ASN H 417 17.64 -28.03 60.61
C ASN H 417 18.75 -29.06 60.78
CA CA I . 15.23 28.32 28.68
CA CA J . 17.11 26.77 31.88
CA CA K . 36.33 15.74 16.82
CA CA L . 37.38 14.45 20.80
CA CA M . 39.68 -10.92 11.35
CA CA N . 40.24 -11.46 15.61
CA CA O . 22.22 -31.27 15.92
CA CA P . 23.40 -31.25 20.05
CA CA Q . -0.02 -30.14 31.53
CA CA R . -2.22 -30.52 27.65
CA CA S . -15.88 -8.89 37.40
CA CA T . -13.07 -8.99 40.76
CA CA U . -5.62 16.29 41.25
CA CA V . -8.05 17.30 37.32
#